data_2M47
#
_entry.id   2M47
#
_entity_poly.entity_id   1
_entity_poly.type   'polypeptide(L)'
_entity_poly.pdbx_seq_one_letter_code
;MPKSLTFEDSINIAAPINQVYALVSDITRTGEWSPVCEKCWWDEDEGPVVGAHFTGRNVTPERTWETRSEVIVAEPNRCF
GWSVTDGNVKWIYSMEPLEEGTVLTESWEFTPKGQRFFHDKFGDKSIEEIEKRRLAAITGIPETLVAIQRILEVELEHHH
HHH
;
_entity_poly.pdbx_strand_id   A
#
# COMPACT_ATOMS: atom_id res chain seq x y z
N MET A 1 23.36 -8.09 -3.13
CA MET A 1 23.95 -7.31 -2.03
C MET A 1 22.94 -6.27 -1.50
N PRO A 2 22.86 -6.03 -0.15
CA PRO A 2 22.01 -4.96 0.46
C PRO A 2 22.36 -3.55 -0.07
N LYS A 3 21.55 -3.04 -1.01
CA LYS A 3 21.84 -1.81 -1.77
C LYS A 3 20.61 -0.89 -1.78
N SER A 4 19.47 -1.40 -2.29
CA SER A 4 18.23 -0.61 -2.43
C SER A 4 17.06 -1.57 -2.65
N LEU A 5 16.30 -1.86 -1.58
CA LEU A 5 15.16 -2.80 -1.61
C LEU A 5 13.93 -2.07 -2.19
N THR A 6 13.98 -1.81 -3.50
CA THR A 6 12.98 -1.02 -4.22
C THR A 6 12.43 -1.83 -5.41
N PHE A 7 11.10 -1.81 -5.58
CA PHE A 7 10.44 -2.42 -6.73
C PHE A 7 9.17 -1.63 -7.06
N GLU A 8 8.81 -1.62 -8.35
CA GLU A 8 7.64 -0.91 -8.88
C GLU A 8 6.93 -1.78 -9.94
N ASP A 9 5.62 -1.57 -10.12
CA ASP A 9 4.83 -2.22 -11.18
C ASP A 9 3.63 -1.33 -11.54
N SER A 10 3.29 -1.29 -12.84
CA SER A 10 2.21 -0.47 -13.38
C SER A 10 1.30 -1.30 -14.29
N ILE A 11 0.00 -1.01 -14.26
CA ILE A 11 -0.99 -1.72 -15.08
C ILE A 11 -2.13 -0.76 -15.47
N ASN A 12 -2.65 -0.92 -16.69
CA ASN A 12 -3.82 -0.15 -17.17
C ASN A 12 -5.09 -0.94 -16.81
N ILE A 13 -5.96 -0.31 -16.01
CA ILE A 13 -7.22 -0.89 -15.54
C ILE A 13 -8.38 -0.28 -16.35
N ALA A 14 -9.37 -1.11 -16.75
CA ALA A 14 -10.53 -0.65 -17.55
C ALA A 14 -11.63 0.02 -16.69
N ALA A 15 -11.29 0.29 -15.41
CA ALA A 15 -12.22 0.91 -14.44
C ALA A 15 -11.78 2.35 -14.12
N PRO A 16 -12.74 3.28 -13.77
CA PRO A 16 -12.43 4.69 -13.42
C PRO A 16 -11.55 4.82 -12.15
N ILE A 17 -10.97 6.02 -11.98
CA ILE A 17 -10.06 6.33 -10.86
C ILE A 17 -10.76 6.24 -9.49
N ASN A 18 -12.09 6.46 -9.47
CA ASN A 18 -12.93 6.31 -8.26
C ASN A 18 -12.85 4.86 -7.72
N GLN A 19 -12.90 3.90 -8.67
CA GLN A 19 -12.77 2.45 -8.38
C GLN A 19 -11.35 2.11 -7.89
N VAL A 20 -10.35 2.58 -8.65
CA VAL A 20 -8.94 2.23 -8.45
C VAL A 20 -8.42 2.79 -7.09
N TYR A 21 -8.79 4.05 -6.78
CA TYR A 21 -8.39 4.73 -5.51
C TYR A 21 -8.98 3.97 -4.31
N ALA A 22 -10.28 3.64 -4.40
CA ALA A 22 -11.02 2.94 -3.33
C ALA A 22 -10.55 1.48 -3.15
N LEU A 23 -9.97 0.90 -4.22
CA LEU A 23 -9.50 -0.50 -4.21
C LEU A 23 -8.10 -0.58 -3.55
N VAL A 24 -7.20 0.35 -3.94
CA VAL A 24 -5.79 0.34 -3.48
C VAL A 24 -5.69 0.80 -2.01
N SER A 25 -6.56 1.74 -1.61
CA SER A 25 -6.64 2.21 -0.22
C SER A 25 -7.55 1.24 0.56
N ASP A 26 -6.93 0.23 1.17
CA ASP A 26 -7.65 -0.80 1.94
C ASP A 26 -7.09 -0.88 3.37
N ILE A 27 -7.72 -0.10 4.26
CA ILE A 27 -7.39 -0.02 5.69
C ILE A 27 -8.70 0.22 6.48
N THR A 28 -9.49 1.21 6.05
CA THR A 28 -10.78 1.52 6.68
C THR A 28 -11.81 0.47 6.25
N ARG A 29 -12.47 -0.13 7.24
CA ARG A 29 -13.48 -1.18 7.04
C ARG A 29 -14.46 -1.15 8.23
N THR A 30 -15.42 -2.10 8.29
CA THR A 30 -16.33 -2.26 9.43
C THR A 30 -15.53 -2.37 10.75
N GLY A 31 -15.46 -1.23 11.47
CA GLY A 31 -14.62 -1.11 12.66
C GLY A 31 -15.00 0.10 13.48
N GLU A 32 -16.31 0.22 13.72
CA GLU A 32 -16.92 1.36 14.43
C GLU A 32 -16.53 1.36 15.93
N TRP A 33 -16.31 0.15 16.49
CA TRP A 33 -15.91 -0.05 17.90
C TRP A 33 -14.70 -1.00 18.01
N SER A 34 -13.94 -1.13 16.89
CA SER A 34 -12.69 -1.93 16.83
C SER A 34 -12.95 -3.46 17.02
N PRO A 35 -13.14 -4.24 15.90
CA PRO A 35 -13.27 -5.72 15.93
C PRO A 35 -11.89 -6.42 15.79
N VAL A 36 -11.39 -6.55 14.53
CA VAL A 36 -10.09 -7.18 14.25
C VAL A 36 -8.94 -6.15 14.37
N CYS A 37 -9.31 -4.87 14.44
CA CYS A 37 -8.40 -3.77 14.74
C CYS A 37 -8.51 -3.42 16.23
N GLU A 38 -7.39 -3.05 16.84
CA GLU A 38 -7.36 -2.60 18.25
C GLU A 38 -7.79 -1.12 18.28
N LYS A 39 -7.07 -0.29 17.52
CA LYS A 39 -7.40 1.14 17.28
C LYS A 39 -6.89 1.52 15.90
N CYS A 40 -7.80 1.86 14.98
CA CYS A 40 -7.46 2.28 13.61
C CYS A 40 -8.28 3.51 13.22
N TRP A 41 -7.57 4.54 12.73
CA TRP A 41 -8.18 5.80 12.25
C TRP A 41 -7.44 6.26 10.98
N TRP A 42 -8.13 7.09 10.18
CA TRP A 42 -7.58 7.62 8.91
C TRP A 42 -7.58 9.16 8.96
N ASP A 43 -6.80 9.78 8.06
CA ASP A 43 -6.64 11.25 8.01
C ASP A 43 -7.94 11.99 7.64
N GLU A 44 -8.94 11.26 7.16
CA GLU A 44 -10.27 11.82 6.84
C GLU A 44 -10.98 12.39 8.08
N ASP A 45 -10.51 11.99 9.27
CA ASP A 45 -10.99 12.52 10.56
C ASP A 45 -10.50 13.98 10.75
N GLU A 46 -9.26 14.25 10.34
CA GLU A 46 -8.59 15.56 10.53
C GLU A 46 -8.48 16.32 9.19
N GLY A 47 -7.62 15.80 8.28
CA GLY A 47 -7.40 16.40 6.97
C GLY A 47 -6.30 15.65 6.21
N PRO A 48 -6.63 14.88 5.10
CA PRO A 48 -5.62 14.15 4.28
C PRO A 48 -4.73 15.12 3.47
N VAL A 49 -3.70 15.65 4.14
CA VAL A 49 -2.74 16.63 3.57
C VAL A 49 -1.30 16.11 3.73
N VAL A 50 -0.33 16.83 3.13
CA VAL A 50 1.11 16.51 3.26
C VAL A 50 1.56 16.78 4.72
N GLY A 51 2.04 15.71 5.38
CA GLY A 51 2.48 15.78 6.79
C GLY A 51 1.56 15.04 7.74
N ALA A 52 0.29 14.86 7.31
CA ALA A 52 -0.71 14.04 8.05
C ALA A 52 -0.37 12.55 7.94
N HIS A 53 -0.75 11.74 8.93
CA HIS A 53 -0.46 10.29 8.92
C HIS A 53 -1.58 9.47 9.54
N PHE A 54 -2.10 8.49 8.79
CA PHE A 54 -3.12 7.57 9.29
C PHE A 54 -2.43 6.43 10.06
N THR A 55 -2.98 6.11 11.24
CA THR A 55 -2.38 5.16 12.17
C THR A 55 -3.41 4.06 12.51
N GLY A 56 -2.95 2.80 12.50
CA GLY A 56 -3.83 1.66 12.72
C GLY A 56 -3.11 0.48 13.37
N ARG A 57 -3.34 0.28 14.67
CA ARG A 57 -2.93 -0.93 15.38
C ARG A 57 -3.95 -2.04 15.11
N ASN A 58 -3.48 -3.12 14.47
CA ASN A 58 -4.26 -4.33 14.22
C ASN A 58 -3.99 -5.37 15.31
N VAL A 59 -5.02 -6.11 15.70
CA VAL A 59 -4.94 -7.15 16.74
C VAL A 59 -5.40 -8.50 16.17
N THR A 60 -4.55 -9.53 16.27
CA THR A 60 -4.84 -10.89 15.80
C THR A 60 -4.50 -11.89 16.92
N PRO A 61 -5.07 -13.14 16.90
CA PRO A 61 -4.76 -14.19 17.91
C PRO A 61 -3.28 -14.66 17.88
N GLU A 62 -2.56 -14.29 16.80
CA GLU A 62 -1.12 -14.58 16.64
C GLU A 62 -0.27 -13.37 17.09
N ARG A 63 -0.45 -12.20 16.43
CA ARG A 63 0.40 -11.00 16.64
C ARG A 63 -0.44 -9.77 17.05
N THR A 64 0.26 -8.75 17.57
CA THR A 64 -0.28 -7.40 17.81
C THR A 64 0.72 -6.38 17.23
N TRP A 65 0.37 -5.77 16.10
CA TRP A 65 1.28 -4.88 15.35
C TRP A 65 0.54 -3.60 14.93
N GLU A 66 1.26 -2.48 14.96
CA GLU A 66 0.72 -1.15 14.64
C GLU A 66 1.51 -0.52 13.48
N THR A 67 0.78 0.03 12.50
CA THR A 67 1.36 0.68 11.31
C THR A 67 0.85 2.14 11.23
N ARG A 68 1.78 3.09 11.33
CA ARG A 68 1.54 4.51 11.02
C ARG A 68 2.16 4.80 9.64
N SER A 69 1.46 5.58 8.81
CA SER A 69 1.88 5.87 7.43
C SER A 69 1.63 7.35 7.11
N GLU A 70 2.74 8.06 6.84
CA GLU A 70 2.75 9.51 6.66
C GLU A 70 2.64 9.86 5.18
N VAL A 71 1.69 10.75 4.89
CA VAL A 71 1.39 11.20 3.54
C VAL A 71 2.45 12.23 3.10
N ILE A 72 3.51 11.72 2.48
CA ILE A 72 4.65 12.54 2.00
C ILE A 72 4.32 13.21 0.64
N VAL A 73 3.37 12.62 -0.10
CA VAL A 73 2.86 13.17 -1.37
C VAL A 73 1.33 12.99 -1.43
N ALA A 74 0.61 14.13 -1.34
CA ALA A 74 -0.85 14.20 -1.45
C ALA A 74 -1.21 15.01 -2.70
N GLU A 75 -1.62 14.30 -3.76
CA GLU A 75 -2.11 14.90 -5.00
C GLU A 75 -3.54 14.39 -5.24
N PRO A 76 -4.58 15.27 -5.04
CA PRO A 76 -6.01 14.85 -5.06
C PRO A 76 -6.43 14.30 -6.44
N ASN A 77 -6.72 12.98 -6.47
CA ASN A 77 -7.15 12.24 -7.68
C ASN A 77 -6.05 12.25 -8.77
N ARG A 78 -4.77 12.25 -8.34
CA ARG A 78 -3.59 12.23 -9.24
C ARG A 78 -2.54 11.22 -8.74
N CYS A 79 -2.24 11.27 -7.42
CA CYS A 79 -1.30 10.34 -6.78
C CYS A 79 -1.41 10.45 -5.26
N PHE A 80 -1.54 9.30 -4.58
CA PHE A 80 -1.57 9.23 -3.12
C PHE A 80 -0.49 8.25 -2.65
N GLY A 81 0.59 8.79 -2.06
CA GLY A 81 1.73 8.01 -1.61
C GLY A 81 2.05 8.28 -0.15
N TRP A 82 2.05 7.21 0.66
CA TRP A 82 2.35 7.27 2.09
C TRP A 82 3.71 6.61 2.37
N SER A 83 4.16 6.72 3.63
CA SER A 83 5.44 6.14 4.07
C SER A 83 5.30 5.59 5.50
N VAL A 84 5.53 4.28 5.68
CA VAL A 84 5.49 3.65 7.00
C VAL A 84 6.77 4.03 7.77
N THR A 85 6.62 4.90 8.81
CA THR A 85 7.73 5.43 9.65
C THR A 85 8.55 6.50 8.86
N ASP A 86 9.38 7.29 9.58
CA ASP A 86 10.21 8.39 9.01
C ASP A 86 11.14 7.90 7.89
N GLY A 87 10.61 7.89 6.65
CA GLY A 87 11.38 7.58 5.44
C GLY A 87 11.97 6.17 5.44
N ASN A 88 11.26 5.22 6.08
CA ASN A 88 11.70 3.83 6.19
C ASN A 88 11.13 3.02 5.00
N VAL A 89 9.80 2.83 4.99
CA VAL A 89 9.09 2.16 3.90
C VAL A 89 8.27 3.19 3.15
N LYS A 90 8.26 3.15 1.82
CA LYS A 90 7.36 3.99 0.99
C LYS A 90 6.42 3.12 0.18
N TRP A 91 5.18 3.58 0.03
CA TRP A 91 4.16 2.97 -0.82
C TRP A 91 3.55 4.11 -1.66
N ILE A 92 4.03 4.26 -2.90
CA ILE A 92 3.65 5.40 -3.77
C ILE A 92 2.73 4.90 -4.88
N TYR A 93 1.45 5.31 -4.82
CA TYR A 93 0.44 4.90 -5.81
C TYR A 93 0.12 6.10 -6.72
N SER A 94 0.69 6.06 -7.93
CA SER A 94 0.43 7.04 -9.00
C SER A 94 -0.82 6.60 -9.77
N MET A 95 -1.80 7.51 -9.88
CA MET A 95 -3.12 7.20 -10.47
C MET A 95 -3.37 8.16 -11.64
N GLU A 96 -3.35 7.62 -12.87
CA GLU A 96 -3.50 8.42 -14.10
C GLU A 96 -4.86 8.13 -14.76
N PRO A 97 -5.89 9.01 -14.51
CA PRO A 97 -7.27 8.79 -15.02
C PRO A 97 -7.36 9.05 -16.53
N LEU A 98 -7.47 7.96 -17.29
CA LEU A 98 -7.67 8.00 -18.75
C LEU A 98 -9.16 8.23 -19.07
N GLU A 99 -9.44 8.49 -20.35
CA GLU A 99 -10.82 8.60 -20.87
C GLU A 99 -11.44 7.19 -21.09
N GLU A 100 -10.66 6.13 -20.74
CA GLU A 100 -11.07 4.72 -20.90
C GLU A 100 -10.64 3.88 -19.68
N GLY A 101 -10.28 4.53 -18.55
CA GLY A 101 -9.86 3.79 -17.35
C GLY A 101 -8.87 4.58 -16.50
N THR A 102 -7.94 3.87 -15.83
CA THR A 102 -6.88 4.49 -14.99
C THR A 102 -5.65 3.56 -14.93
N VAL A 103 -4.46 4.13 -15.15
CA VAL A 103 -3.19 3.42 -14.98
C VAL A 103 -2.69 3.59 -13.54
N LEU A 104 -2.71 2.50 -12.75
CA LEU A 104 -2.14 2.49 -11.38
C LEU A 104 -0.67 2.10 -11.49
N THR A 105 0.20 2.86 -10.82
CA THR A 105 1.64 2.62 -10.80
C THR A 105 2.13 2.65 -9.34
N GLU A 106 2.44 1.46 -8.79
CA GLU A 106 2.89 1.32 -7.39
C GLU A 106 4.44 1.40 -7.37
N SER A 107 5.01 1.99 -6.31
CA SER A 107 6.46 2.03 -6.08
C SER A 107 6.76 1.85 -4.59
N TRP A 108 7.26 0.66 -4.24
CA TRP A 108 7.71 0.32 -2.89
C TRP A 108 9.19 0.67 -2.75
N GLU A 109 9.51 1.62 -1.88
CA GLU A 109 10.90 2.05 -1.62
C GLU A 109 11.26 1.78 -0.16
N PHE A 110 11.92 0.64 0.06
CA PHE A 110 12.41 0.24 1.38
C PHE A 110 13.89 0.67 1.51
N THR A 111 14.15 1.59 2.43
CA THR A 111 15.44 2.25 2.61
C THR A 111 16.37 1.39 3.51
N PRO A 112 17.72 1.70 3.56
CA PRO A 112 18.69 1.00 4.46
C PRO A 112 18.36 1.11 5.98
N LYS A 113 17.37 1.93 6.36
CA LYS A 113 16.95 2.10 7.78
C LYS A 113 16.40 0.78 8.35
N GLY A 114 15.35 0.27 7.71
CA GLY A 114 14.74 -1.00 8.09
C GLY A 114 15.58 -2.21 7.68
N GLN A 115 16.46 -2.02 6.68
CA GLN A 115 17.45 -3.04 6.29
C GLN A 115 18.41 -3.27 7.47
N ARG A 116 18.82 -2.18 8.14
CA ARG A 116 19.69 -2.22 9.34
C ARG A 116 19.05 -2.99 10.50
N PHE A 117 17.73 -3.06 10.53
CA PHE A 117 17.00 -3.85 11.56
C PHE A 117 17.35 -5.35 11.42
N PHE A 118 17.60 -5.80 10.17
CA PHE A 118 18.06 -7.17 9.89
C PHE A 118 19.61 -7.26 10.01
N HIS A 119 20.29 -6.32 9.32
CA HIS A 119 21.77 -6.25 9.17
C HIS A 119 22.51 -6.19 10.53
N ASP A 120 21.99 -5.40 11.44
CA ASP A 120 22.62 -5.16 12.76
C ASP A 120 22.41 -6.36 13.71
N LYS A 121 21.46 -7.25 13.40
CA LYS A 121 21.23 -8.50 14.16
C LYS A 121 22.15 -9.62 13.66
N PHE A 122 22.17 -9.82 12.32
CA PHE A 122 22.89 -10.96 11.70
C PHE A 122 23.93 -10.47 10.69
N GLY A 123 23.51 -9.59 9.77
CA GLY A 123 24.39 -9.08 8.70
C GLY A 123 24.57 -10.09 7.60
N ASP A 124 25.52 -11.00 7.83
CA ASP A 124 25.83 -12.11 6.92
C ASP A 124 24.61 -13.04 6.73
N LYS A 125 23.97 -13.42 7.84
CA LYS A 125 22.85 -14.38 7.84
C LYS A 125 21.49 -13.67 7.55
N SER A 126 21.47 -12.33 7.64
CA SER A 126 20.26 -11.52 7.35
C SER A 126 20.12 -11.20 5.85
N ILE A 127 21.19 -11.47 5.07
CA ILE A 127 21.16 -11.31 3.60
C ILE A 127 19.93 -12.01 2.98
N GLU A 128 19.62 -13.23 3.43
CA GLU A 128 18.43 -13.98 2.96
C GLU A 128 17.11 -13.27 3.35
N GLU A 129 17.10 -12.63 4.53
CA GLU A 129 15.90 -11.93 5.06
C GLU A 129 15.56 -10.68 4.23
N ILE A 130 16.60 -9.93 3.79
CA ILE A 130 16.40 -8.72 2.98
C ILE A 130 16.10 -9.08 1.51
N GLU A 131 16.64 -10.22 1.04
CA GLU A 131 16.29 -10.79 -0.28
C GLU A 131 14.86 -11.35 -0.26
N LYS A 132 14.44 -11.88 0.90
CA LYS A 132 13.11 -12.50 1.08
C LYS A 132 12.01 -11.45 0.83
N ARG A 133 12.13 -10.33 1.55
CA ARG A 133 11.15 -9.22 1.47
C ARG A 133 11.21 -8.52 0.10
N ARG A 134 12.42 -8.52 -0.51
CA ARG A 134 12.64 -7.99 -1.87
C ARG A 134 11.80 -8.79 -2.88
N LEU A 135 12.05 -10.12 -2.90
CA LEU A 135 11.45 -11.08 -3.87
C LEU A 135 9.94 -11.24 -3.62
N ALA A 136 9.52 -11.10 -2.35
CA ALA A 136 8.10 -11.17 -1.95
C ALA A 136 7.33 -9.95 -2.46
N ALA A 137 8.06 -8.82 -2.64
CA ALA A 137 7.50 -7.60 -3.25
C ALA A 137 7.57 -7.68 -4.79
N ILE A 138 8.65 -8.30 -5.31
CA ILE A 138 8.84 -8.51 -6.78
C ILE A 138 7.75 -9.44 -7.34
N THR A 139 7.21 -10.32 -6.47
CA THR A 139 6.10 -11.20 -6.82
C THR A 139 4.75 -10.61 -6.33
N GLY A 140 4.79 -9.94 -5.16
CA GLY A 140 3.57 -9.47 -4.47
C GLY A 140 2.92 -8.25 -5.12
N ILE A 141 3.73 -7.20 -5.40
CA ILE A 141 3.24 -5.95 -6.03
C ILE A 141 2.57 -6.22 -7.42
N PRO A 142 3.24 -6.93 -8.42
CA PRO A 142 2.60 -7.21 -9.74
C PRO A 142 1.31 -8.01 -9.62
N GLU A 143 1.34 -9.00 -8.72
CA GLU A 143 0.17 -9.82 -8.34
C GLU A 143 -1.00 -8.92 -7.91
N THR A 144 -0.69 -7.97 -7.01
CA THR A 144 -1.68 -7.05 -6.44
C THR A 144 -2.25 -6.13 -7.53
N LEU A 145 -1.38 -5.62 -8.42
CA LEU A 145 -1.77 -4.75 -9.56
C LEU A 145 -2.78 -5.47 -10.49
N VAL A 146 -2.54 -6.76 -10.74
CA VAL A 146 -3.45 -7.60 -11.55
C VAL A 146 -4.77 -7.86 -10.80
N ALA A 147 -4.67 -8.03 -9.47
CA ALA A 147 -5.83 -8.32 -8.61
C ALA A 147 -6.78 -7.10 -8.55
N ILE A 148 -6.19 -5.89 -8.47
CA ILE A 148 -6.92 -4.61 -8.46
C ILE A 148 -7.67 -4.46 -9.78
N GLN A 149 -6.96 -4.72 -10.89
CA GLN A 149 -7.52 -4.69 -12.25
C GLN A 149 -8.70 -5.67 -12.37
N ARG A 150 -8.43 -6.91 -11.93
CA ARG A 150 -9.28 -8.09 -12.21
C ARG A 150 -10.65 -7.96 -11.55
N ILE A 151 -10.66 -7.75 -10.22
CA ILE A 151 -11.88 -7.68 -9.39
C ILE A 151 -12.82 -6.56 -9.90
N LEU A 152 -12.21 -5.46 -10.38
CA LEU A 152 -12.94 -4.31 -10.94
C LEU A 152 -13.59 -4.68 -12.28
N GLU A 153 -12.85 -5.37 -13.18
CA GLU A 153 -13.35 -5.72 -14.55
C GLU A 153 -14.46 -6.80 -14.49
N VAL A 154 -14.37 -7.70 -13.50
CA VAL A 154 -15.41 -8.71 -13.23
C VAL A 154 -16.69 -8.01 -12.70
N GLU A 155 -16.47 -6.98 -11.87
CA GLU A 155 -17.54 -6.16 -11.28
C GLU A 155 -18.18 -5.21 -12.33
N LEU A 156 -17.36 -4.78 -13.32
CA LEU A 156 -17.81 -3.93 -14.44
C LEU A 156 -18.76 -4.71 -15.35
N GLU A 157 -18.36 -5.94 -15.70
CA GLU A 157 -19.06 -6.73 -16.72
C GLU A 157 -18.92 -8.25 -16.46
N HIS A 158 -17.65 -8.73 -16.38
CA HIS A 158 -17.28 -10.18 -16.41
C HIS A 158 -17.47 -10.81 -17.83
N HIS A 159 -18.56 -10.44 -18.51
CA HIS A 159 -18.92 -10.93 -19.85
C HIS A 159 -18.04 -10.27 -20.93
N HIS A 160 -17.84 -10.99 -22.06
CA HIS A 160 -17.06 -10.53 -23.25
C HIS A 160 -15.55 -10.39 -22.95
N HIS A 161 -15.18 -9.45 -22.07
CA HIS A 161 -13.79 -9.18 -21.67
C HIS A 161 -13.18 -10.41 -20.95
N HIS A 162 -12.51 -11.29 -21.73
CA HIS A 162 -11.83 -12.49 -21.20
C HIS A 162 -10.81 -13.01 -22.23
N HIS A 163 -9.70 -12.25 -22.39
CA HIS A 163 -8.64 -12.48 -23.41
C HIS A 163 -9.23 -12.27 -24.83
N MET A 1 23.06 -8.70 0.28
CA MET A 1 23.37 -7.40 0.93
C MET A 1 22.17 -6.44 0.76
N PRO A 2 22.01 -5.41 1.67
CA PRO A 2 20.96 -4.38 1.50
C PRO A 2 21.33 -3.39 0.37
N LYS A 3 21.06 -3.82 -0.87
CA LYS A 3 21.34 -3.02 -2.07
C LYS A 3 20.32 -1.87 -2.17
N SER A 4 19.06 -2.23 -2.44
CA SER A 4 17.94 -1.31 -2.60
C SER A 4 16.68 -2.15 -2.81
N LEU A 5 15.91 -2.33 -1.75
CA LEU A 5 14.72 -3.19 -1.76
C LEU A 5 13.55 -2.41 -2.38
N THR A 6 13.45 -2.43 -3.70
CA THR A 6 12.46 -1.65 -4.45
C THR A 6 11.97 -2.42 -5.70
N PHE A 7 10.69 -2.25 -6.02
CA PHE A 7 10.05 -2.87 -7.20
C PHE A 7 8.75 -2.11 -7.52
N GLU A 8 8.40 -2.09 -8.82
CA GLU A 8 7.20 -1.40 -9.31
C GLU A 8 6.48 -2.27 -10.36
N ASP A 9 5.20 -1.96 -10.60
CA ASP A 9 4.36 -2.59 -11.63
C ASP A 9 3.18 -1.64 -11.95
N SER A 10 2.56 -1.79 -13.12
CA SER A 10 1.48 -0.91 -13.60
C SER A 10 0.41 -1.70 -14.35
N ILE A 11 -0.81 -1.14 -14.39
CA ILE A 11 -1.98 -1.75 -15.05
C ILE A 11 -2.97 -0.66 -15.48
N ASN A 12 -3.43 -0.71 -16.75
CA ASN A 12 -4.45 0.23 -17.25
C ASN A 12 -5.84 -0.32 -16.89
N ILE A 13 -6.38 0.21 -15.79
CA ILE A 13 -7.67 -0.18 -15.23
C ILE A 13 -8.81 0.52 -15.97
N ALA A 14 -9.73 -0.26 -16.59
CA ALA A 14 -10.93 0.28 -17.26
C ALA A 14 -11.95 0.77 -16.20
N ALA A 15 -11.66 1.96 -15.64
CA ALA A 15 -12.45 2.58 -14.57
C ALA A 15 -12.01 4.05 -14.40
N PRO A 16 -12.92 4.95 -13.88
CA PRO A 16 -12.55 6.34 -13.55
C PRO A 16 -11.44 6.42 -12.47
N ILE A 17 -10.57 7.44 -12.59
CA ILE A 17 -9.40 7.65 -11.69
C ILE A 17 -9.81 7.75 -10.21
N ASN A 18 -10.99 8.34 -9.96
CA ASN A 18 -11.52 8.56 -8.59
C ASN A 18 -11.88 7.20 -7.92
N GLN A 19 -12.42 6.27 -8.73
CA GLN A 19 -12.76 4.89 -8.28
C GLN A 19 -11.49 4.11 -7.91
N VAL A 20 -10.47 4.21 -8.80
CA VAL A 20 -9.17 3.55 -8.61
C VAL A 20 -8.49 4.04 -7.32
N TYR A 21 -8.50 5.38 -7.15
CA TYR A 21 -7.95 6.09 -5.97
C TYR A 21 -8.61 5.62 -4.66
N ALA A 22 -9.93 5.35 -4.74
CA ALA A 22 -10.73 4.92 -3.57
C ALA A 22 -10.32 3.52 -3.07
N LEU A 23 -10.12 2.58 -4.02
CA LEU A 23 -9.73 1.18 -3.68
C LEU A 23 -8.24 1.07 -3.27
N VAL A 24 -7.46 2.12 -3.60
CA VAL A 24 -6.06 2.26 -3.13
C VAL A 24 -6.01 2.63 -1.63
N SER A 25 -6.89 3.56 -1.20
CA SER A 25 -6.84 4.16 0.15
C SER A 25 -7.83 3.48 1.14
N ASP A 26 -7.30 2.60 2.02
CA ASP A 26 -8.00 2.04 3.19
C ASP A 26 -6.98 1.53 4.21
N ILE A 27 -7.25 1.81 5.49
CA ILE A 27 -6.44 1.33 6.64
C ILE A 27 -7.34 0.81 7.78
N THR A 28 -8.66 1.05 7.66
CA THR A 28 -9.61 0.85 8.78
C THR A 28 -10.15 -0.58 8.79
N ARG A 29 -10.77 -0.99 7.65
CA ARG A 29 -11.58 -2.22 7.53
C ARG A 29 -12.85 -2.14 8.42
N THR A 30 -13.83 -3.01 8.17
CA THR A 30 -15.07 -3.10 8.97
C THR A 30 -14.90 -4.16 10.10
N GLY A 31 -13.78 -4.91 10.06
CA GLY A 31 -13.47 -5.96 11.04
C GLY A 31 -14.19 -7.25 10.70
N GLU A 32 -15.52 -7.26 10.95
CA GLU A 32 -16.45 -8.33 10.56
C GLU A 32 -16.12 -9.68 11.26
N TRP A 33 -15.17 -10.43 10.67
CA TRP A 33 -14.85 -11.82 11.08
C TRP A 33 -13.79 -11.86 12.18
N SER A 34 -12.96 -10.80 12.26
CA SER A 34 -11.86 -10.72 13.25
C SER A 34 -11.58 -9.24 13.61
N PRO A 35 -11.41 -8.90 14.93
CA PRO A 35 -11.00 -7.56 15.35
C PRO A 35 -9.46 -7.39 15.23
N VAL A 36 -9.00 -7.35 13.97
CA VAL A 36 -7.57 -7.19 13.62
C VAL A 36 -7.09 -5.74 13.86
N CYS A 37 -8.06 -4.82 13.97
CA CYS A 37 -7.82 -3.41 14.29
C CYS A 37 -7.94 -3.22 15.81
N GLU A 38 -6.81 -2.98 16.48
CA GLU A 38 -6.77 -2.63 17.91
C GLU A 38 -7.31 -1.21 18.08
N LYS A 39 -6.73 -0.29 17.29
CA LYS A 39 -7.12 1.13 17.26
C LYS A 39 -6.57 1.77 15.99
N CYS A 40 -7.46 2.18 15.08
CA CYS A 40 -7.08 2.82 13.81
C CYS A 40 -7.79 4.17 13.69
N TRP A 41 -7.03 5.19 13.31
CA TRP A 41 -7.51 6.54 13.08
C TRP A 41 -7.58 6.75 11.56
N TRP A 42 -8.79 6.97 11.03
CA TRP A 42 -9.03 7.05 9.58
C TRP A 42 -8.34 8.31 9.01
N ASP A 43 -7.59 8.11 7.90
CA ASP A 43 -6.89 9.17 7.17
C ASP A 43 -7.86 10.22 6.57
N GLU A 44 -9.12 9.78 6.34
CA GLU A 44 -10.22 10.63 5.85
C GLU A 44 -10.51 11.82 6.81
N ASP A 45 -10.18 11.63 8.10
CA ASP A 45 -10.28 12.68 9.15
C ASP A 45 -9.50 13.96 8.72
N GLU A 46 -8.37 13.74 8.02
CA GLU A 46 -7.51 14.82 7.51
C GLU A 46 -7.68 14.99 5.99
N GLY A 47 -8.03 13.88 5.31
CA GLY A 47 -8.00 13.79 3.84
C GLY A 47 -6.62 13.33 3.35
N PRO A 48 -6.52 12.30 2.43
CA PRO A 48 -5.22 11.77 1.95
C PRO A 48 -4.45 12.78 1.06
N VAL A 49 -3.79 13.74 1.73
CA VAL A 49 -3.00 14.83 1.12
C VAL A 49 -1.57 14.84 1.73
N VAL A 50 -0.66 15.68 1.18
CA VAL A 50 0.76 15.73 1.61
C VAL A 50 0.86 16.13 3.10
N GLY A 51 1.12 15.12 3.96
CA GLY A 51 1.27 15.34 5.41
C GLY A 51 0.19 14.65 6.25
N ALA A 52 -0.77 13.98 5.61
CA ALA A 52 -1.84 13.22 6.31
C ALA A 52 -1.24 11.97 6.98
N HIS A 53 -1.54 11.78 8.28
CA HIS A 53 -0.96 10.71 9.10
C HIS A 53 -1.95 9.54 9.25
N PHE A 54 -1.49 8.34 8.84
CA PHE A 54 -2.27 7.09 8.90
C PHE A 54 -1.81 6.30 10.14
N THR A 55 -2.60 6.35 11.22
CA THR A 55 -2.27 5.68 12.48
C THR A 55 -3.11 4.38 12.59
N GLY A 56 -2.43 3.22 12.51
CA GLY A 56 -3.08 1.92 12.56
C GLY A 56 -2.35 0.97 13.48
N ARG A 57 -2.96 0.69 14.65
CA ARG A 57 -2.47 -0.30 15.61
C ARG A 57 -3.12 -1.67 15.26
N ASN A 58 -2.28 -2.61 14.84
CA ASN A 58 -2.70 -3.98 14.47
C ASN A 58 -2.59 -4.92 15.69
N VAL A 59 -3.55 -5.84 15.77
CA VAL A 59 -3.58 -6.89 16.79
C VAL A 59 -3.90 -8.24 16.13
N THR A 60 -2.90 -9.14 16.11
CA THR A 60 -3.09 -10.56 15.74
C THR A 60 -2.66 -11.41 16.94
N PRO A 61 -3.21 -12.66 17.12
CA PRO A 61 -2.90 -13.51 18.31
C PRO A 61 -1.44 -14.02 18.35
N GLU A 62 -0.68 -13.73 17.28
CA GLU A 62 0.76 -14.05 17.20
C GLU A 62 1.62 -12.81 17.52
N ARG A 63 1.28 -11.65 16.90
CA ARG A 63 2.12 -10.42 16.98
C ARG A 63 1.23 -9.16 16.98
N THR A 64 1.54 -8.23 17.89
CA THR A 64 0.86 -6.93 17.99
C THR A 64 1.88 -5.82 17.67
N TRP A 65 1.54 -4.96 16.70
CA TRP A 65 2.47 -3.93 16.19
C TRP A 65 1.67 -2.67 15.83
N GLU A 66 2.24 -1.50 16.12
CA GLU A 66 1.65 -0.18 15.82
C GLU A 66 2.44 0.48 14.67
N THR A 67 1.72 1.06 13.70
CA THR A 67 2.31 1.82 12.59
C THR A 67 1.71 3.23 12.55
N ARG A 68 2.58 4.25 12.49
CA ARG A 68 2.18 5.63 12.18
C ARG A 68 2.85 6.03 10.87
N SER A 69 2.03 6.39 9.89
CA SER A 69 2.47 6.65 8.51
C SER A 69 2.18 8.11 8.14
N GLU A 70 2.77 8.59 7.04
CA GLU A 70 2.57 9.96 6.54
C GLU A 70 2.68 10.00 5.01
N VAL A 71 1.83 10.82 4.37
CA VAL A 71 1.86 11.01 2.92
C VAL A 71 3.04 11.91 2.53
N ILE A 72 3.91 11.38 1.65
CA ILE A 72 5.13 12.05 1.19
C ILE A 72 4.91 12.78 -0.16
N VAL A 73 3.93 12.29 -0.95
CA VAL A 73 3.61 12.83 -2.28
C VAL A 73 2.10 12.62 -2.55
N ALA A 74 1.36 13.71 -2.78
CA ALA A 74 -0.09 13.67 -3.07
C ALA A 74 -0.52 14.79 -4.04
N GLU A 75 -0.77 14.39 -5.27
CA GLU A 75 -1.44 15.22 -6.28
C GLU A 75 -2.95 14.95 -6.19
N PRO A 76 -3.83 16.00 -6.40
CA PRO A 76 -5.32 15.90 -6.19
C PRO A 76 -5.98 14.72 -6.94
N ASN A 77 -6.01 13.55 -6.26
CA ASN A 77 -6.51 12.25 -6.76
C ASN A 77 -5.67 11.69 -7.95
N ARG A 78 -4.64 12.44 -8.37
CA ARG A 78 -3.84 12.15 -9.58
C ARG A 78 -2.70 11.18 -9.21
N CYS A 79 -2.12 11.38 -8.03
CA CYS A 79 -1.08 10.50 -7.48
C CYS A 79 -1.14 10.54 -5.97
N PHE A 80 -1.18 9.37 -5.35
CA PHE A 80 -1.17 9.21 -3.89
C PHE A 80 0.05 8.36 -3.51
N GLY A 81 0.87 8.86 -2.58
CA GLY A 81 2.07 8.17 -2.15
C GLY A 81 2.39 8.47 -0.70
N TRP A 82 2.41 7.43 0.13
CA TRP A 82 2.61 7.54 1.59
C TRP A 82 3.83 6.69 2.00
N SER A 83 4.18 6.78 3.28
CA SER A 83 5.31 6.03 3.85
C SER A 83 4.93 5.51 5.24
N VAL A 84 4.95 4.18 5.38
CA VAL A 84 4.66 3.49 6.65
C VAL A 84 5.90 3.53 7.55
N THR A 85 5.77 4.21 8.72
CA THR A 85 6.86 4.41 9.72
C THR A 85 7.94 5.39 9.15
N ASP A 86 8.75 5.99 10.05
CA ASP A 86 9.74 7.04 9.70
C ASP A 86 10.80 6.53 8.68
N GLY A 87 10.49 6.68 7.38
CA GLY A 87 11.41 6.35 6.29
C GLY A 87 11.71 4.84 6.18
N ASN A 88 10.71 4.02 6.53
CA ASN A 88 10.85 2.55 6.53
C ASN A 88 10.32 1.96 5.19
N VAL A 89 8.98 1.87 5.06
CA VAL A 89 8.32 1.33 3.85
C VAL A 89 7.65 2.50 3.10
N LYS A 90 7.85 2.59 1.78
CA LYS A 90 7.23 3.64 0.94
C LYS A 90 6.32 2.97 -0.10
N TRP A 91 5.12 3.53 -0.29
CA TRP A 91 4.14 3.07 -1.30
C TRP A 91 3.67 4.27 -2.14
N ILE A 92 4.15 4.37 -3.40
CA ILE A 92 3.78 5.46 -4.32
C ILE A 92 2.87 4.88 -5.42
N TYR A 93 1.59 5.28 -5.40
CA TYR A 93 0.60 4.91 -6.42
C TYR A 93 0.36 6.13 -7.32
N SER A 94 0.89 6.11 -8.54
CA SER A 94 0.64 7.17 -9.53
C SER A 94 -0.50 6.72 -10.46
N MET A 95 -1.53 7.56 -10.62
CA MET A 95 -2.72 7.25 -11.42
C MET A 95 -2.67 8.10 -12.70
N GLU A 96 -2.66 7.46 -13.88
CA GLU A 96 -2.64 8.17 -15.17
C GLU A 96 -4.09 8.31 -15.69
N PRO A 97 -4.77 9.49 -15.50
CA PRO A 97 -6.19 9.67 -15.86
C PRO A 97 -6.39 9.71 -17.39
N LEU A 98 -7.01 8.66 -17.92
CA LEU A 98 -7.36 8.56 -19.34
C LEU A 98 -8.89 8.50 -19.50
N GLU A 99 -9.36 8.72 -20.72
CA GLU A 99 -10.80 8.64 -21.06
C GLU A 99 -11.22 7.17 -21.28
N GLU A 100 -10.22 6.32 -21.55
CA GLU A 100 -10.40 4.86 -21.70
C GLU A 100 -10.38 4.16 -20.33
N GLY A 101 -9.59 4.73 -19.38
CA GLY A 101 -9.38 4.11 -18.07
C GLY A 101 -8.41 4.91 -17.22
N THR A 102 -7.58 4.21 -16.42
CA THR A 102 -6.60 4.84 -15.52
C THR A 102 -5.44 3.87 -15.27
N VAL A 103 -4.22 4.27 -15.61
CA VAL A 103 -3.05 3.39 -15.42
C VAL A 103 -2.52 3.57 -14.00
N LEU A 104 -2.90 2.65 -13.09
CA LEU A 104 -2.41 2.64 -11.71
C LEU A 104 -1.00 2.04 -11.73
N THR A 105 -0.04 2.83 -11.27
CA THR A 105 1.37 2.45 -11.19
C THR A 105 1.75 2.38 -9.72
N GLU A 106 1.93 1.17 -9.20
CA GLU A 106 2.37 0.94 -7.82
C GLU A 106 3.91 0.95 -7.83
N SER A 107 4.50 1.65 -6.87
CA SER A 107 5.95 1.71 -6.71
C SER A 107 6.27 1.54 -5.23
N TRP A 108 6.70 0.34 -4.87
CA TRP A 108 7.19 0.03 -3.53
C TRP A 108 8.68 0.38 -3.49
N GLU A 109 9.06 1.08 -2.44
CA GLU A 109 10.43 1.54 -2.23
C GLU A 109 10.75 1.35 -0.74
N PHE A 110 11.77 0.57 -0.46
CA PHE A 110 12.24 0.30 0.91
C PHE A 110 13.75 0.60 0.95
N THR A 111 14.09 1.80 1.41
CA THR A 111 15.49 2.20 1.65
C THR A 111 16.15 1.24 2.68
N PRO A 112 17.49 0.92 2.51
CA PRO A 112 18.26 0.08 3.46
C PRO A 112 18.34 0.66 4.91
N LYS A 113 17.70 1.83 5.13
CA LYS A 113 17.44 2.41 6.48
C LYS A 113 16.71 1.39 7.37
N GLY A 114 15.65 0.78 6.84
CA GLY A 114 14.88 -0.23 7.57
C GLY A 114 15.67 -1.52 7.75
N GLN A 115 16.35 -1.95 6.68
CA GLN A 115 17.21 -3.16 6.69
C GLN A 115 18.47 -2.97 7.52
N ARG A 116 18.81 -1.71 7.84
CA ARG A 116 19.91 -1.37 8.76
C ARG A 116 19.57 -1.84 10.19
N PHE A 117 18.28 -1.75 10.55
CA PHE A 117 17.76 -2.30 11.82
C PHE A 117 17.86 -3.84 11.80
N PHE A 118 17.39 -4.45 10.69
CA PHE A 118 17.45 -5.93 10.52
C PHE A 118 18.90 -6.43 10.40
N HIS A 119 19.83 -5.55 9.98
CA HIS A 119 21.27 -5.87 9.88
C HIS A 119 21.96 -5.73 11.24
N ASP A 120 21.38 -4.90 12.12
CA ASP A 120 21.92 -4.68 13.47
C ASP A 120 21.44 -5.81 14.41
N LYS A 121 20.10 -5.97 14.51
CA LYS A 121 19.46 -6.94 15.43
C LYS A 121 19.63 -8.39 14.92
N PHE A 122 19.30 -8.62 13.64
CA PHE A 122 19.40 -9.95 13.01
C PHE A 122 20.65 -9.99 12.11
N GLY A 123 21.80 -9.59 12.69
CA GLY A 123 23.07 -9.42 11.96
C GLY A 123 23.52 -10.64 11.17
N ASP A 124 23.24 -11.84 11.71
CA ASP A 124 23.52 -13.11 11.04
C ASP A 124 22.50 -13.37 9.91
N LYS A 125 21.22 -13.13 10.21
CA LYS A 125 20.09 -13.49 9.33
C LYS A 125 19.74 -12.35 8.33
N SER A 126 20.60 -11.30 8.27
CA SER A 126 20.38 -10.09 7.43
C SER A 126 20.17 -10.43 5.94
N ILE A 127 20.70 -11.60 5.52
CA ILE A 127 20.54 -12.11 4.16
C ILE A 127 19.07 -12.51 3.95
N GLU A 128 18.53 -13.32 4.88
CA GLU A 128 17.12 -13.76 4.83
C GLU A 128 16.16 -12.58 4.99
N GLU A 129 16.60 -11.51 5.68
CA GLU A 129 15.79 -10.29 5.86
C GLU A 129 15.59 -9.57 4.51
N ILE A 130 16.70 -9.39 3.76
CA ILE A 130 16.66 -8.75 2.43
C ILE A 130 16.04 -9.69 1.37
N GLU A 131 16.13 -11.02 1.61
CA GLU A 131 15.45 -12.05 0.80
C GLU A 131 13.94 -11.92 0.96
N LYS A 132 13.44 -11.98 2.20
CA LYS A 132 12.00 -11.91 2.52
C LYS A 132 11.35 -10.65 1.92
N ARG A 133 12.10 -9.54 1.87
CA ARG A 133 11.64 -8.30 1.20
C ARG A 133 11.41 -8.52 -0.31
N ARG A 134 12.49 -8.87 -1.04
CA ARG A 134 12.46 -9.00 -2.52
C ARG A 134 11.54 -10.14 -2.98
N LEU A 135 11.43 -11.21 -2.19
CA LEU A 135 10.63 -12.40 -2.57
C LEU A 135 9.14 -12.10 -2.39
N ALA A 136 8.75 -11.67 -1.17
CA ALA A 136 7.33 -11.38 -0.82
C ALA A 136 6.76 -10.23 -1.66
N ALA A 137 7.57 -9.18 -1.84
CA ALA A 137 7.15 -7.95 -2.53
C ALA A 137 7.02 -8.17 -4.05
N ILE A 138 8.07 -8.70 -4.70
CA ILE A 138 8.07 -8.90 -6.18
C ILE A 138 6.98 -9.93 -6.61
N THR A 139 6.56 -10.79 -5.66
CA THR A 139 5.38 -11.68 -5.86
C THR A 139 4.06 -10.91 -5.60
N GLY A 140 4.04 -10.09 -4.53
CA GLY A 140 2.80 -9.47 -4.01
C GLY A 140 2.34 -8.21 -4.75
N ILE A 141 3.30 -7.47 -5.33
CA ILE A 141 3.02 -6.19 -6.02
C ILE A 141 2.22 -6.43 -7.34
N PRO A 142 2.65 -7.36 -8.29
CA PRO A 142 1.84 -7.69 -9.49
C PRO A 142 0.42 -8.17 -9.12
N GLU A 143 0.33 -8.90 -7.99
CA GLU A 143 -0.94 -9.33 -7.42
C GLU A 143 -1.79 -8.12 -6.98
N THR A 144 -1.14 -7.10 -6.38
CA THR A 144 -1.79 -5.87 -5.90
C THR A 144 -2.42 -5.07 -7.04
N LEU A 145 -1.71 -4.92 -8.16
CA LEU A 145 -2.20 -4.20 -9.36
C LEU A 145 -3.47 -4.86 -9.92
N VAL A 146 -3.39 -6.19 -10.08
CA VAL A 146 -4.52 -7.00 -10.57
C VAL A 146 -5.66 -7.06 -9.54
N ALA A 147 -5.31 -6.97 -8.24
CA ALA A 147 -6.29 -7.01 -7.13
C ALA A 147 -7.12 -5.73 -7.07
N ILE A 148 -6.45 -4.56 -7.19
CA ILE A 148 -7.09 -3.24 -7.16
C ILE A 148 -8.13 -3.14 -8.30
N GLN A 149 -7.73 -3.58 -9.50
CA GLN A 149 -8.60 -3.60 -10.67
C GLN A 149 -9.78 -4.57 -10.46
N ARG A 150 -9.45 -5.84 -10.18
CA ARG A 150 -10.43 -6.95 -10.05
C ARG A 150 -11.54 -6.62 -9.04
N ILE A 151 -11.16 -6.03 -7.89
CA ILE A 151 -12.10 -5.70 -6.80
C ILE A 151 -13.03 -4.54 -7.20
N LEU A 152 -12.49 -3.51 -7.93
CA LEU A 152 -13.28 -2.33 -8.32
C LEU A 152 -14.23 -2.66 -9.48
N GLU A 153 -13.83 -3.61 -10.35
CA GLU A 153 -14.66 -4.05 -11.51
C GLU A 153 -15.91 -4.79 -11.01
N VAL A 154 -15.73 -5.61 -9.96
CA VAL A 154 -16.86 -6.22 -9.22
C VAL A 154 -17.68 -5.13 -8.52
N GLU A 155 -16.98 -4.12 -7.97
CA GLU A 155 -17.56 -3.02 -7.17
C GLU A 155 -18.37 -2.02 -8.04
N LEU A 156 -18.03 -1.93 -9.35
CA LEU A 156 -18.71 -1.02 -10.32
C LEU A 156 -20.21 -1.38 -10.41
N GLU A 157 -20.49 -2.67 -10.65
CA GLU A 157 -21.86 -3.21 -10.68
C GLU A 157 -22.29 -3.68 -9.27
N HIS A 158 -21.29 -3.83 -8.36
CA HIS A 158 -21.45 -4.29 -6.96
C HIS A 158 -22.06 -5.72 -6.96
N HIS A 159 -21.24 -6.68 -7.45
CA HIS A 159 -21.69 -8.06 -7.80
C HIS A 159 -21.60 -9.03 -6.60
N HIS A 160 -22.17 -8.59 -5.45
CA HIS A 160 -22.27 -9.39 -4.20
C HIS A 160 -20.89 -9.79 -3.61
N HIS A 161 -19.79 -9.24 -4.20
CA HIS A 161 -18.39 -9.61 -3.87
C HIS A 161 -18.10 -11.12 -4.18
N HIS A 162 -19.05 -11.78 -4.89
CA HIS A 162 -18.97 -13.21 -5.21
C HIS A 162 -18.18 -13.39 -6.52
N HIS A 163 -16.94 -13.85 -6.38
CA HIS A 163 -16.01 -14.07 -7.50
C HIS A 163 -15.23 -15.39 -7.22
N MET A 1 22.03 2.99 -10.63
CA MET A 1 21.34 1.70 -10.77
C MET A 1 20.23 1.60 -9.69
N PRO A 2 19.00 1.07 -10.03
CA PRO A 2 17.87 0.91 -9.06
C PRO A 2 18.27 0.13 -7.79
N LYS A 3 17.66 0.52 -6.66
CA LYS A 3 17.93 -0.08 -5.34
C LYS A 3 17.41 -1.52 -5.27
N SER A 4 18.19 -2.40 -4.61
CA SER A 4 17.90 -3.84 -4.49
C SER A 4 16.51 -4.12 -3.89
N LEU A 5 16.12 -3.31 -2.90
CA LEU A 5 14.79 -3.40 -2.25
C LEU A 5 13.91 -2.23 -2.71
N THR A 6 13.57 -2.30 -4.01
CA THR A 6 12.64 -1.40 -4.68
C THR A 6 11.95 -2.18 -5.81
N PHE A 7 10.62 -2.06 -5.90
CA PHE A 7 9.83 -2.67 -6.97
C PHE A 7 8.60 -1.82 -7.25
N GLU A 8 8.21 -1.79 -8.53
CA GLU A 8 7.03 -1.06 -8.99
C GLU A 8 6.26 -1.96 -9.97
N ASP A 9 4.94 -1.72 -10.09
CA ASP A 9 4.09 -2.40 -11.07
C ASP A 9 2.95 -1.46 -11.47
N SER A 10 2.48 -1.59 -12.72
CA SER A 10 1.47 -0.71 -13.30
C SER A 10 0.58 -1.48 -14.27
N ILE A 11 -0.73 -1.17 -14.25
CA ILE A 11 -1.72 -1.78 -15.16
C ILE A 11 -2.83 -0.76 -15.45
N ASN A 12 -3.29 -0.72 -16.71
CA ASN A 12 -4.40 0.13 -17.12
C ASN A 12 -5.71 -0.56 -16.72
N ILE A 13 -6.55 0.17 -15.97
CA ILE A 13 -7.86 -0.32 -15.50
C ILE A 13 -8.95 0.47 -16.23
N ALA A 14 -9.82 -0.22 -16.99
CA ALA A 14 -10.92 0.41 -17.75
C ALA A 14 -12.06 0.79 -16.77
N ALA A 15 -11.80 1.85 -16.00
CA ALA A 15 -12.69 2.33 -14.91
C ALA A 15 -12.25 3.75 -14.49
N PRO A 16 -13.18 4.61 -13.98
CA PRO A 16 -12.85 5.99 -13.53
C PRO A 16 -11.81 6.02 -12.38
N ILE A 17 -10.94 7.06 -12.42
CA ILE A 17 -9.84 7.25 -11.44
C ILE A 17 -10.34 7.33 -9.99
N ASN A 18 -11.50 7.99 -9.78
CA ASN A 18 -12.13 8.15 -8.44
C ASN A 18 -12.50 6.78 -7.85
N GLN A 19 -12.95 5.88 -8.73
CA GLN A 19 -13.33 4.50 -8.40
C GLN A 19 -12.08 3.66 -8.02
N VAL A 20 -10.99 3.87 -8.77
CA VAL A 20 -9.68 3.21 -8.50
C VAL A 20 -9.09 3.73 -7.17
N TYR A 21 -9.35 5.02 -6.88
CA TYR A 21 -8.87 5.72 -5.65
C TYR A 21 -9.56 5.16 -4.39
N ALA A 22 -10.79 4.66 -4.57
CA ALA A 22 -11.59 4.06 -3.49
C ALA A 22 -11.14 2.59 -3.21
N LEU A 23 -10.92 1.83 -4.30
CA LEU A 23 -10.61 0.37 -4.22
C LEU A 23 -9.10 0.09 -4.11
N VAL A 24 -8.25 1.12 -4.23
CA VAL A 24 -6.78 0.98 -4.09
C VAL A 24 -6.41 0.53 -2.66
N SER A 25 -7.17 1.04 -1.66
CA SER A 25 -7.02 0.71 -0.25
C SER A 25 -8.38 0.88 0.45
N ASP A 26 -9.20 -0.18 0.41
CA ASP A 26 -10.52 -0.25 1.07
C ASP A 26 -10.43 -1.18 2.30
N ILE A 27 -9.22 -1.25 2.90
CA ILE A 27 -8.86 -2.19 4.00
C ILE A 27 -9.58 -1.90 5.34
N THR A 28 -10.38 -0.83 5.38
CA THR A 28 -10.99 -0.30 6.61
C THR A 28 -12.06 -1.26 7.19
N ARG A 29 -11.58 -2.24 7.97
CA ARG A 29 -12.41 -3.25 8.67
C ARG A 29 -11.87 -3.36 10.09
N THR A 30 -12.47 -2.59 11.03
CA THR A 30 -11.92 -2.40 12.38
C THR A 30 -12.44 -3.51 13.35
N GLY A 31 -12.07 -4.75 13.04
CA GLY A 31 -12.42 -5.92 13.87
C GLY A 31 -13.08 -7.02 13.05
N GLU A 32 -14.04 -6.62 12.20
CA GLU A 32 -14.75 -7.54 11.30
C GLU A 32 -13.82 -8.06 10.18
N TRP A 33 -13.76 -9.40 10.03
CA TRP A 33 -12.89 -10.12 9.06
C TRP A 33 -11.39 -10.10 9.47
N SER A 34 -10.91 -8.96 10.02
CA SER A 34 -9.55 -8.77 10.50
C SER A 34 -9.58 -8.06 11.88
N PRO A 35 -9.44 -8.81 13.02
CA PRO A 35 -9.37 -8.22 14.38
C PRO A 35 -8.02 -7.50 14.67
N VAL A 36 -7.13 -7.50 13.67
CA VAL A 36 -5.80 -6.85 13.76
C VAL A 36 -5.91 -5.32 13.76
N CYS A 37 -7.04 -4.82 13.23
CA CYS A 37 -7.37 -3.41 13.21
C CYS A 37 -8.20 -3.05 14.45
N GLU A 38 -7.53 -2.93 15.61
CA GLU A 38 -8.18 -2.45 16.84
C GLU A 38 -8.39 -0.92 16.74
N LYS A 39 -7.38 -0.24 16.18
CA LYS A 39 -7.45 1.19 15.84
C LYS A 39 -6.55 1.49 14.63
N CYS A 40 -7.16 2.00 13.56
CA CYS A 40 -6.48 2.54 12.37
C CYS A 40 -7.25 3.79 11.93
N TRP A 41 -6.60 4.97 12.04
CA TRP A 41 -7.23 6.26 11.74
C TRP A 41 -6.74 6.74 10.37
N TRP A 42 -7.69 7.06 9.48
CA TRP A 42 -7.43 7.47 8.09
C TRP A 42 -7.13 8.97 7.96
N ASP A 43 -6.36 9.28 6.90
CA ASP A 43 -6.01 10.65 6.47
C ASP A 43 -7.26 11.40 5.96
N GLU A 44 -8.18 10.66 5.29
CA GLU A 44 -9.41 11.22 4.65
C GLU A 44 -10.31 12.01 5.65
N ASP A 45 -10.17 11.70 6.95
CA ASP A 45 -10.84 12.43 8.05
C ASP A 45 -10.39 13.91 8.06
N GLU A 46 -9.06 14.08 7.99
CA GLU A 46 -8.41 15.40 7.90
C GLU A 46 -8.47 15.93 6.46
N GLY A 47 -8.56 14.99 5.49
CA GLY A 47 -8.51 15.28 4.06
C GLY A 47 -7.15 14.89 3.47
N PRO A 48 -7.08 14.40 2.18
CA PRO A 48 -5.78 14.13 1.49
C PRO A 48 -4.83 15.35 1.47
N VAL A 49 -3.98 15.43 2.52
CA VAL A 49 -3.01 16.53 2.70
C VAL A 49 -1.61 15.96 3.08
N VAL A 50 -0.57 16.58 2.49
CA VAL A 50 0.82 16.20 2.76
C VAL A 50 1.21 16.57 4.20
N GLY A 51 1.71 15.58 4.96
CA GLY A 51 2.07 15.79 6.37
C GLY A 51 1.12 15.11 7.35
N ALA A 52 -0.05 14.67 6.84
CA ALA A 52 -1.03 13.89 7.62
C ALA A 52 -0.48 12.50 7.92
N HIS A 53 -1.02 11.82 8.95
CA HIS A 53 -0.47 10.55 9.45
C HIS A 53 -1.58 9.51 9.66
N PHE A 54 -1.33 8.27 9.16
CA PHE A 54 -2.15 7.09 9.48
C PHE A 54 -1.65 6.49 10.79
N THR A 55 -2.44 6.57 11.86
CA THR A 55 -2.12 5.90 13.12
C THR A 55 -2.79 4.52 13.12
N GLY A 56 -1.98 3.45 12.96
CA GLY A 56 -2.51 2.09 12.89
C GLY A 56 -1.82 1.18 13.86
N ARG A 57 -2.46 0.94 15.00
CA ARG A 57 -1.95 0.04 16.04
C ARG A 57 -2.41 -1.39 15.71
N ASN A 58 -1.47 -2.19 15.19
CA ASN A 58 -1.73 -3.56 14.72
C ASN A 58 -1.64 -4.54 15.89
N VAL A 59 -2.57 -5.50 15.94
CA VAL A 59 -2.57 -6.58 16.93
C VAL A 59 -2.77 -7.93 16.23
N THR A 60 -1.70 -8.71 16.13
CA THR A 60 -1.74 -10.09 15.62
C THR A 60 -1.46 -11.04 16.80
N PRO A 61 -1.79 -12.38 16.70
CA PRO A 61 -1.54 -13.35 17.80
C PRO A 61 -0.03 -13.61 18.09
N GLU A 62 0.86 -12.90 17.37
CA GLU A 62 2.31 -12.98 17.56
C GLU A 62 2.94 -11.59 17.85
N ARG A 63 2.56 -10.56 17.06
CA ARG A 63 3.25 -9.25 17.04
C ARG A 63 2.23 -8.10 17.19
N THR A 64 2.34 -7.35 18.28
CA THR A 64 1.59 -6.11 18.50
C THR A 64 2.56 -4.92 18.36
N TRP A 65 2.27 -4.02 17.39
CA TRP A 65 3.13 -2.87 17.09
C TRP A 65 2.34 -1.82 16.28
N GLU A 66 2.51 -0.55 16.65
CA GLU A 66 1.86 0.57 15.96
C GLU A 66 2.75 1.07 14.81
N THR A 67 2.14 1.29 13.64
CA THR A 67 2.80 1.80 12.45
C THR A 67 2.20 3.16 12.11
N ARG A 68 3.03 4.22 12.19
CA ARG A 68 2.64 5.60 11.91
C ARG A 68 3.15 5.98 10.51
N SER A 69 2.24 5.95 9.53
CA SER A 69 2.55 6.21 8.14
C SER A 69 2.43 7.71 7.83
N GLU A 70 3.54 8.31 7.41
CA GLU A 70 3.64 9.75 7.13
C GLU A 70 3.44 9.99 5.62
N VAL A 71 2.37 10.75 5.31
CA VAL A 71 1.98 11.07 3.92
C VAL A 71 2.95 12.09 3.30
N ILE A 72 3.87 11.58 2.48
CA ILE A 72 4.95 12.39 1.86
C ILE A 72 4.46 13.13 0.60
N VAL A 73 3.35 12.66 0.01
CA VAL A 73 2.68 13.30 -1.13
C VAL A 73 1.19 12.93 -1.11
N ALA A 74 0.33 13.93 -1.34
CA ALA A 74 -1.14 13.76 -1.33
C ALA A 74 -1.76 14.64 -2.41
N GLU A 75 -2.22 14.00 -3.47
CA GLU A 75 -2.95 14.61 -4.57
C GLU A 75 -4.35 13.97 -4.57
N PRO A 76 -5.43 14.75 -4.24
CA PRO A 76 -6.78 14.20 -3.88
C PRO A 76 -7.43 13.31 -4.99
N ASN A 77 -6.91 13.44 -6.22
CA ASN A 77 -7.34 12.62 -7.36
C ASN A 77 -6.25 12.62 -8.44
N ARG A 78 -5.11 11.97 -8.12
CA ARG A 78 -3.98 11.78 -9.07
C ARG A 78 -2.96 10.78 -8.51
N CYS A 79 -2.53 10.99 -7.26
CA CYS A 79 -1.53 10.11 -6.61
C CYS A 79 -1.55 10.33 -5.10
N PHE A 80 -1.20 9.29 -4.34
CA PHE A 80 -1.16 9.34 -2.88
C PHE A 80 -0.02 8.42 -2.41
N GLY A 81 1.02 9.01 -1.83
CA GLY A 81 2.18 8.29 -1.34
C GLY A 81 2.42 8.53 0.14
N TRP A 82 2.63 7.43 0.88
CA TRP A 82 2.87 7.44 2.32
C TRP A 82 4.01 6.48 2.67
N SER A 83 4.96 6.95 3.47
CA SER A 83 6.07 6.14 3.97
C SER A 83 5.81 5.76 5.43
N VAL A 84 5.98 4.47 5.79
CA VAL A 84 5.84 4.00 7.18
C VAL A 84 7.07 4.50 7.95
N THR A 85 6.84 5.47 8.88
CA THR A 85 7.89 6.25 9.58
C THR A 85 8.56 7.25 8.59
N ASP A 86 9.27 8.26 9.14
CA ASP A 86 10.08 9.23 8.36
C ASP A 86 11.00 8.52 7.33
N GLY A 87 11.58 7.39 7.74
CA GLY A 87 12.44 6.59 6.87
C GLY A 87 12.56 5.16 7.34
N ASN A 88 11.62 4.29 6.90
CA ASN A 88 11.72 2.83 7.08
C ASN A 88 11.20 2.16 5.79
N VAL A 89 9.87 2.17 5.61
CA VAL A 89 9.20 1.61 4.41
C VAL A 89 8.56 2.77 3.64
N LYS A 90 8.37 2.61 2.33
CA LYS A 90 7.81 3.65 1.45
C LYS A 90 6.83 3.00 0.45
N TRP A 91 5.65 3.62 0.28
CA TRP A 91 4.61 3.19 -0.66
C TRP A 91 4.15 4.40 -1.48
N ILE A 92 4.03 4.24 -2.80
CA ILE A 92 3.55 5.30 -3.71
C ILE A 92 2.45 4.72 -4.60
N TYR A 93 1.20 5.16 -4.41
CA TYR A 93 0.04 4.72 -5.22
C TYR A 93 -0.35 5.86 -6.18
N SER A 94 0.09 5.74 -7.43
CA SER A 94 -0.19 6.71 -8.50
C SER A 94 -1.33 6.18 -9.38
N MET A 95 -2.14 7.08 -9.91
CA MET A 95 -3.28 6.71 -10.77
C MET A 95 -3.51 7.84 -11.80
N GLU A 96 -3.25 7.53 -13.08
CA GLU A 96 -3.31 8.50 -14.18
C GLU A 96 -4.55 8.23 -15.06
N PRO A 97 -5.54 9.17 -15.08
CA PRO A 97 -6.79 8.98 -15.84
C PRO A 97 -6.58 9.22 -17.35
N LEU A 98 -6.27 8.12 -18.06
CA LEU A 98 -6.12 8.13 -19.52
C LEU A 98 -7.50 8.16 -20.21
N GLU A 99 -7.49 8.29 -21.54
CA GLU A 99 -8.72 8.26 -22.35
C GLU A 99 -9.18 6.81 -22.59
N GLU A 100 -8.29 5.85 -22.30
CA GLU A 100 -8.56 4.40 -22.43
C GLU A 100 -8.84 3.74 -21.06
N GLY A 101 -8.59 4.47 -19.96
CA GLY A 101 -8.82 3.95 -18.61
C GLY A 101 -8.06 4.76 -17.56
N THR A 102 -7.50 4.07 -16.56
CA THR A 102 -6.73 4.69 -15.46
C THR A 102 -5.61 3.74 -15.05
N VAL A 103 -4.35 4.15 -15.22
CA VAL A 103 -3.21 3.28 -14.90
C VAL A 103 -2.84 3.46 -13.42
N LEU A 104 -3.14 2.44 -12.61
CA LEU A 104 -2.67 2.36 -11.22
C LEU A 104 -1.20 1.93 -11.28
N THR A 105 -0.36 2.59 -10.49
CA THR A 105 1.08 2.34 -10.45
C THR A 105 1.54 2.37 -8.99
N GLU A 106 1.83 1.20 -8.43
CA GLU A 106 2.35 1.08 -7.07
C GLU A 106 3.89 1.11 -7.14
N SER A 107 4.55 1.76 -6.18
CA SER A 107 6.01 1.80 -6.10
C SER A 107 6.44 1.68 -4.64
N TRP A 108 6.98 0.50 -4.30
CA TRP A 108 7.51 0.21 -2.97
C TRP A 108 9.02 0.48 -2.92
N GLU A 109 9.47 1.02 -1.79
CA GLU A 109 10.89 1.17 -1.45
C GLU A 109 11.10 0.79 0.02
N PHE A 110 12.29 0.27 0.32
CA PHE A 110 12.78 0.11 1.69
C PHE A 110 14.13 0.83 1.79
N THR A 111 14.29 1.68 2.81
CA THR A 111 15.53 2.43 3.02
C THR A 111 16.66 1.48 3.50
N PRO A 112 17.91 1.63 2.96
CA PRO A 112 19.09 0.87 3.45
C PRO A 112 19.44 1.23 4.91
N LYS A 113 18.92 2.38 5.41
CA LYS A 113 19.09 2.80 6.82
C LYS A 113 18.47 1.76 7.78
N GLY A 114 17.26 1.28 7.41
CA GLY A 114 16.53 0.28 8.20
C GLY A 114 17.12 -1.12 8.11
N GLN A 115 17.94 -1.36 7.07
CA GLN A 115 18.61 -2.67 6.85
C GLN A 115 19.60 -2.97 8.00
N ARG A 116 20.23 -1.90 8.56
CA ARG A 116 21.17 -2.04 9.70
C ARG A 116 20.45 -2.49 10.99
N PHE A 117 19.14 -2.22 11.07
CA PHE A 117 18.27 -2.69 12.18
C PHE A 117 18.09 -4.22 12.12
N PHE A 118 17.86 -4.74 10.90
CA PHE A 118 17.74 -6.20 10.65
C PHE A 118 19.11 -6.88 10.75
N HIS A 119 20.18 -6.13 10.43
CA HIS A 119 21.57 -6.60 10.57
C HIS A 119 22.01 -6.56 12.05
N ASP A 120 21.32 -5.75 12.86
CA ASP A 120 21.54 -5.67 14.32
C ASP A 120 20.86 -6.87 15.02
N LYS A 121 19.57 -7.09 14.72
CA LYS A 121 18.74 -8.12 15.40
C LYS A 121 19.04 -9.53 14.86
N PHE A 122 18.87 -9.69 13.53
CA PHE A 122 18.99 -11.00 12.85
C PHE A 122 20.45 -11.27 12.45
N GLY A 123 21.14 -10.20 12.00
CA GLY A 123 22.57 -10.25 11.67
C GLY A 123 22.89 -11.16 10.50
N ASP A 124 23.25 -12.42 10.84
CA ASP A 124 23.47 -13.49 9.85
C ASP A 124 22.17 -13.80 9.11
N LYS A 125 21.09 -13.90 9.88
CA LYS A 125 19.77 -14.33 9.39
C LYS A 125 19.03 -13.19 8.65
N SER A 126 19.63 -11.98 8.62
CA SER A 126 19.05 -10.76 7.97
C SER A 126 18.76 -10.98 6.47
N ILE A 127 19.44 -11.97 5.87
CA ILE A 127 19.24 -12.40 4.47
C ILE A 127 17.77 -12.79 4.23
N GLU A 128 17.18 -13.51 5.20
CA GLU A 128 15.78 -13.95 5.15
C GLU A 128 14.81 -12.76 5.03
N GLU A 129 15.06 -11.72 5.83
CA GLU A 129 14.18 -10.51 5.92
C GLU A 129 14.25 -9.66 4.64
N ILE A 130 15.45 -9.49 4.07
CA ILE A 130 15.64 -8.67 2.86
C ILE A 130 15.09 -9.40 1.62
N GLU A 131 15.22 -10.75 1.60
CA GLU A 131 14.56 -11.62 0.59
C GLU A 131 13.04 -11.53 0.73
N LYS A 132 12.58 -11.61 1.98
CA LYS A 132 11.15 -11.70 2.35
C LYS A 132 10.37 -10.47 1.87
N ARG A 133 10.97 -9.29 2.12
CA ARG A 133 10.37 -7.98 1.76
C ARG A 133 10.41 -7.75 0.24
N ARG A 134 11.50 -8.17 -0.42
CA ARG A 134 11.64 -8.03 -1.88
C ARG A 134 10.57 -8.90 -2.58
N LEU A 135 10.51 -10.18 -2.18
CA LEU A 135 9.58 -11.19 -2.73
C LEU A 135 8.12 -10.82 -2.43
N ALA A 136 7.88 -10.17 -1.27
CA ALA A 136 6.55 -9.66 -0.88
C ALA A 136 6.09 -8.55 -1.84
N ALA A 137 7.05 -7.81 -2.39
CA ALA A 137 6.81 -6.80 -3.43
C ALA A 137 6.58 -7.49 -4.80
N ILE A 138 7.47 -8.46 -5.13
CA ILE A 138 7.46 -9.18 -6.45
C ILE A 138 6.15 -9.97 -6.65
N THR A 139 5.57 -10.48 -5.55
CA THR A 139 4.30 -11.24 -5.59
C THR A 139 3.09 -10.34 -5.25
N GLY A 140 3.21 -9.62 -4.12
CA GLY A 140 2.09 -8.87 -3.54
C GLY A 140 1.61 -7.68 -4.38
N ILE A 141 2.56 -6.87 -4.87
CA ILE A 141 2.23 -5.64 -5.63
C ILE A 141 1.47 -5.95 -6.96
N PRO A 142 2.00 -6.81 -7.91
CA PRO A 142 1.29 -7.11 -9.20
C PRO A 142 -0.06 -7.80 -8.97
N GLU A 143 -0.15 -8.57 -7.88
CA GLU A 143 -1.38 -9.26 -7.46
C GLU A 143 -2.47 -8.23 -7.05
N THR A 144 -2.04 -7.15 -6.36
CA THR A 144 -2.94 -6.04 -5.98
C THR A 144 -3.41 -5.27 -7.22
N LEU A 145 -2.48 -5.03 -8.17
CA LEU A 145 -2.77 -4.34 -9.44
C LEU A 145 -3.87 -5.07 -10.25
N VAL A 146 -3.72 -6.41 -10.35
CA VAL A 146 -4.69 -7.28 -11.05
C VAL A 146 -6.01 -7.38 -10.24
N ALA A 147 -5.89 -7.36 -8.90
CA ALA A 147 -7.05 -7.47 -7.98
C ALA A 147 -8.03 -6.30 -8.15
N ILE A 148 -7.48 -5.07 -8.11
CA ILE A 148 -8.26 -3.82 -8.25
C ILE A 148 -8.94 -3.77 -9.63
N GLN A 149 -8.18 -4.16 -10.67
CA GLN A 149 -8.67 -4.19 -12.05
C GLN A 149 -9.89 -5.12 -12.20
N ARG A 150 -9.71 -6.39 -11.76
CA ARG A 150 -10.68 -7.47 -11.96
C ARG A 150 -11.98 -7.23 -11.16
N ILE A 151 -11.84 -6.68 -9.93
CA ILE A 151 -12.99 -6.40 -9.04
C ILE A 151 -13.82 -5.21 -9.61
N LEU A 152 -13.14 -4.28 -10.33
CA LEU A 152 -13.81 -3.12 -10.97
C LEU A 152 -14.51 -3.52 -12.27
N GLU A 153 -13.98 -4.53 -12.97
CA GLU A 153 -14.63 -5.09 -14.17
C GLU A 153 -15.98 -5.76 -13.79
N VAL A 154 -16.00 -6.41 -12.61
CA VAL A 154 -17.24 -6.97 -12.03
C VAL A 154 -18.17 -5.83 -11.54
N GLU A 155 -17.56 -4.79 -10.93
CA GLU A 155 -18.28 -3.62 -10.41
C GLU A 155 -19.09 -2.91 -11.52
N LEU A 156 -18.52 -2.86 -12.73
CA LEU A 156 -19.14 -2.20 -13.89
C LEU A 156 -20.16 -3.12 -14.59
N GLU A 157 -19.97 -4.45 -14.48
CA GLU A 157 -20.82 -5.44 -15.12
C GLU A 157 -21.86 -5.99 -14.10
N HIS A 158 -21.40 -6.86 -13.19
CA HIS A 158 -22.24 -7.63 -12.23
C HIS A 158 -23.19 -8.62 -12.97
N HIS A 159 -23.99 -9.37 -12.18
CA HIS A 159 -25.06 -10.23 -12.71
C HIS A 159 -26.12 -9.34 -13.39
N HIS A 160 -26.42 -9.63 -14.66
CA HIS A 160 -27.24 -8.75 -15.52
C HIS A 160 -28.69 -8.71 -15.02
N HIS A 161 -29.32 -9.91 -14.89
CA HIS A 161 -30.66 -10.16 -14.29
C HIS A 161 -31.86 -9.40 -14.97
N HIS A 162 -31.85 -8.05 -14.93
CA HIS A 162 -32.94 -7.19 -15.46
C HIS A 162 -33.03 -7.15 -17.00
N HIS A 163 -32.24 -7.98 -17.69
CA HIS A 163 -32.22 -8.06 -19.15
C HIS A 163 -32.24 -9.55 -19.58
N MET A 1 20.20 7.33 -6.98
CA MET A 1 20.93 6.82 -5.79
C MET A 1 21.03 5.29 -5.87
N PRO A 2 22.13 4.66 -5.33
CA PRO A 2 22.25 3.18 -5.27
C PRO A 2 21.10 2.56 -4.43
N LYS A 3 20.25 1.79 -5.12
CA LYS A 3 19.09 1.11 -4.52
C LYS A 3 19.54 -0.20 -3.83
N SER A 4 18.56 -0.93 -3.31
CA SER A 4 18.78 -2.24 -2.69
C SER A 4 17.60 -3.15 -3.04
N LEU A 5 16.39 -2.65 -2.75
CA LEU A 5 15.12 -3.33 -3.06
C LEU A 5 14.08 -2.28 -3.48
N THR A 6 13.61 -2.38 -4.71
CA THR A 6 12.49 -1.57 -5.23
C THR A 6 11.95 -2.22 -6.50
N PHE A 7 10.63 -2.35 -6.57
CA PHE A 7 9.92 -2.97 -7.70
C PHE A 7 8.64 -2.18 -7.99
N GLU A 8 8.24 -2.14 -9.27
CA GLU A 8 7.08 -1.37 -9.74
C GLU A 8 6.23 -2.20 -10.72
N ASP A 9 5.04 -1.70 -11.04
CA ASP A 9 4.10 -2.35 -11.98
C ASP A 9 3.00 -1.34 -12.35
N SER A 10 2.30 -1.56 -13.48
CA SER A 10 1.22 -0.66 -13.96
C SER A 10 0.07 -1.48 -14.60
N ILE A 11 -1.18 -1.02 -14.39
CA ILE A 11 -2.37 -1.62 -15.01
C ILE A 11 -3.46 -0.54 -15.17
N ASN A 12 -4.25 -0.62 -16.25
CA ASN A 12 -5.42 0.26 -16.44
C ASN A 12 -6.68 -0.44 -15.92
N ILE A 13 -7.31 0.14 -14.90
CA ILE A 13 -8.56 -0.34 -14.32
C ILE A 13 -9.72 0.42 -14.97
N ALA A 14 -10.76 -0.29 -15.45
CA ALA A 14 -11.99 0.33 -15.95
C ALA A 14 -12.83 0.85 -14.75
N ALA A 15 -12.43 2.04 -14.26
CA ALA A 15 -13.03 2.70 -13.07
C ALA A 15 -12.50 4.16 -12.99
N PRO A 16 -13.27 5.12 -12.38
CA PRO A 16 -12.81 6.53 -12.25
C PRO A 16 -11.60 6.65 -11.30
N ILE A 17 -10.77 7.69 -11.55
CA ILE A 17 -9.56 7.99 -10.75
C ILE A 17 -9.90 8.17 -9.26
N ASN A 18 -11.08 8.77 -9.00
CA ASN A 18 -11.58 9.03 -7.63
C ASN A 18 -11.76 7.72 -6.86
N GLN A 19 -12.30 6.72 -7.57
CA GLN A 19 -12.55 5.37 -7.05
C GLN A 19 -11.21 4.66 -6.71
N VAL A 20 -10.28 4.69 -7.69
CA VAL A 20 -8.96 4.03 -7.56
C VAL A 20 -8.12 4.69 -6.44
N TYR A 21 -8.27 6.03 -6.29
CA TYR A 21 -7.55 6.83 -5.26
C TYR A 21 -7.99 6.42 -3.84
N ALA A 22 -9.24 5.95 -3.73
CA ALA A 22 -9.79 5.42 -2.46
C ALA A 22 -9.24 4.00 -2.19
N LEU A 23 -9.17 3.18 -3.25
CA LEU A 23 -8.80 1.74 -3.16
C LEU A 23 -7.30 1.52 -2.87
N VAL A 24 -6.45 2.51 -3.20
CA VAL A 24 -5.00 2.44 -2.91
C VAL A 24 -4.69 2.75 -1.43
N SER A 25 -5.70 3.23 -0.69
CA SER A 25 -5.62 3.52 0.74
C SER A 25 -6.87 2.96 1.44
N ASP A 26 -7.44 1.87 0.87
CA ASP A 26 -8.70 1.28 1.38
C ASP A 26 -8.44 0.42 2.63
N ILE A 27 -8.32 1.15 3.74
CA ILE A 27 -8.24 0.59 5.10
C ILE A 27 -9.43 1.15 5.91
N THR A 28 -10.14 2.12 5.29
CA THR A 28 -11.20 2.90 5.91
C THR A 28 -12.50 2.10 6.03
N ARG A 29 -12.69 1.10 5.13
CA ARG A 29 -13.85 0.19 5.15
C ARG A 29 -13.59 -1.00 6.09
N THR A 30 -13.25 -0.68 7.36
CA THR A 30 -13.07 -1.64 8.48
C THR A 30 -11.89 -2.63 8.20
N GLY A 31 -10.98 -2.23 7.28
CA GLY A 31 -9.89 -3.09 6.82
C GLY A 31 -10.42 -4.26 5.96
N GLU A 32 -10.95 -5.28 6.65
CA GLU A 32 -11.52 -6.48 6.00
C GLU A 32 -12.67 -7.05 6.89
N TRP A 33 -13.35 -6.14 7.61
CA TRP A 33 -14.52 -6.45 8.49
C TRP A 33 -14.14 -7.44 9.62
N SER A 34 -12.84 -7.46 9.97
CA SER A 34 -12.27 -8.41 10.95
C SER A 34 -11.70 -7.64 12.16
N PRO A 35 -11.83 -8.19 13.41
CA PRO A 35 -11.34 -7.51 14.64
C PRO A 35 -9.81 -7.66 14.85
N VAL A 36 -9.10 -8.16 13.80
CA VAL A 36 -7.63 -8.26 13.80
C VAL A 36 -7.04 -6.85 13.73
N CYS A 37 -7.74 -5.95 13.02
CA CYS A 37 -7.44 -4.51 13.01
C CYS A 37 -8.11 -3.88 14.24
N GLU A 38 -7.35 -3.87 15.37
CA GLU A 38 -7.81 -3.38 16.68
C GLU A 38 -8.17 -1.89 16.58
N LYS A 39 -7.21 -1.09 16.10
CA LYS A 39 -7.34 0.35 15.94
C LYS A 39 -6.87 0.74 14.55
N CYS A 40 -7.80 1.23 13.73
CA CYS A 40 -7.48 1.85 12.45
C CYS A 40 -7.85 3.33 12.55
N TRP A 41 -6.82 4.19 12.58
CA TRP A 41 -6.98 5.63 12.66
C TRP A 41 -6.73 6.20 11.26
N TRP A 42 -7.76 6.83 10.68
CA TRP A 42 -7.76 7.29 9.29
C TRP A 42 -7.58 8.81 9.22
N ASP A 43 -6.42 9.25 8.71
CA ASP A 43 -6.11 10.67 8.50
C ASP A 43 -6.86 11.23 7.27
N GLU A 44 -7.38 10.31 6.44
CA GLU A 44 -8.17 10.62 5.20
C GLU A 44 -9.33 11.60 5.51
N ASP A 45 -9.94 11.39 6.70
CA ASP A 45 -11.09 12.19 7.20
C ASP A 45 -10.76 13.71 7.25
N GLU A 46 -9.57 14.04 7.78
CA GLU A 46 -9.05 15.43 7.78
C GLU A 46 -8.60 15.83 6.36
N GLY A 47 -7.90 14.93 5.68
CA GLY A 47 -7.47 15.13 4.31
C GLY A 47 -6.21 14.35 3.98
N PRO A 48 -6.15 13.57 2.86
CA PRO A 48 -4.93 12.90 2.40
C PRO A 48 -3.96 13.93 1.78
N VAL A 49 -3.17 14.59 2.65
CA VAL A 49 -2.23 15.66 2.28
C VAL A 49 -0.78 15.22 2.50
N VAL A 50 0.18 16.07 2.06
CA VAL A 50 1.62 15.90 2.36
C VAL A 50 1.81 16.15 3.86
N GLY A 51 1.70 15.08 4.64
CA GLY A 51 1.61 15.16 6.09
C GLY A 51 0.27 14.61 6.55
N ALA A 52 0.07 13.32 6.30
CA ALA A 52 -1.16 12.59 6.67
C ALA A 52 -0.79 11.18 7.18
N HIS A 53 -0.96 10.93 8.48
CA HIS A 53 -0.50 9.70 9.13
C HIS A 53 -1.68 8.77 9.51
N PHE A 54 -1.64 7.55 8.97
CA PHE A 54 -2.60 6.47 9.27
C PHE A 54 -1.93 5.47 10.23
N THR A 55 -2.60 5.12 11.34
CA THR A 55 -2.07 4.17 12.33
C THR A 55 -2.94 2.91 12.39
N GLY A 56 -2.36 1.78 11.94
CA GLY A 56 -3.02 0.48 11.95
C GLY A 56 -2.41 -0.45 13.00
N ARG A 57 -3.11 -0.58 14.13
CA ARG A 57 -2.79 -1.56 15.19
C ARG A 57 -3.43 -2.91 14.86
N ASN A 58 -2.61 -3.95 14.70
CA ASN A 58 -3.07 -5.35 14.52
C ASN A 58 -2.84 -6.11 15.83
N VAL A 59 -3.92 -6.68 16.39
CA VAL A 59 -3.83 -7.57 17.56
C VAL A 59 -4.27 -9.00 17.16
N THR A 60 -3.49 -9.98 17.61
CA THR A 60 -3.82 -11.41 17.56
C THR A 60 -3.26 -12.05 18.85
N PRO A 61 -3.79 -13.22 19.33
CA PRO A 61 -3.27 -13.90 20.55
C PRO A 61 -1.80 -14.39 20.38
N GLU A 62 -1.36 -14.40 19.11
CA GLU A 62 0.01 -14.73 18.72
C GLU A 62 0.88 -13.47 18.76
N ARG A 63 0.56 -12.48 17.91
CA ARG A 63 1.39 -11.27 17.69
C ARG A 63 0.62 -9.98 18.00
N THR A 64 1.31 -9.04 18.64
CA THR A 64 0.84 -7.68 18.85
C THR A 64 1.80 -6.72 18.11
N TRP A 65 1.32 -6.12 17.02
CA TRP A 65 2.14 -5.25 16.16
C TRP A 65 1.32 -4.03 15.74
N GLU A 66 2.02 -2.93 15.44
CA GLU A 66 1.41 -1.69 14.96
C GLU A 66 2.26 -1.13 13.81
N THR A 67 1.59 -0.57 12.80
CA THR A 67 2.21 0.09 11.65
C THR A 67 1.71 1.53 11.60
N ARG A 68 2.60 2.50 11.79
CA ARG A 68 2.27 3.94 11.70
C ARG A 68 2.83 4.50 10.39
N SER A 69 1.98 4.54 9.37
CA SER A 69 2.33 5.04 8.03
C SER A 69 2.09 6.55 7.95
N GLU A 70 2.96 7.26 7.23
CA GLU A 70 2.88 8.72 7.08
C GLU A 70 3.06 9.07 5.59
N VAL A 71 2.14 9.89 5.06
CA VAL A 71 2.07 10.24 3.63
C VAL A 71 3.11 11.32 3.29
N ILE A 72 4.20 10.88 2.67
CA ILE A 72 5.34 11.73 2.30
C ILE A 72 5.03 12.65 1.08
N VAL A 73 4.03 12.25 0.27
CA VAL A 73 3.58 13.00 -0.91
C VAL A 73 2.11 12.62 -1.23
N ALA A 74 1.25 13.63 -1.47
CA ALA A 74 -0.17 13.41 -1.78
C ALA A 74 -0.65 14.45 -2.77
N GLU A 75 -0.85 14.01 -4.01
CA GLU A 75 -1.45 14.81 -5.07
C GLU A 75 -2.88 14.26 -5.28
N PRO A 76 -3.95 15.01 -4.84
CA PRO A 76 -5.33 14.44 -4.68
C PRO A 76 -6.01 14.01 -6.01
N ASN A 77 -5.33 14.27 -7.15
CA ASN A 77 -5.86 13.98 -8.49
C ASN A 77 -4.73 13.45 -9.40
N ARG A 78 -3.66 12.89 -8.81
CA ARG A 78 -2.45 12.51 -9.58
C ARG A 78 -1.68 11.32 -8.94
N CYS A 79 -1.32 11.43 -7.64
CA CYS A 79 -0.47 10.43 -6.94
C CYS A 79 -0.78 10.38 -5.43
N PHE A 80 -0.42 9.26 -4.79
CA PHE A 80 -0.57 9.06 -3.34
C PHE A 80 0.57 8.14 -2.85
N GLY A 81 1.56 8.74 -2.18
CA GLY A 81 2.77 8.04 -1.74
C GLY A 81 2.98 8.16 -0.23
N TRP A 82 3.11 7.02 0.45
CA TRP A 82 3.23 6.94 1.91
C TRP A 82 4.22 5.86 2.32
N SER A 83 4.93 6.10 3.43
CA SER A 83 5.94 5.18 3.96
C SER A 83 5.44 4.55 5.29
N VAL A 84 5.47 3.21 5.35
CA VAL A 84 5.10 2.44 6.55
C VAL A 84 6.21 2.54 7.60
N THR A 85 5.85 3.03 8.81
CA THR A 85 6.75 3.10 9.98
C THR A 85 8.06 3.86 9.65
N ASP A 86 7.90 5.19 9.43
CA ASP A 86 9.00 6.13 9.10
C ASP A 86 9.65 5.79 7.75
N GLY A 87 10.50 4.74 7.73
CA GLY A 87 11.19 4.28 6.52
C GLY A 87 11.44 2.77 6.55
N ASN A 88 10.48 2.01 7.09
CA ASN A 88 10.52 0.53 7.10
C ASN A 88 10.18 0.00 5.69
N VAL A 89 9.05 0.49 5.16
CA VAL A 89 8.55 0.18 3.80
C VAL A 89 8.03 1.48 3.16
N LYS A 90 8.02 1.56 1.82
CA LYS A 90 7.44 2.70 1.09
C LYS A 90 6.54 2.17 -0.04
N TRP A 91 5.41 2.85 -0.25
CA TRP A 91 4.44 2.55 -1.33
C TRP A 91 4.13 3.86 -2.06
N ILE A 92 4.26 3.87 -3.40
CA ILE A 92 3.93 5.04 -4.24
C ILE A 92 2.87 4.60 -5.26
N TYR A 93 1.64 5.11 -5.11
CA TYR A 93 0.53 4.79 -6.01
C TYR A 93 0.24 6.02 -6.88
N SER A 94 0.68 5.98 -8.14
CA SER A 94 0.40 7.03 -9.11
C SER A 94 -0.81 6.62 -9.96
N MET A 95 -1.85 7.46 -10.01
CA MET A 95 -3.09 7.17 -10.74
C MET A 95 -3.24 8.13 -11.94
N GLU A 96 -3.25 7.54 -13.16
CA GLU A 96 -3.34 8.28 -14.42
C GLU A 96 -4.80 8.34 -14.89
N PRO A 97 -5.52 9.49 -14.75
CA PRO A 97 -6.96 9.58 -15.11
C PRO A 97 -7.19 9.50 -16.63
N LEU A 98 -7.61 8.31 -17.10
CA LEU A 98 -8.03 8.13 -18.50
C LEU A 98 -9.53 8.39 -18.64
N GLU A 99 -9.97 8.58 -19.88
CA GLU A 99 -11.39 8.76 -20.23
C GLU A 99 -12.14 7.41 -20.20
N GLU A 100 -11.36 6.31 -20.21
CA GLU A 100 -11.89 4.93 -20.19
C GLU A 100 -11.68 4.26 -18.82
N GLY A 101 -10.77 4.82 -18.00
CA GLY A 101 -10.42 4.23 -16.72
C GLY A 101 -9.30 4.99 -16.02
N THR A 102 -8.37 4.26 -15.38
CA THR A 102 -7.25 4.86 -14.62
C THR A 102 -6.07 3.88 -14.57
N VAL A 103 -4.87 4.32 -15.01
CA VAL A 103 -3.66 3.49 -14.97
C VAL A 103 -2.96 3.68 -13.61
N LEU A 104 -3.11 2.70 -12.73
CA LEU A 104 -2.43 2.71 -11.43
C LEU A 104 -1.02 2.12 -11.62
N THR A 105 -0.01 3.00 -11.49
CA THR A 105 1.40 2.63 -11.40
C THR A 105 1.80 2.53 -9.92
N GLU A 106 2.00 1.30 -9.43
CA GLU A 106 2.47 1.04 -8.06
C GLU A 106 4.02 1.04 -8.10
N SER A 107 4.65 1.59 -7.06
CA SER A 107 6.10 1.55 -6.88
C SER A 107 6.43 1.34 -5.40
N TRP A 108 6.81 0.11 -5.06
CA TRP A 108 7.26 -0.25 -3.72
C TRP A 108 8.76 0.02 -3.62
N GLU A 109 9.16 0.73 -2.57
CA GLU A 109 10.58 0.99 -2.29
C GLU A 109 10.91 0.53 -0.86
N PHE A 110 12.12 0.00 -0.71
CA PHE A 110 12.70 -0.38 0.57
C PHE A 110 14.04 0.35 0.68
N THR A 111 14.04 1.48 1.41
CA THR A 111 15.21 2.33 1.58
C THR A 111 16.31 1.59 2.39
N PRO A 112 17.63 1.78 2.02
CA PRO A 112 18.77 1.20 2.77
C PRO A 112 18.84 1.67 4.25
N LYS A 113 18.06 2.72 4.59
CA LYS A 113 17.87 3.18 5.97
C LYS A 113 17.19 2.10 6.82
N GLY A 114 16.08 1.54 6.29
CA GLY A 114 15.32 0.48 6.98
C GLY A 114 16.11 -0.82 7.11
N GLN A 115 16.94 -1.10 6.10
CA GLN A 115 17.85 -2.26 6.09
C GLN A 115 18.92 -2.12 7.18
N ARG A 116 19.57 -0.93 7.21
CA ARG A 116 20.64 -0.58 8.17
C ARG A 116 20.12 -0.62 9.61
N PHE A 117 18.87 -0.16 9.78
CA PHE A 117 18.20 -0.12 11.09
C PHE A 117 18.05 -1.55 11.64
N PHE A 118 17.41 -2.44 10.85
CA PHE A 118 17.19 -3.85 11.28
C PHE A 118 18.54 -4.58 11.41
N HIS A 119 19.54 -4.18 10.60
CA HIS A 119 20.91 -4.75 10.64
C HIS A 119 21.60 -4.39 11.97
N ASP A 120 21.31 -3.19 12.49
CA ASP A 120 21.89 -2.69 13.75
C ASP A 120 21.30 -3.46 14.96
N LYS A 121 20.06 -3.95 14.80
CA LYS A 121 19.41 -4.83 15.78
C LYS A 121 19.90 -6.29 15.60
N PHE A 122 19.91 -6.75 14.34
CA PHE A 122 20.08 -8.17 13.96
C PHE A 122 20.82 -8.23 12.60
N GLY A 123 22.14 -8.39 12.67
CA GLY A 123 23.05 -8.31 11.51
C GLY A 123 22.70 -9.24 10.35
N ASP A 124 22.91 -10.55 10.53
CA ASP A 124 22.70 -11.58 9.48
C ASP A 124 21.20 -11.84 9.23
N LYS A 125 20.36 -11.51 10.23
CA LYS A 125 18.88 -11.63 10.12
C LYS A 125 18.30 -10.55 9.20
N SER A 126 19.07 -9.48 8.97
CA SER A 126 18.72 -8.43 7.99
C SER A 126 18.79 -8.98 6.55
N ILE A 127 19.67 -9.99 6.34
CA ILE A 127 19.81 -10.70 5.04
C ILE A 127 18.56 -11.56 4.80
N GLU A 128 18.07 -12.19 5.88
CA GLU A 128 16.85 -12.99 5.86
C GLU A 128 15.60 -12.10 5.67
N GLU A 129 15.66 -10.87 6.25
CA GLU A 129 14.59 -9.87 6.09
C GLU A 129 14.49 -9.41 4.63
N ILE A 130 15.62 -8.93 4.07
CA ILE A 130 15.65 -8.39 2.70
C ILE A 130 15.30 -9.48 1.66
N GLU A 131 15.53 -10.75 2.04
CA GLU A 131 15.08 -11.91 1.26
C GLU A 131 13.54 -11.93 1.20
N LYS A 132 12.91 -11.86 2.37
CA LYS A 132 11.43 -11.89 2.52
C LYS A 132 10.76 -10.62 1.95
N ARG A 133 11.49 -9.48 1.98
CA ARG A 133 11.03 -8.20 1.38
C ARG A 133 11.00 -8.33 -0.16
N ARG A 134 12.06 -8.97 -0.68
CA ARG A 134 12.26 -9.21 -2.11
C ARG A 134 11.17 -10.16 -2.66
N LEU A 135 10.97 -11.29 -1.95
CA LEU A 135 10.01 -12.34 -2.34
C LEU A 135 8.58 -11.79 -2.32
N ALA A 136 8.19 -11.17 -1.18
CA ALA A 136 6.85 -10.58 -0.98
C ALA A 136 6.56 -9.45 -1.99
N ALA A 137 7.62 -8.86 -2.54
CA ALA A 137 7.49 -7.80 -3.57
C ALA A 137 7.29 -8.40 -4.97
N ILE A 138 8.15 -9.36 -5.36
CA ILE A 138 8.13 -9.94 -6.71
C ILE A 138 6.85 -10.79 -6.93
N THR A 139 6.41 -11.51 -5.90
CA THR A 139 5.17 -12.31 -5.98
C THR A 139 3.94 -11.42 -5.66
N GLY A 140 4.14 -10.37 -4.82
CA GLY A 140 3.04 -9.57 -4.30
C GLY A 140 2.53 -8.51 -5.27
N ILE A 141 3.43 -7.58 -5.66
CA ILE A 141 3.09 -6.37 -6.44
C ILE A 141 2.33 -6.68 -7.77
N PRO A 142 2.83 -7.57 -8.70
CA PRO A 142 2.12 -7.83 -9.99
C PRO A 142 0.70 -8.40 -9.78
N GLU A 143 0.56 -9.26 -8.75
CA GLU A 143 -0.74 -9.82 -8.34
C GLU A 143 -1.65 -8.70 -7.78
N THR A 144 -1.05 -7.77 -7.01
CA THR A 144 -1.77 -6.65 -6.37
C THR A 144 -2.40 -5.74 -7.43
N LEU A 145 -1.67 -5.44 -8.52
CA LEU A 145 -2.18 -4.61 -9.64
C LEU A 145 -3.37 -5.28 -10.33
N VAL A 146 -3.23 -6.59 -10.60
CA VAL A 146 -4.34 -7.42 -11.16
C VAL A 146 -5.53 -7.44 -10.19
N ALA A 147 -5.22 -7.41 -8.88
CA ALA A 147 -6.23 -7.43 -7.80
C ALA A 147 -6.88 -6.04 -7.60
N ILE A 148 -6.17 -4.95 -7.97
CA ILE A 148 -6.72 -3.58 -7.92
C ILE A 148 -7.81 -3.43 -8.98
N GLN A 149 -7.58 -4.08 -10.15
CA GLN A 149 -8.58 -4.13 -11.22
C GLN A 149 -9.73 -5.06 -10.81
N ARG A 150 -9.38 -6.26 -10.32
CA ARG A 150 -10.35 -7.35 -10.06
C ARG A 150 -11.30 -7.03 -8.90
N ILE A 151 -10.80 -6.32 -7.85
CA ILE A 151 -11.64 -5.92 -6.70
C ILE A 151 -12.72 -4.93 -7.16
N LEU A 152 -12.32 -4.03 -8.09
CA LEU A 152 -13.19 -3.00 -8.65
C LEU A 152 -14.17 -3.58 -9.67
N GLU A 153 -13.74 -4.60 -10.44
CA GLU A 153 -14.62 -5.29 -11.41
C GLU A 153 -15.75 -6.02 -10.67
N VAL A 154 -15.40 -6.73 -9.58
CA VAL A 154 -16.37 -7.42 -8.71
C VAL A 154 -17.27 -6.39 -7.98
N GLU A 155 -16.68 -5.26 -7.59
CA GLU A 155 -17.40 -4.15 -6.91
C GLU A 155 -18.40 -3.48 -7.88
N LEU A 156 -18.09 -3.50 -9.18
CA LEU A 156 -18.99 -3.00 -10.25
C LEU A 156 -20.04 -4.06 -10.59
N GLU A 157 -19.70 -5.36 -10.40
CA GLU A 157 -20.67 -6.48 -10.50
C GLU A 157 -21.64 -6.47 -9.30
N HIS A 158 -21.28 -5.73 -8.23
CA HIS A 158 -22.15 -5.49 -7.08
C HIS A 158 -23.13 -4.34 -7.40
N HIS A 159 -24.04 -4.57 -8.37
CA HIS A 159 -25.16 -3.64 -8.65
C HIS A 159 -26.22 -3.77 -7.55
N HIS A 160 -26.19 -4.92 -6.84
CA HIS A 160 -27.04 -5.18 -5.66
C HIS A 160 -26.41 -4.62 -4.36
N HIS A 161 -25.52 -3.60 -4.51
CA HIS A 161 -24.84 -2.94 -3.38
C HIS A 161 -25.84 -2.05 -2.61
N HIS A 162 -26.64 -2.69 -1.76
CA HIS A 162 -27.60 -2.02 -0.88
C HIS A 162 -26.98 -1.87 0.52
N HIS A 163 -27.60 -1.01 1.35
CA HIS A 163 -27.11 -0.75 2.72
C HIS A 163 -28.29 -0.27 3.60
N MET A 1 16.63 -13.10 -12.30
CA MET A 1 16.22 -13.28 -10.89
C MET A 1 15.98 -11.90 -10.23
N PRO A 2 14.71 -11.58 -9.80
CA PRO A 2 14.42 -10.32 -9.07
C PRO A 2 15.12 -10.28 -7.69
N LYS A 3 15.61 -9.10 -7.32
CA LYS A 3 16.28 -8.84 -6.03
C LYS A 3 15.93 -7.41 -5.54
N SER A 4 16.61 -6.97 -4.47
CA SER A 4 16.51 -5.59 -3.92
C SER A 4 15.14 -5.34 -3.24
N LEU A 5 15.13 -4.37 -2.31
CA LEU A 5 13.91 -3.93 -1.59
C LEU A 5 13.19 -2.82 -2.41
N THR A 6 13.11 -3.04 -3.74
CA THR A 6 12.49 -2.11 -4.69
C THR A 6 11.87 -2.90 -5.86
N PHE A 7 10.61 -2.56 -6.19
CA PHE A 7 9.89 -3.09 -7.35
C PHE A 7 8.72 -2.16 -7.68
N GLU A 8 8.30 -2.17 -8.94
CA GLU A 8 7.21 -1.32 -9.42
C GLU A 8 6.32 -2.14 -10.37
N ASP A 9 5.01 -1.89 -10.34
CA ASP A 9 4.06 -2.52 -11.26
C ASP A 9 2.86 -1.59 -11.47
N SER A 10 2.13 -1.82 -12.56
CA SER A 10 1.07 -0.91 -13.03
C SER A 10 0.03 -1.67 -13.86
N ILE A 11 -1.22 -1.16 -13.85
CA ILE A 11 -2.35 -1.77 -14.58
C ILE A 11 -3.43 -0.71 -14.87
N ASN A 12 -4.09 -0.83 -16.04
CA ASN A 12 -5.24 0.03 -16.41
C ASN A 12 -6.53 -0.71 -16.06
N ILE A 13 -7.18 -0.25 -14.98
CA ILE A 13 -8.44 -0.80 -14.47
C ILE A 13 -9.62 -0.11 -15.18
N ALA A 14 -10.77 -0.81 -15.31
CA ALA A 14 -12.00 -0.25 -15.91
C ALA A 14 -12.97 0.21 -14.81
N ALA A 15 -12.40 0.82 -13.75
CA ALA A 15 -13.16 1.35 -12.60
C ALA A 15 -12.75 2.81 -12.33
N PRO A 16 -13.70 3.69 -11.84
CA PRO A 16 -13.40 5.12 -11.54
C PRO A 16 -12.31 5.31 -10.47
N ILE A 17 -11.77 6.53 -10.45
CA ILE A 17 -10.57 6.92 -9.68
C ILE A 17 -10.72 6.64 -8.16
N ASN A 18 -11.93 6.87 -7.62
CA ASN A 18 -12.24 6.72 -6.19
C ASN A 18 -12.24 5.23 -5.77
N GLN A 19 -12.74 4.36 -6.66
CA GLN A 19 -12.86 2.91 -6.40
C GLN A 19 -11.48 2.25 -6.36
N VAL A 20 -10.60 2.72 -7.26
CA VAL A 20 -9.20 2.29 -7.33
C VAL A 20 -8.45 2.70 -6.04
N TYR A 21 -8.68 3.95 -5.58
CA TYR A 21 -8.11 4.48 -4.31
C TYR A 21 -8.55 3.64 -3.09
N ALA A 22 -9.84 3.25 -3.10
CA ALA A 22 -10.47 2.47 -2.02
C ALA A 22 -9.83 1.08 -1.88
N LEU A 23 -9.45 0.47 -3.02
CA LEU A 23 -8.81 -0.87 -3.07
C LEU A 23 -7.26 -0.79 -3.03
N VAL A 24 -6.72 0.45 -3.14
CA VAL A 24 -5.29 0.73 -2.85
C VAL A 24 -5.06 0.67 -1.33
N SER A 25 -5.94 1.34 -0.58
CA SER A 25 -5.87 1.39 0.87
C SER A 25 -7.30 1.41 1.44
N ASP A 26 -7.61 0.42 2.28
CA ASP A 26 -8.95 0.25 2.90
C ASP A 26 -9.03 0.94 4.26
N ILE A 27 -8.09 1.89 4.49
CA ILE A 27 -7.96 2.68 5.74
C ILE A 27 -9.32 3.30 6.17
N THR A 28 -9.98 2.57 7.10
CA THR A 28 -11.30 2.88 7.73
C THR A 28 -12.45 2.97 6.68
N ARG A 29 -12.16 2.51 5.46
CA ARG A 29 -13.09 2.48 4.33
C ARG A 29 -13.98 1.21 4.43
N THR A 30 -13.33 0.04 4.58
CA THR A 30 -14.01 -1.24 4.84
C THR A 30 -13.69 -1.73 6.26
N GLY A 31 -14.58 -1.39 7.20
CA GLY A 31 -14.60 -1.96 8.55
C GLY A 31 -15.94 -2.64 8.78
N GLU A 32 -16.12 -3.75 8.05
CA GLU A 32 -17.44 -4.43 7.91
C GLU A 32 -17.86 -5.15 9.21
N TRP A 33 -17.40 -6.41 9.40
CA TRP A 33 -17.82 -7.26 10.53
C TRP A 33 -16.56 -7.68 11.31
N SER A 34 -15.64 -8.36 10.62
CA SER A 34 -14.30 -8.67 11.13
C SER A 34 -13.26 -8.00 10.21
N PRO A 35 -12.85 -6.73 10.52
CA PRO A 35 -11.83 -6.01 9.72
C PRO A 35 -10.40 -6.51 10.03
N VAL A 36 -9.44 -6.06 9.21
CA VAL A 36 -8.00 -6.31 9.45
C VAL A 36 -7.40 -5.19 10.34
N CYS A 37 -8.25 -4.57 11.18
CA CYS A 37 -7.93 -3.32 11.87
C CYS A 37 -8.54 -3.30 13.28
N GLU A 38 -7.65 -3.23 14.29
CA GLU A 38 -8.03 -3.03 15.71
C GLU A 38 -8.27 -1.54 15.96
N LYS A 39 -7.23 -0.74 15.69
CA LYS A 39 -7.23 0.71 15.92
C LYS A 39 -6.55 1.40 14.72
N CYS A 40 -7.32 2.14 13.93
CA CYS A 40 -6.86 2.72 12.66
C CYS A 40 -7.50 4.10 12.45
N TRP A 41 -6.66 5.14 12.50
CA TRP A 41 -7.09 6.53 12.34
C TRP A 41 -6.67 7.00 10.94
N TRP A 42 -7.64 7.51 10.18
CA TRP A 42 -7.42 8.00 8.82
C TRP A 42 -6.75 9.38 8.90
N ASP A 43 -5.67 9.56 8.15
CA ASP A 43 -4.91 10.82 8.10
C ASP A 43 -5.70 11.94 7.38
N GLU A 44 -6.70 11.53 6.55
CA GLU A 44 -7.64 12.45 5.87
C GLU A 44 -8.43 13.30 6.89
N ASP A 45 -8.68 12.70 8.07
CA ASP A 45 -9.39 13.34 9.21
C ASP A 45 -8.67 14.64 9.65
N GLU A 46 -7.33 14.57 9.72
CA GLU A 46 -6.48 15.69 10.19
C GLU A 46 -5.95 16.53 9.01
N GLY A 47 -5.81 15.91 7.82
CA GLY A 47 -5.36 16.60 6.60
C GLY A 47 -4.13 15.94 5.99
N PRO A 48 -4.24 15.25 4.80
CA PRO A 48 -3.09 14.60 4.12
C PRO A 48 -2.11 15.64 3.56
N VAL A 49 -1.03 15.88 4.30
CA VAL A 49 0.03 16.84 3.95
C VAL A 49 1.39 16.11 3.85
N VAL A 50 2.42 16.83 3.36
CA VAL A 50 3.82 16.36 3.42
C VAL A 50 4.29 16.46 4.88
N GLY A 51 4.55 15.31 5.50
CA GLY A 51 4.91 15.25 6.91
C GLY A 51 3.77 14.73 7.78
N ALA A 52 2.72 14.18 7.14
CA ALA A 52 1.55 13.62 7.82
C ALA A 52 1.75 12.12 8.12
N HIS A 53 0.82 11.50 8.88
CA HIS A 53 0.94 10.08 9.29
C HIS A 53 -0.44 9.47 9.63
N PHE A 54 -0.81 8.36 8.96
CA PHE A 54 -1.97 7.52 9.34
C PHE A 54 -1.45 6.25 10.04
N THR A 55 -2.02 5.96 11.22
CA THR A 55 -1.58 4.85 12.07
C THR A 55 -2.64 3.73 12.01
N GLY A 56 -2.25 2.59 11.41
CA GLY A 56 -3.12 1.43 11.26
C GLY A 56 -2.58 0.22 12.04
N ARG A 57 -3.33 -0.18 13.07
CA ARG A 57 -3.03 -1.39 13.86
C ARG A 57 -3.78 -2.57 13.24
N ASN A 58 -3.05 -3.47 12.57
CA ASN A 58 -3.62 -4.64 11.91
C ASN A 58 -3.77 -5.79 12.91
N VAL A 59 -5.03 -6.24 13.11
CA VAL A 59 -5.33 -7.41 13.94
C VAL A 59 -5.88 -8.54 13.04
N THR A 60 -5.24 -9.70 13.15
CA THR A 60 -5.64 -10.96 12.50
C THR A 60 -5.31 -12.13 13.48
N PRO A 61 -5.91 -13.35 13.32
CA PRO A 61 -5.55 -14.54 14.16
C PRO A 61 -4.06 -14.94 13.99
N GLU A 62 -3.47 -14.53 12.86
CA GLU A 62 -2.06 -14.80 12.52
C GLU A 62 -1.13 -13.80 13.24
N ARG A 63 -1.35 -12.50 12.98
CA ARG A 63 -0.49 -11.40 13.50
C ARG A 63 -1.34 -10.26 14.07
N THR A 64 -0.80 -9.58 15.08
CA THR A 64 -1.36 -8.34 15.63
C THR A 64 -0.20 -7.35 15.86
N TRP A 65 -0.14 -6.31 15.03
CA TRP A 65 0.96 -5.34 15.02
C TRP A 65 0.46 -3.98 14.51
N GLU A 66 1.01 -2.89 15.06
CA GLU A 66 0.65 -1.52 14.69
C GLU A 66 1.76 -0.86 13.87
N THR A 67 1.40 -0.38 12.67
CA THR A 67 2.31 0.36 11.78
C THR A 67 1.78 1.78 11.54
N ARG A 68 2.66 2.77 11.67
CA ARG A 68 2.40 4.15 11.25
C ARG A 68 3.11 4.41 9.92
N SER A 69 2.35 4.97 8.96
CA SER A 69 2.84 5.27 7.60
C SER A 69 2.85 6.79 7.42
N GLU A 70 4.02 7.32 7.06
CA GLU A 70 4.32 8.75 7.02
C GLU A 70 4.17 9.25 5.58
N VAL A 71 3.13 10.09 5.34
CA VAL A 71 2.76 10.60 4.01
C VAL A 71 3.85 11.55 3.45
N ILE A 72 4.70 10.98 2.59
CA ILE A 72 5.84 11.69 1.96
C ILE A 72 5.38 12.60 0.78
N VAL A 73 4.27 12.21 0.15
CA VAL A 73 3.64 12.99 -0.94
C VAL A 73 2.13 12.78 -0.86
N ALA A 74 1.38 13.89 -0.88
CA ALA A 74 -0.07 13.88 -0.72
C ALA A 74 -0.74 14.71 -1.83
N GLU A 75 -1.32 14.00 -2.80
CA GLU A 75 -2.25 14.57 -3.79
C GLU A 75 -3.57 13.79 -3.65
N PRO A 76 -4.71 14.49 -3.30
CA PRO A 76 -5.99 13.83 -2.96
C PRO A 76 -6.54 12.97 -4.12
N ASN A 77 -6.39 11.63 -3.97
CA ASN A 77 -6.90 10.63 -4.92
C ASN A 77 -6.21 10.78 -6.31
N ARG A 78 -4.95 11.26 -6.29
CA ARG A 78 -4.13 11.45 -7.51
C ARG A 78 -2.77 10.73 -7.32
N CYS A 79 -2.02 11.10 -6.27
CA CYS A 79 -0.74 10.47 -5.93
C CYS A 79 -0.59 10.47 -4.40
N PHE A 80 -0.94 9.34 -3.77
CA PHE A 80 -0.87 9.19 -2.31
C PHE A 80 0.27 8.19 -1.99
N GLY A 81 1.38 8.74 -1.50
CA GLY A 81 2.58 7.97 -1.17
C GLY A 81 2.98 8.19 0.27
N TRP A 82 3.46 7.11 0.93
CA TRP A 82 3.82 7.10 2.35
C TRP A 82 5.17 6.39 2.57
N SER A 83 5.62 6.38 3.83
CA SER A 83 6.83 5.68 4.25
C SER A 83 6.52 4.84 5.50
N VAL A 84 6.71 3.52 5.37
CA VAL A 84 6.49 2.55 6.46
C VAL A 84 7.65 2.64 7.48
N THR A 85 7.28 2.54 8.77
CA THR A 85 8.14 2.85 9.93
C THR A 85 8.36 4.38 9.99
N ASP A 86 9.39 4.87 9.28
CA ASP A 86 9.80 6.29 9.23
C ASP A 86 11.13 6.37 8.46
N GLY A 87 11.02 6.63 7.14
CA GLY A 87 12.20 6.75 6.27
C GLY A 87 12.99 5.46 6.18
N ASN A 88 12.27 4.35 6.02
CA ASN A 88 12.84 3.00 5.90
C ASN A 88 12.31 2.35 4.61
N VAL A 89 10.98 2.13 4.55
CA VAL A 89 10.30 1.58 3.36
C VAL A 89 9.36 2.67 2.82
N LYS A 90 9.18 2.76 1.50
CA LYS A 90 8.29 3.75 0.86
C LYS A 90 7.39 3.06 -0.20
N TRP A 91 6.12 3.49 -0.27
CA TRP A 91 5.14 3.03 -1.25
C TRP A 91 4.51 4.26 -1.92
N ILE A 92 4.67 4.40 -3.25
CA ILE A 92 4.06 5.49 -4.03
C ILE A 92 2.95 4.92 -4.90
N TYR A 93 1.68 5.31 -4.63
CA TYR A 93 0.55 4.92 -5.46
C TYR A 93 0.04 6.13 -6.27
N SER A 94 0.40 6.14 -7.56
CA SER A 94 -0.09 7.13 -8.53
C SER A 94 -1.30 6.54 -9.26
N MET A 95 -2.35 7.34 -9.41
CA MET A 95 -3.63 6.90 -9.96
C MET A 95 -4.18 8.04 -10.86
N GLU A 96 -4.28 7.74 -12.17
CA GLU A 96 -4.68 8.71 -13.20
C GLU A 96 -5.98 8.24 -13.87
N PRO A 97 -7.10 9.02 -13.80
CA PRO A 97 -8.39 8.64 -14.39
C PRO A 97 -8.37 8.78 -15.92
N LEU A 98 -9.13 7.92 -16.58
CA LEU A 98 -9.41 7.94 -18.04
C LEU A 98 -10.92 7.72 -18.25
N GLU A 99 -11.33 7.65 -19.53
CA GLU A 99 -12.72 7.28 -19.91
C GLU A 99 -12.95 5.79 -19.65
N GLU A 100 -11.88 4.99 -19.86
CA GLU A 100 -11.87 3.53 -19.65
C GLU A 100 -12.06 3.20 -18.16
N GLY A 101 -11.28 3.89 -17.32
CA GLY A 101 -11.35 3.72 -15.87
C GLY A 101 -10.29 4.56 -15.18
N THR A 102 -9.20 3.88 -14.71
CA THR A 102 -8.04 4.52 -14.06
C THR A 102 -6.79 3.63 -14.20
N VAL A 103 -5.65 4.23 -14.55
CA VAL A 103 -4.34 3.57 -14.55
C VAL A 103 -3.70 3.72 -13.16
N LEU A 104 -3.63 2.60 -12.41
CA LEU A 104 -2.93 2.55 -11.11
C LEU A 104 -1.49 2.10 -11.37
N THR A 105 -0.56 3.05 -11.22
CA THR A 105 0.88 2.79 -11.28
C THR A 105 1.49 2.99 -9.88
N GLU A 106 1.92 1.88 -9.26
CA GLU A 106 2.59 1.92 -7.96
C GLU A 106 4.09 1.70 -8.14
N SER A 107 4.86 2.17 -7.15
CA SER A 107 6.29 1.91 -7.06
C SER A 107 6.69 1.75 -5.58
N TRP A 108 7.05 0.52 -5.21
CA TRP A 108 7.67 0.21 -3.93
C TRP A 108 9.19 0.45 -4.04
N GLU A 109 9.77 1.13 -3.04
CA GLU A 109 11.21 1.39 -2.99
C GLU A 109 11.65 1.59 -1.53
N PHE A 110 12.90 1.19 -1.26
CA PHE A 110 13.53 1.31 0.06
C PHE A 110 14.32 2.64 0.13
N THR A 111 14.46 3.19 1.35
CA THR A 111 15.16 4.44 1.60
C THR A 111 16.67 4.17 1.84
N PRO A 112 17.62 4.91 1.14
CA PRO A 112 19.09 4.70 1.29
C PRO A 112 19.58 4.95 2.73
N LYS A 113 20.59 4.15 3.17
CA LYS A 113 21.20 4.20 4.54
C LYS A 113 20.31 3.50 5.60
N GLY A 114 19.00 3.39 5.32
CA GLY A 114 18.02 2.71 6.21
C GLY A 114 18.31 1.22 6.41
N GLN A 115 19.15 0.64 5.52
CA GLN A 115 19.61 -0.76 5.60
C GLN A 115 20.40 -1.05 6.91
N ARG A 116 21.09 -0.02 7.46
CA ARG A 116 21.95 -0.17 8.66
C ARG A 116 21.07 -0.35 9.93
N PHE A 117 19.81 0.08 9.84
CA PHE A 117 18.76 -0.20 10.86
C PHE A 117 18.71 -1.70 11.19
N PHE A 118 18.73 -2.52 10.13
CA PHE A 118 18.71 -3.99 10.23
C PHE A 118 20.02 -4.52 10.87
N HIS A 119 21.16 -3.93 10.46
CA HIS A 119 22.49 -4.27 11.00
C HIS A 119 22.56 -4.04 12.53
N ASP A 120 22.01 -2.90 12.96
CA ASP A 120 22.02 -2.46 14.38
C ASP A 120 21.09 -3.32 15.25
N LYS A 121 19.92 -3.66 14.69
CA LYS A 121 18.87 -4.41 15.42
C LYS A 121 19.25 -5.90 15.60
N PHE A 122 19.47 -6.62 14.49
CA PHE A 122 19.88 -8.04 14.53
C PHE A 122 21.12 -8.23 13.65
N GLY A 123 20.97 -7.91 12.35
CA GLY A 123 22.05 -8.03 11.36
C GLY A 123 22.23 -9.45 10.86
N ASP A 124 22.63 -10.33 11.81
CA ASP A 124 22.92 -11.76 11.58
C ASP A 124 21.84 -12.47 10.73
N LYS A 125 20.57 -12.33 11.15
CA LYS A 125 19.40 -12.90 10.43
C LYS A 125 18.44 -11.78 9.95
N SER A 126 18.97 -10.56 9.82
CA SER A 126 18.27 -9.47 9.13
C SER A 126 18.54 -9.51 7.61
N ILE A 127 19.63 -10.21 7.21
CA ILE A 127 20.00 -10.37 5.80
C ILE A 127 19.06 -11.37 5.10
N GLU A 128 18.71 -12.47 5.81
CA GLU A 128 17.67 -13.41 5.33
C GLU A 128 16.31 -12.71 5.32
N GLU A 129 16.10 -11.79 6.29
CA GLU A 129 14.83 -11.09 6.50
C GLU A 129 14.49 -10.18 5.31
N ILE A 130 15.48 -9.37 4.88
CA ILE A 130 15.31 -8.40 3.78
C ILE A 130 15.09 -9.13 2.43
N GLU A 131 15.72 -10.31 2.26
CA GLU A 131 15.57 -11.13 1.05
C GLU A 131 14.19 -11.81 1.02
N LYS A 132 13.87 -12.50 2.12
CA LYS A 132 12.59 -13.21 2.33
C LYS A 132 11.37 -12.29 2.06
N ARG A 133 11.42 -11.06 2.61
CA ARG A 133 10.35 -10.08 2.45
C ARG A 133 10.33 -9.48 1.03
N ARG A 134 11.54 -9.21 0.45
CA ARG A 134 11.64 -8.55 -0.87
C ARG A 134 11.10 -9.48 -1.97
N LEU A 135 11.39 -10.79 -1.85
CA LEU A 135 11.02 -11.80 -2.86
C LEU A 135 9.52 -12.08 -2.80
N ALA A 136 8.98 -12.16 -1.57
CA ALA A 136 7.54 -12.35 -1.32
C ALA A 136 6.75 -11.11 -1.79
N ALA A 137 7.38 -9.92 -1.66
CA ALA A 137 6.79 -8.64 -2.10
C ALA A 137 6.74 -8.57 -3.63
N ILE A 138 7.88 -8.83 -4.31
CA ILE A 138 8.00 -8.77 -5.79
C ILE A 138 7.10 -9.84 -6.46
N THR A 139 6.81 -10.93 -5.75
CA THR A 139 5.84 -11.96 -6.19
C THR A 139 4.39 -11.45 -6.01
N GLY A 140 4.17 -10.78 -4.88
CA GLY A 140 2.83 -10.32 -4.49
C GLY A 140 2.34 -9.11 -5.29
N ILE A 141 3.24 -8.14 -5.57
CA ILE A 141 2.90 -6.82 -6.15
C ILE A 141 2.19 -6.92 -7.54
N PRO A 142 2.74 -7.66 -8.58
CA PRO A 142 2.05 -7.78 -9.90
C PRO A 142 0.67 -8.44 -9.79
N GLU A 143 0.58 -9.42 -8.88
CA GLU A 143 -0.65 -10.13 -8.56
C GLU A 143 -1.64 -9.20 -7.81
N THR A 144 -1.10 -8.26 -7.01
CA THR A 144 -1.88 -7.27 -6.25
C THR A 144 -2.55 -6.26 -7.20
N LEU A 145 -1.79 -5.79 -8.20
CA LEU A 145 -2.31 -4.87 -9.23
C LEU A 145 -3.51 -5.49 -9.99
N VAL A 146 -3.33 -6.76 -10.40
CA VAL A 146 -4.40 -7.53 -11.09
C VAL A 146 -5.54 -7.87 -10.11
N ALA A 147 -5.21 -8.04 -8.81
CA ALA A 147 -6.21 -8.34 -7.77
C ALA A 147 -7.09 -7.12 -7.45
N ILE A 148 -6.49 -5.91 -7.53
CA ILE A 148 -7.19 -4.62 -7.31
C ILE A 148 -8.17 -4.40 -8.47
N GLN A 149 -7.71 -4.68 -9.71
CA GLN A 149 -8.56 -4.62 -10.90
C GLN A 149 -9.72 -5.64 -10.78
N ARG A 150 -9.34 -6.92 -10.66
CA ARG A 150 -10.27 -8.09 -10.72
C ARG A 150 -11.42 -7.97 -9.70
N ILE A 151 -11.10 -7.58 -8.44
CA ILE A 151 -12.13 -7.44 -7.39
C ILE A 151 -13.13 -6.32 -7.76
N LEU A 152 -12.63 -5.24 -8.41
CA LEU A 152 -13.46 -4.09 -8.81
C LEU A 152 -14.41 -4.52 -9.92
N GLU A 153 -13.83 -5.18 -10.94
CA GLU A 153 -14.53 -5.65 -12.14
C GLU A 153 -15.71 -6.59 -11.79
N VAL A 154 -15.42 -7.58 -10.91
CA VAL A 154 -16.42 -8.55 -10.42
C VAL A 154 -17.58 -7.83 -9.67
N GLU A 155 -17.23 -6.79 -8.89
CA GLU A 155 -18.21 -5.95 -8.18
C GLU A 155 -19.05 -5.08 -9.14
N LEU A 156 -18.44 -4.69 -10.28
CA LEU A 156 -19.10 -3.91 -11.34
C LEU A 156 -19.95 -4.82 -12.25
N GLU A 157 -19.66 -6.13 -12.20
CA GLU A 157 -20.50 -7.18 -12.84
C GLU A 157 -21.67 -7.56 -11.90
N HIS A 158 -21.40 -7.46 -10.58
CA HIS A 158 -22.41 -7.69 -9.51
C HIS A 158 -23.39 -6.52 -9.48
N HIS A 159 -24.70 -6.83 -9.44
CA HIS A 159 -25.78 -5.82 -9.39
C HIS A 159 -25.87 -5.15 -8.00
N HIS A 160 -25.14 -5.71 -7.01
CA HIS A 160 -24.98 -5.12 -5.67
C HIS A 160 -23.47 -5.00 -5.34
N HIS A 161 -23.04 -3.77 -5.02
CA HIS A 161 -21.65 -3.46 -4.66
C HIS A 161 -21.46 -3.65 -3.14
N HIS A 162 -20.72 -4.72 -2.78
CA HIS A 162 -20.49 -5.11 -1.37
C HIS A 162 -19.36 -4.26 -0.76
N HIS A 163 -18.23 -4.20 -1.48
CA HIS A 163 -17.01 -3.47 -1.05
C HIS A 163 -16.92 -2.14 -1.82
N MET A 1 25.61 -5.84 -4.44
CA MET A 1 25.15 -5.54 -3.07
C MET A 1 24.07 -4.43 -3.10
N PRO A 2 22.74 -4.81 -3.10
CA PRO A 2 21.64 -3.83 -3.05
C PRO A 2 21.44 -3.27 -1.62
N LYS A 3 21.98 -2.06 -1.39
CA LYS A 3 21.83 -1.33 -0.11
C LYS A 3 20.36 -0.92 0.10
N SER A 4 19.68 -0.63 -1.01
CA SER A 4 18.24 -0.37 -1.07
C SER A 4 17.61 -1.33 -2.08
N LEU A 5 16.34 -1.69 -1.86
CA LEU A 5 15.58 -2.60 -2.75
C LEU A 5 14.23 -1.94 -3.10
N THR A 6 14.03 -1.66 -4.39
CA THR A 6 12.83 -1.01 -4.92
C THR A 6 12.19 -1.91 -5.98
N PHE A 7 10.86 -1.85 -6.11
CA PHE A 7 10.11 -2.60 -7.13
C PHE A 7 8.85 -1.79 -7.50
N GLU A 8 8.41 -1.89 -8.76
CA GLU A 8 7.22 -1.16 -9.24
C GLU A 8 6.50 -2.00 -10.31
N ASP A 9 5.27 -1.58 -10.66
CA ASP A 9 4.45 -2.23 -11.70
C ASP A 9 3.34 -1.26 -12.13
N SER A 10 2.80 -1.43 -13.34
CA SER A 10 1.76 -0.54 -13.91
C SER A 10 0.77 -1.33 -14.79
N ILE A 11 -0.50 -0.91 -14.78
CA ILE A 11 -1.54 -1.50 -15.64
C ILE A 11 -2.62 -0.44 -15.95
N ASN A 12 -3.06 -0.38 -17.22
CA ASN A 12 -4.21 0.45 -17.61
C ASN A 12 -5.50 -0.32 -17.32
N ILE A 13 -6.48 0.37 -16.75
CA ILE A 13 -7.77 -0.19 -16.33
C ILE A 13 -8.88 0.60 -17.02
N ALA A 14 -9.98 -0.05 -17.43
CA ALA A 14 -11.11 0.60 -18.13
C ALA A 14 -12.03 1.41 -17.16
N ALA A 15 -11.62 1.50 -15.88
CA ALA A 15 -12.35 2.24 -14.84
C ALA A 15 -11.84 3.70 -14.78
N PRO A 16 -12.74 4.69 -14.45
CA PRO A 16 -12.34 6.12 -14.29
C PRO A 16 -11.36 6.32 -13.10
N ILE A 17 -10.58 7.41 -13.15
CA ILE A 17 -9.48 7.68 -12.19
C ILE A 17 -9.97 7.71 -10.73
N ASN A 18 -11.16 8.28 -10.49
CA ASN A 18 -11.76 8.37 -9.13
C ASN A 18 -12.10 6.98 -8.58
N GLN A 19 -12.59 6.09 -9.47
CA GLN A 19 -12.98 4.71 -9.10
C GLN A 19 -11.72 3.88 -8.76
N VAL A 20 -10.66 4.08 -9.55
CA VAL A 20 -9.35 3.43 -9.34
C VAL A 20 -8.68 3.97 -8.05
N TYR A 21 -8.83 5.30 -7.84
CA TYR A 21 -8.22 6.02 -6.70
C TYR A 21 -8.86 5.56 -5.38
N ALA A 22 -10.21 5.46 -5.40
CA ALA A 22 -11.01 5.06 -4.22
C ALA A 22 -10.76 3.60 -3.85
N LEU A 23 -10.55 2.75 -4.88
CA LEU A 23 -10.20 1.33 -4.72
C LEU A 23 -8.88 1.21 -3.91
N VAL A 24 -7.92 2.06 -4.29
CA VAL A 24 -6.58 2.11 -3.68
C VAL A 24 -6.61 2.80 -2.29
N SER A 25 -7.49 3.80 -2.12
CA SER A 25 -7.62 4.58 -0.86
C SER A 25 -8.43 3.82 0.20
N ASP A 26 -8.82 2.58 -0.12
CA ASP A 26 -9.43 1.64 0.84
C ASP A 26 -8.33 1.15 1.82
N ILE A 27 -8.20 1.88 2.92
CA ILE A 27 -7.16 1.64 3.95
C ILE A 27 -7.77 0.96 5.20
N THR A 28 -8.96 1.45 5.61
CA THR A 28 -9.63 1.03 6.84
C THR A 28 -11.08 0.59 6.53
N ARG A 29 -11.20 -0.59 5.91
CA ARG A 29 -12.50 -1.21 5.59
C ARG A 29 -13.05 -1.92 6.84
N THR A 30 -13.64 -1.12 7.76
CA THR A 30 -14.17 -1.56 9.07
C THR A 30 -13.16 -2.44 9.85
N GLY A 31 -12.09 -1.79 10.35
CA GLY A 31 -10.98 -2.47 11.04
C GLY A 31 -10.83 -2.01 12.48
N GLU A 32 -11.79 -2.39 13.33
CA GLU A 32 -11.73 -2.16 14.79
C GLU A 32 -11.09 -3.38 15.48
N TRP A 33 -11.87 -4.16 16.24
CA TRP A 33 -11.36 -5.24 17.11
C TRP A 33 -11.33 -6.56 16.33
N SER A 34 -10.36 -6.64 15.42
CA SER A 34 -10.10 -7.80 14.57
C SER A 34 -8.89 -8.61 15.13
N PRO A 35 -8.60 -9.85 14.61
CA PRO A 35 -7.31 -10.55 14.90
C PRO A 35 -6.08 -9.81 14.33
N VAL A 36 -6.32 -8.88 13.39
CA VAL A 36 -5.25 -8.13 12.68
C VAL A 36 -5.11 -6.68 13.19
N CYS A 37 -6.11 -6.18 13.95
CA CYS A 37 -6.13 -4.78 14.44
C CYS A 37 -7.02 -4.64 15.69
N GLU A 38 -6.88 -3.50 16.38
CA GLU A 38 -7.59 -3.18 17.64
C GLU A 38 -8.44 -1.92 17.44
N LYS A 39 -7.81 -0.92 16.80
CA LYS A 39 -8.42 0.37 16.49
C LYS A 39 -7.49 1.17 15.59
N CYS A 40 -8.04 1.82 14.56
CA CYS A 40 -7.29 2.65 13.60
C CYS A 40 -7.71 4.12 13.70
N TRP A 41 -6.73 5.02 13.52
CA TRP A 41 -6.93 6.48 13.44
C TRP A 41 -6.22 6.97 12.17
N TRP A 42 -6.99 7.48 11.21
CA TRP A 42 -6.48 7.93 9.91
C TRP A 42 -6.87 9.39 9.67
N ASP A 43 -5.87 10.28 9.55
CA ASP A 43 -6.10 11.73 9.27
C ASP A 43 -6.62 11.93 7.84
N GLU A 44 -6.57 10.84 7.03
CA GLU A 44 -7.18 10.75 5.69
C GLU A 44 -8.71 11.00 5.78
N ASP A 45 -9.32 10.62 6.92
CA ASP A 45 -10.78 10.82 7.19
C ASP A 45 -11.14 12.31 7.14
N GLU A 46 -10.27 13.12 7.72
CA GLU A 46 -10.37 14.59 7.67
C GLU A 46 -10.08 15.08 6.24
N GLY A 47 -9.05 14.49 5.64
CA GLY A 47 -8.66 14.81 4.27
C GLY A 47 -7.37 14.10 3.89
N PRO A 48 -7.32 13.35 2.74
CA PRO A 48 -6.06 12.76 2.24
C PRO A 48 -5.07 13.86 1.80
N VAL A 49 -4.30 14.35 2.79
CA VAL A 49 -3.30 15.42 2.62
C VAL A 49 -1.89 14.88 2.86
N VAL A 50 -0.88 15.65 2.45
CA VAL A 50 0.54 15.32 2.69
C VAL A 50 0.83 15.45 4.21
N GLY A 51 0.89 14.30 4.89
CA GLY A 51 1.11 14.25 6.34
C GLY A 51 0.05 13.46 7.09
N ALA A 52 -0.96 12.94 6.35
CA ALA A 52 -2.05 12.14 6.94
C ALA A 52 -1.51 10.81 7.53
N HIS A 53 -1.48 10.72 8.87
CA HIS A 53 -0.91 9.56 9.59
C HIS A 53 -1.95 8.44 9.69
N PHE A 54 -1.47 7.19 9.55
CA PHE A 54 -2.27 5.99 9.78
C PHE A 54 -1.69 5.28 11.00
N THR A 55 -2.35 5.43 12.16
CA THR A 55 -1.94 4.73 13.40
C THR A 55 -3.04 3.72 13.76
N GLY A 56 -2.74 2.44 13.54
CA GLY A 56 -3.66 1.35 13.84
C GLY A 56 -2.97 0.32 14.69
N ARG A 57 -3.41 0.16 15.95
CA ARG A 57 -2.77 -0.78 16.87
C ARG A 57 -3.17 -2.20 16.50
N ASN A 58 -2.18 -3.05 16.25
CA ASN A 58 -2.38 -4.48 15.97
C ASN A 58 -2.48 -5.24 17.29
N VAL A 59 -3.67 -5.81 17.57
CA VAL A 59 -3.85 -6.76 18.67
C VAL A 59 -3.91 -8.19 18.10
N THR A 60 -3.07 -9.06 18.67
CA THR A 60 -2.97 -10.48 18.30
C THR A 60 -2.45 -11.22 19.55
N PRO A 61 -2.90 -12.49 19.85
CA PRO A 61 -2.37 -13.30 20.99
C PRO A 61 -0.82 -13.39 21.04
N GLU A 62 -0.14 -13.22 19.88
CA GLU A 62 1.34 -13.21 19.81
C GLU A 62 1.92 -11.77 19.92
N ARG A 63 1.25 -10.78 19.28
CA ARG A 63 1.83 -9.42 19.11
C ARG A 63 0.80 -8.32 19.43
N THR A 64 1.30 -7.28 20.12
CA THR A 64 0.55 -6.05 20.42
C THR A 64 1.50 -4.84 20.21
N TRP A 65 1.29 -4.13 19.10
CA TRP A 65 2.17 -3.01 18.66
C TRP A 65 1.42 -2.14 17.64
N GLU A 66 1.66 -0.83 17.67
CA GLU A 66 0.98 0.14 16.79
C GLU A 66 1.71 0.21 15.44
N THR A 67 0.94 0.17 14.34
CA THR A 67 1.50 0.32 12.99
C THR A 67 1.26 1.76 12.55
N ARG A 68 2.35 2.52 12.42
CA ARG A 68 2.32 3.97 12.26
C ARG A 68 2.94 4.34 10.91
N SER A 69 2.07 4.56 9.92
CA SER A 69 2.47 5.06 8.61
C SER A 69 2.17 6.56 8.51
N GLU A 70 2.70 7.21 7.47
CA GLU A 70 2.48 8.64 7.19
C GLU A 70 2.44 8.85 5.68
N VAL A 71 1.46 9.64 5.21
CA VAL A 71 1.35 10.02 3.80
C VAL A 71 2.46 11.04 3.44
N ILE A 72 3.34 10.64 2.51
CA ILE A 72 4.45 11.48 2.01
C ILE A 72 4.01 12.35 0.82
N VAL A 73 2.94 11.92 0.12
CA VAL A 73 2.37 12.64 -1.03
C VAL A 73 0.89 12.24 -1.20
N ALA A 74 0.00 13.23 -1.32
CA ALA A 74 -1.43 13.00 -1.60
C ALA A 74 -1.99 14.14 -2.45
N GLU A 75 -2.26 13.85 -3.72
CA GLU A 75 -3.01 14.74 -4.61
C GLU A 75 -4.38 14.10 -4.86
N PRO A 76 -5.52 14.81 -4.51
CA PRO A 76 -6.87 14.21 -4.39
C PRO A 76 -7.35 13.40 -5.62
N ASN A 77 -6.85 13.75 -6.82
CA ASN A 77 -7.17 13.04 -8.07
C ASN A 77 -5.95 13.08 -9.02
N ARG A 78 -4.84 12.48 -8.56
CA ARG A 78 -3.60 12.36 -9.36
C ARG A 78 -2.70 11.24 -8.81
N CYS A 79 -2.46 11.23 -7.49
CA CYS A 79 -1.60 10.22 -6.85
C CYS A 79 -1.85 10.15 -5.34
N PHE A 80 -1.49 9.02 -4.75
CA PHE A 80 -1.56 8.78 -3.31
C PHE A 80 -0.39 7.87 -2.92
N GLY A 81 0.48 8.37 -2.02
CA GLY A 81 1.69 7.67 -1.60
C GLY A 81 1.90 7.78 -0.10
N TRP A 82 2.09 6.64 0.56
CA TRP A 82 2.18 6.54 2.01
C TRP A 82 3.37 5.65 2.39
N SER A 83 4.18 6.13 3.34
CA SER A 83 5.37 5.42 3.82
C SER A 83 5.04 4.68 5.13
N VAL A 84 5.22 3.35 5.10
CA VAL A 84 4.94 2.44 6.23
C VAL A 84 6.13 2.44 7.22
N THR A 85 5.79 2.41 8.54
CA THR A 85 6.77 2.44 9.65
C THR A 85 7.60 3.74 9.58
N ASP A 86 6.89 4.86 9.84
CA ASP A 86 7.38 6.24 9.72
C ASP A 86 7.72 6.57 8.25
N GLY A 87 8.86 6.05 7.75
CA GLY A 87 9.27 6.25 6.37
C GLY A 87 10.19 5.15 5.84
N ASN A 88 10.19 3.97 6.51
CA ASN A 88 11.09 2.84 6.15
C ASN A 88 10.70 2.22 4.79
N VAL A 89 9.43 1.79 4.71
CA VAL A 89 8.83 1.22 3.50
C VAL A 89 7.99 2.31 2.83
N LYS A 90 7.82 2.26 1.50
CA LYS A 90 7.01 3.23 0.73
C LYS A 90 6.09 2.47 -0.23
N TRP A 91 4.83 2.91 -0.33
CA TRP A 91 3.85 2.42 -1.31
C TRP A 91 3.22 3.65 -2.00
N ILE A 92 3.64 3.92 -3.24
CA ILE A 92 3.27 5.15 -3.97
C ILE A 92 2.50 4.77 -5.25
N TYR A 93 1.21 5.11 -5.27
CA TYR A 93 0.29 4.77 -6.37
C TYR A 93 0.00 6.04 -7.18
N SER A 94 0.60 6.14 -8.38
CA SER A 94 0.35 7.23 -9.32
C SER A 94 -0.76 6.81 -10.31
N MET A 95 -1.70 7.73 -10.55
CA MET A 95 -2.85 7.51 -11.45
C MET A 95 -2.70 8.42 -12.69
N GLU A 96 -2.68 7.81 -13.90
CA GLU A 96 -2.64 8.55 -15.18
C GLU A 96 -4.02 8.47 -15.85
N PRO A 97 -4.91 9.50 -15.68
CA PRO A 97 -6.28 9.50 -16.22
C PRO A 97 -6.30 9.58 -17.77
N LEU A 98 -6.61 8.44 -18.40
CA LEU A 98 -6.87 8.35 -19.85
C LEU A 98 -8.36 8.61 -20.11
N GLU A 99 -8.74 8.71 -21.39
CA GLU A 99 -10.15 8.86 -21.78
C GLU A 99 -10.86 7.49 -21.79
N GLU A 100 -10.07 6.43 -22.08
CA GLU A 100 -10.55 5.04 -22.07
C GLU A 100 -10.59 4.47 -20.64
N GLY A 101 -9.72 4.99 -19.74
CA GLY A 101 -9.62 4.50 -18.37
C GLY A 101 -8.55 5.24 -17.57
N THR A 102 -7.73 4.50 -16.81
CA THR A 102 -6.65 5.07 -15.98
C THR A 102 -5.52 4.05 -15.77
N VAL A 103 -4.27 4.50 -15.92
CA VAL A 103 -3.09 3.67 -15.64
C VAL A 103 -2.71 3.79 -14.16
N LEU A 104 -2.98 2.74 -13.38
CA LEU A 104 -2.54 2.66 -11.98
C LEU A 104 -1.07 2.20 -11.98
N THR A 105 -0.23 2.94 -11.25
CA THR A 105 1.21 2.71 -11.18
C THR A 105 1.62 2.58 -9.71
N GLU A 106 1.98 1.37 -9.29
CA GLU A 106 2.46 1.11 -7.93
C GLU A 106 3.99 1.32 -7.93
N SER A 107 4.53 1.95 -6.87
CA SER A 107 5.97 2.15 -6.69
C SER A 107 6.35 1.91 -5.22
N TRP A 108 6.94 0.75 -4.97
CA TRP A 108 7.39 0.33 -3.64
C TRP A 108 8.90 0.62 -3.49
N GLU A 109 9.29 1.20 -2.34
CA GLU A 109 10.69 1.50 -2.01
C GLU A 109 10.98 1.10 -0.57
N PHE A 110 12.02 0.27 -0.37
CA PHE A 110 12.53 -0.06 0.98
C PHE A 110 13.87 0.69 1.14
N THR A 111 13.78 1.87 1.78
CA THR A 111 14.87 2.86 1.88
C THR A 111 16.11 2.32 2.66
N PRO A 112 17.37 2.84 2.39
CA PRO A 112 18.60 2.44 3.15
C PRO A 112 18.50 2.80 4.65
N LYS A 113 17.87 1.92 5.42
CA LYS A 113 17.59 2.13 6.86
C LYS A 113 17.21 0.80 7.52
N GLY A 114 16.13 0.18 7.01
CA GLY A 114 15.60 -1.06 7.56
C GLY A 114 16.55 -2.24 7.46
N GLN A 115 17.39 -2.24 6.41
CA GLN A 115 18.41 -3.30 6.20
C GLN A 115 19.43 -3.26 7.35
N ARG A 116 19.88 -2.04 7.66
CA ARG A 116 20.84 -1.78 8.75
C ARG A 116 20.19 -2.05 10.12
N PHE A 117 18.88 -1.81 10.23
CA PHE A 117 18.11 -2.02 11.48
C PHE A 117 18.06 -3.52 11.82
N PHE A 118 17.71 -4.35 10.82
CA PHE A 118 17.68 -5.83 10.95
C PHE A 118 19.11 -6.36 11.23
N HIS A 119 20.11 -5.77 10.55
CA HIS A 119 21.53 -6.14 10.68
C HIS A 119 22.07 -5.85 12.09
N ASP A 120 21.64 -4.70 12.63
CA ASP A 120 22.08 -4.19 13.97
C ASP A 120 21.70 -5.19 15.08
N LYS A 121 20.54 -5.84 14.90
CA LYS A 121 20.02 -6.85 15.82
C LYS A 121 20.67 -8.21 15.53
N PHE A 122 20.48 -8.68 14.28
CA PHE A 122 20.85 -10.03 13.82
C PHE A 122 21.22 -9.96 12.34
N GLY A 123 22.52 -9.94 12.06
CA GLY A 123 23.06 -9.85 10.69
C GLY A 123 22.70 -11.05 9.79
N ASP A 124 22.67 -12.26 10.37
CA ASP A 124 22.30 -13.50 9.63
C ASP A 124 20.80 -13.50 9.28
N LYS A 125 19.98 -13.01 10.23
CA LYS A 125 18.51 -12.85 10.04
C LYS A 125 18.22 -11.70 9.06
N SER A 126 19.12 -10.71 9.00
CA SER A 126 18.98 -9.55 8.09
C SER A 126 18.99 -10.01 6.63
N ILE A 127 19.86 -10.99 6.32
CA ILE A 127 19.99 -11.59 4.98
C ILE A 127 18.66 -12.26 4.56
N GLU A 128 18.03 -12.94 5.53
CA GLU A 128 16.69 -13.54 5.35
C GLU A 128 15.65 -12.44 5.07
N GLU A 129 15.51 -11.48 6.01
CA GLU A 129 14.44 -10.46 5.97
C GLU A 129 14.45 -9.64 4.67
N ILE A 130 15.64 -9.22 4.21
CA ILE A 130 15.77 -8.41 2.99
C ILE A 130 15.39 -9.23 1.73
N GLU A 131 15.73 -10.53 1.73
CA GLU A 131 15.45 -11.43 0.59
C GLU A 131 13.95 -11.80 0.54
N LYS A 132 13.43 -12.35 1.65
CA LYS A 132 12.03 -12.81 1.81
C LYS A 132 11.01 -11.71 1.44
N ARG A 133 11.24 -10.49 1.96
CA ARG A 133 10.36 -9.32 1.74
C ARG A 133 10.53 -8.74 0.32
N ARG A 134 11.74 -8.91 -0.26
CA ARG A 134 12.00 -8.57 -1.68
C ARG A 134 11.15 -9.48 -2.59
N LEU A 135 11.20 -10.79 -2.31
CA LEU A 135 10.49 -11.84 -3.10
C LEU A 135 8.98 -11.65 -3.02
N ALA A 136 8.50 -11.30 -1.80
CA ALA A 136 7.07 -11.04 -1.53
C ALA A 136 6.57 -9.80 -2.31
N ALA A 137 7.47 -8.84 -2.52
CA ALA A 137 7.18 -7.64 -3.32
C ALA A 137 7.16 -7.98 -4.83
N ILE A 138 8.17 -8.75 -5.27
CA ILE A 138 8.35 -9.13 -6.69
C ILE A 138 7.17 -10.00 -7.21
N THR A 139 6.61 -10.84 -6.32
CA THR A 139 5.46 -11.71 -6.64
C THR A 139 4.11 -11.00 -6.36
N GLY A 140 4.07 -10.25 -5.24
CA GLY A 140 2.83 -9.67 -4.71
C GLY A 140 2.31 -8.47 -5.50
N ILE A 141 3.21 -7.49 -5.74
CA ILE A 141 2.86 -6.20 -6.39
C ILE A 141 2.26 -6.38 -7.82
N PRO A 142 2.87 -7.19 -8.77
CA PRO A 142 2.28 -7.38 -10.13
C PRO A 142 0.86 -7.96 -10.08
N GLU A 143 0.63 -8.89 -9.13
CA GLU A 143 -0.68 -9.50 -8.89
C GLU A 143 -1.66 -8.47 -8.29
N THR A 144 -1.14 -7.53 -7.48
CA THR A 144 -1.97 -6.46 -6.86
C THR A 144 -2.53 -5.52 -7.94
N LEU A 145 -1.71 -5.19 -8.96
CA LEU A 145 -2.14 -4.36 -10.11
C LEU A 145 -3.27 -5.05 -10.89
N VAL A 146 -3.05 -6.34 -11.19
CA VAL A 146 -4.03 -7.19 -11.89
C VAL A 146 -5.30 -7.39 -11.05
N ALA A 147 -5.12 -7.41 -9.72
CA ALA A 147 -6.22 -7.62 -8.75
C ALA A 147 -7.12 -6.38 -8.66
N ILE A 148 -6.51 -5.18 -8.68
CA ILE A 148 -7.23 -3.89 -8.70
C ILE A 148 -8.05 -3.78 -10.00
N GLN A 149 -7.38 -4.09 -11.12
CA GLN A 149 -7.98 -4.10 -12.46
C GLN A 149 -9.19 -5.06 -12.53
N ARG A 150 -8.99 -6.27 -11.97
CA ARG A 150 -9.98 -7.38 -12.00
C ARG A 150 -11.25 -7.01 -11.18
N ILE A 151 -11.02 -6.62 -9.90
CA ILE A 151 -12.10 -6.34 -8.94
C ILE A 151 -12.96 -5.15 -9.44
N LEU A 152 -12.30 -4.17 -10.09
CA LEU A 152 -12.97 -2.98 -10.66
C LEU A 152 -13.98 -3.41 -11.74
N GLU A 153 -13.51 -4.19 -12.74
CA GLU A 153 -14.38 -4.65 -13.88
C GLU A 153 -15.66 -5.33 -13.39
N VAL A 154 -15.51 -6.22 -12.40
CA VAL A 154 -16.61 -7.00 -11.83
C VAL A 154 -17.56 -6.08 -11.01
N GLU A 155 -16.96 -5.13 -10.27
CA GLU A 155 -17.70 -4.16 -9.44
C GLU A 155 -18.33 -3.01 -10.25
N LEU A 156 -17.93 -2.86 -11.54
CA LEU A 156 -18.56 -1.86 -12.44
C LEU A 156 -19.90 -2.38 -12.97
N GLU A 157 -20.08 -3.71 -12.96
CA GLU A 157 -21.32 -4.38 -13.40
C GLU A 157 -21.69 -5.50 -12.41
N HIS A 158 -22.49 -6.50 -12.88
CA HIS A 158 -22.81 -7.76 -12.18
C HIS A 158 -23.73 -7.53 -10.95
N HIS A 159 -24.02 -6.25 -10.64
CA HIS A 159 -24.68 -5.82 -9.40
C HIS A 159 -23.93 -6.34 -8.17
N HIS A 160 -22.63 -5.92 -8.11
CA HIS A 160 -21.70 -6.23 -7.02
C HIS A 160 -21.45 -7.76 -6.93
N HIS A 161 -21.37 -8.31 -5.68
CA HIS A 161 -21.18 -9.75 -5.38
C HIS A 161 -19.69 -10.15 -5.51
N HIS A 162 -19.10 -9.81 -6.67
CA HIS A 162 -17.67 -9.99 -7.01
C HIS A 162 -17.12 -11.40 -6.69
N HIS A 163 -17.85 -12.41 -7.19
CA HIS A 163 -17.48 -13.83 -7.09
C HIS A 163 -18.24 -14.63 -8.20
N MET A 1 26.16 2.89 -5.56
CA MET A 1 24.74 2.55 -5.34
C MET A 1 24.00 3.76 -4.72
N PRO A 2 23.20 4.55 -5.52
CA PRO A 2 22.35 5.65 -4.98
C PRO A 2 21.11 5.12 -4.22
N LYS A 3 20.88 3.80 -4.35
CA LYS A 3 19.77 3.07 -3.69
C LYS A 3 20.16 1.58 -3.56
N SER A 4 19.19 0.69 -3.25
CA SER A 4 19.42 -0.76 -3.24
C SER A 4 18.10 -1.51 -3.48
N LEU A 5 17.07 -1.23 -2.64
CA LEU A 5 15.77 -1.91 -2.70
C LEU A 5 14.66 -0.92 -3.11
N THR A 6 14.40 -0.81 -4.42
CA THR A 6 13.23 -0.12 -4.98
C THR A 6 12.67 -0.98 -6.12
N PHE A 7 11.35 -1.17 -6.15
CA PHE A 7 10.66 -1.92 -7.23
C PHE A 7 9.37 -1.19 -7.57
N GLU A 8 8.90 -1.38 -8.81
CA GLU A 8 7.70 -0.73 -9.33
C GLU A 8 6.97 -1.67 -10.30
N ASP A 9 5.68 -1.41 -10.52
CA ASP A 9 4.86 -2.16 -11.47
C ASP A 9 3.59 -1.34 -11.77
N SER A 10 2.95 -1.61 -12.91
CA SER A 10 1.78 -0.86 -13.40
C SER A 10 0.78 -1.79 -14.09
N ILE A 11 -0.50 -1.37 -14.12
CA ILE A 11 -1.58 -2.08 -14.81
C ILE A 11 -2.72 -1.09 -15.13
N ASN A 12 -3.35 -1.24 -16.30
CA ASN A 12 -4.51 -0.42 -16.68
C ASN A 12 -5.77 -1.19 -16.26
N ILE A 13 -6.53 -0.58 -15.35
CA ILE A 13 -7.78 -1.13 -14.80
C ILE A 13 -8.96 -0.51 -15.58
N ALA A 14 -9.98 -1.32 -15.94
CA ALA A 14 -11.19 -0.84 -16.66
C ALA A 14 -12.25 -0.33 -15.67
N ALA A 15 -11.82 0.54 -14.76
CA ALA A 15 -12.67 1.12 -13.70
C ALA A 15 -12.17 2.54 -13.36
N PRO A 16 -13.10 3.50 -13.01
CA PRO A 16 -12.73 4.90 -12.64
C PRO A 16 -11.75 4.97 -11.45
N ILE A 17 -11.01 6.10 -11.40
CA ILE A 17 -9.94 6.33 -10.40
C ILE A 17 -10.45 6.30 -8.95
N ASN A 18 -11.75 6.65 -8.78
CA ASN A 18 -12.44 6.60 -7.48
C ASN A 18 -12.43 5.16 -6.93
N GLN A 19 -12.82 4.18 -7.79
CA GLN A 19 -12.88 2.75 -7.42
C GLN A 19 -11.48 2.21 -7.10
N VAL A 20 -10.51 2.59 -7.95
CA VAL A 20 -9.11 2.16 -7.83
C VAL A 20 -8.52 2.63 -6.48
N TYR A 21 -8.77 3.92 -6.15
CA TYR A 21 -8.30 4.57 -4.90
C TYR A 21 -8.90 3.90 -3.66
N ALA A 22 -10.20 3.56 -3.74
CA ALA A 22 -10.94 2.90 -2.66
C ALA A 22 -10.34 1.51 -2.36
N LEU A 23 -10.02 0.76 -3.42
CA LEU A 23 -9.48 -0.61 -3.31
C LEU A 23 -7.97 -0.63 -2.97
N VAL A 24 -7.32 0.56 -3.02
CA VAL A 24 -5.98 0.77 -2.43
C VAL A 24 -6.09 0.77 -0.88
N SER A 25 -7.09 1.50 -0.34
CA SER A 25 -7.35 1.58 1.11
C SER A 25 -8.75 2.19 1.37
N ASP A 26 -9.69 1.35 1.85
CA ASP A 26 -11.09 1.75 2.16
C ASP A 26 -11.43 1.58 3.65
N ILE A 27 -10.42 1.23 4.47
CA ILE A 27 -10.59 1.06 5.94
C ILE A 27 -10.83 2.41 6.69
N THR A 28 -10.92 3.53 5.94
CA THR A 28 -11.37 4.82 6.45
C THR A 28 -12.82 4.69 6.99
N ARG A 29 -12.93 4.57 8.33
CA ARG A 29 -14.20 4.33 9.06
C ARG A 29 -14.81 2.96 8.67
N THR A 30 -14.49 1.93 9.46
CA THR A 30 -15.03 0.56 9.26
C THR A 30 -15.23 -0.11 10.63
N GLY A 31 -16.16 -1.07 10.69
CA GLY A 31 -16.48 -1.77 11.93
C GLY A 31 -17.88 -1.44 12.43
N GLU A 32 -18.67 -2.48 12.72
CA GLU A 32 -20.05 -2.35 13.22
C GLU A 32 -20.11 -2.75 14.71
N TRP A 33 -20.05 -4.07 14.98
CA TRP A 33 -20.09 -4.64 16.35
C TRP A 33 -18.67 -4.98 16.82
N SER A 34 -17.96 -5.76 15.99
CA SER A 34 -16.57 -6.17 16.26
C SER A 34 -15.84 -6.41 14.92
N PRO A 35 -14.98 -5.44 14.47
CA PRO A 35 -14.16 -5.61 13.25
C PRO A 35 -12.83 -6.34 13.52
N VAL A 36 -12.14 -6.70 12.43
CA VAL A 36 -10.74 -7.18 12.48
C VAL A 36 -9.80 -5.96 12.72
N CYS A 37 -10.23 -4.79 12.22
CA CYS A 37 -9.52 -3.52 12.40
C CYS A 37 -9.68 -3.03 13.85
N GLU A 38 -8.62 -3.23 14.66
CA GLU A 38 -8.62 -2.85 16.09
C GLU A 38 -8.84 -1.33 16.25
N LYS A 39 -8.09 -0.56 15.46
CA LYS A 39 -8.15 0.91 15.48
C LYS A 39 -7.53 1.48 14.19
N CYS A 40 -8.19 2.48 13.59
CA CYS A 40 -7.70 3.15 12.38
C CYS A 40 -7.93 4.66 12.51
N TRP A 41 -6.83 5.42 12.62
CA TRP A 41 -6.83 6.88 12.61
C TRP A 41 -6.29 7.33 11.26
N TRP A 42 -7.01 8.25 10.59
CA TRP A 42 -6.54 8.95 9.39
C TRP A 42 -6.53 10.46 9.65
N ASP A 43 -5.45 11.14 9.25
CA ASP A 43 -5.34 12.61 9.30
C ASP A 43 -6.02 13.25 8.06
N GLU A 44 -6.50 12.38 7.14
CA GLU A 44 -7.24 12.77 5.92
C GLU A 44 -8.49 13.62 6.24
N ASP A 45 -9.06 13.40 7.44
CA ASP A 45 -10.22 14.14 7.96
C ASP A 45 -9.89 15.64 8.16
N GLU A 46 -8.66 15.93 8.65
CA GLU A 46 -8.18 17.31 8.87
C GLU A 46 -7.56 17.89 7.58
N GLY A 47 -6.96 17.02 6.76
CA GLY A 47 -6.33 17.44 5.51
C GLY A 47 -5.30 16.42 5.03
N PRO A 48 -5.56 15.67 3.91
CA PRO A 48 -4.57 14.75 3.32
C PRO A 48 -3.46 15.56 2.60
N VAL A 49 -2.37 15.82 3.33
CA VAL A 49 -1.18 16.56 2.84
C VAL A 49 0.11 15.76 3.17
N VAL A 50 1.27 16.36 2.91
CA VAL A 50 2.56 15.80 3.32
C VAL A 50 2.74 16.05 4.83
N GLY A 51 3.08 14.98 5.56
CA GLY A 51 3.17 15.02 7.01
C GLY A 51 1.86 14.59 7.68
N ALA A 52 0.89 14.13 6.87
CA ALA A 52 -0.40 13.61 7.37
C ALA A 52 -0.21 12.21 7.97
N HIS A 53 0.13 12.19 9.27
CA HIS A 53 0.42 10.94 9.99
C HIS A 53 -0.88 10.21 10.35
N PHE A 54 -0.94 8.92 10.03
CA PHE A 54 -2.08 8.04 10.32
C PHE A 54 -1.57 6.67 10.83
N THR A 55 -2.38 5.96 11.63
CA THR A 55 -1.98 4.67 12.23
C THR A 55 -3.12 3.66 12.14
N GLY A 56 -2.83 2.46 11.59
CA GLY A 56 -3.79 1.36 11.49
C GLY A 56 -3.32 0.15 12.28
N ARG A 57 -3.89 -0.03 13.48
CA ARG A 57 -3.72 -1.25 14.28
C ARG A 57 -4.75 -2.30 13.84
N ASN A 58 -4.27 -3.42 13.31
CA ASN A 58 -5.10 -4.56 12.90
C ASN A 58 -4.88 -5.71 13.90
N VAL A 59 -5.95 -6.47 14.19
CA VAL A 59 -5.90 -7.61 15.13
C VAL A 59 -6.60 -8.84 14.50
N THR A 60 -5.81 -9.85 14.18
CA THR A 60 -6.32 -11.18 13.78
C THR A 60 -6.08 -12.16 14.95
N PRO A 61 -6.83 -13.31 15.05
CA PRO A 61 -6.62 -14.30 16.15
C PRO A 61 -5.22 -14.98 16.07
N GLU A 62 -4.58 -14.81 14.91
CA GLU A 62 -3.26 -15.35 14.61
C GLU A 62 -2.15 -14.39 15.08
N ARG A 63 -2.33 -13.08 14.79
CA ARG A 63 -1.30 -12.06 15.03
C ARG A 63 -1.92 -10.65 15.12
N THR A 64 -1.53 -9.88 16.15
CA THR A 64 -1.84 -8.44 16.23
C THR A 64 -0.61 -7.66 15.70
N TRP A 65 -0.84 -6.70 14.81
CA TRP A 65 0.22 -5.82 14.30
C TRP A 65 -0.36 -4.44 13.96
N GLU A 66 0.38 -3.38 14.33
CA GLU A 66 0.03 -1.99 14.04
C GLU A 66 1.09 -1.36 13.16
N THR A 67 0.65 -0.52 12.22
CA THR A 67 1.53 0.19 11.30
C THR A 67 1.27 1.70 11.41
N ARG A 68 2.28 2.46 11.88
CA ARG A 68 2.22 3.93 11.94
C ARG A 68 2.91 4.50 10.69
N SER A 69 2.11 5.04 9.79
CA SER A 69 2.56 5.56 8.50
C SER A 69 2.37 7.09 8.43
N GLU A 70 3.09 7.73 7.53
CA GLU A 70 2.97 9.18 7.28
C GLU A 70 2.85 9.42 5.78
N VAL A 71 1.79 10.13 5.36
CA VAL A 71 1.60 10.50 3.95
C VAL A 71 2.71 11.48 3.53
N ILE A 72 3.65 10.98 2.76
CA ILE A 72 4.84 11.74 2.30
C ILE A 72 4.56 12.52 0.99
N VAL A 73 3.42 12.19 0.34
CA VAL A 73 2.94 12.90 -0.85
C VAL A 73 1.43 12.63 -1.03
N ALA A 74 0.63 13.71 -1.09
CA ALA A 74 -0.83 13.64 -1.23
C ALA A 74 -1.29 14.59 -2.34
N GLU A 75 -1.66 14.00 -3.48
CA GLU A 75 -2.08 14.73 -4.68
C GLU A 75 -3.48 14.21 -5.10
N PRO A 76 -4.55 15.06 -5.01
CA PRO A 76 -5.95 14.62 -5.25
C PRO A 76 -6.18 14.09 -6.68
N ASN A 77 -6.42 12.78 -6.78
CA ASN A 77 -6.69 12.06 -8.05
C ASN A 77 -5.48 12.12 -9.01
N ARG A 78 -4.27 12.15 -8.43
CA ARG A 78 -3.01 12.18 -9.18
C ARG A 78 -2.08 11.07 -8.65
N CYS A 79 -1.78 11.13 -7.34
CA CYS A 79 -0.94 10.13 -6.65
C CYS A 79 -1.13 10.24 -5.13
N PHE A 80 -1.10 9.11 -4.45
CA PHE A 80 -1.21 9.04 -2.98
C PHE A 80 -0.15 8.06 -2.47
N GLY A 81 0.87 8.61 -1.81
CA GLY A 81 2.01 7.84 -1.32
C GLY A 81 2.31 8.15 0.15
N TRP A 82 2.62 7.10 0.91
CA TRP A 82 2.91 7.18 2.35
C TRP A 82 4.14 6.32 2.65
N SER A 83 4.67 6.45 3.88
CA SER A 83 5.78 5.62 4.35
C SER A 83 5.40 4.95 5.68
N VAL A 84 5.36 3.60 5.65
CA VAL A 84 5.06 2.74 6.81
C VAL A 84 6.29 2.67 7.74
N THR A 85 6.00 2.60 9.07
CA THR A 85 7.01 2.56 10.14
C THR A 85 7.85 3.87 10.09
N ASP A 86 7.14 4.99 10.40
CA ASP A 86 7.68 6.37 10.39
C ASP A 86 8.03 6.82 8.96
N GLY A 87 9.16 6.29 8.44
CA GLY A 87 9.61 6.56 7.08
C GLY A 87 10.60 5.52 6.59
N ASN A 88 10.37 4.24 6.96
CA ASN A 88 11.27 3.12 6.63
C ASN A 88 10.90 2.50 5.26
N VAL A 89 9.59 2.28 5.02
CA VAL A 89 9.09 1.64 3.78
C VAL A 89 8.10 2.58 3.07
N LYS A 90 8.39 2.97 1.83
CA LYS A 90 7.50 3.84 1.04
C LYS A 90 6.62 3.00 0.08
N TRP A 91 5.34 3.38 0.00
CA TRP A 91 4.36 2.79 -0.92
C TRP A 91 3.72 3.94 -1.71
N ILE A 92 4.10 4.10 -2.98
CA ILE A 92 3.65 5.23 -3.81
C ILE A 92 2.68 4.70 -4.88
N TYR A 93 1.39 5.05 -4.75
CA TYR A 93 0.37 4.65 -5.73
C TYR A 93 0.07 5.85 -6.65
N SER A 94 0.67 5.81 -7.84
CA SER A 94 0.52 6.83 -8.88
C SER A 94 -0.59 6.39 -9.85
N MET A 95 -1.56 7.29 -10.10
CA MET A 95 -2.81 6.96 -10.82
C MET A 95 -2.97 7.84 -12.07
N GLU A 96 -3.27 7.21 -13.21
CA GLU A 96 -3.51 7.88 -14.50
C GLU A 96 -4.99 7.68 -14.90
N PRO A 97 -5.93 8.62 -14.51
CA PRO A 97 -7.36 8.50 -14.87
C PRO A 97 -7.57 8.70 -16.39
N LEU A 98 -7.82 7.60 -17.10
CA LEU A 98 -8.09 7.62 -18.55
C LEU A 98 -9.60 7.49 -18.82
N GLU A 99 -9.97 7.56 -20.11
CA GLU A 99 -11.36 7.40 -20.57
C GLU A 99 -11.81 5.91 -20.47
N GLU A 100 -10.83 5.01 -20.66
CA GLU A 100 -11.04 3.55 -20.59
C GLU A 100 -11.09 3.06 -19.13
N GLY A 101 -10.38 3.76 -18.23
CA GLY A 101 -10.30 3.40 -16.82
C GLY A 101 -9.26 4.21 -16.07
N THR A 102 -8.30 3.54 -15.41
CA THR A 102 -7.21 4.20 -14.66
C THR A 102 -5.98 3.26 -14.60
N VAL A 103 -4.79 3.78 -14.95
CA VAL A 103 -3.53 3.04 -14.83
C VAL A 103 -2.97 3.23 -13.42
N LEU A 104 -3.10 2.20 -12.57
CA LEU A 104 -2.49 2.20 -11.23
C LEU A 104 -1.03 1.79 -11.41
N THR A 105 -0.12 2.54 -10.76
CA THR A 105 1.32 2.29 -10.83
C THR A 105 1.91 2.40 -9.42
N GLU A 106 2.25 1.25 -8.83
CA GLU A 106 2.80 1.19 -7.48
C GLU A 106 4.33 1.29 -7.58
N SER A 107 4.96 2.03 -6.66
CA SER A 107 6.41 2.19 -6.58
C SER A 107 6.83 2.09 -5.12
N TRP A 108 7.38 0.93 -4.78
CA TRP A 108 7.87 0.60 -3.45
C TRP A 108 9.34 1.04 -3.32
N GLU A 109 9.65 1.75 -2.23
CA GLU A 109 11.02 2.16 -1.89
C GLU A 109 11.34 1.66 -0.49
N PHE A 110 12.60 1.28 -0.26
CA PHE A 110 13.08 0.84 1.05
C PHE A 110 14.32 1.67 1.43
N THR A 111 14.18 2.47 2.49
CA THR A 111 15.24 3.38 2.96
C THR A 111 16.41 2.60 3.60
N PRO A 112 17.66 3.17 3.64
CA PRO A 112 18.85 2.50 4.23
C PRO A 112 18.81 2.37 5.78
N LYS A 113 17.66 2.73 6.40
CA LYS A 113 17.43 2.55 7.84
C LYS A 113 17.31 1.05 8.17
N GLY A 114 16.25 0.44 7.62
CA GLY A 114 15.97 -0.99 7.78
C GLY A 114 16.97 -1.88 7.04
N GLN A 115 17.48 -1.34 5.92
CA GLN A 115 18.51 -2.00 5.08
C GLN A 115 19.82 -2.18 5.87
N ARG A 116 20.21 -1.13 6.61
CA ARG A 116 21.41 -1.19 7.47
C ARG A 116 21.18 -2.11 8.67
N PHE A 117 19.98 -2.01 9.30
CA PHE A 117 19.63 -2.69 10.58
C PHE A 117 20.07 -4.18 10.61
N PHE A 118 19.62 -4.96 9.62
CA PHE A 118 19.92 -6.40 9.55
C PHE A 118 21.43 -6.65 9.34
N HIS A 119 22.05 -5.83 8.47
CA HIS A 119 23.49 -5.94 8.12
C HIS A 119 24.39 -5.55 9.30
N ASP A 120 23.95 -4.55 10.06
CA ASP A 120 24.73 -3.93 11.13
C ASP A 120 24.65 -4.78 12.41
N LYS A 121 23.48 -5.38 12.63
CA LYS A 121 23.20 -6.21 13.80
C LYS A 121 23.64 -7.67 13.54
N PHE A 122 22.97 -8.32 12.57
CA PHE A 122 23.21 -9.74 12.23
C PHE A 122 24.43 -9.85 11.30
N GLY A 123 24.29 -9.35 10.06
CA GLY A 123 25.36 -9.35 9.07
C GLY A 123 25.53 -10.70 8.38
N ASP A 124 25.90 -11.71 9.18
CA ASP A 124 26.06 -13.11 8.72
C ASP A 124 24.72 -13.65 8.18
N LYS A 125 23.65 -13.48 8.98
CA LYS A 125 22.29 -13.94 8.62
C LYS A 125 21.61 -12.96 7.64
N SER A 126 22.08 -11.68 7.63
CA SER A 126 21.43 -10.58 6.89
C SER A 126 21.22 -10.89 5.40
N ILE A 127 22.06 -11.78 4.84
CA ILE A 127 21.97 -12.23 3.45
C ILE A 127 20.58 -12.85 3.18
N GLU A 128 20.07 -13.61 4.16
CA GLU A 128 18.72 -14.19 4.11
C GLU A 128 17.65 -13.06 4.02
N GLU A 129 17.67 -12.13 5.00
CA GLU A 129 16.66 -11.07 5.10
C GLU A 129 16.59 -10.23 3.81
N ILE A 130 17.75 -9.82 3.28
CA ILE A 130 17.83 -8.94 2.09
C ILE A 130 17.29 -9.67 0.84
N GLU A 131 17.50 -11.01 0.76
CA GLU A 131 16.96 -11.83 -0.35
C GLU A 131 15.43 -11.93 -0.23
N LYS A 132 14.95 -12.51 0.88
CA LYS A 132 13.53 -12.89 1.07
C LYS A 132 12.59 -11.66 1.07
N ARG A 133 13.08 -10.48 1.48
CA ARG A 133 12.28 -9.22 1.46
C ARG A 133 12.29 -8.57 0.06
N ARG A 134 13.45 -8.64 -0.62
CA ARG A 134 13.60 -8.20 -2.03
C ARG A 134 12.66 -9.02 -2.93
N LEU A 135 12.68 -10.34 -2.71
CA LEU A 135 11.85 -11.30 -3.45
C LEU A 135 10.36 -11.14 -3.10
N ALA A 136 10.07 -10.84 -1.81
CA ALA A 136 8.70 -10.57 -1.33
C ALA A 136 8.11 -9.32 -2.00
N ALA A 137 8.98 -8.36 -2.33
CA ALA A 137 8.60 -7.15 -3.07
C ALA A 137 8.30 -7.49 -4.55
N ILE A 138 9.20 -8.28 -5.16
CA ILE A 138 9.08 -8.73 -6.57
C ILE A 138 7.83 -9.64 -6.74
N THR A 139 7.42 -10.32 -5.64
CA THR A 139 6.21 -11.15 -5.61
C THR A 139 4.96 -10.28 -5.38
N GLY A 140 5.03 -9.45 -4.33
CA GLY A 140 3.86 -8.76 -3.79
C GLY A 140 3.26 -7.71 -4.70
N ILE A 141 4.12 -6.80 -5.21
CA ILE A 141 3.69 -5.63 -5.99
C ILE A 141 2.89 -6.03 -7.27
N PRO A 142 3.41 -6.88 -8.24
CA PRO A 142 2.68 -7.22 -9.49
C PRO A 142 1.35 -7.96 -9.22
N GLU A 143 1.33 -8.78 -8.14
CA GLU A 143 0.12 -9.49 -7.69
C GLU A 143 -0.92 -8.49 -7.16
N THR A 144 -0.46 -7.45 -6.43
CA THR A 144 -1.32 -6.38 -5.88
C THR A 144 -1.95 -5.55 -7.02
N LEU A 145 -1.15 -5.26 -8.06
CA LEU A 145 -1.61 -4.53 -9.26
C LEU A 145 -2.80 -5.26 -9.93
N VAL A 146 -2.61 -6.56 -10.21
CA VAL A 146 -3.66 -7.40 -10.83
C VAL A 146 -4.85 -7.56 -9.87
N ALA A 147 -4.54 -7.63 -8.55
CA ALA A 147 -5.56 -7.83 -7.50
C ALA A 147 -6.53 -6.64 -7.41
N ILE A 148 -6.00 -5.40 -7.48
CA ILE A 148 -6.80 -4.16 -7.43
C ILE A 148 -7.75 -4.09 -8.64
N GLN A 149 -7.25 -4.53 -9.81
CA GLN A 149 -8.06 -4.64 -11.04
C GLN A 149 -9.12 -5.75 -10.87
N ARG A 150 -8.69 -6.91 -10.34
CA ARG A 150 -9.46 -8.16 -10.38
C ARG A 150 -10.72 -8.05 -9.53
N ILE A 151 -10.55 -7.57 -8.28
CA ILE A 151 -11.64 -7.38 -7.31
C ILE A 151 -12.70 -6.38 -7.86
N LEU A 152 -12.23 -5.39 -8.64
CA LEU A 152 -13.10 -4.39 -9.29
C LEU A 152 -13.92 -5.04 -10.41
N GLU A 153 -13.28 -5.91 -11.24
CA GLU A 153 -13.95 -6.63 -12.34
C GLU A 153 -15.09 -7.52 -11.79
N VAL A 154 -14.75 -8.26 -10.72
CA VAL A 154 -15.69 -9.14 -10.01
C VAL A 154 -16.87 -8.35 -9.42
N GLU A 155 -16.59 -7.12 -8.97
CA GLU A 155 -17.59 -6.20 -8.39
C GLU A 155 -18.47 -5.56 -9.50
N LEU A 156 -17.86 -5.26 -10.66
CA LEU A 156 -18.56 -4.59 -11.78
C LEU A 156 -19.54 -5.55 -12.48
N GLU A 157 -19.17 -6.85 -12.48
CA GLU A 157 -19.98 -7.91 -13.09
C GLU A 157 -20.92 -8.54 -12.04
N HIS A 158 -20.33 -9.22 -11.03
CA HIS A 158 -21.06 -10.04 -10.03
C HIS A 158 -21.79 -11.22 -10.71
N HIS A 159 -22.30 -12.15 -9.88
CA HIS A 159 -23.26 -13.17 -10.34
C HIS A 159 -24.66 -12.62 -10.07
N HIS A 160 -25.22 -11.97 -11.12
CA HIS A 160 -26.41 -11.10 -11.04
C HIS A 160 -26.06 -9.79 -10.29
N HIS A 161 -26.23 -8.64 -10.97
CA HIS A 161 -25.97 -7.28 -10.41
C HIS A 161 -26.96 -6.96 -9.25
N HIS A 162 -26.66 -7.53 -8.06
CA HIS A 162 -27.40 -7.36 -6.79
C HIS A 162 -26.79 -8.27 -5.71
N HIS A 163 -25.45 -8.37 -5.69
CA HIS A 163 -24.70 -9.16 -4.69
C HIS A 163 -23.70 -8.24 -3.95
N MET A 1 20.63 -9.55 -9.55
CA MET A 1 21.38 -9.26 -8.30
C MET A 1 20.60 -8.24 -7.47
N PRO A 2 20.68 -8.30 -6.08
CA PRO A 2 20.02 -7.31 -5.19
C PRO A 2 20.61 -5.89 -5.37
N LYS A 3 20.09 -5.19 -6.39
CA LYS A 3 20.50 -3.82 -6.73
C LYS A 3 19.31 -2.90 -6.42
N SER A 4 19.40 -2.22 -5.24
CA SER A 4 18.37 -1.30 -4.71
C SER A 4 17.08 -2.05 -4.32
N LEU A 5 16.53 -1.71 -3.14
CA LEU A 5 15.28 -2.29 -2.62
C LEU A 5 14.08 -1.45 -3.09
N THR A 6 14.03 -1.19 -4.41
CA THR A 6 12.98 -0.38 -5.03
C THR A 6 12.37 -1.16 -6.20
N PHE A 7 11.04 -1.15 -6.29
CA PHE A 7 10.29 -1.87 -7.33
C PHE A 7 8.91 -1.22 -7.51
N GLU A 8 8.36 -1.32 -8.72
CA GLU A 8 7.01 -0.84 -9.05
C GLU A 8 6.40 -1.70 -10.14
N ASP A 9 5.10 -1.50 -10.37
CA ASP A 9 4.38 -2.09 -11.50
C ASP A 9 3.12 -1.27 -11.77
N SER A 10 2.73 -1.18 -13.05
CA SER A 10 1.52 -0.44 -13.48
C SER A 10 0.60 -1.37 -14.27
N ILE A 11 -0.71 -1.03 -14.28
CA ILE A 11 -1.71 -1.79 -15.03
C ILE A 11 -2.85 -0.86 -15.49
N ASN A 12 -3.26 -1.03 -16.74
CA ASN A 12 -4.38 -0.30 -17.33
C ASN A 12 -5.68 -0.96 -16.89
N ILE A 13 -6.48 -0.24 -16.09
CA ILE A 13 -7.78 -0.73 -15.59
C ILE A 13 -8.92 0.00 -16.35
N ALA A 14 -9.95 -0.74 -16.78
CA ALA A 14 -11.12 -0.19 -17.51
C ALA A 14 -12.22 0.26 -16.53
N ALA A 15 -11.79 0.87 -15.40
CA ALA A 15 -12.68 1.30 -14.31
C ALA A 15 -12.28 2.70 -13.82
N PRO A 16 -13.25 3.58 -13.39
CA PRO A 16 -12.95 4.95 -12.92
C PRO A 16 -12.04 4.97 -11.67
N ILE A 17 -11.30 6.08 -11.53
CA ILE A 17 -10.32 6.27 -10.45
C ILE A 17 -10.98 6.24 -9.06
N ASN A 18 -12.27 6.58 -9.01
CA ASN A 18 -13.08 6.53 -7.79
C ASN A 18 -13.05 5.12 -7.14
N GLN A 19 -13.18 4.07 -7.99
CA GLN A 19 -13.10 2.65 -7.53
C GLN A 19 -11.65 2.29 -7.15
N VAL A 20 -10.72 2.62 -8.05
CA VAL A 20 -9.29 2.23 -7.96
C VAL A 20 -8.65 2.80 -6.66
N TYR A 21 -8.96 4.06 -6.38
CA TYR A 21 -8.44 4.82 -5.21
C TYR A 21 -9.00 4.26 -3.90
N ALA A 22 -10.26 3.76 -3.95
CA ALA A 22 -10.93 3.14 -2.79
C ALA A 22 -10.19 1.85 -2.36
N LEU A 23 -9.75 1.06 -3.36
CA LEU A 23 -8.95 -0.17 -3.12
C LEU A 23 -7.53 0.18 -2.60
N VAL A 24 -6.99 1.32 -3.06
CA VAL A 24 -5.69 1.87 -2.58
C VAL A 24 -5.78 2.31 -1.10
N SER A 25 -6.95 2.84 -0.71
CA SER A 25 -7.19 3.31 0.66
C SER A 25 -7.42 2.09 1.60
N ASP A 26 -6.31 1.54 2.10
CA ASP A 26 -6.31 0.41 3.05
C ASP A 26 -6.53 0.94 4.49
N ILE A 27 -7.07 0.04 5.37
CA ILE A 27 -7.50 0.28 6.79
C ILE A 27 -8.74 1.20 6.90
N THR A 28 -9.02 2.03 5.88
CA THR A 28 -10.10 3.01 5.91
C THR A 28 -11.46 2.32 5.73
N ARG A 29 -12.37 2.59 6.70
CA ARG A 29 -13.72 1.97 6.82
C ARG A 29 -13.66 0.52 7.37
N THR A 30 -12.63 -0.25 6.97
CA THR A 30 -12.40 -1.61 7.47
C THR A 30 -11.74 -1.56 8.87
N GLY A 31 -12.60 -1.40 9.89
CA GLY A 31 -12.16 -1.28 11.29
C GLY A 31 -13.25 -0.65 12.13
N GLU A 32 -13.25 -0.97 13.45
CA GLU A 32 -14.29 -0.53 14.43
C GLU A 32 -15.62 -1.30 14.21
N TRP A 33 -16.36 -1.52 15.34
CA TRP A 33 -17.54 -2.42 15.42
C TRP A 33 -17.06 -3.89 15.40
N SER A 34 -16.40 -4.26 14.29
CA SER A 34 -15.71 -5.55 14.14
C SER A 34 -14.25 -5.39 14.62
N PRO A 35 -13.81 -6.10 15.71
CA PRO A 35 -12.42 -6.02 16.25
C PRO A 35 -11.38 -6.80 15.39
N VAL A 36 -11.29 -6.45 14.10
CA VAL A 36 -10.28 -7.00 13.16
C VAL A 36 -8.96 -6.22 13.32
N CYS A 37 -9.10 -4.93 13.65
CA CYS A 37 -7.99 -4.03 14.02
C CYS A 37 -8.42 -3.28 15.29
N GLU A 38 -7.47 -3.04 16.21
CA GLU A 38 -7.77 -2.39 17.50
C GLU A 38 -8.08 -0.90 17.29
N LYS A 39 -7.16 -0.20 16.58
CA LYS A 39 -7.28 1.24 16.31
C LYS A 39 -7.02 1.52 14.84
N CYS A 40 -7.69 2.55 14.32
CA CYS A 40 -7.53 3.02 12.94
C CYS A 40 -7.78 4.54 12.89
N TRP A 41 -6.73 5.31 12.62
CA TRP A 41 -6.81 6.74 12.33
C TRP A 41 -6.70 6.88 10.83
N TRP A 42 -7.75 7.42 10.20
CA TRP A 42 -7.88 7.47 8.74
C TRP A 42 -7.42 8.83 8.21
N ASP A 43 -6.48 8.80 7.24
CA ASP A 43 -5.77 10.00 6.76
C ASP A 43 -6.70 11.00 6.08
N GLU A 44 -7.77 10.47 5.46
CA GLU A 44 -8.80 11.27 4.79
C GLU A 44 -9.48 12.19 5.83
N ASP A 45 -9.83 11.60 7.00
CA ASP A 45 -10.46 12.34 8.12
C ASP A 45 -9.44 13.28 8.79
N GLU A 46 -8.17 12.85 8.86
CA GLU A 46 -7.07 13.68 9.40
C GLU A 46 -6.80 14.90 8.49
N GLY A 47 -7.09 14.73 7.19
CA GLY A 47 -6.80 15.73 6.17
C GLY A 47 -5.61 15.29 5.31
N PRO A 48 -5.85 14.62 4.13
CA PRO A 48 -4.77 14.04 3.32
C PRO A 48 -3.88 15.13 2.67
N VAL A 49 -2.80 15.45 3.40
CA VAL A 49 -1.81 16.48 3.00
C VAL A 49 -0.40 15.87 3.01
N VAL A 50 0.55 16.59 2.40
CA VAL A 50 1.98 16.23 2.45
C VAL A 50 2.51 16.53 3.88
N GLY A 51 2.56 15.49 4.72
CA GLY A 51 2.95 15.63 6.13
C GLY A 51 1.91 15.07 7.10
N ALA A 52 0.86 14.44 6.56
CA ALA A 52 -0.17 13.74 7.36
C ALA A 52 0.26 12.29 7.65
N HIS A 53 -0.51 11.57 8.50
CA HIS A 53 -0.21 10.16 8.86
C HIS A 53 -1.50 9.41 9.27
N PHE A 54 -1.80 8.28 8.60
CA PHE A 54 -2.82 7.34 9.04
C PHE A 54 -2.15 6.20 9.81
N THR A 55 -2.55 6.04 11.08
CA THR A 55 -1.93 5.11 12.03
C THR A 55 -2.93 4.01 12.41
N GLY A 56 -2.63 2.76 11.97
CA GLY A 56 -3.52 1.63 12.18
C GLY A 56 -2.86 0.54 13.02
N ARG A 57 -3.45 0.26 14.20
CA ARG A 57 -3.01 -0.85 15.04
C ARG A 57 -3.68 -2.14 14.56
N ASN A 58 -2.90 -2.94 13.82
CA ASN A 58 -3.35 -4.21 13.24
C ASN A 58 -3.18 -5.31 14.30
N VAL A 59 -4.25 -6.10 14.51
CA VAL A 59 -4.25 -7.18 15.49
C VAL A 59 -4.82 -8.46 14.85
N THR A 60 -3.92 -9.41 14.63
CA THR A 60 -4.26 -10.77 14.15
C THR A 60 -4.21 -11.73 15.37
N PRO A 61 -4.76 -13.00 15.24
CA PRO A 61 -4.67 -14.03 16.33
C PRO A 61 -3.24 -14.59 16.57
N GLU A 62 -2.23 -13.99 15.90
CA GLU A 62 -0.81 -14.40 16.02
C GLU A 62 0.11 -13.20 16.34
N ARG A 63 -0.18 -12.01 15.75
CA ARG A 63 0.61 -10.77 15.95
C ARG A 63 -0.30 -9.61 16.39
N THR A 64 0.26 -8.64 17.12
CA THR A 64 -0.45 -7.40 17.54
C THR A 64 0.58 -6.25 17.62
N TRP A 65 0.44 -5.27 16.71
CA TRP A 65 1.35 -4.11 16.63
C TRP A 65 0.69 -2.99 15.78
N GLU A 66 1.17 -1.75 15.96
CA GLU A 66 0.69 -0.59 15.19
C GLU A 66 1.77 -0.09 14.23
N THR A 67 1.38 0.15 12.97
CA THR A 67 2.23 0.76 11.95
C THR A 67 1.71 2.17 11.62
N ARG A 68 2.54 3.18 11.92
CA ARG A 68 2.29 4.56 11.52
C ARG A 68 2.68 4.74 10.05
N SER A 69 1.70 4.94 9.19
CA SER A 69 1.92 5.20 7.78
C SER A 69 1.79 6.72 7.53
N GLU A 70 2.94 7.37 7.32
CA GLU A 70 3.05 8.83 7.16
C GLU A 70 3.09 9.20 5.67
N VAL A 71 2.06 9.94 5.23
CA VAL A 71 1.89 10.36 3.84
C VAL A 71 2.95 11.39 3.42
N ILE A 72 3.81 10.98 2.47
CA ILE A 72 4.95 11.77 1.98
C ILE A 72 4.57 12.61 0.74
N VAL A 73 3.46 12.23 0.07
CA VAL A 73 2.90 12.96 -1.08
C VAL A 73 1.40 12.66 -1.18
N ALA A 74 0.58 13.72 -1.30
CA ALA A 74 -0.88 13.61 -1.34
C ALA A 74 -1.48 14.52 -2.42
N GLU A 75 -1.90 13.91 -3.53
CA GLU A 75 -2.73 14.56 -4.56
C GLU A 75 -4.11 13.85 -4.55
N PRO A 76 -5.13 14.46 -3.86
CA PRO A 76 -6.41 13.77 -3.54
C PRO A 76 -7.12 13.18 -4.78
N ASN A 77 -7.13 11.84 -4.86
CA ASN A 77 -7.80 11.04 -5.91
C ASN A 77 -7.08 11.20 -7.28
N ARG A 78 -5.73 11.28 -7.25
CA ARG A 78 -4.86 11.16 -8.48
C ARG A 78 -3.55 10.44 -8.14
N CYS A 79 -2.96 10.77 -6.99
CA CYS A 79 -1.74 10.11 -6.48
C CYS A 79 -1.78 10.13 -4.95
N PHE A 80 -1.44 9.00 -4.30
CA PHE A 80 -1.40 8.92 -2.84
C PHE A 80 -0.23 8.01 -2.43
N GLY A 81 0.83 8.64 -1.92
CA GLY A 81 2.06 7.96 -1.52
C GLY A 81 2.38 8.21 -0.06
N TRP A 82 2.77 7.16 0.64
CA TRP A 82 3.03 7.20 2.08
C TRP A 82 4.35 6.46 2.42
N SER A 83 4.67 6.41 3.71
CA SER A 83 5.82 5.67 4.23
C SER A 83 5.43 4.97 5.54
N VAL A 84 5.52 3.63 5.55
CA VAL A 84 5.28 2.81 6.74
C VAL A 84 6.53 2.88 7.63
N THR A 85 6.31 3.19 8.94
CA THR A 85 7.39 3.38 9.94
C THR A 85 8.19 4.68 9.62
N ASP A 86 9.18 5.04 10.46
CA ASP A 86 10.04 6.23 10.25
C ASP A 86 10.89 6.11 8.97
N GLY A 87 10.27 6.46 7.82
CA GLY A 87 10.93 6.47 6.51
C GLY A 87 11.57 5.14 6.12
N ASN A 88 10.96 4.03 6.54
CA ASN A 88 11.54 2.68 6.39
C ASN A 88 11.06 2.04 5.07
N VAL A 89 9.75 1.82 4.96
CA VAL A 89 9.08 1.36 3.72
C VAL A 89 8.29 2.54 3.15
N LYS A 90 8.26 2.70 1.80
CA LYS A 90 7.50 3.80 1.15
C LYS A 90 6.65 3.24 0.00
N TRP A 91 5.31 3.30 0.14
CA TRP A 91 4.37 2.84 -0.91
C TRP A 91 3.73 4.04 -1.61
N ILE A 92 4.08 4.26 -2.88
CA ILE A 92 3.55 5.38 -3.70
C ILE A 92 2.66 4.82 -4.81
N TYR A 93 1.37 5.14 -4.75
CA TYR A 93 0.39 4.75 -5.75
C TYR A 93 0.10 5.96 -6.67
N SER A 94 0.65 5.93 -7.88
CA SER A 94 0.40 6.93 -8.93
C SER A 94 -0.72 6.41 -9.84
N MET A 95 -1.79 7.20 -10.02
CA MET A 95 -2.92 6.84 -10.90
C MET A 95 -2.94 7.79 -12.10
N GLU A 96 -3.30 7.26 -13.27
CA GLU A 96 -3.56 8.05 -14.48
C GLU A 96 -5.07 8.02 -14.76
N PRO A 97 -5.87 9.01 -14.22
CA PRO A 97 -7.33 9.05 -14.43
C PRO A 97 -7.68 9.39 -15.89
N LEU A 98 -8.04 8.36 -16.66
CA LEU A 98 -8.40 8.49 -18.08
C LEU A 98 -9.91 8.81 -18.23
N GLU A 99 -10.33 9.10 -19.47
CA GLU A 99 -11.74 9.32 -19.81
C GLU A 99 -12.48 7.98 -20.05
N GLU A 100 -11.76 6.86 -19.87
CA GLU A 100 -12.29 5.48 -20.08
C GLU A 100 -11.97 4.56 -18.90
N GLY A 101 -10.99 4.96 -18.06
CA GLY A 101 -10.53 4.11 -16.96
C GLY A 101 -9.46 4.81 -16.13
N THR A 102 -8.55 4.01 -15.55
CA THR A 102 -7.43 4.51 -14.73
C THR A 102 -6.26 3.51 -14.75
N VAL A 103 -5.03 4.01 -14.98
CA VAL A 103 -3.81 3.18 -14.89
C VAL A 103 -3.17 3.34 -13.49
N LEU A 104 -3.31 2.30 -12.66
CA LEU A 104 -2.76 2.28 -11.28
C LEU A 104 -1.28 1.86 -11.35
N THR A 105 -0.42 2.52 -10.54
CA THR A 105 1.01 2.22 -10.46
C THR A 105 1.41 2.13 -8.98
N GLU A 106 1.65 0.91 -8.49
CA GLU A 106 2.07 0.65 -7.11
C GLU A 106 3.60 0.63 -7.05
N SER A 107 4.19 1.47 -6.17
CA SER A 107 5.65 1.59 -6.02
C SER A 107 6.05 1.26 -4.57
N TRP A 108 7.31 0.85 -4.40
CA TRP A 108 7.86 0.39 -3.12
C TRP A 108 9.34 0.80 -3.04
N GLU A 109 9.65 1.74 -2.16
CA GLU A 109 11.02 2.20 -1.91
C GLU A 109 11.36 1.92 -0.44
N PHE A 110 12.17 0.88 -0.22
CA PHE A 110 12.69 0.55 1.10
C PHE A 110 14.06 1.26 1.27
N THR A 111 14.11 2.21 2.21
CA THR A 111 15.30 2.98 2.52
C THR A 111 16.38 2.10 3.22
N PRO A 112 17.71 2.22 2.82
CA PRO A 112 18.84 1.45 3.42
C PRO A 112 19.02 1.65 4.96
N LYS A 113 18.25 2.60 5.53
CA LYS A 113 18.13 2.80 7.00
C LYS A 113 17.63 1.49 7.65
N GLY A 114 16.63 0.89 7.00
CA GLY A 114 16.07 -0.39 7.46
C GLY A 114 17.06 -1.55 7.34
N GLN A 115 17.99 -1.47 6.37
CA GLN A 115 19.07 -2.48 6.21
C GLN A 115 19.92 -2.52 7.49
N ARG A 116 20.25 -1.31 8.02
CA ARG A 116 21.01 -1.16 9.28
C ARG A 116 20.27 -1.79 10.47
N PHE A 117 18.92 -1.67 10.46
CA PHE A 117 18.05 -2.28 11.48
C PHE A 117 18.25 -3.79 11.53
N PHE A 118 18.10 -4.44 10.37
CA PHE A 118 18.20 -5.91 10.25
C PHE A 118 19.64 -6.40 10.41
N HIS A 119 20.63 -5.61 9.96
CA HIS A 119 22.05 -6.03 9.97
C HIS A 119 22.63 -6.05 11.39
N ASP A 120 22.12 -5.16 12.24
CA ASP A 120 22.50 -5.11 13.66
C ASP A 120 21.70 -6.15 14.45
N LYS A 121 20.37 -6.10 14.29
CA LYS A 121 19.41 -6.82 15.12
C LYS A 121 19.33 -8.32 14.73
N PHE A 122 19.03 -8.59 13.45
CA PHE A 122 18.93 -9.98 12.92
C PHE A 122 20.32 -10.53 12.55
N GLY A 123 21.29 -9.61 12.38
CA GLY A 123 22.71 -9.94 12.22
C GLY A 123 23.00 -10.76 10.97
N ASP A 124 23.15 -12.09 11.17
CA ASP A 124 23.45 -13.04 10.08
C ASP A 124 22.23 -13.18 9.15
N LYS A 125 21.03 -13.21 9.76
CA LYS A 125 19.75 -13.42 9.07
C LYS A 125 19.34 -12.21 8.24
N SER A 126 20.08 -11.09 8.39
CA SER A 126 19.86 -9.86 7.60
C SER A 126 20.00 -10.13 6.09
N ILE A 127 20.90 -11.06 5.74
CA ILE A 127 21.22 -11.38 4.33
C ILE A 127 20.02 -12.08 3.65
N GLU A 128 19.41 -13.06 4.35
CA GLU A 128 18.23 -13.78 3.84
C GLU A 128 16.96 -12.93 4.03
N GLU A 129 16.98 -12.02 5.02
CA GLU A 129 15.86 -11.12 5.34
C GLU A 129 15.63 -10.13 4.20
N ILE A 130 16.72 -9.45 3.82
CA ILE A 130 16.71 -8.40 2.79
C ILE A 130 16.41 -9.00 1.40
N GLU A 131 16.91 -10.24 1.19
CA GLU A 131 16.72 -11.00 -0.04
C GLU A 131 15.24 -11.36 -0.20
N LYS A 132 14.71 -12.03 0.83
CA LYS A 132 13.32 -12.51 0.90
C LYS A 132 12.31 -11.37 0.68
N ARG A 133 12.43 -10.27 1.47
CA ARG A 133 11.46 -9.15 1.44
C ARG A 133 11.49 -8.41 0.09
N ARG A 134 12.69 -8.36 -0.55
CA ARG A 134 12.83 -7.75 -1.87
C ARG A 134 12.09 -8.62 -2.90
N LEU A 135 12.40 -9.94 -2.91
CA LEU A 135 11.77 -10.93 -3.80
C LEU A 135 10.25 -10.97 -3.62
N ALA A 136 9.79 -10.85 -2.36
CA ALA A 136 8.38 -10.94 -1.97
C ALA A 136 7.58 -9.72 -2.46
N ALA A 137 8.27 -8.56 -2.53
CA ALA A 137 7.69 -7.33 -3.10
C ALA A 137 7.69 -7.40 -4.64
N ILE A 138 8.79 -7.92 -5.21
CA ILE A 138 8.95 -8.08 -6.67
C ILE A 138 7.94 -9.11 -7.23
N THR A 139 7.53 -10.07 -6.39
CA THR A 139 6.49 -11.07 -6.71
C THR A 139 5.08 -10.53 -6.35
N GLY A 140 4.99 -9.82 -5.20
CA GLY A 140 3.71 -9.42 -4.61
C GLY A 140 3.03 -8.25 -5.34
N ILE A 141 3.82 -7.22 -5.69
CA ILE A 141 3.32 -6.00 -6.34
C ILE A 141 2.57 -6.31 -7.67
N PRO A 142 3.19 -7.00 -8.71
CA PRO A 142 2.50 -7.26 -10.01
C PRO A 142 1.20 -8.08 -9.84
N GLU A 143 1.18 -8.93 -8.79
CA GLU A 143 0.00 -9.73 -8.43
C GLU A 143 -1.14 -8.86 -7.89
N THR A 144 -0.77 -7.82 -7.10
CA THR A 144 -1.75 -6.86 -6.54
C THR A 144 -2.39 -6.03 -7.68
N LEU A 145 -1.54 -5.59 -8.63
CA LEU A 145 -1.98 -4.80 -9.82
C LEU A 145 -3.05 -5.57 -10.63
N VAL A 146 -2.75 -6.85 -10.94
CA VAL A 146 -3.66 -7.73 -11.70
C VAL A 146 -4.96 -7.98 -10.90
N ALA A 147 -4.82 -8.09 -9.56
CA ALA A 147 -5.97 -8.32 -8.66
C ALA A 147 -6.90 -7.10 -8.61
N ILE A 148 -6.33 -5.88 -8.57
CA ILE A 148 -7.11 -4.61 -8.51
C ILE A 148 -7.91 -4.44 -9.81
N GLN A 149 -7.26 -4.70 -10.96
CA GLN A 149 -7.92 -4.65 -12.28
C GLN A 149 -9.07 -5.66 -12.33
N ARG A 150 -8.73 -6.92 -11.96
CA ARG A 150 -9.62 -8.08 -12.11
C ARG A 150 -10.95 -7.90 -11.37
N ILE A 151 -10.86 -7.64 -10.04
CA ILE A 151 -12.04 -7.55 -9.16
C ILE A 151 -13.01 -6.44 -9.65
N LEU A 152 -12.44 -5.33 -10.16
CA LEU A 152 -13.24 -4.22 -10.70
C LEU A 152 -13.97 -4.67 -11.97
N GLU A 153 -13.27 -5.42 -12.86
CA GLU A 153 -13.87 -6.00 -14.10
C GLU A 153 -14.99 -7.02 -13.77
N VAL A 154 -14.79 -7.77 -12.66
CA VAL A 154 -15.77 -8.75 -12.14
C VAL A 154 -17.01 -8.00 -11.64
N GLU A 155 -16.81 -6.82 -11.03
CA GLU A 155 -17.91 -5.97 -10.53
C GLU A 155 -18.51 -5.06 -11.62
N LEU A 156 -17.82 -4.91 -12.78
CA LEU A 156 -18.41 -4.24 -13.96
C LEU A 156 -19.51 -5.14 -14.55
N GLU A 157 -19.26 -6.46 -14.44
CA GLU A 157 -20.26 -7.49 -14.73
C GLU A 157 -21.27 -7.56 -13.57
N HIS A 158 -20.78 -8.08 -12.43
CA HIS A 158 -21.50 -8.24 -11.15
C HIS A 158 -22.67 -9.23 -11.32
N HIS A 159 -22.70 -10.27 -10.45
CA HIS A 159 -23.52 -11.48 -10.63
C HIS A 159 -22.96 -12.27 -11.83
N HIS A 160 -21.75 -12.78 -11.63
CA HIS A 160 -21.00 -13.56 -12.63
C HIS A 160 -19.93 -14.37 -11.86
N HIS A 161 -19.57 -15.56 -12.39
CA HIS A 161 -18.59 -16.45 -11.73
C HIS A 161 -17.20 -15.79 -11.63
N HIS A 162 -16.66 -15.74 -10.40
CA HIS A 162 -15.33 -15.13 -10.12
C HIS A 162 -14.20 -16.14 -10.37
N HIS A 163 -12.99 -15.59 -10.61
CA HIS A 163 -11.75 -16.39 -10.79
C HIS A 163 -11.37 -17.15 -9.48
N MET A 1 23.49 -8.68 -2.16
CA MET A 1 23.86 -7.67 -1.13
C MET A 1 22.63 -6.81 -0.79
N PRO A 2 22.42 -6.42 0.53
CA PRO A 2 21.43 -5.38 0.91
C PRO A 2 21.57 -4.08 0.08
N LYS A 3 20.82 -4.03 -1.03
CA LYS A 3 20.85 -2.93 -2.01
C LYS A 3 19.43 -2.37 -2.18
N SER A 4 19.13 -1.26 -1.47
CA SER A 4 17.87 -0.47 -1.56
C SER A 4 16.59 -1.32 -1.26
N LEU A 5 16.22 -2.16 -2.25
CA LEU A 5 14.99 -2.98 -2.28
C LEU A 5 13.84 -2.09 -2.76
N THR A 6 13.70 -2.00 -4.09
CA THR A 6 12.73 -1.10 -4.74
C THR A 6 12.11 -1.80 -5.95
N PHE A 7 10.77 -1.70 -6.06
CA PHE A 7 10.01 -2.28 -7.18
C PHE A 7 8.74 -1.44 -7.38
N GLU A 8 8.35 -1.24 -8.65
CA GLU A 8 7.14 -0.50 -9.03
C GLU A 8 6.35 -1.29 -10.07
N ASP A 9 5.03 -1.03 -10.16
CA ASP A 9 4.13 -1.64 -11.15
C ASP A 9 3.10 -0.60 -11.61
N SER A 10 2.54 -0.80 -12.82
CA SER A 10 1.53 0.09 -13.42
C SER A 10 0.62 -0.70 -14.38
N ILE A 11 -0.71 -0.49 -14.25
CA ILE A 11 -1.74 -1.19 -15.04
C ILE A 11 -2.97 -0.26 -15.19
N ASN A 12 -3.71 -0.39 -16.30
CA ASN A 12 -4.91 0.45 -16.57
C ASN A 12 -6.17 -0.30 -16.10
N ILE A 13 -6.78 0.19 -15.01
CA ILE A 13 -8.04 -0.33 -14.46
C ILE A 13 -9.24 0.41 -15.09
N ALA A 14 -10.24 -0.35 -15.57
CA ALA A 14 -11.49 0.21 -16.12
C ALA A 14 -12.45 0.54 -14.96
N ALA A 15 -12.27 1.74 -14.38
CA ALA A 15 -13.05 2.21 -13.22
C ALA A 15 -12.87 3.74 -13.03
N PRO A 16 -13.86 4.43 -12.36
CA PRO A 16 -13.67 5.82 -11.88
C PRO A 16 -12.49 5.92 -10.88
N ILE A 17 -11.70 7.01 -10.99
CA ILE A 17 -10.46 7.22 -10.18
C ILE A 17 -10.75 7.20 -8.66
N ASN A 18 -11.93 7.71 -8.26
CA ASN A 18 -12.40 7.69 -6.86
C ASN A 18 -12.56 6.24 -6.34
N GLN A 19 -13.08 5.37 -7.22
CA GLN A 19 -13.32 3.96 -6.90
C GLN A 19 -11.99 3.17 -6.84
N VAL A 20 -11.06 3.51 -7.76
CA VAL A 20 -9.70 2.93 -7.77
C VAL A 20 -8.97 3.30 -6.45
N TYR A 21 -9.18 4.57 -6.02
CA TYR A 21 -8.64 5.09 -4.74
C TYR A 21 -9.23 4.34 -3.53
N ALA A 22 -10.51 3.93 -3.64
CA ALA A 22 -11.22 3.19 -2.58
C ALA A 22 -10.62 1.77 -2.39
N LEU A 23 -10.08 1.19 -3.49
CA LEU A 23 -9.40 -0.13 -3.47
C LEU A 23 -7.87 0.00 -3.21
N VAL A 24 -7.32 1.22 -3.41
CA VAL A 24 -5.95 1.56 -2.95
C VAL A 24 -5.93 1.62 -1.42
N SER A 25 -6.95 2.30 -0.89
CA SER A 25 -7.20 2.43 0.53
C SER A 25 -8.22 1.36 0.95
N ASP A 26 -7.88 0.11 0.61
CA ASP A 26 -8.68 -1.08 0.92
C ASP A 26 -8.76 -1.29 2.45
N ILE A 27 -7.69 -0.87 3.16
CA ILE A 27 -7.62 -0.92 4.63
C ILE A 27 -8.74 -0.07 5.28
N THR A 28 -9.04 1.10 4.68
CA THR A 28 -10.05 2.05 5.21
C THR A 28 -11.45 1.71 4.66
N ARG A 29 -11.94 0.54 5.07
CA ARG A 29 -13.32 0.07 4.80
C ARG A 29 -13.96 -0.36 6.14
N THR A 30 -15.31 -0.42 6.17
CA THR A 30 -16.06 -0.89 7.35
C THR A 30 -15.67 -2.35 7.70
N GLY A 31 -14.86 -2.49 8.77
CA GLY A 31 -14.28 -3.78 9.16
C GLY A 31 -15.33 -4.85 9.43
N GLU A 32 -16.07 -4.67 10.55
CA GLU A 32 -17.17 -5.58 10.97
C GLU A 32 -16.70 -7.05 11.12
N TRP A 33 -17.67 -7.99 11.16
CA TRP A 33 -17.42 -9.44 11.29
C TRP A 33 -16.62 -9.72 12.58
N SER A 34 -17.12 -9.12 13.68
CA SER A 34 -16.39 -8.98 14.96
C SER A 34 -15.11 -8.15 14.71
N PRO A 35 -15.24 -6.76 14.67
CA PRO A 35 -14.10 -5.85 14.38
C PRO A 35 -12.83 -6.16 15.20
N VAL A 36 -11.89 -6.89 14.56
CA VAL A 36 -10.59 -7.23 15.16
C VAL A 36 -9.71 -5.98 15.24
N CYS A 37 -9.77 -5.15 14.17
CA CYS A 37 -9.07 -3.87 14.10
C CYS A 37 -9.67 -2.90 15.11
N GLU A 38 -8.94 -2.71 16.22
CA GLU A 38 -9.36 -1.87 17.35
C GLU A 38 -9.57 -0.41 16.90
N LYS A 39 -8.50 0.18 16.33
CA LYS A 39 -8.49 1.58 15.87
C LYS A 39 -7.67 1.67 14.58
N CYS A 40 -8.11 2.50 13.62
CA CYS A 40 -7.36 2.78 12.39
C CYS A 40 -7.61 4.24 11.99
N TRP A 41 -6.58 5.09 12.13
CA TRP A 41 -6.64 6.51 11.76
C TRP A 41 -5.78 6.73 10.51
N TRP A 42 -6.38 7.31 9.47
CA TRP A 42 -5.65 7.80 8.28
C TRP A 42 -6.00 9.29 8.05
N ASP A 43 -5.03 10.02 7.49
CA ASP A 43 -5.19 11.43 7.01
C ASP A 43 -6.22 11.56 5.85
N GLU A 44 -6.70 10.42 5.33
CA GLU A 44 -7.83 10.36 4.39
C GLU A 44 -9.12 10.95 5.03
N ASP A 45 -9.22 10.84 6.36
CA ASP A 45 -10.32 11.41 7.17
C ASP A 45 -10.08 12.93 7.43
N GLU A 46 -8.90 13.41 7.02
CA GLU A 46 -8.46 14.82 7.18
C GLU A 46 -8.19 15.43 5.78
N GLY A 47 -7.36 16.49 5.74
CA GLY A 47 -6.83 17.02 4.47
C GLY A 47 -5.54 16.29 4.07
N PRO A 48 -5.54 15.42 3.00
CA PRO A 48 -4.34 14.64 2.58
C PRO A 48 -3.28 15.55 1.91
N VAL A 49 -2.29 15.99 2.71
CA VAL A 49 -1.21 16.88 2.26
C VAL A 49 0.17 16.23 2.54
N VAL A 50 1.23 16.81 1.94
CA VAL A 50 2.61 16.42 2.23
C VAL A 50 2.95 16.84 3.67
N GLY A 51 3.10 15.85 4.56
CA GLY A 51 3.35 16.08 5.98
C GLY A 51 2.28 15.48 6.85
N ALA A 52 1.09 15.20 6.27
CA ALA A 52 -0.02 14.54 6.98
C ALA A 52 0.36 13.08 7.30
N HIS A 53 0.22 12.67 8.57
CA HIS A 53 0.71 11.37 9.07
C HIS A 53 -0.20 10.87 10.21
N PHE A 54 -0.69 9.64 10.05
CA PHE A 54 -1.60 8.98 11.02
C PHE A 54 -1.20 7.50 11.22
N THR A 55 -1.69 6.90 12.33
CA THR A 55 -1.36 5.51 12.72
C THR A 55 -2.62 4.62 12.69
N GLY A 56 -2.50 3.46 12.05
CA GLY A 56 -3.55 2.45 12.04
C GLY A 56 -3.12 1.22 12.85
N ARG A 57 -3.83 0.94 13.96
CA ARG A 57 -3.49 -0.17 14.86
C ARG A 57 -3.88 -1.51 14.20
N ASN A 58 -2.87 -2.22 13.67
CA ASN A 58 -3.05 -3.55 13.09
C ASN A 58 -2.96 -4.58 14.22
N VAL A 59 -3.91 -5.50 14.24
CA VAL A 59 -4.03 -6.46 15.34
C VAL A 59 -4.65 -7.77 14.80
N THR A 60 -3.78 -8.79 14.76
CA THR A 60 -4.11 -10.16 14.38
C THR A 60 -3.79 -11.07 15.61
N PRO A 61 -4.38 -12.31 15.71
CA PRO A 61 -4.12 -13.22 16.86
C PRO A 61 -2.63 -13.66 16.99
N GLU A 62 -1.88 -13.57 15.88
CA GLU A 62 -0.44 -13.91 15.85
C GLU A 62 0.45 -12.69 16.23
N ARG A 63 0.13 -11.49 15.68
CA ARG A 63 0.96 -10.27 15.82
C ARG A 63 0.08 -9.02 15.98
N THR A 64 0.50 -8.10 16.84
CA THR A 64 -0.27 -6.89 17.17
C THR A 64 0.68 -5.67 17.26
N TRP A 65 0.57 -4.78 16.27
CA TRP A 65 1.46 -3.62 16.12
C TRP A 65 0.80 -2.55 15.21
N GLU A 66 1.03 -1.25 15.51
CA GLU A 66 0.45 -0.14 14.74
C GLU A 66 1.39 0.28 13.60
N THR A 67 0.82 0.66 12.45
CA THR A 67 1.57 1.11 11.28
C THR A 67 1.44 2.64 11.13
N ARG A 68 2.57 3.33 11.26
CA ARG A 68 2.67 4.79 11.17
C ARG A 68 2.87 5.17 9.70
N SER A 69 1.79 5.63 9.05
CA SER A 69 1.80 6.03 7.64
C SER A 69 1.99 7.56 7.54
N GLU A 70 3.20 7.97 7.12
CA GLU A 70 3.55 9.38 6.89
C GLU A 70 3.50 9.69 5.39
N VAL A 71 2.49 10.46 4.98
CA VAL A 71 2.29 10.82 3.58
C VAL A 71 3.33 11.86 3.13
N ILE A 72 4.31 11.38 2.35
CA ILE A 72 5.46 12.16 1.87
C ILE A 72 5.16 12.87 0.53
N VAL A 73 4.09 12.42 -0.16
CA VAL A 73 3.59 13.02 -1.40
C VAL A 73 2.07 12.82 -1.46
N ALA A 74 1.31 13.92 -1.68
CA ALA A 74 -0.16 13.86 -1.67
C ALA A 74 -0.74 14.83 -2.70
N GLU A 75 -1.22 14.27 -3.79
CA GLU A 75 -2.07 14.94 -4.78
C GLU A 75 -3.43 14.21 -4.73
N PRO A 76 -4.58 14.95 -4.54
CA PRO A 76 -5.92 14.35 -4.29
C PRO A 76 -6.31 13.30 -5.36
N ASN A 77 -6.05 12.01 -5.01
CA ASN A 77 -6.30 10.83 -5.86
C ASN A 77 -5.31 10.70 -7.05
N ARG A 78 -4.61 11.80 -7.42
CA ARG A 78 -3.71 11.82 -8.59
C ARG A 78 -2.38 11.10 -8.25
N CYS A 79 -1.88 11.32 -7.01
CA CYS A 79 -0.71 10.61 -6.48
C CYS A 79 -0.72 10.69 -4.95
N PHE A 80 -1.28 9.65 -4.32
CA PHE A 80 -1.36 9.54 -2.85
C PHE A 80 -0.32 8.50 -2.41
N GLY A 81 0.75 8.97 -1.77
CA GLY A 81 1.90 8.16 -1.46
C GLY A 81 2.43 8.42 -0.06
N TRP A 82 2.37 7.37 0.78
CA TRP A 82 2.82 7.44 2.18
C TRP A 82 4.12 6.65 2.35
N SER A 83 4.66 6.70 3.57
CA SER A 83 5.85 5.98 3.98
C SER A 83 5.60 5.44 5.38
N VAL A 84 5.63 4.10 5.50
CA VAL A 84 5.40 3.38 6.75
C VAL A 84 6.66 3.50 7.64
N THR A 85 6.44 3.61 8.96
CA THR A 85 7.47 3.85 9.98
C THR A 85 8.05 5.29 9.81
N ASP A 86 9.24 5.58 10.36
CA ASP A 86 9.92 6.89 10.23
C ASP A 86 10.64 7.02 8.86
N GLY A 87 9.92 6.67 7.79
CA GLY A 87 10.48 6.63 6.44
C GLY A 87 11.39 5.43 6.25
N ASN A 88 10.83 4.23 6.48
CA ASN A 88 11.55 2.95 6.27
C ASN A 88 11.03 2.25 5.01
N VAL A 89 9.69 2.19 4.86
CA VAL A 89 9.01 1.55 3.72
C VAL A 89 8.16 2.60 3.02
N LYS A 90 8.17 2.65 1.68
CA LYS A 90 7.36 3.63 0.92
C LYS A 90 6.33 2.91 0.03
N TRP A 91 5.12 3.48 -0.04
CA TRP A 91 4.02 2.98 -0.88
C TRP A 91 3.38 4.18 -1.58
N ILE A 92 3.76 4.43 -2.85
CA ILE A 92 3.33 5.61 -3.60
C ILE A 92 2.35 5.17 -4.71
N TYR A 93 1.06 5.52 -4.58
CA TYR A 93 0.02 5.12 -5.54
C TYR A 93 -0.47 6.34 -6.35
N SER A 94 0.02 6.43 -7.60
CA SER A 94 -0.41 7.43 -8.58
C SER A 94 -1.56 6.86 -9.42
N MET A 95 -2.65 7.63 -9.53
CA MET A 95 -3.83 7.26 -10.33
C MET A 95 -4.15 8.39 -11.31
N GLU A 96 -3.99 8.11 -12.61
CA GLU A 96 -4.24 9.08 -13.69
C GLU A 96 -5.55 8.70 -14.42
N PRO A 97 -6.63 9.53 -14.27
CA PRO A 97 -7.97 9.20 -14.82
C PRO A 97 -8.04 9.44 -16.34
N LEU A 98 -7.76 8.37 -17.11
CA LEU A 98 -7.88 8.39 -18.58
C LEU A 98 -9.37 8.39 -18.99
N GLU A 99 -9.64 8.74 -20.25
CA GLU A 99 -11.01 8.78 -20.80
C GLU A 99 -11.61 7.35 -20.97
N GLU A 100 -10.76 6.33 -20.76
CA GLU A 100 -11.14 4.90 -20.82
C GLU A 100 -11.15 4.25 -19.41
N GLY A 101 -10.59 4.94 -18.41
CA GLY A 101 -10.48 4.38 -17.04
C GLY A 101 -9.50 5.15 -16.18
N THR A 102 -8.59 4.44 -15.51
CA THR A 102 -7.59 5.02 -14.60
C THR A 102 -6.36 4.11 -14.53
N VAL A 103 -5.16 4.68 -14.73
CA VAL A 103 -3.90 3.92 -14.62
C VAL A 103 -3.42 3.94 -13.16
N LEU A 104 -3.51 2.77 -12.50
CA LEU A 104 -2.94 2.55 -11.17
C LEU A 104 -1.44 2.32 -11.35
N THR A 105 -0.63 3.16 -10.74
CA THR A 105 0.83 3.06 -10.77
C THR A 105 1.35 3.12 -9.33
N GLU A 106 1.74 1.96 -8.78
CA GLU A 106 2.29 1.88 -7.42
C GLU A 106 3.82 1.97 -7.50
N SER A 107 4.42 2.41 -6.39
CA SER A 107 5.87 2.50 -6.24
C SER A 107 6.25 2.11 -4.80
N TRP A 108 6.78 0.90 -4.62
CA TRP A 108 7.34 0.44 -3.34
C TRP A 108 8.84 0.73 -3.30
N GLU A 109 9.31 1.32 -2.20
CA GLU A 109 10.74 1.58 -1.98
C GLU A 109 11.08 1.42 -0.50
N PHE A 110 11.81 0.35 -0.19
CA PHE A 110 12.40 0.12 1.12
C PHE A 110 13.74 0.89 1.19
N THR A 111 14.01 1.48 2.36
CA THR A 111 15.23 2.25 2.61
C THR A 111 16.32 1.35 3.23
N PRO A 112 17.65 1.63 2.99
CA PRO A 112 18.76 0.88 3.62
C PRO A 112 18.86 1.10 5.15
N LYS A 113 18.02 2.02 5.69
CA LYS A 113 17.85 2.26 7.14
C LYS A 113 17.47 0.97 7.87
N GLY A 114 16.46 0.27 7.32
CA GLY A 114 15.99 -1.00 7.87
C GLY A 114 17.06 -2.09 7.84
N GLN A 115 17.64 -2.29 6.64
CA GLN A 115 18.68 -3.32 6.39
C GLN A 115 19.94 -3.09 7.26
N ARG A 116 20.25 -1.81 7.55
CA ARG A 116 21.33 -1.41 8.46
C ARG A 116 21.05 -1.94 9.88
N PHE A 117 19.87 -1.60 10.40
CA PHE A 117 19.44 -1.96 11.77
C PHE A 117 19.43 -3.49 11.97
N PHE A 118 18.87 -4.20 10.98
CA PHE A 118 18.77 -5.67 10.98
C PHE A 118 20.15 -6.35 10.76
N HIS A 119 21.15 -5.58 10.25
CA HIS A 119 22.52 -6.08 10.11
C HIS A 119 23.30 -5.95 11.44
N ASP A 120 22.97 -4.93 12.26
CA ASP A 120 23.54 -4.79 13.61
C ASP A 120 23.00 -5.90 14.52
N LYS A 121 21.69 -6.16 14.40
CA LYS A 121 20.99 -7.20 15.18
C LYS A 121 21.41 -8.60 14.73
N PHE A 122 21.29 -8.87 13.42
CA PHE A 122 21.51 -10.20 12.83
C PHE A 122 22.38 -10.04 11.57
N GLY A 123 23.70 -9.94 11.77
CA GLY A 123 24.67 -9.76 10.69
C GLY A 123 24.65 -10.88 9.66
N ASP A 124 24.52 -12.12 10.18
CA ASP A 124 24.46 -13.35 9.36
C ASP A 124 23.09 -13.45 8.65
N LYS A 125 22.01 -13.07 9.38
CA LYS A 125 20.62 -13.19 8.89
C LYS A 125 20.16 -11.92 8.14
N SER A 126 21.11 -11.02 7.84
CA SER A 126 20.86 -9.88 6.92
C SER A 126 20.61 -10.40 5.51
N ILE A 127 21.25 -11.53 5.18
CA ILE A 127 21.08 -12.25 3.92
C ILE A 127 19.65 -12.85 3.85
N GLU A 128 19.16 -13.31 5.01
CA GLU A 128 17.80 -13.83 5.17
C GLU A 128 16.76 -12.73 4.95
N GLU A 129 17.00 -11.57 5.59
CA GLU A 129 16.11 -10.41 5.51
C GLU A 129 15.99 -9.92 4.06
N ILE A 130 17.14 -9.54 3.46
CA ILE A 130 17.19 -8.95 2.11
C ILE A 130 16.56 -9.87 1.07
N GLU A 131 16.83 -11.19 1.17
CA GLU A 131 16.36 -12.18 0.19
C GLU A 131 14.82 -12.27 0.18
N LYS A 132 14.24 -12.65 1.33
CA LYS A 132 12.79 -12.89 1.46
C LYS A 132 11.96 -11.62 1.24
N ARG A 133 12.40 -10.49 1.81
CA ARG A 133 11.68 -9.20 1.74
C ARG A 133 11.77 -8.56 0.35
N ARG A 134 12.79 -8.97 -0.43
CA ARG A 134 12.94 -8.59 -1.84
C ARG A 134 12.00 -9.43 -2.71
N LEU A 135 12.07 -10.77 -2.56
CA LEU A 135 11.33 -11.74 -3.39
C LEU A 135 9.80 -11.63 -3.16
N ALA A 136 9.40 -11.50 -1.89
CA ALA A 136 7.97 -11.42 -1.47
C ALA A 136 7.33 -10.10 -1.94
N ALA A 137 8.16 -9.07 -2.14
CA ALA A 137 7.70 -7.77 -2.63
C ALA A 137 7.63 -7.76 -4.18
N ILE A 138 8.77 -8.03 -4.83
CA ILE A 138 8.91 -7.97 -6.31
C ILE A 138 7.98 -8.98 -7.01
N THR A 139 7.74 -10.14 -6.37
CA THR A 139 6.76 -11.13 -6.85
C THR A 139 5.35 -10.78 -6.34
N GLY A 140 5.24 -10.41 -5.04
CA GLY A 140 3.93 -10.25 -4.39
C GLY A 140 3.10 -9.06 -4.91
N ILE A 141 3.79 -7.98 -5.31
CA ILE A 141 3.13 -6.73 -5.77
C ILE A 141 2.29 -6.99 -7.06
N PRO A 142 2.88 -7.49 -8.22
CA PRO A 142 2.10 -7.69 -9.49
C PRO A 142 0.95 -8.71 -9.32
N GLU A 143 1.13 -9.70 -8.42
CA GLU A 143 0.08 -10.70 -8.13
C GLU A 143 -1.14 -10.00 -7.49
N THR A 144 -0.86 -9.28 -6.40
CA THR A 144 -1.89 -8.54 -5.64
C THR A 144 -2.48 -7.39 -6.49
N LEU A 145 -1.66 -6.81 -7.38
CA LEU A 145 -2.03 -5.62 -8.18
C LEU A 145 -3.11 -6.01 -9.22
N VAL A 146 -2.83 -7.10 -9.98
CA VAL A 146 -3.79 -7.70 -10.93
C VAL A 146 -5.08 -8.15 -10.21
N ALA A 147 -4.89 -8.67 -8.98
CA ALA A 147 -6.00 -9.16 -8.14
C ALA A 147 -6.93 -8.01 -7.68
N ILE A 148 -6.32 -6.84 -7.33
CA ILE A 148 -7.05 -5.63 -6.87
C ILE A 148 -7.95 -5.11 -7.99
N GLN A 149 -7.38 -4.99 -9.21
CA GLN A 149 -8.13 -4.57 -10.39
C GLN A 149 -9.29 -5.53 -10.68
N ARG A 150 -8.97 -6.82 -10.82
CA ARG A 150 -9.94 -7.82 -11.27
C ARG A 150 -11.17 -7.89 -10.35
N ILE A 151 -10.95 -7.87 -9.02
CA ILE A 151 -12.04 -7.99 -8.04
C ILE A 151 -12.98 -6.76 -8.08
N LEU A 152 -12.41 -5.54 -8.25
CA LEU A 152 -13.18 -4.29 -8.19
C LEU A 152 -14.08 -4.17 -9.42
N GLU A 153 -13.54 -4.62 -10.58
CA GLU A 153 -14.27 -4.58 -11.87
C GLU A 153 -15.44 -5.58 -11.87
N VAL A 154 -15.26 -6.73 -11.20
CA VAL A 154 -16.34 -7.72 -11.00
C VAL A 154 -17.45 -7.14 -10.10
N GLU A 155 -17.05 -6.36 -9.08
CA GLU A 155 -17.99 -5.67 -8.17
C GLU A 155 -18.70 -4.51 -8.91
N LEU A 156 -18.05 -3.95 -9.95
CA LEU A 156 -18.70 -2.97 -10.85
C LEU A 156 -19.70 -3.67 -11.79
N GLU A 157 -19.43 -4.94 -12.13
CA GLU A 157 -20.38 -5.81 -12.87
C GLU A 157 -21.55 -6.22 -11.94
N HIS A 158 -21.26 -6.28 -10.63
CA HIS A 158 -22.26 -6.55 -9.57
C HIS A 158 -22.90 -5.22 -9.10
N HIS A 159 -23.78 -5.30 -8.09
CA HIS A 159 -24.40 -4.12 -7.46
C HIS A 159 -23.39 -3.47 -6.50
N HIS A 160 -22.56 -2.59 -7.07
CA HIS A 160 -21.59 -1.76 -6.31
C HIS A 160 -22.33 -0.58 -5.64
N HIS A 161 -22.09 -0.39 -4.34
CA HIS A 161 -22.72 0.70 -3.54
C HIS A 161 -21.62 1.67 -3.04
N HIS A 162 -20.87 2.23 -4.02
CA HIS A 162 -19.79 3.22 -3.80
C HIS A 162 -18.64 2.63 -2.95
N HIS A 163 -18.82 2.62 -1.62
CA HIS A 163 -17.81 2.19 -0.66
C HIS A 163 -18.51 2.01 0.72
N MET A 1 20.53 4.67 -10.86
CA MET A 1 21.38 4.60 -9.63
C MET A 1 21.32 3.18 -9.03
N PRO A 2 22.45 2.69 -8.38
CA PRO A 2 22.45 1.37 -7.67
C PRO A 2 21.69 1.48 -6.32
N LYS A 3 20.35 1.57 -6.42
CA LYS A 3 19.46 1.82 -5.26
C LYS A 3 19.28 0.56 -4.38
N SER A 4 18.44 0.69 -3.36
CA SER A 4 18.13 -0.40 -2.43
C SER A 4 17.17 -1.44 -3.08
N LEU A 5 16.94 -2.56 -2.38
CA LEU A 5 16.04 -3.63 -2.85
C LEU A 5 14.56 -3.14 -2.81
N THR A 6 13.95 -3.03 -4.00
CA THR A 6 12.58 -2.54 -4.18
C THR A 6 11.80 -3.47 -5.13
N PHE A 7 10.49 -3.25 -5.24
CA PHE A 7 9.64 -3.89 -6.25
C PHE A 7 8.44 -2.97 -6.56
N GLU A 8 7.92 -3.09 -7.78
CA GLU A 8 6.84 -2.24 -8.29
C GLU A 8 6.09 -3.00 -9.39
N ASP A 9 4.90 -2.52 -9.74
CA ASP A 9 4.09 -3.08 -10.82
C ASP A 9 3.08 -2.02 -11.31
N SER A 10 2.59 -2.18 -12.54
CA SER A 10 1.69 -1.22 -13.19
C SER A 10 0.72 -1.95 -14.12
N ILE A 11 -0.48 -1.37 -14.32
CA ILE A 11 -1.55 -1.98 -15.14
C ILE A 11 -2.58 -0.90 -15.58
N ASN A 12 -2.98 -0.92 -16.87
CA ASN A 12 -4.01 0.01 -17.39
C ASN A 12 -5.40 -0.59 -17.18
N ILE A 13 -6.08 -0.10 -16.15
CA ILE A 13 -7.43 -0.53 -15.79
C ILE A 13 -8.44 0.34 -16.55
N ALA A 14 -9.29 -0.28 -17.39
CA ALA A 14 -10.35 0.44 -18.13
C ALA A 14 -11.46 0.87 -17.15
N ALA A 15 -11.22 1.99 -16.46
CA ALA A 15 -12.11 2.54 -15.43
C ALA A 15 -11.79 4.03 -15.19
N PRO A 16 -12.82 4.90 -14.93
CA PRO A 16 -12.59 6.35 -14.66
C PRO A 16 -11.80 6.59 -13.34
N ILE A 17 -10.75 7.45 -13.40
CA ILE A 17 -9.82 7.73 -12.27
C ILE A 17 -10.57 8.23 -11.01
N ASN A 18 -11.75 8.86 -11.24
CA ASN A 18 -12.64 9.34 -10.18
C ASN A 18 -12.94 8.23 -9.14
N GLN A 19 -13.31 7.03 -9.63
CA GLN A 19 -13.59 5.88 -8.76
C GLN A 19 -12.30 5.07 -8.46
N VAL A 20 -11.32 5.05 -9.40
CA VAL A 20 -10.05 4.27 -9.23
C VAL A 20 -9.31 4.72 -7.96
N TYR A 21 -9.14 6.05 -7.84
CA TYR A 21 -8.46 6.70 -6.70
C TYR A 21 -9.22 6.42 -5.37
N ALA A 22 -10.55 6.26 -5.48
CA ALA A 22 -11.45 6.01 -4.33
C ALA A 22 -11.38 4.54 -3.86
N LEU A 23 -11.10 3.61 -4.80
CA LEU A 23 -10.94 2.15 -4.49
C LEU A 23 -9.50 1.82 -4.06
N VAL A 24 -8.55 2.75 -4.28
CA VAL A 24 -7.19 2.66 -3.72
C VAL A 24 -7.20 3.07 -2.24
N SER A 25 -7.93 4.15 -1.93
CA SER A 25 -8.08 4.68 -0.56
C SER A 25 -9.34 4.09 0.12
N ASP A 26 -9.51 4.40 1.43
CA ASP A 26 -10.70 4.01 2.24
C ASP A 26 -10.86 2.49 2.35
N ILE A 27 -10.34 1.90 3.42
CA ILE A 27 -10.54 0.47 3.76
C ILE A 27 -11.21 0.33 5.14
N THR A 28 -11.41 1.46 5.83
CA THR A 28 -11.88 1.50 7.22
C THR A 28 -13.42 1.48 7.28
N ARG A 29 -14.00 0.27 7.14
CA ARG A 29 -15.45 0.02 7.24
C ARG A 29 -15.75 -0.97 8.37
N THR A 30 -14.72 -1.73 8.79
CA THR A 30 -14.76 -2.59 9.97
C THR A 30 -13.35 -2.64 10.61
N GLY A 31 -13.31 -2.50 11.94
CA GLY A 31 -12.08 -2.60 12.73
C GLY A 31 -12.32 -2.20 14.17
N GLU A 32 -13.54 -2.51 14.65
CA GLU A 32 -14.02 -2.09 15.97
C GLU A 32 -13.54 -3.09 17.04
N TRP A 33 -12.29 -2.89 17.51
CA TRP A 33 -11.66 -3.70 18.60
C TRP A 33 -11.63 -5.20 18.23
N SER A 34 -11.56 -5.49 16.92
CA SER A 34 -11.66 -6.85 16.37
C SER A 34 -10.45 -7.72 16.84
N PRO A 35 -10.69 -9.02 17.24
CA PRO A 35 -9.61 -9.95 17.70
C PRO A 35 -8.34 -9.94 16.83
N VAL A 36 -8.49 -9.76 15.50
CA VAL A 36 -7.32 -9.73 14.56
C VAL A 36 -6.90 -8.28 14.19
N CYS A 37 -7.79 -7.30 14.40
CA CYS A 37 -7.56 -5.89 14.03
C CYS A 37 -8.05 -4.97 15.15
N GLU A 38 -7.10 -4.47 15.97
CA GLU A 38 -7.38 -3.58 17.11
C GLU A 38 -8.18 -2.34 16.67
N LYS A 39 -7.57 -1.56 15.76
CA LYS A 39 -8.14 -0.29 15.24
C LYS A 39 -7.47 0.01 13.91
N CYS A 40 -8.23 0.67 13.03
CA CYS A 40 -7.75 1.18 11.75
C CYS A 40 -8.35 2.58 11.54
N TRP A 41 -7.50 3.60 11.55
CA TRP A 41 -7.91 5.01 11.38
C TRP A 41 -7.10 5.60 10.21
N TRP A 42 -7.79 6.02 9.13
CA TRP A 42 -7.12 6.51 7.90
C TRP A 42 -6.98 8.03 7.86
N ASP A 43 -6.02 8.48 7.02
CA ASP A 43 -5.74 9.90 6.76
C ASP A 43 -6.88 10.54 5.97
N GLU A 44 -7.59 9.68 5.22
CA GLU A 44 -8.80 10.03 4.46
C GLU A 44 -9.85 10.63 5.43
N ASP A 45 -9.94 10.05 6.64
CA ASP A 45 -10.86 10.49 7.72
C ASP A 45 -10.52 11.93 8.17
N GLU A 46 -9.22 12.26 8.17
CA GLU A 46 -8.73 13.62 8.47
C GLU A 46 -8.98 14.53 7.25
N GLY A 47 -8.87 13.92 6.07
CA GLY A 47 -8.82 14.64 4.79
C GLY A 47 -7.53 14.27 4.07
N PRO A 48 -7.56 13.51 2.92
CA PRO A 48 -6.33 12.98 2.27
C PRO A 48 -5.47 14.10 1.64
N VAL A 49 -4.63 14.73 2.49
CA VAL A 49 -3.74 15.85 2.10
C VAL A 49 -2.28 15.46 2.34
N VAL A 50 -1.35 16.19 1.71
CA VAL A 50 0.08 16.00 1.90
C VAL A 50 0.48 16.44 3.33
N GLY A 51 0.97 15.48 4.13
CA GLY A 51 1.31 15.71 5.54
C GLY A 51 0.37 15.00 6.49
N ALA A 52 -0.80 14.53 5.99
CA ALA A 52 -1.73 13.69 6.77
C ALA A 52 -1.08 12.31 7.05
N HIS A 53 -1.69 11.51 7.92
CA HIS A 53 -1.12 10.20 8.33
C HIS A 53 -2.22 9.22 8.75
N PHE A 54 -1.91 7.92 8.69
CA PHE A 54 -2.83 6.86 9.09
C PHE A 54 -2.08 5.72 9.77
N THR A 55 -2.84 4.92 10.54
CA THR A 55 -2.31 3.75 11.23
C THR A 55 -3.35 2.62 11.25
N GLY A 56 -2.83 1.39 11.39
CA GLY A 56 -3.67 0.21 11.55
C GLY A 56 -2.94 -0.83 12.39
N ARG A 57 -3.37 -1.01 13.66
CA ARG A 57 -2.77 -2.02 14.55
C ARG A 57 -3.43 -3.37 14.34
N ASN A 58 -2.67 -4.29 13.73
CA ASN A 58 -3.05 -5.70 13.61
C ASN A 58 -2.59 -6.41 14.88
N VAL A 59 -3.50 -7.18 15.48
CA VAL A 59 -3.23 -7.91 16.72
C VAL A 59 -3.57 -9.40 16.53
N THR A 60 -2.54 -10.25 16.51
CA THR A 60 -2.71 -11.71 16.46
C THR A 60 -1.74 -12.34 17.48
N PRO A 61 -2.05 -13.57 18.04
CA PRO A 61 -1.11 -14.29 18.96
C PRO A 61 0.23 -14.63 18.26
N GLU A 62 0.20 -14.65 16.91
CA GLU A 62 1.37 -14.89 16.06
C GLU A 62 2.29 -13.66 16.06
N ARG A 63 1.69 -12.46 15.82
CA ARG A 63 2.43 -11.18 15.71
C ARG A 63 1.47 -9.99 15.89
N THR A 64 1.85 -9.02 16.73
CA THR A 64 1.07 -7.80 16.99
C THR A 64 1.95 -6.57 16.83
N TRP A 65 1.54 -5.66 15.92
CA TRP A 65 2.26 -4.41 15.65
C TRP A 65 1.32 -3.41 14.94
N GLU A 66 1.53 -2.11 15.22
CA GLU A 66 0.80 -1.02 14.56
C GLU A 66 1.65 -0.46 13.43
N THR A 67 1.02 -0.21 12.27
CA THR A 67 1.71 0.30 11.09
C THR A 67 1.42 1.80 10.98
N ARG A 68 2.45 2.61 11.20
CA ARG A 68 2.39 4.07 11.06
C ARG A 68 2.80 4.42 9.63
N SER A 69 1.99 5.24 8.95
CA SER A 69 2.20 5.57 7.54
C SER A 69 1.82 7.03 7.28
N GLU A 70 2.84 7.88 7.08
CA GLU A 70 2.65 9.32 6.87
C GLU A 70 2.70 9.64 5.37
N VAL A 71 1.68 10.36 4.91
CA VAL A 71 1.51 10.75 3.50
C VAL A 71 2.54 11.83 3.14
N ILE A 72 3.57 11.41 2.38
CA ILE A 72 4.70 12.26 1.99
C ILE A 72 4.40 13.05 0.69
N VAL A 73 3.44 12.55 -0.10
CA VAL A 73 2.99 13.18 -1.35
C VAL A 73 1.52 12.78 -1.59
N ALA A 74 0.67 13.78 -1.83
CA ALA A 74 -0.75 13.57 -2.14
C ALA A 74 -1.17 14.52 -3.27
N GLU A 75 -1.31 13.98 -4.47
CA GLU A 75 -1.81 14.71 -5.63
C GLU A 75 -3.33 14.44 -5.77
N PRO A 76 -4.17 15.52 -5.72
CA PRO A 76 -5.66 15.39 -5.70
C PRO A 76 -6.21 14.62 -6.92
N ASN A 77 -6.66 13.37 -6.67
CA ASN A 77 -7.21 12.44 -7.68
C ASN A 77 -6.19 12.18 -8.81
N ARG A 78 -4.91 12.01 -8.43
CA ARG A 78 -3.81 11.78 -9.39
C ARG A 78 -2.79 10.80 -8.79
N CYS A 79 -2.33 11.02 -7.54
CA CYS A 79 -1.34 10.13 -6.87
C CYS A 79 -1.52 10.15 -5.36
N PHE A 80 -1.09 9.06 -4.71
CA PHE A 80 -1.16 8.89 -3.25
C PHE A 80 0.06 8.08 -2.78
N GLY A 81 1.02 8.77 -2.13
CA GLY A 81 2.28 8.16 -1.69
C GLY A 81 2.57 8.43 -0.21
N TRP A 82 3.04 7.40 0.50
CA TRP A 82 3.18 7.41 1.96
C TRP A 82 4.36 6.53 2.41
N SER A 83 5.13 7.03 3.39
CA SER A 83 6.25 6.30 4.00
C SER A 83 5.81 5.66 5.32
N VAL A 84 6.05 4.34 5.47
CA VAL A 84 5.74 3.60 6.70
C VAL A 84 6.80 3.88 7.77
N THR A 85 6.39 4.64 8.82
CA THR A 85 7.14 4.86 10.06
C THR A 85 8.45 5.63 9.78
N ASP A 86 8.33 6.97 9.80
CA ASP A 86 9.44 7.92 9.51
C ASP A 86 9.84 7.88 8.03
N GLY A 87 10.57 6.83 7.66
CA GLY A 87 11.01 6.60 6.29
C GLY A 87 11.72 5.28 6.16
N ASN A 88 11.22 4.28 6.91
CA ASN A 88 11.78 2.91 6.92
C ASN A 88 11.36 2.19 5.63
N VAL A 89 10.04 2.10 5.42
CA VAL A 89 9.42 1.56 4.19
C VAL A 89 8.70 2.73 3.48
N LYS A 90 8.38 2.57 2.18
CA LYS A 90 7.68 3.61 1.41
C LYS A 90 6.87 2.97 0.28
N TRP A 91 5.55 3.20 0.27
CA TRP A 91 4.64 2.72 -0.79
C TRP A 91 4.13 3.93 -1.58
N ILE A 92 4.28 3.88 -2.91
CA ILE A 92 3.90 4.99 -3.81
C ILE A 92 2.88 4.48 -4.84
N TYR A 93 1.66 4.99 -4.76
CA TYR A 93 0.62 4.78 -5.77
C TYR A 93 0.59 6.00 -6.70
N SER A 94 0.56 5.75 -8.01
CA SER A 94 0.48 6.79 -9.04
C SER A 94 -0.58 6.37 -10.06
N MET A 95 -1.54 7.25 -10.31
CA MET A 95 -2.68 6.99 -11.20
C MET A 95 -2.49 7.88 -12.44
N GLU A 96 -2.28 7.24 -13.60
CA GLU A 96 -2.09 7.94 -14.88
C GLU A 96 -3.48 8.15 -15.51
N PRO A 97 -4.03 9.41 -15.49
CA PRO A 97 -5.42 9.66 -15.90
C PRO A 97 -5.57 9.64 -17.42
N LEU A 98 -6.02 8.50 -17.96
CA LEU A 98 -6.39 8.38 -19.38
C LEU A 98 -7.89 8.70 -19.54
N GLU A 99 -8.39 8.65 -20.76
CA GLU A 99 -9.83 8.88 -21.04
C GLU A 99 -10.62 7.56 -20.88
N GLU A 100 -10.12 6.49 -21.52
CA GLU A 100 -10.75 5.16 -21.49
C GLU A 100 -10.56 4.45 -20.13
N GLY A 101 -9.43 4.76 -19.45
CA GLY A 101 -9.04 4.08 -18.24
C GLY A 101 -8.04 4.85 -17.40
N THR A 102 -7.27 4.13 -16.58
CA THR A 102 -6.30 4.70 -15.64
C THR A 102 -5.19 3.67 -15.41
N VAL A 103 -3.93 4.06 -15.62
CA VAL A 103 -2.79 3.17 -15.39
C VAL A 103 -2.34 3.31 -13.92
N LEU A 104 -2.76 2.33 -13.09
CA LEU A 104 -2.36 2.30 -11.66
C LEU A 104 -0.94 1.74 -11.58
N THR A 105 -0.07 2.44 -10.85
CA THR A 105 1.32 2.05 -10.65
C THR A 105 1.63 2.05 -9.15
N GLU A 106 1.87 0.88 -8.57
CA GLU A 106 2.28 0.75 -7.17
C GLU A 106 3.81 0.58 -7.13
N SER A 107 4.48 1.14 -6.09
CA SER A 107 5.93 1.01 -5.89
C SER A 107 6.26 0.82 -4.41
N TRP A 108 6.65 -0.41 -4.03
CA TRP A 108 7.21 -0.72 -2.72
C TRP A 108 8.72 -0.41 -2.75
N GLU A 109 9.19 0.40 -1.80
CA GLU A 109 10.58 0.83 -1.72
C GLU A 109 11.02 0.82 -0.25
N PHE A 110 11.98 -0.05 0.07
CA PHE A 110 12.57 -0.13 1.42
C PHE A 110 13.92 0.60 1.42
N THR A 111 14.18 1.41 2.46
CA THR A 111 15.44 2.16 2.59
C THR A 111 16.48 1.32 3.36
N PRO A 112 17.81 1.42 3.01
CA PRO A 112 18.88 0.67 3.71
C PRO A 112 19.11 1.18 5.18
N LYS A 113 18.35 2.21 5.57
CA LYS A 113 18.28 2.71 6.95
C LYS A 113 17.76 1.61 7.91
N GLY A 114 16.66 0.94 7.50
CA GLY A 114 16.08 -0.15 8.28
C GLY A 114 16.97 -1.39 8.31
N GLN A 115 17.61 -1.67 7.15
CA GLN A 115 18.61 -2.75 7.02
C GLN A 115 19.78 -2.55 8.00
N ARG A 116 20.22 -1.28 8.11
CA ARG A 116 21.42 -0.87 8.87
C ARG A 116 21.36 -1.38 10.32
N PHE A 117 20.17 -1.29 10.94
CA PHE A 117 19.95 -1.69 12.34
C PHE A 117 20.24 -3.20 12.55
N PHE A 118 19.51 -4.04 11.80
CA PHE A 118 19.58 -5.52 11.93
C PHE A 118 20.93 -6.07 11.42
N HIS A 119 21.52 -5.35 10.43
CA HIS A 119 22.76 -5.77 9.74
C HIS A 119 23.99 -5.42 10.58
N ASP A 120 23.89 -4.33 11.36
CA ASP A 120 24.96 -3.89 12.28
C ASP A 120 25.09 -4.86 13.45
N LYS A 121 23.93 -5.32 13.95
CA LYS A 121 23.84 -6.20 15.12
C LYS A 121 24.16 -7.67 14.76
N PHE A 122 23.24 -8.31 14.00
CA PHE A 122 23.29 -9.76 13.72
C PHE A 122 23.91 -10.05 12.34
N GLY A 123 23.80 -9.08 11.41
CA GLY A 123 24.37 -9.22 10.06
C GLY A 123 23.58 -10.16 9.16
N ASP A 124 23.88 -11.46 9.31
CA ASP A 124 23.30 -12.56 8.49
C ASP A 124 21.78 -12.58 8.59
N LYS A 125 21.24 -12.28 9.81
CA LYS A 125 19.79 -12.15 10.04
C LYS A 125 19.18 -11.22 8.99
N SER A 126 19.74 -10.00 8.90
CA SER A 126 19.25 -8.96 7.99
C SER A 126 19.36 -9.40 6.51
N ILE A 127 20.49 -10.04 6.13
CA ILE A 127 20.78 -10.38 4.72
C ILE A 127 19.69 -11.30 4.11
N GLU A 128 19.37 -12.40 4.82
CA GLU A 128 18.31 -13.34 4.41
C GLU A 128 16.90 -12.72 4.60
N GLU A 129 16.68 -12.17 5.80
CA GLU A 129 15.36 -11.68 6.26
C GLU A 129 14.80 -10.53 5.39
N ILE A 130 15.69 -9.62 4.98
CA ILE A 130 15.29 -8.42 4.20
C ILE A 130 14.88 -8.84 2.79
N GLU A 131 15.54 -9.89 2.27
CA GLU A 131 15.22 -10.46 0.96
C GLU A 131 13.88 -11.18 1.02
N LYS A 132 13.61 -11.86 2.16
CA LYS A 132 12.32 -12.54 2.40
C LYS A 132 11.17 -11.53 2.63
N ARG A 133 11.51 -10.32 3.12
CA ARG A 133 10.56 -9.19 3.21
C ARG A 133 10.21 -8.69 1.79
N ARG A 134 11.23 -8.69 0.92
CA ARG A 134 11.09 -8.31 -0.50
C ARG A 134 10.24 -9.35 -1.24
N LEU A 135 10.49 -10.65 -0.99
CA LEU A 135 9.78 -11.77 -1.65
C LEU A 135 8.31 -11.82 -1.20
N ALA A 136 8.08 -11.50 0.09
CA ALA A 136 6.73 -11.38 0.66
C ALA A 136 5.96 -10.22 -0.01
N ALA A 137 6.69 -9.13 -0.32
CA ALA A 137 6.14 -7.99 -1.07
C ALA A 137 5.80 -8.41 -2.52
N ILE A 138 6.73 -9.10 -3.19
CA ILE A 138 6.58 -9.58 -4.60
C ILE A 138 5.37 -10.51 -4.77
N THR A 139 5.01 -11.24 -3.70
CA THR A 139 3.81 -12.08 -3.66
C THR A 139 2.54 -11.18 -3.70
N GLY A 140 2.63 -10.02 -3.03
CA GLY A 140 1.52 -9.08 -2.89
C GLY A 140 1.36 -8.10 -4.06
N ILE A 141 2.47 -7.47 -4.53
CA ILE A 141 2.42 -6.27 -5.41
C ILE A 141 1.62 -6.52 -6.73
N PRO A 142 2.04 -7.49 -7.65
CA PRO A 142 1.35 -7.68 -8.97
C PRO A 142 -0.08 -8.20 -8.79
N GLU A 143 -0.28 -8.94 -7.69
CA GLU A 143 -1.57 -9.50 -7.29
C GLU A 143 -2.53 -8.35 -6.92
N THR A 144 -2.00 -7.33 -6.22
CA THR A 144 -2.77 -6.12 -5.82
C THR A 144 -3.22 -5.34 -7.06
N LEU A 145 -2.31 -5.17 -8.02
CA LEU A 145 -2.58 -4.43 -9.29
C LEU A 145 -3.74 -5.09 -10.07
N VAL A 146 -3.69 -6.42 -10.19
CA VAL A 146 -4.76 -7.23 -10.83
C VAL A 146 -6.04 -7.21 -9.97
N ALA A 147 -5.87 -7.15 -8.64
CA ALA A 147 -6.98 -7.17 -7.66
C ALA A 147 -7.78 -5.86 -7.67
N ILE A 148 -7.09 -4.75 -8.01
CA ILE A 148 -7.73 -3.44 -8.20
C ILE A 148 -8.49 -3.46 -9.54
N GLN A 149 -7.88 -4.06 -10.58
CA GLN A 149 -8.49 -4.11 -11.93
C GLN A 149 -9.80 -4.94 -11.90
N ARG A 150 -9.72 -6.14 -11.31
CA ARG A 150 -10.80 -7.14 -11.37
C ARG A 150 -12.12 -6.61 -10.78
N ILE A 151 -12.02 -5.86 -9.67
CA ILE A 151 -13.19 -5.31 -8.96
C ILE A 151 -13.78 -4.12 -9.75
N LEU A 152 -12.92 -3.40 -10.51
CA LEU A 152 -13.35 -2.24 -11.31
C LEU A 152 -14.00 -2.66 -12.64
N GLU A 153 -13.64 -3.87 -13.13
CA GLU A 153 -14.29 -4.47 -14.32
C GLU A 153 -15.68 -5.03 -13.94
N VAL A 154 -15.76 -5.56 -12.69
CA VAL A 154 -17.05 -5.89 -12.02
C VAL A 154 -17.88 -4.60 -11.81
N GLU A 155 -17.17 -3.49 -11.51
CA GLU A 155 -17.78 -2.17 -11.24
C GLU A 155 -18.28 -1.49 -12.54
N LEU A 156 -17.80 -1.96 -13.71
CA LEU A 156 -18.32 -1.51 -15.02
C LEU A 156 -19.68 -2.16 -15.32
N GLU A 157 -20.06 -3.17 -14.53
CA GLU A 157 -21.39 -3.80 -14.58
C GLU A 157 -22.30 -3.24 -13.46
N HIS A 158 -21.71 -3.12 -12.25
CA HIS A 158 -22.42 -2.66 -11.04
C HIS A 158 -22.80 -1.16 -11.13
N HIS A 159 -21.83 -0.34 -11.55
CA HIS A 159 -22.00 1.12 -11.76
C HIS A 159 -22.37 1.84 -10.45
N HIS A 160 -21.37 2.00 -9.56
CA HIS A 160 -21.54 2.70 -8.28
C HIS A 160 -21.27 4.19 -8.51
N HIS A 161 -22.35 4.94 -8.80
CA HIS A 161 -22.28 6.39 -9.08
C HIS A 161 -22.21 7.16 -7.75
N HIS A 162 -21.11 6.92 -7.01
CA HIS A 162 -20.88 7.43 -5.65
C HIS A 162 -19.54 6.84 -5.17
N HIS A 163 -18.80 7.57 -4.33
CA HIS A 163 -17.62 7.03 -3.62
C HIS A 163 -18.12 6.35 -2.32
N MET A 1 22.34 -5.99 -5.01
CA MET A 1 22.64 -5.76 -3.58
C MET A 1 21.35 -5.35 -2.84
N PRO A 2 21.07 -5.91 -1.61
CA PRO A 2 19.82 -5.61 -0.83
C PRO A 2 19.91 -4.27 -0.06
N LYS A 3 20.47 -3.22 -0.70
CA LYS A 3 20.57 -1.84 -0.14
C LYS A 3 19.18 -1.34 0.33
N SER A 4 18.24 -1.36 -0.60
CA SER A 4 16.85 -0.94 -0.40
C SER A 4 15.93 -1.94 -1.10
N LEU A 5 15.04 -2.60 -0.34
CA LEU A 5 14.09 -3.58 -0.88
C LEU A 5 12.97 -2.83 -1.61
N THR A 6 13.20 -2.59 -2.91
CA THR A 6 12.29 -1.85 -3.78
C THR A 6 11.60 -2.81 -4.77
N PHE A 7 10.28 -2.64 -4.90
CA PHE A 7 9.46 -3.31 -5.91
C PHE A 7 8.39 -2.33 -6.36
N GLU A 8 7.93 -2.44 -7.61
CA GLU A 8 6.89 -1.57 -8.15
C GLU A 8 6.10 -2.32 -9.23
N ASP A 9 4.80 -1.97 -9.38
CA ASP A 9 3.92 -2.58 -10.39
C ASP A 9 2.83 -1.58 -10.80
N SER A 10 2.28 -1.77 -12.01
CA SER A 10 1.28 -0.87 -12.60
C SER A 10 0.30 -1.67 -13.49
N ILE A 11 -0.99 -1.33 -13.40
CA ILE A 11 -2.06 -1.99 -14.18
C ILE A 11 -3.15 -0.95 -14.53
N ASN A 12 -3.69 -1.01 -15.76
CA ASN A 12 -4.84 -0.18 -16.17
C ASN A 12 -6.13 -0.87 -15.74
N ILE A 13 -6.98 -0.13 -15.02
CA ILE A 13 -8.24 -0.61 -14.46
C ILE A 13 -9.39 0.04 -15.25
N ALA A 14 -10.37 -0.75 -15.71
CA ALA A 14 -11.56 -0.25 -16.41
C ALA A 14 -12.54 0.38 -15.38
N ALA A 15 -12.15 1.57 -14.88
CA ALA A 15 -12.84 2.24 -13.77
C ALA A 15 -12.35 3.71 -13.63
N PRO A 16 -13.26 4.68 -13.28
CA PRO A 16 -12.87 6.08 -12.98
C PRO A 16 -11.94 6.18 -11.75
N ILE A 17 -10.99 7.12 -11.82
CA ILE A 17 -9.92 7.30 -10.80
C ILE A 17 -10.49 7.53 -9.38
N ASN A 18 -11.70 8.11 -9.32
CA ASN A 18 -12.41 8.43 -8.07
C ASN A 18 -12.62 7.16 -7.22
N GLN A 19 -13.15 6.11 -7.85
CA GLN A 19 -13.43 4.83 -7.16
C GLN A 19 -12.15 3.97 -7.00
N VAL A 20 -11.13 4.22 -7.86
CA VAL A 20 -9.81 3.52 -7.81
C VAL A 20 -9.03 3.97 -6.56
N TYR A 21 -9.05 5.30 -6.30
CA TYR A 21 -8.46 5.90 -5.08
C TYR A 21 -9.23 5.44 -3.84
N ALA A 22 -10.55 5.25 -3.99
CA ALA A 22 -11.44 4.76 -2.92
C ALA A 22 -11.15 3.29 -2.57
N LEU A 23 -10.71 2.51 -3.58
CA LEU A 23 -10.43 1.07 -3.42
C LEU A 23 -9.07 0.88 -2.71
N VAL A 24 -8.06 1.70 -3.09
CA VAL A 24 -6.69 1.56 -2.56
C VAL A 24 -6.57 2.16 -1.13
N SER A 25 -7.27 3.29 -0.87
CA SER A 25 -7.29 3.95 0.47
C SER A 25 -8.36 3.32 1.40
N ASP A 26 -8.90 2.15 1.00
CA ASP A 26 -9.85 1.34 1.81
C ASP A 26 -9.11 0.51 2.90
N ILE A 27 -7.77 0.70 2.96
CA ILE A 27 -6.85 0.09 3.96
C ILE A 27 -7.36 0.14 5.42
N THR A 28 -8.08 1.23 5.75
CA THR A 28 -8.58 1.51 7.10
C THR A 28 -9.94 0.79 7.37
N ARG A 29 -10.66 1.27 8.42
CA ARG A 29 -11.99 0.76 8.84
C ARG A 29 -11.85 -0.60 9.55
N THR A 30 -11.64 -1.66 8.75
CA THR A 30 -11.56 -3.05 9.24
C THR A 30 -10.43 -3.81 8.51
N GLY A 31 -10.22 -3.45 7.22
CA GLY A 31 -9.35 -4.20 6.33
C GLY A 31 -10.12 -5.33 5.68
N GLU A 32 -10.68 -5.07 4.49
CA GLU A 32 -11.58 -6.02 3.76
C GLU A 32 -10.81 -7.33 3.41
N TRP A 33 -9.50 -7.18 3.13
CA TRP A 33 -8.61 -8.30 2.77
C TRP A 33 -8.51 -9.31 3.94
N SER A 34 -8.44 -8.78 5.17
CA SER A 34 -8.30 -9.57 6.42
C SER A 34 -8.41 -8.63 7.65
N PRO A 35 -9.00 -9.10 8.81
CA PRO A 35 -9.17 -8.25 10.02
C PRO A 35 -7.91 -8.18 10.90
N VAL A 36 -6.73 -8.27 10.25
CA VAL A 36 -5.40 -8.28 10.89
C VAL A 36 -5.00 -6.88 11.41
N CYS A 37 -5.82 -5.86 11.14
CA CYS A 37 -5.66 -4.51 11.69
C CYS A 37 -6.71 -4.33 12.80
N GLU A 38 -6.24 -4.24 14.06
CA GLU A 38 -7.11 -3.98 15.24
C GLU A 38 -7.71 -2.57 15.16
N LYS A 39 -6.83 -1.60 14.92
CA LYS A 39 -7.15 -0.18 15.09
C LYS A 39 -6.37 0.64 14.05
N CYS A 40 -7.10 1.49 13.33
CA CYS A 40 -6.53 2.35 12.27
C CYS A 40 -7.18 3.74 12.35
N TRP A 41 -6.34 4.77 12.23
CA TRP A 41 -6.74 6.18 12.14
C TRP A 41 -6.62 6.55 10.67
N TRP A 42 -7.68 7.16 10.12
CA TRP A 42 -7.90 7.28 8.67
C TRP A 42 -7.39 8.64 8.14
N ASP A 43 -6.67 8.59 7.00
CA ASP A 43 -6.08 9.75 6.31
C ASP A 43 -7.16 10.73 5.80
N GLU A 44 -8.25 10.18 5.22
CA GLU A 44 -9.37 10.99 4.69
C GLU A 44 -10.21 11.63 5.82
N ASP A 45 -10.30 10.91 6.97
CA ASP A 45 -10.98 11.41 8.19
C ASP A 45 -10.20 12.63 8.76
N GLU A 46 -8.86 12.57 8.64
CA GLU A 46 -7.97 13.71 8.98
C GLU A 46 -8.07 14.81 7.89
N GLY A 47 -8.17 14.36 6.64
CA GLY A 47 -8.04 15.23 5.46
C GLY A 47 -6.88 14.76 4.59
N PRO A 48 -7.11 14.25 3.35
CA PRO A 48 -6.05 13.62 2.50
C PRO A 48 -5.16 14.69 1.81
N VAL A 49 -4.38 15.41 2.65
CA VAL A 49 -3.51 16.52 2.22
C VAL A 49 -2.04 16.21 2.52
N VAL A 50 -1.14 17.07 2.00
CA VAL A 50 0.31 16.97 2.25
C VAL A 50 0.61 17.36 3.71
N GLY A 51 1.44 16.54 4.40
CA GLY A 51 1.80 16.79 5.80
C GLY A 51 0.89 16.06 6.80
N ALA A 52 -0.27 15.58 6.32
CA ALA A 52 -1.21 14.77 7.12
C ALA A 52 -0.57 13.40 7.44
N HIS A 53 -1.08 12.72 8.46
CA HIS A 53 -0.53 11.42 8.91
C HIS A 53 -1.67 10.54 9.43
N PHE A 54 -1.67 9.28 8.99
CA PHE A 54 -2.58 8.23 9.45
C PHE A 54 -1.75 7.10 10.08
N THR A 55 -2.40 6.14 10.75
CA THR A 55 -1.73 5.04 11.45
C THR A 55 -2.60 3.77 11.38
N GLY A 56 -1.95 2.59 11.44
CA GLY A 56 -2.65 1.32 11.51
C GLY A 56 -1.78 0.28 12.19
N ARG A 57 -2.26 -0.29 13.31
CA ARG A 57 -1.55 -1.39 14.00
C ARG A 57 -1.96 -2.75 13.42
N ASN A 58 -0.97 -3.45 12.86
CA ASN A 58 -1.12 -4.83 12.38
C ASN A 58 -0.91 -5.79 13.55
N VAL A 59 -1.97 -6.48 13.95
CA VAL A 59 -1.94 -7.54 14.96
C VAL A 59 -2.03 -8.92 14.27
N THR A 60 -0.93 -9.67 14.31
CA THR A 60 -0.84 -11.06 13.82
C THR A 60 -0.13 -11.92 14.89
N PRO A 61 -0.39 -13.27 14.97
CA PRO A 61 0.31 -14.17 15.93
C PRO A 61 1.85 -14.21 15.74
N GLU A 62 2.31 -13.73 14.56
CA GLU A 62 3.73 -13.50 14.28
C GLU A 62 4.22 -12.23 15.00
N ARG A 63 3.77 -11.03 14.55
CA ARG A 63 4.20 -9.73 15.12
C ARG A 63 3.00 -8.78 15.27
N THR A 64 3.07 -7.90 16.28
CA THR A 64 2.10 -6.81 16.46
C THR A 64 2.88 -5.48 16.61
N TRP A 65 2.58 -4.51 15.74
CA TRP A 65 3.28 -3.21 15.69
C TRP A 65 2.36 -2.16 15.03
N GLU A 66 2.38 -0.93 15.56
CA GLU A 66 1.63 0.21 15.01
C GLU A 66 2.55 1.01 14.06
N THR A 67 2.13 1.11 12.80
CA THR A 67 2.90 1.79 11.75
C THR A 67 2.27 3.16 11.45
N ARG A 68 3.02 4.23 11.77
CA ARG A 68 2.60 5.62 11.54
C ARG A 68 3.14 6.09 10.19
N SER A 69 2.22 6.41 9.29
CA SER A 69 2.52 6.78 7.91
C SER A 69 2.16 8.26 7.68
N GLU A 70 3.19 9.08 7.39
CA GLU A 70 3.01 10.51 7.08
C GLU A 70 3.01 10.70 5.57
N VAL A 71 1.92 11.29 5.08
CA VAL A 71 1.71 11.59 3.66
C VAL A 71 2.68 12.70 3.20
N ILE A 72 3.72 12.28 2.46
CA ILE A 72 4.78 13.18 1.98
C ILE A 72 4.32 14.00 0.74
N VAL A 73 3.32 13.46 0.03
CA VAL A 73 2.70 14.11 -1.14
C VAL A 73 1.28 13.56 -1.32
N ALA A 74 0.32 14.46 -1.59
CA ALA A 74 -1.08 14.09 -1.86
C ALA A 74 -1.68 15.07 -2.87
N GLU A 75 -1.80 14.62 -4.12
CA GLU A 75 -2.66 15.25 -5.11
C GLU A 75 -4.00 14.51 -5.04
N PRO A 76 -5.03 15.10 -4.35
CA PRO A 76 -6.30 14.40 -4.04
C PRO A 76 -6.96 13.82 -5.30
N ASN A 77 -7.00 12.47 -5.36
CA ASN A 77 -7.58 11.69 -6.46
C ASN A 77 -6.70 11.77 -7.73
N ARG A 78 -5.36 11.74 -7.54
CA ARG A 78 -4.38 11.71 -8.65
C ARG A 78 -3.12 10.93 -8.23
N CYS A 79 -2.55 11.28 -7.06
CA CYS A 79 -1.43 10.55 -6.46
C CYS A 79 -1.52 10.60 -4.93
N PHE A 80 -1.07 9.53 -4.27
CA PHE A 80 -1.05 9.43 -2.81
C PHE A 80 0.27 8.75 -2.40
N GLY A 81 1.22 9.57 -1.92
CA GLY A 81 2.54 9.11 -1.51
C GLY A 81 2.73 9.34 -0.02
N TRP A 82 3.08 8.26 0.70
CA TRP A 82 3.19 8.26 2.16
C TRP A 82 4.32 7.34 2.61
N SER A 83 4.95 7.70 3.74
CA SER A 83 6.11 6.99 4.28
C SER A 83 5.83 6.52 5.72
N VAL A 84 6.04 5.20 5.95
CA VAL A 84 5.98 4.59 7.28
C VAL A 84 7.26 4.96 8.06
N THR A 85 7.08 5.45 9.31
CA THR A 85 8.16 6.02 10.15
C THR A 85 8.70 7.33 9.50
N ASP A 86 9.79 7.93 10.05
CA ASP A 86 10.46 9.12 9.45
C ASP A 86 10.91 8.82 8.00
N GLY A 87 11.21 7.54 7.75
CA GLY A 87 11.65 7.08 6.44
C GLY A 87 12.20 5.66 6.53
N ASN A 88 11.30 4.70 6.75
CA ASN A 88 11.63 3.25 6.79
C ASN A 88 11.04 2.54 5.57
N VAL A 89 9.74 2.76 5.35
CA VAL A 89 9.02 2.26 4.15
C VAL A 89 8.43 3.49 3.44
N LYS A 90 8.38 3.46 2.09
CA LYS A 90 7.92 4.59 1.27
C LYS A 90 7.07 4.06 0.11
N TRP A 91 5.75 4.23 0.24
CA TRP A 91 4.77 3.83 -0.77
C TRP A 91 4.38 5.05 -1.62
N ILE A 92 4.56 4.97 -2.93
CA ILE A 92 4.13 6.01 -3.87
C ILE A 92 3.06 5.43 -4.81
N TYR A 93 1.81 5.88 -4.68
CA TYR A 93 0.70 5.47 -5.56
C TYR A 93 0.42 6.59 -6.56
N SER A 94 0.88 6.42 -7.81
CA SER A 94 0.62 7.36 -8.90
C SER A 94 -0.49 6.78 -9.80
N MET A 95 -1.55 7.56 -10.00
CA MET A 95 -2.74 7.13 -10.78
C MET A 95 -2.91 8.02 -12.00
N GLU A 96 -3.12 7.39 -13.16
CA GLU A 96 -3.27 8.08 -14.45
C GLU A 96 -4.77 8.17 -14.82
N PRO A 97 -5.44 9.35 -14.59
CA PRO A 97 -6.89 9.53 -14.85
C PRO A 97 -7.21 9.61 -16.35
N LEU A 98 -7.56 8.47 -16.94
CA LEU A 98 -7.94 8.36 -18.36
C LEU A 98 -9.48 8.32 -18.49
N GLU A 99 -9.98 8.43 -19.73
CA GLU A 99 -11.41 8.24 -20.02
C GLU A 99 -11.75 6.74 -19.99
N GLU A 100 -10.83 5.92 -20.54
CA GLU A 100 -10.97 4.46 -20.63
C GLU A 100 -10.94 3.78 -19.24
N GLY A 101 -10.26 4.44 -18.28
CA GLY A 101 -10.07 3.91 -16.95
C GLY A 101 -9.01 4.68 -16.18
N THR A 102 -8.17 3.96 -15.41
CA THR A 102 -7.13 4.57 -14.58
C THR A 102 -5.98 3.57 -14.37
N VAL A 103 -4.75 4.00 -14.65
CA VAL A 103 -3.57 3.15 -14.45
C VAL A 103 -3.08 3.32 -13.00
N LEU A 104 -3.38 2.32 -12.15
CA LEU A 104 -2.89 2.29 -10.75
C LEU A 104 -1.43 1.82 -10.80
N THR A 105 -0.54 2.77 -10.56
CA THR A 105 0.90 2.52 -10.44
C THR A 105 1.28 2.70 -8.96
N GLU A 106 2.04 1.76 -8.41
CA GLU A 106 2.57 1.88 -7.05
C GLU A 106 4.09 1.64 -7.05
N SER A 107 4.75 2.11 -5.99
CA SER A 107 6.18 1.86 -5.73
C SER A 107 6.41 1.62 -4.23
N TRP A 108 6.72 0.37 -3.88
CA TRP A 108 7.17 -0.01 -2.53
C TRP A 108 8.68 0.21 -2.42
N GLU A 109 9.08 1.10 -1.50
CA GLU A 109 10.50 1.44 -1.27
C GLU A 109 10.83 1.25 0.22
N PHE A 110 11.28 0.05 0.57
CA PHE A 110 11.76 -0.27 1.91
C PHE A 110 13.23 0.15 1.99
N THR A 111 13.45 1.36 2.54
CA THR A 111 14.74 2.06 2.52
C THR A 111 15.83 1.33 3.35
N PRO A 112 17.16 1.65 3.15
CA PRO A 112 18.29 1.08 3.95
C PRO A 112 18.14 1.22 5.49
N LYS A 113 17.17 2.05 5.93
CA LYS A 113 16.79 2.22 7.35
C LYS A 113 16.47 0.86 8.02
N GLY A 114 15.57 0.09 7.38
CA GLY A 114 15.13 -1.20 7.92
C GLY A 114 16.16 -2.30 7.73
N GLN A 115 16.85 -2.27 6.58
CA GLN A 115 18.01 -3.17 6.30
C GLN A 115 19.08 -3.03 7.39
N ARG A 116 19.34 -1.78 7.79
CA ARG A 116 20.30 -1.44 8.87
C ARG A 116 19.81 -2.00 10.22
N PHE A 117 18.51 -1.83 10.47
CA PHE A 117 17.85 -2.25 11.72
C PHE A 117 17.96 -3.78 11.92
N PHE A 118 17.67 -4.53 10.83
CA PHE A 118 17.65 -6.01 10.86
C PHE A 118 19.07 -6.60 10.81
N HIS A 119 20.01 -5.86 10.20
CA HIS A 119 21.43 -6.23 10.13
C HIS A 119 22.10 -6.04 11.51
N ASP A 120 21.52 -5.15 12.33
CA ASP A 120 21.92 -4.95 13.73
C ASP A 120 21.16 -5.96 14.64
N LYS A 121 19.90 -6.23 14.28
CA LYS A 121 18.97 -7.08 15.06
C LYS A 121 19.43 -8.55 15.03
N PHE A 122 19.98 -8.98 13.87
CA PHE A 122 20.45 -10.37 13.65
C PHE A 122 21.82 -10.38 12.96
N GLY A 123 21.89 -9.74 11.78
CA GLY A 123 23.09 -9.75 10.95
C GLY A 123 23.14 -11.00 10.07
N ASP A 124 23.29 -12.15 10.73
CA ASP A 124 23.27 -13.48 10.06
C ASP A 124 21.85 -13.81 9.57
N LYS A 125 20.87 -13.76 10.50
CA LYS A 125 19.45 -14.04 10.19
C LYS A 125 18.72 -12.80 9.64
N SER A 126 19.49 -11.73 9.34
CA SER A 126 18.98 -10.53 8.65
C SER A 126 18.50 -10.89 7.22
N ILE A 127 19.09 -11.98 6.66
CA ILE A 127 18.72 -12.55 5.35
C ILE A 127 17.24 -12.96 5.33
N GLU A 128 16.77 -13.58 6.44
CA GLU A 128 15.35 -13.97 6.59
C GLU A 128 14.45 -12.74 6.54
N GLU A 129 14.82 -11.73 7.33
CA GLU A 129 14.05 -10.47 7.45
C GLU A 129 13.87 -9.79 6.08
N ILE A 130 14.98 -9.61 5.36
CA ILE A 130 15.00 -8.83 4.12
C ILE A 130 14.41 -9.61 2.92
N GLU A 131 14.74 -10.91 2.82
CA GLU A 131 14.32 -11.76 1.70
C GLU A 131 12.81 -12.05 1.77
N LYS A 132 12.36 -12.49 2.96
CA LYS A 132 10.95 -12.87 3.20
C LYS A 132 10.00 -11.66 3.08
N ARG A 133 10.44 -10.48 3.56
CA ARG A 133 9.67 -9.23 3.45
C ARG A 133 9.51 -8.82 1.97
N ARG A 134 10.57 -9.09 1.19
CA ARG A 134 10.57 -8.87 -0.26
C ARG A 134 9.66 -9.91 -0.97
N LEU A 135 9.70 -11.18 -0.50
CA LEU A 135 8.89 -12.30 -1.05
C LEU A 135 7.39 -12.05 -0.81
N ALA A 136 7.10 -11.40 0.33
CA ALA A 136 5.74 -10.97 0.70
C ALA A 136 5.23 -9.88 -0.25
N ALA A 137 6.17 -9.11 -0.83
CA ALA A 137 5.88 -8.08 -1.82
C ALA A 137 5.74 -8.68 -3.24
N ILE A 138 6.54 -9.73 -3.53
CA ILE A 138 6.50 -10.45 -4.83
C ILE A 138 5.20 -11.27 -4.94
N THR A 139 4.67 -11.72 -3.78
CA THR A 139 3.40 -12.45 -3.71
C THR A 139 2.23 -11.45 -3.61
N GLY A 140 2.34 -10.51 -2.66
CA GLY A 140 1.26 -9.63 -2.27
C GLY A 140 0.93 -8.55 -3.31
N ILE A 141 1.93 -7.71 -3.63
CA ILE A 141 1.74 -6.49 -4.44
C ILE A 141 1.12 -6.76 -5.85
N PRO A 142 1.76 -7.58 -6.77
CA PRO A 142 1.25 -7.72 -8.17
C PRO A 142 -0.13 -8.43 -8.20
N GLU A 143 -0.41 -9.23 -7.17
CA GLU A 143 -1.71 -9.87 -6.95
C GLU A 143 -2.76 -8.82 -6.56
N THR A 144 -2.37 -7.89 -5.68
CA THR A 144 -3.24 -6.78 -5.19
C THR A 144 -3.57 -5.83 -6.36
N LEU A 145 -2.59 -5.57 -7.23
CA LEU A 145 -2.76 -4.74 -8.46
C LEU A 145 -3.88 -5.34 -9.36
N VAL A 146 -3.74 -6.64 -9.65
CA VAL A 146 -4.72 -7.39 -10.46
C VAL A 146 -6.08 -7.48 -9.73
N ALA A 147 -6.04 -7.58 -8.38
CA ALA A 147 -7.24 -7.77 -7.54
C ALA A 147 -8.09 -6.49 -7.43
N ILE A 148 -7.43 -5.31 -7.39
CA ILE A 148 -8.11 -3.99 -7.39
C ILE A 148 -8.83 -3.79 -8.73
N GLN A 149 -8.14 -4.18 -9.80
CA GLN A 149 -8.69 -4.16 -11.16
C GLN A 149 -9.87 -5.14 -11.30
N ARG A 150 -9.68 -6.35 -10.73
CA ARG A 150 -10.63 -7.47 -10.85
C ARG A 150 -11.97 -7.15 -10.16
N ILE A 151 -11.90 -6.66 -8.90
CA ILE A 151 -13.12 -6.39 -8.08
C ILE A 151 -13.98 -5.27 -8.72
N LEU A 152 -13.32 -4.32 -9.41
CA LEU A 152 -13.98 -3.18 -10.09
C LEU A 152 -14.57 -3.63 -11.44
N GLU A 153 -13.95 -4.63 -12.10
CA GLU A 153 -14.49 -5.23 -13.34
C GLU A 153 -15.63 -6.22 -13.03
N VAL A 154 -15.57 -6.88 -11.86
CA VAL A 154 -16.65 -7.78 -11.37
C VAL A 154 -17.86 -6.93 -10.93
N GLU A 155 -17.57 -5.73 -10.40
CA GLU A 155 -18.59 -4.73 -10.01
C GLU A 155 -19.44 -4.32 -11.23
N LEU A 156 -18.78 -4.26 -12.39
CA LEU A 156 -19.41 -3.93 -13.67
C LEU A 156 -20.02 -5.18 -14.34
N GLU A 157 -19.30 -6.33 -14.23
CA GLU A 157 -19.62 -7.58 -14.96
C GLU A 157 -19.99 -8.71 -13.97
N HIS A 158 -20.98 -8.42 -13.09
CA HIS A 158 -21.49 -9.40 -12.10
C HIS A 158 -22.13 -10.59 -12.82
N HIS A 159 -21.41 -11.75 -12.79
CA HIS A 159 -21.84 -13.03 -13.39
C HIS A 159 -21.77 -13.00 -14.95
N HIS A 160 -21.16 -11.92 -15.49
CA HIS A 160 -20.85 -11.83 -16.92
C HIS A 160 -19.37 -12.21 -17.14
N HIS A 161 -19.12 -13.53 -17.05
CA HIS A 161 -17.79 -14.12 -17.28
C HIS A 161 -17.98 -15.39 -18.15
N HIS A 162 -18.56 -15.17 -19.33
CA HIS A 162 -18.87 -16.22 -20.30
C HIS A 162 -17.60 -16.64 -21.07
N HIS A 163 -17.36 -17.98 -21.07
CA HIS A 163 -16.25 -18.62 -21.79
C HIS A 163 -14.87 -18.10 -21.31
N MET A 1 22.05 1.81 -10.79
CA MET A 1 22.50 1.67 -9.38
C MET A 1 21.54 0.71 -8.65
N PRO A 2 22.07 -0.24 -7.78
CA PRO A 2 21.22 -1.08 -6.88
C PRO A 2 20.20 -0.26 -6.07
N LYS A 3 20.64 0.94 -5.60
CA LYS A 3 19.77 2.00 -5.04
C LYS A 3 19.20 1.60 -3.66
N SER A 4 18.21 0.70 -3.65
CA SER A 4 17.56 0.21 -2.44
C SER A 4 16.76 -1.06 -2.78
N LEU A 5 16.08 -1.64 -1.78
CA LEU A 5 15.05 -2.67 -2.04
C LEU A 5 13.82 -1.94 -2.61
N THR A 6 13.82 -1.74 -3.93
CA THR A 6 12.78 -0.96 -4.62
C THR A 6 12.14 -1.80 -5.72
N PHE A 7 10.81 -1.73 -5.85
CA PHE A 7 10.07 -2.43 -6.90
C PHE A 7 8.86 -1.59 -7.32
N GLU A 8 8.56 -1.64 -8.63
CA GLU A 8 7.47 -0.88 -9.24
C GLU A 8 6.65 -1.80 -10.16
N ASP A 9 5.35 -1.53 -10.26
CA ASP A 9 4.43 -2.26 -11.15
C ASP A 9 3.25 -1.35 -11.52
N SER A 10 2.60 -1.63 -12.66
CA SER A 10 1.52 -0.78 -13.20
C SER A 10 0.52 -1.64 -13.99
N ILE A 11 -0.75 -1.21 -14.01
CA ILE A 11 -1.80 -1.84 -14.81
C ILE A 11 -2.89 -0.81 -15.14
N ASN A 12 -3.45 -0.89 -16.36
CA ASN A 12 -4.60 -0.06 -16.76
C ASN A 12 -5.89 -0.80 -16.37
N ILE A 13 -6.48 -0.35 -15.27
CA ILE A 13 -7.76 -0.86 -14.76
C ILE A 13 -8.91 -0.32 -15.63
N ALA A 14 -9.81 -1.20 -16.09
CA ALA A 14 -11.02 -0.80 -16.82
C ALA A 14 -12.10 -0.33 -15.82
N ALA A 15 -11.82 0.83 -15.20
CA ALA A 15 -12.68 1.47 -14.21
C ALA A 15 -12.22 2.93 -14.01
N PRO A 16 -13.17 3.89 -13.75
CA PRO A 16 -12.82 5.32 -13.52
C PRO A 16 -11.92 5.53 -12.28
N ILE A 17 -11.17 6.64 -12.29
CA ILE A 17 -10.10 6.90 -11.30
C ILE A 17 -10.66 7.18 -9.89
N ASN A 18 -11.89 7.70 -9.82
CA ASN A 18 -12.57 7.94 -8.54
C ASN A 18 -12.96 6.60 -7.86
N GLN A 19 -13.22 5.59 -8.72
CA GLN A 19 -13.51 4.21 -8.28
C GLN A 19 -12.22 3.51 -7.80
N VAL A 20 -11.15 3.67 -8.62
CA VAL A 20 -9.82 3.13 -8.32
C VAL A 20 -9.27 3.71 -7.00
N TYR A 21 -9.43 5.03 -6.83
CA TYR A 21 -9.00 5.76 -5.63
C TYR A 21 -9.84 5.35 -4.41
N ALA A 22 -11.14 5.07 -4.64
CA ALA A 22 -12.06 4.58 -3.59
C ALA A 22 -11.66 3.17 -3.09
N LEU A 23 -10.89 2.44 -3.92
CA LEU A 23 -10.33 1.13 -3.54
C LEU A 23 -8.95 1.32 -2.84
N VAL A 24 -8.09 2.17 -3.44
CA VAL A 24 -6.66 2.34 -3.05
C VAL A 24 -6.48 3.18 -1.75
N SER A 25 -7.44 4.08 -1.47
CA SER A 25 -7.37 4.95 -0.28
C SER A 25 -7.99 4.23 0.95
N ASP A 26 -7.78 4.84 2.14
CA ASP A 26 -8.25 4.33 3.46
C ASP A 26 -7.50 3.05 3.89
N ILE A 27 -7.07 3.01 5.16
CA ILE A 27 -6.25 1.90 5.74
C ILE A 27 -7.09 0.92 6.56
N THR A 28 -8.34 1.30 6.92
CA THR A 28 -9.22 0.41 7.71
C THR A 28 -9.97 -0.53 6.77
N ARG A 29 -10.82 0.06 5.90
CA ARG A 29 -11.66 -0.64 4.90
C ARG A 29 -12.56 -1.70 5.56
N THR A 30 -12.00 -2.91 5.80
CA THR A 30 -12.64 -4.01 6.51
C THR A 30 -11.57 -4.71 7.38
N GLY A 31 -11.87 -4.88 8.68
CA GLY A 31 -10.89 -5.38 9.67
C GLY A 31 -10.88 -6.90 9.85
N GLU A 32 -11.47 -7.63 8.86
CA GLU A 32 -11.65 -9.11 8.89
C GLU A 32 -12.59 -9.53 10.04
N TRP A 33 -13.84 -9.93 9.68
CA TRP A 33 -14.93 -10.33 10.62
C TRP A 33 -15.58 -9.12 11.32
N SER A 34 -14.74 -8.21 11.83
CA SER A 34 -15.13 -7.14 12.75
C SER A 34 -13.96 -6.13 12.85
N PRO A 35 -14.15 -4.88 13.40
CA PRO A 35 -13.04 -3.90 13.56
C PRO A 35 -12.10 -4.30 14.74
N VAL A 36 -11.28 -5.36 14.51
CA VAL A 36 -10.33 -5.89 15.52
C VAL A 36 -9.03 -5.06 15.57
N CYS A 37 -8.99 -3.97 14.79
CA CYS A 37 -7.92 -2.97 14.85
C CYS A 37 -8.01 -2.20 16.17
N GLU A 38 -6.94 -2.27 16.99
CA GLU A 38 -6.87 -1.60 18.31
C GLU A 38 -7.10 -0.09 18.19
N LYS A 39 -6.41 0.52 17.23
CA LYS A 39 -6.39 1.96 17.02
C LYS A 39 -6.17 2.24 15.54
N CYS A 40 -6.99 3.13 14.96
CA CYS A 40 -6.90 3.49 13.55
C CYS A 40 -7.28 4.97 13.35
N TRP A 41 -6.30 5.75 12.85
CA TRP A 41 -6.47 7.17 12.50
C TRP A 41 -6.59 7.27 10.97
N TRP A 42 -7.70 7.84 10.50
CA TRP A 42 -8.00 7.98 9.05
C TRP A 42 -7.28 9.21 8.45
N ASP A 43 -7.27 9.28 7.10
CA ASP A 43 -6.84 10.47 6.36
C ASP A 43 -7.79 11.64 6.67
N GLU A 44 -9.09 11.32 6.77
CA GLU A 44 -10.20 12.28 7.02
C GLU A 44 -10.05 13.02 8.36
N ASP A 45 -9.29 12.43 9.30
CA ASP A 45 -8.96 13.04 10.62
C ASP A 45 -8.27 14.40 10.42
N GLU A 46 -7.47 14.50 9.35
CA GLU A 46 -6.67 15.70 9.00
C GLU A 46 -6.94 16.14 7.54
N GLY A 47 -7.83 15.40 6.83
CA GLY A 47 -8.04 15.58 5.38
C GLY A 47 -6.93 14.92 4.55
N PRO A 48 -7.23 14.22 3.41
CA PRO A 48 -6.21 13.55 2.56
C PRO A 48 -5.27 14.55 1.83
N VAL A 49 -4.32 15.10 2.60
CA VAL A 49 -3.36 16.14 2.14
C VAL A 49 -1.92 15.76 2.57
N VAL A 50 -0.94 16.48 1.99
CA VAL A 50 0.49 16.32 2.34
C VAL A 50 0.73 16.81 3.79
N GLY A 51 0.68 15.87 4.73
CA GLY A 51 0.80 16.18 6.16
C GLY A 51 -0.07 15.28 7.01
N ALA A 52 -1.17 14.79 6.42
CA ALA A 52 -2.05 13.78 7.05
C ALA A 52 -1.28 12.47 7.27
N HIS A 53 -1.68 11.68 8.27
CA HIS A 53 -0.98 10.43 8.59
C HIS A 53 -1.97 9.35 9.07
N PHE A 54 -1.87 8.18 8.43
CA PHE A 54 -2.52 6.95 8.87
C PHE A 54 -1.72 6.34 10.03
N THR A 55 -2.40 5.76 11.02
CA THR A 55 -1.78 4.96 12.07
C THR A 55 -2.76 3.87 12.50
N GLY A 56 -2.42 2.59 12.18
CA GLY A 56 -3.29 1.46 12.45
C GLY A 56 -2.53 0.31 13.10
N ARG A 57 -3.01 -0.15 14.28
CA ARG A 57 -2.47 -1.36 14.94
C ARG A 57 -3.49 -2.49 14.89
N ASN A 58 -3.06 -3.65 14.38
CA ASN A 58 -3.82 -4.92 14.49
C ASN A 58 -3.48 -5.57 15.83
N VAL A 59 -4.53 -5.91 16.62
CA VAL A 59 -4.38 -6.67 17.87
C VAL A 59 -5.04 -8.06 17.71
N THR A 60 -4.25 -9.09 18.03
CA THR A 60 -4.67 -10.50 18.01
C THR A 60 -3.76 -11.26 19.01
N PRO A 61 -4.27 -12.26 19.80
CA PRO A 61 -3.43 -13.11 20.70
C PRO A 61 -2.13 -13.67 20.05
N GLU A 62 -2.17 -13.93 18.73
CA GLU A 62 -1.01 -14.43 17.97
C GLU A 62 -0.23 -13.30 17.27
N ARG A 63 -0.92 -12.19 16.90
CA ARG A 63 -0.33 -11.13 16.06
C ARG A 63 -0.61 -9.73 16.61
N THR A 64 0.46 -8.93 16.68
CA THR A 64 0.40 -7.53 17.14
C THR A 64 1.43 -6.72 16.33
N TRP A 65 0.97 -5.66 15.65
CA TRP A 65 1.84 -4.78 14.87
C TRP A 65 1.09 -3.49 14.52
N GLU A 66 1.83 -2.36 14.48
CA GLU A 66 1.29 -1.05 14.12
C GLU A 66 2.12 -0.43 12.97
N THR A 67 1.48 0.42 12.17
CA THR A 67 2.13 1.10 11.05
C THR A 67 1.70 2.58 11.04
N ARG A 68 2.66 3.51 11.25
CA ARG A 68 2.40 4.95 11.08
C ARG A 68 2.84 5.36 9.66
N SER A 69 1.85 5.39 8.76
CA SER A 69 2.05 5.70 7.34
C SER A 69 1.64 7.15 7.08
N GLU A 70 2.63 8.04 6.90
CA GLU A 70 2.36 9.49 6.78
C GLU A 70 2.38 9.90 5.31
N VAL A 71 1.25 10.50 4.86
CA VAL A 71 1.06 10.97 3.48
C VAL A 71 2.10 12.06 3.13
N ILE A 72 3.13 11.65 2.37
CA ILE A 72 4.21 12.54 1.93
C ILE A 72 3.84 13.25 0.61
N VAL A 73 2.87 12.67 -0.13
CA VAL A 73 2.37 13.23 -1.39
C VAL A 73 0.86 12.94 -1.51
N ALA A 74 0.09 14.01 -1.78
CA ALA A 74 -1.35 13.94 -2.00
C ALA A 74 -1.71 14.97 -3.08
N GLU A 75 -1.93 14.46 -4.29
CA GLU A 75 -2.31 15.25 -5.45
C GLU A 75 -3.62 14.69 -5.99
N PRO A 76 -4.71 15.52 -6.07
CA PRO A 76 -6.07 15.07 -6.45
C PRO A 76 -6.10 14.26 -7.77
N ASN A 77 -6.23 12.93 -7.63
CA ASN A 77 -6.39 11.98 -8.75
C ASN A 77 -5.13 11.98 -9.66
N ARG A 78 -3.95 12.27 -9.08
CA ARG A 78 -2.66 12.31 -9.82
C ARG A 78 -1.63 11.40 -9.15
N CYS A 79 -1.24 11.71 -7.90
CA CYS A 79 -0.29 10.88 -7.12
C CYS A 79 -0.61 10.99 -5.62
N PHE A 80 -0.92 9.85 -5.00
CA PHE A 80 -1.21 9.74 -3.57
C PHE A 80 -0.34 8.62 -2.97
N GLY A 81 0.53 8.97 -2.02
CA GLY A 81 1.48 8.04 -1.44
C GLY A 81 1.95 8.48 -0.06
N TRP A 82 2.51 7.52 0.68
CA TRP A 82 2.91 7.71 2.08
C TRP A 82 4.27 7.05 2.36
N SER A 83 4.75 7.22 3.59
CA SER A 83 5.95 6.55 4.10
C SER A 83 5.62 5.89 5.45
N VAL A 84 5.77 4.57 5.52
CA VAL A 84 5.53 3.76 6.72
C VAL A 84 6.76 3.81 7.64
N THR A 85 6.51 4.05 8.94
CA THR A 85 7.54 4.15 9.99
C THR A 85 8.57 5.24 9.63
N ASP A 86 8.05 6.49 9.58
CA ASP A 86 8.80 7.74 9.28
C ASP A 86 9.21 7.79 7.79
N GLY A 87 10.17 6.94 7.41
CA GLY A 87 10.59 6.79 6.02
C GLY A 87 11.35 5.49 5.78
N ASN A 88 11.03 4.45 6.58
CA ASN A 88 11.61 3.11 6.42
C ASN A 88 11.10 2.47 5.14
N VAL A 89 9.78 2.33 5.06
CA VAL A 89 9.07 1.83 3.87
C VAL A 89 8.37 3.02 3.21
N LYS A 90 8.30 3.04 1.87
CA LYS A 90 7.59 4.07 1.11
C LYS A 90 6.69 3.39 0.07
N TRP A 91 5.42 3.82 0.01
CA TRP A 91 4.45 3.36 -1.00
C TRP A 91 3.96 4.58 -1.78
N ILE A 92 4.17 4.60 -3.11
CA ILE A 92 3.78 5.74 -3.96
C ILE A 92 2.84 5.24 -5.06
N TYR A 93 1.57 5.67 -5.01
CA TYR A 93 0.55 5.27 -5.99
C TYR A 93 0.28 6.45 -6.93
N SER A 94 0.86 6.41 -8.13
CA SER A 94 0.50 7.30 -9.23
C SER A 94 -0.76 6.73 -9.91
N MET A 95 -1.61 7.61 -10.46
CA MET A 95 -2.91 7.21 -11.02
C MET A 95 -3.27 8.14 -12.18
N GLU A 96 -3.31 7.57 -13.40
CA GLU A 96 -3.57 8.32 -14.65
C GLU A 96 -5.08 8.26 -14.98
N PRO A 97 -5.81 9.42 -14.89
CA PRO A 97 -7.27 9.46 -15.13
C PRO A 97 -7.62 9.37 -16.63
N LEU A 98 -7.62 8.14 -17.17
CA LEU A 98 -7.99 7.90 -18.58
C LEU A 98 -9.52 7.87 -18.73
N GLU A 99 -10.00 8.13 -19.95
CA GLU A 99 -11.42 8.04 -20.28
C GLU A 99 -11.85 6.55 -20.41
N GLU A 100 -10.88 5.69 -20.79
CA GLU A 100 -11.09 4.24 -20.94
C GLU A 100 -10.97 3.50 -19.58
N GLY A 101 -10.16 4.07 -18.67
CA GLY A 101 -9.88 3.43 -17.38
C GLY A 101 -8.91 4.26 -16.53
N THR A 102 -7.95 3.60 -15.87
CA THR A 102 -6.96 4.27 -15.01
C THR A 102 -5.68 3.45 -14.92
N VAL A 103 -4.52 4.06 -15.24
CA VAL A 103 -3.23 3.39 -15.07
C VAL A 103 -2.71 3.64 -13.64
N LEU A 104 -2.96 2.67 -12.74
CA LEU A 104 -2.45 2.71 -11.37
C LEU A 104 -1.01 2.15 -11.39
N THR A 105 -0.07 2.97 -10.93
CA THR A 105 1.36 2.63 -10.87
C THR A 105 1.83 2.70 -9.40
N GLU A 106 2.19 1.55 -8.84
CA GLU A 106 2.70 1.43 -7.48
C GLU A 106 4.24 1.58 -7.53
N SER A 107 4.83 2.22 -6.49
CA SER A 107 6.29 2.37 -6.35
C SER A 107 6.66 2.17 -4.88
N TRP A 108 7.24 1.01 -4.58
CA TRP A 108 7.65 0.63 -3.22
C TRP A 108 9.17 0.80 -3.06
N GLU A 109 9.58 1.23 -1.87
CA GLU A 109 10.98 1.25 -1.45
C GLU A 109 11.07 0.78 0.00
N PHE A 110 12.16 0.07 0.31
CA PHE A 110 12.56 -0.30 1.66
C PHE A 110 14.00 0.20 1.81
N THR A 111 14.13 1.33 2.50
CA THR A 111 15.41 1.99 2.72
C THR A 111 16.30 1.12 3.66
N PRO A 112 17.67 1.24 3.58
CA PRO A 112 18.62 0.47 4.43
C PRO A 112 18.42 0.63 5.96
N LYS A 113 17.50 1.53 6.37
CA LYS A 113 17.13 1.77 7.79
C LYS A 113 16.67 0.48 8.49
N GLY A 114 15.58 -0.12 7.99
CA GLY A 114 14.95 -1.29 8.61
C GLY A 114 15.83 -2.52 8.59
N GLN A 115 16.44 -2.80 7.42
CA GLN A 115 17.29 -3.99 7.22
C GLN A 115 18.58 -3.90 8.05
N ARG A 116 19.00 -2.67 8.42
CA ARG A 116 20.20 -2.42 9.26
C ARG A 116 19.98 -2.96 10.68
N PHE A 117 18.73 -2.87 11.17
CA PHE A 117 18.33 -3.42 12.48
C PHE A 117 18.52 -4.95 12.50
N PHE A 118 18.03 -5.61 11.44
CA PHE A 118 18.15 -7.07 11.26
C PHE A 118 19.60 -7.46 10.92
N HIS A 119 20.34 -6.53 10.31
CA HIS A 119 21.77 -6.73 9.95
C HIS A 119 22.65 -6.61 11.20
N ASP A 120 22.16 -5.87 12.21
CA ASP A 120 22.87 -5.63 13.47
C ASP A 120 22.83 -6.89 14.36
N LYS A 121 21.65 -7.53 14.44
CA LYS A 121 21.45 -8.76 15.25
C LYS A 121 21.80 -10.01 14.42
N PHE A 122 21.12 -10.12 13.27
CA PHE A 122 21.28 -11.26 12.35
C PHE A 122 22.23 -10.87 11.20
N GLY A 123 23.50 -10.55 11.53
CA GLY A 123 24.51 -10.14 10.54
C GLY A 123 24.78 -11.20 9.47
N ASP A 124 24.67 -12.47 9.88
CA ASP A 124 24.85 -13.63 9.00
C ASP A 124 23.57 -13.88 8.15
N LYS A 125 22.41 -13.81 8.82
CA LYS A 125 21.09 -14.13 8.23
C LYS A 125 20.44 -12.90 7.54
N SER A 126 21.19 -11.78 7.50
CA SER A 126 20.74 -10.50 6.90
C SER A 126 20.48 -10.64 5.39
N ILE A 127 21.18 -11.59 4.74
CA ILE A 127 21.00 -11.88 3.30
C ILE A 127 19.60 -12.49 3.07
N GLU A 128 19.18 -13.40 3.98
CA GLU A 128 17.85 -14.03 3.94
C GLU A 128 16.75 -13.01 4.23
N GLU A 129 17.07 -12.00 5.08
CA GLU A 129 16.13 -10.93 5.46
C GLU A 129 15.84 -9.99 4.28
N ILE A 130 16.91 -9.43 3.67
CA ILE A 130 16.77 -8.50 2.54
C ILE A 130 16.13 -9.19 1.33
N GLU A 131 16.41 -10.51 1.22
CA GLU A 131 15.85 -11.36 0.16
C GLU A 131 14.37 -11.66 0.43
N LYS A 132 14.01 -11.77 1.73
CA LYS A 132 12.62 -12.01 2.16
C LYS A 132 11.76 -10.81 1.76
N ARG A 133 12.31 -9.59 1.94
CA ARG A 133 11.64 -8.32 1.65
C ARG A 133 11.48 -8.09 0.14
N ARG A 134 12.57 -8.33 -0.62
CA ARG A 134 12.59 -8.07 -2.07
C ARG A 134 11.70 -9.07 -2.82
N LEU A 135 11.75 -10.37 -2.45
CA LEU A 135 10.93 -11.43 -3.10
C LEU A 135 9.44 -11.21 -2.82
N ALA A 136 9.12 -10.86 -1.55
CA ALA A 136 7.73 -10.60 -1.11
C ALA A 136 7.12 -9.38 -1.83
N ALA A 137 7.99 -8.46 -2.28
CA ALA A 137 7.58 -7.27 -3.05
C ALA A 137 7.42 -7.59 -4.56
N ILE A 138 8.45 -8.26 -5.12
CA ILE A 138 8.48 -8.63 -6.56
C ILE A 138 7.31 -9.57 -6.91
N THR A 139 6.85 -10.33 -5.91
CA THR A 139 5.66 -11.20 -6.05
C THR A 139 4.39 -10.41 -5.65
N GLY A 140 4.40 -9.81 -4.44
CA GLY A 140 3.20 -9.22 -3.82
C GLY A 140 2.59 -8.04 -4.55
N ILE A 141 3.44 -7.07 -4.96
CA ILE A 141 2.98 -5.82 -5.61
C ILE A 141 2.22 -6.08 -6.95
N PRO A 142 2.76 -6.89 -7.96
CA PRO A 142 2.01 -7.23 -9.20
C PRO A 142 0.64 -7.86 -8.90
N GLU A 143 0.63 -8.79 -7.92
CA GLU A 143 -0.60 -9.45 -7.44
C GLU A 143 -1.61 -8.44 -6.88
N THR A 144 -1.11 -7.40 -6.19
CA THR A 144 -1.96 -6.32 -5.63
C THR A 144 -2.61 -5.49 -6.77
N LEU A 145 -1.82 -5.17 -7.81
CA LEU A 145 -2.31 -4.41 -8.98
C LEU A 145 -3.44 -5.16 -9.70
N VAL A 146 -3.23 -6.48 -9.91
CA VAL A 146 -4.22 -7.37 -10.55
C VAL A 146 -5.46 -7.52 -9.65
N ALA A 147 -5.24 -7.52 -8.32
CA ALA A 147 -6.33 -7.64 -7.32
C ALA A 147 -7.26 -6.42 -7.37
N ILE A 148 -6.66 -5.20 -7.34
CA ILE A 148 -7.41 -3.92 -7.39
C ILE A 148 -8.20 -3.81 -8.71
N GLN A 149 -7.52 -4.13 -9.82
CA GLN A 149 -8.07 -4.09 -11.17
C GLN A 149 -9.30 -5.01 -11.30
N ARG A 150 -9.08 -6.29 -11.02
CA ARG A 150 -10.08 -7.34 -11.20
C ARG A 150 -11.27 -7.18 -10.25
N ILE A 151 -11.02 -6.86 -8.95
CA ILE A 151 -12.10 -6.77 -7.94
C ILE A 151 -13.14 -5.71 -8.35
N LEU A 152 -12.66 -4.61 -8.95
CA LEU A 152 -13.50 -3.50 -9.43
C LEU A 152 -14.41 -3.96 -10.58
N GLU A 153 -13.79 -4.55 -11.61
CA GLU A 153 -14.50 -4.92 -12.87
C GLU A 153 -15.49 -6.08 -12.65
N VAL A 154 -15.04 -7.11 -11.91
CA VAL A 154 -15.83 -8.28 -11.54
C VAL A 154 -17.05 -7.86 -10.67
N GLU A 155 -16.85 -6.84 -9.82
CA GLU A 155 -17.90 -6.29 -8.94
C GLU A 155 -18.93 -5.48 -9.75
N LEU A 156 -18.54 -4.96 -10.92
CA LEU A 156 -19.48 -4.28 -11.84
C LEU A 156 -20.38 -5.33 -12.52
N GLU A 157 -19.75 -6.45 -12.92
CA GLU A 157 -20.42 -7.54 -13.68
C GLU A 157 -21.40 -8.37 -12.82
N HIS A 158 -21.34 -8.19 -11.47
CA HIS A 158 -22.12 -8.98 -10.48
C HIS A 158 -23.65 -9.04 -10.76
N HIS A 159 -24.33 -9.99 -10.08
CA HIS A 159 -25.77 -10.30 -10.27
C HIS A 159 -26.00 -10.86 -11.69
N HIS A 160 -25.06 -11.72 -12.11
CA HIS A 160 -25.10 -12.42 -13.41
C HIS A 160 -25.19 -13.95 -13.15
N HIS A 161 -24.96 -14.78 -14.19
CA HIS A 161 -24.91 -16.25 -14.04
C HIS A 161 -23.78 -16.65 -13.07
N HIS A 162 -24.18 -17.16 -11.89
CA HIS A 162 -23.29 -17.64 -10.82
C HIS A 162 -22.49 -16.45 -10.22
N HIS A 163 -23.11 -15.78 -9.22
CA HIS A 163 -22.56 -14.62 -8.49
C HIS A 163 -22.27 -13.43 -9.45
N MET A 1 21.25 -10.52 -13.63
CA MET A 1 20.76 -9.17 -13.25
C MET A 1 20.59 -9.12 -11.72
N PRO A 2 21.11 -8.04 -11.03
CA PRO A 2 21.04 -7.91 -9.55
C PRO A 2 19.58 -7.68 -9.09
N LYS A 3 19.07 -8.58 -8.22
CA LYS A 3 17.67 -8.52 -7.77
C LYS A 3 17.46 -7.30 -6.85
N SER A 4 16.49 -6.47 -7.22
CA SER A 4 16.37 -5.10 -6.69
C SER A 4 15.46 -5.02 -5.45
N LEU A 5 15.84 -4.11 -4.54
CA LEU A 5 15.03 -3.74 -3.34
C LEU A 5 14.04 -2.60 -3.67
N THR A 6 13.86 -2.32 -4.98
CA THR A 6 12.81 -1.46 -5.48
C THR A 6 12.15 -2.15 -6.67
N PHE A 7 10.82 -2.15 -6.70
CA PHE A 7 10.03 -2.75 -7.78
C PHE A 7 8.79 -1.88 -8.02
N GLU A 8 8.36 -1.84 -9.28
CA GLU A 8 7.24 -1.01 -9.75
C GLU A 8 6.38 -1.85 -10.70
N ASP A 9 5.06 -1.60 -10.65
CA ASP A 9 4.07 -2.33 -11.47
C ASP A 9 2.87 -1.42 -11.71
N SER A 10 2.10 -1.69 -12.77
CA SER A 10 0.97 -0.84 -13.20
C SER A 10 -0.03 -1.67 -14.00
N ILE A 11 -1.33 -1.52 -13.70
CA ILE A 11 -2.41 -2.20 -14.43
C ILE A 11 -3.53 -1.22 -14.79
N ASN A 12 -4.00 -1.28 -16.04
CA ASN A 12 -5.15 -0.48 -16.50
C ASN A 12 -6.43 -1.18 -16.06
N ILE A 13 -7.07 -0.58 -15.06
CA ILE A 13 -8.35 -1.03 -14.51
C ILE A 13 -9.49 -0.51 -15.39
N ALA A 14 -10.53 -1.33 -15.59
CA ALA A 14 -11.72 -0.98 -16.41
C ALA A 14 -12.65 0.04 -15.70
N ALA A 15 -12.28 0.43 -14.46
CA ALA A 15 -13.06 1.33 -13.60
C ALA A 15 -12.38 2.70 -13.53
N PRO A 16 -13.17 3.83 -13.48
CA PRO A 16 -12.62 5.20 -13.31
C PRO A 16 -11.81 5.40 -12.02
N ILE A 17 -11.00 6.49 -12.01
CA ILE A 17 -10.08 6.85 -10.91
C ILE A 17 -10.82 7.06 -9.58
N ASN A 18 -12.11 7.41 -9.65
CA ASN A 18 -12.99 7.51 -8.47
C ASN A 18 -13.04 6.16 -7.72
N GLN A 19 -13.33 5.08 -8.46
CA GLN A 19 -13.40 3.70 -7.88
C GLN A 19 -12.01 3.18 -7.50
N VAL A 20 -11.01 3.49 -8.34
CA VAL A 20 -9.61 3.08 -8.12
C VAL A 20 -9.06 3.67 -6.81
N TYR A 21 -9.36 4.95 -6.57
CA TYR A 21 -9.00 5.64 -5.32
C TYR A 21 -9.82 5.09 -4.15
N ALA A 22 -11.10 4.78 -4.39
CA ALA A 22 -12.03 4.27 -3.35
C ALA A 22 -11.58 2.88 -2.81
N LEU A 23 -10.76 2.18 -3.61
CA LEU A 23 -10.17 0.88 -3.22
C LEU A 23 -8.86 1.12 -2.42
N VAL A 24 -8.01 2.03 -2.93
CA VAL A 24 -6.71 2.40 -2.29
C VAL A 24 -6.93 3.12 -0.93
N SER A 25 -8.09 3.79 -0.82
CA SER A 25 -8.53 4.54 0.37
C SER A 25 -9.66 3.75 1.07
N ASP A 26 -10.11 4.24 2.25
CA ASP A 26 -11.24 3.67 3.05
C ASP A 26 -10.91 2.26 3.59
N ILE A 27 -9.60 1.92 3.54
CA ILE A 27 -9.05 0.65 4.05
C ILE A 27 -9.23 0.54 5.59
N THR A 28 -9.17 1.71 6.24
CA THR A 28 -9.40 1.86 7.68
C THR A 28 -10.90 1.87 7.99
N ARG A 29 -11.68 2.52 7.10
CA ARG A 29 -13.13 2.73 7.24
C ARG A 29 -13.89 1.38 7.22
N THR A 30 -13.42 0.46 6.37
CA THR A 30 -13.98 -0.90 6.27
C THR A 30 -13.49 -1.76 7.47
N GLY A 31 -14.17 -1.59 8.62
CA GLY A 31 -13.82 -2.29 9.86
C GLY A 31 -14.46 -1.63 11.08
N GLU A 32 -15.77 -1.87 11.25
CA GLU A 32 -16.57 -1.27 12.34
C GLU A 32 -16.17 -1.86 13.70
N TRP A 33 -16.40 -3.18 13.85
CA TRP A 33 -15.97 -3.95 15.05
C TRP A 33 -14.49 -4.34 14.95
N SER A 34 -13.92 -4.21 13.72
CA SER A 34 -12.50 -4.50 13.43
C SER A 34 -12.17 -5.99 13.70
N PRO A 35 -12.37 -6.91 12.68
CA PRO A 35 -12.12 -8.36 12.85
C PRO A 35 -10.62 -8.71 12.86
N VAL A 36 -9.97 -8.55 11.70
CA VAL A 36 -8.53 -8.77 11.51
C VAL A 36 -7.73 -7.52 11.95
N CYS A 37 -8.42 -6.38 11.98
CA CYS A 37 -7.85 -5.12 12.46
C CYS A 37 -7.98 -5.04 14.00
N GLU A 38 -6.92 -4.56 14.65
CA GLU A 38 -6.94 -4.27 16.10
C GLU A 38 -7.18 -2.76 16.33
N LYS A 39 -6.52 -1.93 15.51
CA LYS A 39 -6.69 -0.47 15.51
C LYS A 39 -6.30 0.09 14.13
N CYS A 40 -7.03 1.12 13.69
CA CYS A 40 -6.71 1.88 12.46
C CYS A 40 -6.94 3.37 12.71
N TRP A 41 -5.86 4.16 12.51
CA TRP A 41 -5.90 5.62 12.47
C TRP A 41 -5.81 6.01 10.99
N TRP A 42 -6.46 7.10 10.59
CA TRP A 42 -6.55 7.48 9.17
C TRP A 42 -5.87 8.85 8.93
N ASP A 43 -5.32 9.05 7.72
CA ASP A 43 -4.75 10.35 7.29
C ASP A 43 -5.87 11.37 7.10
N GLU A 44 -7.05 10.87 6.69
CA GLU A 44 -8.29 11.66 6.55
C GLU A 44 -8.78 12.18 7.92
N ASP A 45 -8.52 11.40 8.99
CA ASP A 45 -8.90 11.72 10.38
C ASP A 45 -8.23 13.04 10.84
N GLU A 46 -7.00 13.27 10.35
CA GLU A 46 -6.20 14.48 10.61
C GLU A 46 -6.45 15.56 9.54
N GLY A 47 -6.61 15.10 8.29
CA GLY A 47 -6.63 15.97 7.11
C GLY A 47 -5.53 15.58 6.15
N PRO A 48 -5.85 14.98 4.94
CA PRO A 48 -4.82 14.45 4.00
C PRO A 48 -3.89 15.55 3.44
N VAL A 49 -2.83 15.85 4.20
CA VAL A 49 -1.79 16.85 3.85
C VAL A 49 -0.43 16.14 3.74
N VAL A 50 0.59 16.89 3.29
CA VAL A 50 1.98 16.42 3.23
C VAL A 50 2.54 16.35 4.66
N GLY A 51 2.41 15.17 5.29
CA GLY A 51 2.81 14.95 6.68
C GLY A 51 1.74 14.21 7.48
N ALA A 52 0.53 14.06 6.90
CA ALA A 52 -0.55 13.23 7.49
C ALA A 52 -0.15 11.75 7.46
N HIS A 53 -0.78 10.91 8.29
CA HIS A 53 -0.41 9.48 8.38
C HIS A 53 -1.61 8.64 8.80
N PHE A 54 -1.71 7.45 8.20
CA PHE A 54 -2.65 6.40 8.60
C PHE A 54 -1.85 5.19 9.14
N THR A 55 -2.17 4.77 10.38
CA THR A 55 -1.47 3.68 11.06
C THR A 55 -2.42 2.50 11.32
N GLY A 56 -2.19 1.38 10.62
CA GLY A 56 -3.01 0.18 10.75
C GLY A 56 -2.32 -0.89 11.59
N ARG A 57 -2.72 -1.00 12.86
CA ARG A 57 -2.39 -2.14 13.72
C ARG A 57 -3.26 -3.33 13.29
N ASN A 58 -2.66 -4.28 12.56
CA ASN A 58 -3.34 -5.48 12.04
C ASN A 58 -2.89 -6.69 12.85
N VAL A 59 -3.86 -7.46 13.34
CA VAL A 59 -3.62 -8.70 14.09
C VAL A 59 -4.13 -9.91 13.27
N THR A 60 -3.20 -10.71 12.75
CA THR A 60 -3.49 -11.95 12.01
C THR A 60 -3.05 -13.15 12.88
N PRO A 61 -3.63 -14.39 12.68
CA PRO A 61 -3.24 -15.61 13.43
C PRO A 61 -1.72 -15.93 13.37
N GLU A 62 -1.02 -15.43 12.33
CA GLU A 62 0.44 -15.62 12.17
C GLU A 62 1.24 -14.45 12.79
N ARG A 63 0.86 -13.18 12.48
CA ARG A 63 1.68 -11.98 12.79
C ARG A 63 0.79 -10.81 13.27
N THR A 64 1.19 -10.18 14.39
CA THR A 64 0.59 -8.91 14.86
C THR A 64 1.61 -7.78 14.63
N TRP A 65 1.26 -6.80 13.79
CA TRP A 65 2.17 -5.71 13.39
C TRP A 65 1.37 -4.44 13.04
N GLU A 66 1.90 -3.28 13.48
CA GLU A 66 1.36 -1.96 13.12
C GLU A 66 2.18 -1.36 11.96
N THR A 67 1.48 -0.90 10.91
CA THR A 67 2.10 -0.22 9.78
C THR A 67 1.79 1.28 9.88
N ARG A 68 2.82 2.12 10.11
CA ARG A 68 2.66 3.58 10.19
C ARG A 68 3.06 4.20 8.85
N SER A 69 2.06 4.45 8.01
CA SER A 69 2.23 4.97 6.66
C SER A 69 2.02 6.50 6.65
N GLU A 70 3.11 7.27 6.51
CA GLU A 70 3.06 8.74 6.52
C GLU A 70 3.07 9.29 5.10
N VAL A 71 1.92 9.90 4.71
CA VAL A 71 1.70 10.53 3.40
C VAL A 71 2.74 11.66 3.13
N ILE A 72 3.71 11.35 2.26
CA ILE A 72 4.80 12.28 1.88
C ILE A 72 4.38 13.19 0.69
N VAL A 73 3.25 12.84 0.04
CA VAL A 73 2.67 13.65 -1.05
C VAL A 73 1.13 13.53 -1.02
N ALA A 74 0.45 14.63 -0.65
CA ALA A 74 -1.00 14.73 -0.71
C ALA A 74 -1.40 15.32 -2.06
N GLU A 75 -2.30 14.61 -2.76
CA GLU A 75 -2.63 14.88 -4.16
C GLU A 75 -4.15 15.09 -4.36
N PRO A 76 -4.57 15.78 -5.47
CA PRO A 76 -5.99 15.85 -5.89
C PRO A 76 -6.37 14.63 -6.77
N ASN A 77 -5.97 13.42 -6.28
CA ASN A 77 -5.98 12.16 -7.04
C ASN A 77 -5.07 12.28 -8.29
N ARG A 78 -3.75 12.27 -8.00
CA ARG A 78 -2.68 12.36 -8.99
C ARG A 78 -1.68 11.22 -8.74
N CYS A 79 -1.09 11.19 -7.53
CA CYS A 79 -0.08 10.19 -7.17
C CYS A 79 0.06 10.12 -5.64
N PHE A 80 -0.65 9.16 -5.02
CA PHE A 80 -0.76 9.03 -3.56
C PHE A 80 0.42 8.19 -3.02
N GLY A 81 1.39 8.90 -2.44
CA GLY A 81 2.63 8.28 -1.97
C GLY A 81 2.85 8.48 -0.49
N TRP A 82 3.33 7.44 0.17
CA TRP A 82 3.53 7.40 1.62
C TRP A 82 4.70 6.46 1.97
N SER A 83 5.29 6.67 3.14
CA SER A 83 6.45 5.91 3.62
C SER A 83 6.16 5.28 5.00
N VAL A 84 6.31 3.95 5.09
CA VAL A 84 6.13 3.19 6.34
C VAL A 84 7.37 3.34 7.24
N THR A 85 7.14 3.85 8.47
CA THR A 85 8.16 4.00 9.53
C THR A 85 9.30 4.94 9.08
N ASP A 86 9.03 6.26 9.17
CA ASP A 86 9.95 7.34 8.74
C ASP A 86 10.16 7.32 7.21
N GLY A 87 10.98 6.37 6.74
CA GLY A 87 11.21 6.15 5.31
C GLY A 87 11.89 4.81 5.05
N ASN A 88 11.61 3.84 5.95
CA ASN A 88 12.21 2.48 5.92
C ASN A 88 11.71 1.75 4.66
N VAL A 89 10.39 1.80 4.47
CA VAL A 89 9.70 1.27 3.29
C VAL A 89 8.86 2.42 2.70
N LYS A 90 8.64 2.44 1.37
CA LYS A 90 7.87 3.51 0.70
C LYS A 90 7.04 2.92 -0.43
N TRP A 91 5.74 3.29 -0.50
CA TRP A 91 4.81 2.86 -1.55
C TRP A 91 4.20 4.10 -2.23
N ILE A 92 4.42 4.22 -3.54
CA ILE A 92 3.94 5.34 -4.37
C ILE A 92 2.89 4.82 -5.35
N TYR A 93 1.64 5.26 -5.20
CA TYR A 93 0.53 4.89 -6.11
C TYR A 93 0.27 6.05 -7.08
N SER A 94 0.78 5.94 -8.31
CA SER A 94 0.48 6.90 -9.38
C SER A 94 -0.89 6.53 -9.99
N MET A 95 -1.73 7.55 -10.16
CA MET A 95 -3.09 7.40 -10.67
C MET A 95 -3.12 8.03 -12.06
N GLU A 96 -3.32 7.21 -13.11
CA GLU A 96 -3.36 7.68 -14.52
C GLU A 96 -4.77 7.49 -15.10
N PRO A 97 -5.71 8.48 -14.87
CA PRO A 97 -7.10 8.35 -15.34
C PRO A 97 -7.23 8.40 -16.87
N LEU A 98 -7.47 7.23 -17.48
CA LEU A 98 -7.80 7.14 -18.92
C LEU A 98 -9.29 7.46 -19.15
N GLU A 99 -9.67 7.57 -20.42
CA GLU A 99 -11.05 7.90 -20.83
C GLU A 99 -12.00 6.70 -20.65
N GLU A 100 -11.45 5.48 -20.53
CA GLU A 100 -12.22 4.24 -20.38
C GLU A 100 -11.85 3.47 -19.09
N GLY A 101 -10.98 4.06 -18.26
CA GLY A 101 -10.50 3.41 -17.03
C GLY A 101 -9.42 4.22 -16.34
N THR A 102 -8.56 3.56 -15.56
CA THR A 102 -7.44 4.20 -14.85
C THR A 102 -6.31 3.20 -14.60
N VAL A 103 -5.08 3.61 -14.90
CA VAL A 103 -3.89 2.81 -14.65
C VAL A 103 -3.39 3.08 -13.22
N LEU A 104 -3.64 2.13 -12.31
CA LEU A 104 -3.09 2.16 -10.95
C LEU A 104 -1.65 1.68 -11.04
N THR A 105 -0.70 2.51 -10.57
CA THR A 105 0.72 2.21 -10.63
C THR A 105 1.30 2.18 -9.21
N GLU A 106 1.55 0.98 -8.68
CA GLU A 106 2.10 0.77 -7.34
C GLU A 106 3.63 0.60 -7.44
N SER A 107 4.38 1.41 -6.68
CA SER A 107 5.86 1.45 -6.75
C SER A 107 6.46 1.38 -5.34
N TRP A 108 7.03 0.22 -5.01
CA TRP A 108 7.71 -0.04 -3.74
C TRP A 108 9.20 0.32 -3.83
N GLU A 109 9.72 0.97 -2.77
CA GLU A 109 11.14 1.25 -2.60
C GLU A 109 11.52 0.97 -1.13
N PHE A 110 12.60 0.20 -0.93
CA PHE A 110 13.17 -0.09 0.41
C PHE A 110 14.54 0.59 0.50
N THR A 111 14.75 1.38 1.56
CA THR A 111 16.02 2.11 1.79
C THR A 111 17.13 1.11 2.21
N PRO A 112 18.41 1.32 1.75
CA PRO A 112 19.56 0.45 2.14
C PRO A 112 19.89 0.53 3.65
N LYS A 113 19.40 1.59 4.31
CA LYS A 113 19.58 1.79 5.76
C LYS A 113 18.50 1.02 6.56
N GLY A 114 17.46 0.52 5.86
CA GLY A 114 16.35 -0.20 6.49
C GLY A 114 16.79 -1.51 7.14
N GLN A 115 17.65 -2.26 6.44
CA GLN A 115 18.23 -3.53 6.93
C GLN A 115 19.25 -3.27 8.07
N ARG A 116 19.84 -2.05 8.10
CA ARG A 116 20.79 -1.62 9.14
C ARG A 116 20.10 -1.56 10.53
N PHE A 117 18.80 -1.23 10.55
CA PHE A 117 17.99 -1.25 11.79
C PHE A 117 17.99 -2.67 12.42
N PHE A 118 17.89 -3.69 11.56
CA PHE A 118 17.90 -5.10 11.96
C PHE A 118 19.33 -5.61 12.22
N HIS A 119 20.34 -4.89 11.71
CA HIS A 119 21.77 -5.22 11.91
C HIS A 119 22.24 -4.78 13.31
N ASP A 120 22.01 -3.50 13.60
CA ASP A 120 22.50 -2.82 14.82
C ASP A 120 21.88 -3.40 16.09
N LYS A 121 20.66 -3.94 15.95
CA LYS A 121 19.91 -4.54 17.05
C LYS A 121 20.11 -6.07 17.10
N PHE A 122 19.77 -6.76 15.99
CA PHE A 122 19.71 -8.24 15.95
C PHE A 122 21.00 -8.85 15.36
N GLY A 123 21.43 -8.29 14.21
CA GLY A 123 22.62 -8.77 13.51
C GLY A 123 22.30 -9.70 12.36
N ASP A 124 21.99 -10.96 12.70
CA ASP A 124 21.79 -12.06 11.73
C ASP A 124 20.49 -11.90 10.91
N LYS A 125 19.49 -11.21 11.52
CA LYS A 125 18.18 -10.94 10.87
C LYS A 125 18.38 -10.11 9.60
N SER A 126 19.23 -9.08 9.71
CA SER A 126 19.51 -8.09 8.65
C SER A 126 19.75 -8.71 7.25
N ILE A 127 20.55 -9.80 7.23
CA ILE A 127 20.97 -10.46 5.98
C ILE A 127 19.78 -11.16 5.29
N GLU A 128 18.97 -11.88 6.09
CA GLU A 128 17.78 -12.58 5.56
C GLU A 128 16.57 -11.63 5.45
N GLU A 129 16.60 -10.48 6.16
CA GLU A 129 15.45 -9.55 6.24
C GLU A 129 15.41 -8.63 5.02
N ILE A 130 16.58 -8.23 4.50
CA ILE A 130 16.68 -7.46 3.25
C ILE A 130 16.12 -8.33 2.08
N GLU A 131 16.44 -9.62 2.13
CA GLU A 131 15.94 -10.62 1.17
C GLU A 131 14.42 -10.86 1.38
N LYS A 132 14.01 -10.98 2.65
CA LYS A 132 12.62 -11.34 3.03
C LYS A 132 11.63 -10.24 2.64
N ARG A 133 12.04 -8.99 2.90
CA ARG A 133 11.33 -7.77 2.50
C ARG A 133 11.17 -7.75 0.98
N ARG A 134 12.27 -8.07 0.29
CA ARG A 134 12.34 -8.09 -1.18
C ARG A 134 11.38 -9.17 -1.78
N LEU A 135 11.36 -10.36 -1.15
CA LEU A 135 10.56 -11.51 -1.59
C LEU A 135 9.07 -11.22 -1.39
N ALA A 136 8.69 -10.89 -0.14
CA ALA A 136 7.30 -10.65 0.27
C ALA A 136 6.67 -9.48 -0.49
N ALA A 137 7.49 -8.46 -0.80
CA ALA A 137 7.04 -7.29 -1.56
C ALA A 137 6.83 -7.63 -3.04
N ILE A 138 7.92 -8.06 -3.74
CA ILE A 138 7.88 -8.31 -5.20
C ILE A 138 6.90 -9.46 -5.59
N THR A 139 6.62 -10.36 -4.64
CA THR A 139 5.55 -11.38 -4.80
C THR A 139 4.16 -10.73 -4.60
N GLY A 140 4.06 -9.86 -3.58
CA GLY A 140 2.80 -9.22 -3.20
C GLY A 140 2.34 -8.10 -4.14
N ILE A 141 3.30 -7.43 -4.83
CA ILE A 141 3.00 -6.26 -5.69
C ILE A 141 2.11 -6.67 -6.91
N PRO A 142 2.53 -7.62 -7.83
CA PRO A 142 1.70 -8.01 -9.00
C PRO A 142 0.36 -8.65 -8.57
N GLU A 143 0.38 -9.26 -7.37
CA GLU A 143 -0.79 -9.86 -6.73
C GLU A 143 -1.82 -8.77 -6.36
N THR A 144 -1.31 -7.65 -5.80
CA THR A 144 -2.14 -6.50 -5.38
C THR A 144 -2.75 -5.79 -6.60
N LEU A 145 -1.92 -5.53 -7.63
CA LEU A 145 -2.34 -4.81 -8.86
C LEU A 145 -3.54 -5.49 -9.54
N VAL A 146 -3.41 -6.81 -9.80
CA VAL A 146 -4.49 -7.58 -10.44
C VAL A 146 -5.71 -7.72 -9.50
N ALA A 147 -5.45 -7.76 -8.17
CA ALA A 147 -6.51 -7.87 -7.14
C ALA A 147 -7.37 -6.59 -7.09
N ILE A 148 -6.72 -5.41 -7.17
CA ILE A 148 -7.40 -4.09 -7.17
C ILE A 148 -8.30 -3.99 -8.41
N GLN A 149 -7.74 -4.37 -9.56
CA GLN A 149 -8.43 -4.34 -10.84
C GLN A 149 -9.65 -5.27 -10.84
N ARG A 150 -9.44 -6.49 -10.31
CA ARG A 150 -10.44 -7.58 -10.30
C ARG A 150 -11.68 -7.20 -9.48
N ILE A 151 -11.43 -6.75 -8.24
CA ILE A 151 -12.47 -6.44 -7.24
C ILE A 151 -13.32 -5.23 -7.68
N LEU A 152 -12.69 -4.29 -8.42
CA LEU A 152 -13.37 -3.11 -8.97
C LEU A 152 -14.25 -3.50 -10.17
N GLU A 153 -13.88 -4.56 -10.90
CA GLU A 153 -14.73 -5.09 -11.99
C GLU A 153 -15.95 -5.82 -11.39
N VAL A 154 -15.78 -6.49 -10.24
CA VAL A 154 -16.89 -7.10 -9.47
C VAL A 154 -17.87 -6.00 -9.00
N GLU A 155 -17.27 -4.85 -8.59
CA GLU A 155 -18.01 -3.64 -8.22
C GLU A 155 -18.84 -3.11 -9.42
N LEU A 156 -18.22 -3.12 -10.63
CA LEU A 156 -18.86 -2.70 -11.90
C LEU A 156 -20.06 -3.62 -12.25
N GLU A 157 -19.90 -4.94 -12.03
CA GLU A 157 -20.92 -5.97 -12.38
C GLU A 157 -22.17 -5.85 -11.51
N HIS A 158 -21.97 -5.45 -10.24
CA HIS A 158 -23.07 -5.31 -9.27
C HIS A 158 -23.24 -3.82 -8.94
N HIS A 159 -24.18 -3.16 -9.64
CA HIS A 159 -24.48 -1.73 -9.45
C HIS A 159 -24.91 -1.48 -7.99
N HIS A 160 -24.01 -0.85 -7.24
CA HIS A 160 -24.22 -0.46 -5.85
C HIS A 160 -24.25 1.07 -5.73
N HIS A 161 -24.69 1.53 -4.57
CA HIS A 161 -24.71 2.95 -4.20
C HIS A 161 -24.68 3.04 -2.66
N HIS A 162 -24.60 4.28 -2.13
CA HIS A 162 -24.45 4.55 -0.69
C HIS A 162 -23.04 4.12 -0.19
N HIS A 163 -22.25 5.07 0.28
CA HIS A 163 -20.92 4.83 0.85
C HIS A 163 -21.10 4.35 2.32
N MET A 1 14.98 0.95 -13.31
CA MET A 1 15.92 0.17 -12.47
C MET A 1 15.35 0.01 -11.04
N PRO A 2 15.23 -1.24 -10.51
CA PRO A 2 15.00 -1.48 -9.07
C PRO A 2 16.19 -0.97 -8.22
N LYS A 3 16.15 0.32 -7.85
CA LYS A 3 17.21 0.98 -7.08
C LYS A 3 17.16 0.53 -5.61
N SER A 4 18.29 -0.07 -5.16
CA SER A 4 18.45 -0.61 -3.80
C SER A 4 17.47 -1.77 -3.54
N LEU A 5 16.22 -1.43 -3.13
CA LEU A 5 15.15 -2.41 -2.83
C LEU A 5 13.76 -1.82 -3.19
N THR A 6 13.72 -0.93 -4.21
CA THR A 6 12.45 -0.36 -4.69
C THR A 6 11.93 -1.18 -5.88
N PHE A 7 10.62 -1.50 -5.84
CA PHE A 7 9.92 -2.21 -6.91
C PHE A 7 8.56 -1.54 -7.11
N GLU A 8 8.08 -1.59 -8.34
CA GLU A 8 6.76 -1.05 -8.70
C GLU A 8 6.12 -1.96 -9.74
N ASP A 9 4.81 -1.78 -9.90
CA ASP A 9 4.02 -2.49 -10.91
C ASP A 9 2.85 -1.60 -11.29
N SER A 10 2.44 -1.66 -12.56
CA SER A 10 1.43 -0.76 -13.13
C SER A 10 0.46 -1.56 -14.02
N ILE A 11 -0.82 -1.15 -14.00
CA ILE A 11 -1.87 -1.81 -14.80
C ILE A 11 -3.00 -0.82 -15.12
N ASN A 12 -3.45 -0.83 -16.39
CA ASN A 12 -4.61 -0.06 -16.82
C ASN A 12 -5.89 -0.84 -16.47
N ILE A 13 -6.73 -0.21 -15.65
CA ILE A 13 -8.03 -0.78 -15.21
C ILE A 13 -9.16 -0.11 -16.03
N ALA A 14 -10.22 -0.87 -16.33
CA ALA A 14 -11.40 -0.37 -17.08
C ALA A 14 -12.44 0.20 -16.10
N ALA A 15 -12.00 1.12 -15.23
CA ALA A 15 -12.82 1.72 -14.18
C ALA A 15 -12.43 3.19 -13.95
N PRO A 16 -13.40 4.12 -13.72
CA PRO A 16 -13.10 5.55 -13.41
C PRO A 16 -12.45 5.68 -12.02
N ILE A 17 -11.49 6.63 -11.91
CA ILE A 17 -10.70 6.87 -10.67
C ILE A 17 -11.61 7.18 -9.46
N ASN A 18 -12.80 7.71 -9.75
CA ASN A 18 -13.85 8.00 -8.77
C ASN A 18 -14.12 6.77 -7.86
N GLN A 19 -14.30 5.59 -8.48
CA GLN A 19 -14.48 4.32 -7.73
C GLN A 19 -13.12 3.65 -7.40
N VAL A 20 -12.11 3.82 -8.27
CA VAL A 20 -10.78 3.18 -8.10
C VAL A 20 -10.15 3.58 -6.75
N TYR A 21 -10.09 4.90 -6.47
CA TYR A 21 -9.47 5.47 -5.25
C TYR A 21 -10.14 4.91 -3.96
N ALA A 22 -11.45 4.66 -4.03
CA ALA A 22 -12.23 4.13 -2.91
C ALA A 22 -11.85 2.65 -2.62
N LEU A 23 -11.63 1.88 -3.71
CA LEU A 23 -11.26 0.44 -3.61
C LEU A 23 -9.73 0.24 -3.40
N VAL A 24 -8.93 1.28 -3.65
CA VAL A 24 -7.47 1.28 -3.39
C VAL A 24 -7.20 1.62 -1.91
N SER A 25 -7.74 2.78 -1.48
CA SER A 25 -7.51 3.33 -0.15
C SER A 25 -8.53 2.77 0.85
N ASP A 26 -8.16 1.67 1.53
CA ASP A 26 -8.90 1.19 2.70
C ASP A 26 -8.17 1.65 3.96
N ILE A 27 -8.66 2.76 4.51
CA ILE A 27 -8.26 3.28 5.81
C ILE A 27 -8.53 2.26 6.94
N THR A 28 -9.80 1.82 7.03
CA THR A 28 -10.37 1.03 8.14
C THR A 28 -11.88 0.80 7.87
N ARG A 29 -12.29 0.98 6.61
CA ARG A 29 -13.70 1.11 6.21
C ARG A 29 -14.37 -0.27 6.18
N THR A 30 -13.70 -1.24 5.53
CA THR A 30 -14.16 -2.62 5.47
C THR A 30 -13.39 -3.45 6.51
N GLY A 31 -14.15 -4.10 7.41
CA GLY A 31 -13.62 -5.00 8.43
C GLY A 31 -14.57 -6.15 8.69
N GLU A 32 -15.43 -6.44 7.69
CA GLU A 32 -16.42 -7.50 7.76
C GLU A 32 -15.73 -8.86 7.67
N TRP A 33 -15.90 -9.69 8.74
CA TRP A 33 -15.31 -11.05 8.84
C TRP A 33 -13.75 -11.00 8.90
N SER A 34 -13.21 -9.80 9.14
CA SER A 34 -11.77 -9.55 9.20
C SER A 34 -11.52 -8.29 10.04
N PRO A 35 -11.34 -8.42 11.39
CA PRO A 35 -11.23 -7.27 12.33
C PRO A 35 -9.80 -6.70 12.39
N VAL A 36 -9.06 -6.82 11.28
CA VAL A 36 -7.63 -6.50 11.21
C VAL A 36 -7.38 -4.99 11.30
N CYS A 37 -8.33 -4.19 10.77
CA CYS A 37 -8.31 -2.72 10.89
C CYS A 37 -9.22 -2.31 12.07
N GLU A 38 -8.65 -2.32 13.29
CA GLU A 38 -9.40 -2.00 14.53
C GLU A 38 -9.57 -0.48 14.68
N LYS A 39 -8.43 0.25 14.70
CA LYS A 39 -8.39 1.72 14.77
C LYS A 39 -7.32 2.24 13.83
N CYS A 40 -7.73 2.97 12.81
CA CYS A 40 -6.80 3.65 11.90
C CYS A 40 -7.18 5.13 11.85
N TRP A 41 -6.21 5.99 12.16
CA TRP A 41 -6.42 7.44 12.22
C TRP A 41 -5.88 8.06 10.94
N TRP A 42 -6.79 8.66 10.16
CA TRP A 42 -6.52 9.12 8.80
C TRP A 42 -6.72 10.65 8.69
N ASP A 43 -5.62 11.38 8.42
CA ASP A 43 -5.65 12.83 8.12
C ASP A 43 -6.11 13.10 6.67
N GLU A 44 -6.36 12.03 5.90
CA GLU A 44 -7.01 12.13 4.57
C GLU A 44 -8.40 12.82 4.68
N ASP A 45 -9.09 12.56 5.81
CA ASP A 45 -10.39 13.19 6.14
C ASP A 45 -10.21 14.69 6.42
N GLU A 46 -9.11 15.02 7.11
CA GLU A 46 -8.73 16.40 7.44
C GLU A 46 -8.23 17.14 6.17
N GLY A 47 -7.72 16.35 5.20
CA GLY A 47 -7.19 16.86 3.93
C GLY A 47 -5.96 16.07 3.51
N PRO A 48 -5.94 15.38 2.32
CA PRO A 48 -4.74 14.68 1.82
C PRO A 48 -3.56 15.65 1.58
N VAL A 49 -2.73 15.84 2.63
CA VAL A 49 -1.58 16.79 2.62
C VAL A 49 -0.26 16.04 2.90
N VAL A 50 0.85 16.63 2.45
CA VAL A 50 2.21 16.14 2.77
C VAL A 50 2.47 16.38 4.27
N GLY A 51 2.57 15.27 5.03
CA GLY A 51 2.69 15.32 6.49
C GLY A 51 1.44 14.75 7.19
N ALA A 52 0.49 14.21 6.39
CA ALA A 52 -0.69 13.51 6.90
C ALA A 52 -0.28 12.22 7.66
N HIS A 53 -0.90 11.96 8.81
CA HIS A 53 -0.51 10.85 9.71
C HIS A 53 -1.50 9.69 9.56
N PHE A 54 -1.00 8.47 9.33
CA PHE A 54 -1.81 7.24 9.30
C PHE A 54 -1.25 6.26 10.33
N THR A 55 -1.93 6.15 11.47
CA THR A 55 -1.60 5.15 12.49
C THR A 55 -2.57 3.98 12.36
N GLY A 56 -2.08 2.85 11.84
CA GLY A 56 -2.88 1.64 11.67
C GLY A 56 -2.66 0.68 12.81
N ARG A 57 -3.61 0.68 13.76
CA ARG A 57 -3.62 -0.25 14.90
C ARG A 57 -4.42 -1.50 14.48
N ASN A 58 -3.74 -2.65 14.49
CA ASN A 58 -4.29 -3.92 14.00
C ASN A 58 -4.48 -4.87 15.17
N VAL A 59 -5.55 -5.70 15.10
CA VAL A 59 -5.83 -6.74 16.09
C VAL A 59 -6.12 -8.07 15.37
N THR A 60 -5.46 -9.13 15.86
CA THR A 60 -5.66 -10.51 15.41
C THR A 60 -5.84 -11.39 16.67
N PRO A 61 -6.37 -12.65 16.56
CA PRO A 61 -6.42 -13.61 17.70
C PRO A 61 -5.02 -13.89 18.30
N GLU A 62 -3.98 -13.67 17.48
CA GLU A 62 -2.58 -13.91 17.85
C GLU A 62 -2.04 -12.75 18.71
N ARG A 63 -1.98 -11.54 18.10
CA ARG A 63 -1.39 -10.33 18.73
C ARG A 63 -2.09 -9.06 18.24
N THR A 64 -1.86 -7.95 18.97
CA THR A 64 -2.37 -6.61 18.62
C THR A 64 -1.27 -5.56 18.86
N TRP A 65 -1.12 -4.63 17.92
CA TRP A 65 -0.11 -3.53 17.98
C TRP A 65 -0.37 -2.54 16.83
N GLU A 66 0.21 -1.33 16.91
CA GLU A 66 0.03 -0.28 15.89
C GLU A 66 1.28 -0.12 15.00
N THR A 67 1.09 0.57 13.86
CA THR A 67 2.19 0.99 12.96
C THR A 67 1.84 2.38 12.41
N ARG A 68 2.65 3.38 12.78
CA ARG A 68 2.49 4.75 12.26
C ARG A 68 3.21 4.89 10.91
N SER A 69 2.59 5.64 9.99
CA SER A 69 3.08 5.85 8.62
C SER A 69 2.83 7.32 8.24
N GLU A 70 3.91 8.05 7.89
CA GLU A 70 3.81 9.48 7.55
C GLU A 70 3.80 9.64 6.03
N VAL A 71 2.78 10.35 5.53
CA VAL A 71 2.56 10.58 4.10
C VAL A 71 3.57 11.59 3.56
N ILE A 72 4.47 11.09 2.69
CA ILE A 72 5.56 11.88 2.08
C ILE A 72 5.07 12.68 0.85
N VAL A 73 4.04 12.14 0.16
CA VAL A 73 3.41 12.79 -1.01
C VAL A 73 1.91 12.49 -0.97
N ALA A 74 1.06 13.52 -1.16
CA ALA A 74 -0.39 13.38 -1.06
C ALA A 74 -1.08 14.17 -2.17
N GLU A 75 -1.56 13.43 -3.16
CA GLU A 75 -2.39 13.93 -4.25
C GLU A 75 -3.55 12.93 -4.43
N PRO A 76 -4.80 13.28 -4.02
CA PRO A 76 -5.93 12.31 -3.92
C PRO A 76 -6.37 11.70 -5.28
N ASN A 77 -5.85 12.26 -6.39
CA ASN A 77 -6.23 11.82 -7.75
C ASN A 77 -5.00 11.71 -8.67
N ARG A 78 -3.79 11.73 -8.08
CA ARG A 78 -2.52 11.64 -8.84
C ARG A 78 -1.57 10.61 -8.22
N CYS A 79 -1.24 10.80 -6.92
CA CYS A 79 -0.26 9.95 -6.20
C CYS A 79 -0.34 10.19 -4.68
N PHE A 80 -0.77 9.17 -3.94
CA PHE A 80 -0.84 9.19 -2.47
C PHE A 80 0.11 8.09 -1.93
N GLY A 81 1.22 8.52 -1.29
CA GLY A 81 2.24 7.60 -0.77
C GLY A 81 2.79 8.03 0.59
N TRP A 82 3.10 7.03 1.43
CA TRP A 82 3.61 7.21 2.79
C TRP A 82 4.89 6.39 3.01
N SER A 83 5.44 6.47 4.23
CA SER A 83 6.57 5.67 4.69
C SER A 83 6.24 5.07 6.08
N VAL A 84 6.23 3.73 6.16
CA VAL A 84 5.89 2.98 7.39
C VAL A 84 7.08 2.95 8.36
N THR A 85 6.77 3.18 9.66
CA THR A 85 7.74 3.19 10.77
C THR A 85 8.87 4.21 10.49
N ASP A 86 8.50 5.51 10.59
CA ASP A 86 9.35 6.68 10.21
C ASP A 86 9.60 6.68 8.69
N GLY A 87 10.48 5.76 8.25
CA GLY A 87 10.79 5.55 6.84
C GLY A 87 11.55 4.24 6.62
N ASN A 88 11.15 3.21 7.38
CA ASN A 88 11.76 1.87 7.30
C ASN A 88 11.30 1.16 6.00
N VAL A 89 9.96 1.09 5.83
CA VAL A 89 9.32 0.63 4.59
C VAL A 89 8.62 1.86 3.95
N LYS A 90 8.33 1.81 2.64
CA LYS A 90 7.70 2.92 1.91
C LYS A 90 6.71 2.34 0.87
N TRP A 91 5.46 2.83 0.89
CA TRP A 91 4.41 2.43 -0.07
C TRP A 91 3.88 3.68 -0.78
N ILE A 92 3.72 3.62 -2.11
CA ILE A 92 3.27 4.76 -2.92
C ILE A 92 2.25 4.29 -3.97
N TYR A 93 0.99 4.71 -3.83
CA TYR A 93 -0.06 4.44 -4.81
C TYR A 93 -0.21 5.64 -5.76
N SER A 94 0.39 5.52 -6.95
CA SER A 94 0.14 6.44 -8.06
C SER A 94 -1.09 5.95 -8.84
N MET A 95 -1.82 6.89 -9.44
CA MET A 95 -3.05 6.60 -10.19
C MET A 95 -3.24 7.67 -11.27
N GLU A 96 -3.34 7.23 -12.54
CA GLU A 96 -3.44 8.10 -13.71
C GLU A 96 -4.89 8.08 -14.24
N PRO A 97 -5.71 9.13 -13.90
CA PRO A 97 -7.12 9.19 -14.32
C PRO A 97 -7.26 9.44 -15.85
N LEU A 98 -7.60 8.37 -16.59
CA LEU A 98 -7.84 8.44 -18.05
C LEU A 98 -9.35 8.46 -18.34
N GLU A 99 -9.71 8.63 -19.62
CA GLU A 99 -11.12 8.67 -20.05
C GLU A 99 -11.73 7.27 -20.15
N GLU A 100 -10.90 6.30 -20.56
CA GLU A 100 -11.32 4.89 -20.75
C GLU A 100 -11.15 4.06 -19.45
N GLY A 101 -10.45 4.62 -18.45
CA GLY A 101 -10.19 3.93 -17.18
C GLY A 101 -9.18 4.67 -16.31
N THR A 102 -8.37 3.93 -15.54
CA THR A 102 -7.35 4.51 -14.64
C THR A 102 -6.14 3.55 -14.53
N VAL A 103 -4.92 4.07 -14.75
CA VAL A 103 -3.69 3.27 -14.62
C VAL A 103 -3.17 3.36 -13.18
N LEU A 104 -3.42 2.30 -12.39
CA LEU A 104 -2.91 2.21 -11.01
C LEU A 104 -1.45 1.74 -11.07
N THR A 105 -0.60 2.35 -10.23
CA THR A 105 0.82 2.00 -10.11
C THR A 105 1.20 2.01 -8.63
N GLU A 106 1.41 0.82 -8.04
CA GLU A 106 1.88 0.71 -6.63
C GLU A 106 3.42 0.67 -6.68
N SER A 107 4.07 1.34 -5.72
CA SER A 107 5.54 1.43 -5.65
C SER A 107 6.00 1.22 -4.20
N TRP A 108 6.55 0.02 -3.94
CA TRP A 108 7.11 -0.37 -2.64
C TRP A 108 8.62 -0.08 -2.62
N GLU A 109 9.16 0.10 -1.42
CA GLU A 109 10.61 0.21 -1.18
C GLU A 109 10.91 -0.20 0.27
N PHE A 110 11.94 -1.02 0.47
CA PHE A 110 12.52 -1.23 1.80
C PHE A 110 13.80 -0.38 1.89
N THR A 111 13.67 0.76 2.57
CA THR A 111 14.73 1.76 2.69
C THR A 111 15.91 1.21 3.55
N PRO A 112 17.21 1.42 3.12
CA PRO A 112 18.43 1.01 3.88
C PRO A 112 18.54 1.60 5.33
N LYS A 113 17.57 2.45 5.72
CA LYS A 113 17.43 3.00 7.09
C LYS A 113 17.48 1.87 8.16
N GLY A 114 16.40 1.05 8.21
CA GLY A 114 16.31 -0.07 9.17
C GLY A 114 17.05 -1.32 8.70
N GLN A 115 17.28 -1.40 7.37
CA GLN A 115 17.99 -2.51 6.72
C GLN A 115 19.44 -2.59 7.26
N ARG A 116 20.15 -1.45 7.20
CA ARG A 116 21.56 -1.38 7.62
C ARG A 116 21.71 -1.63 9.13
N PHE A 117 20.66 -1.32 9.92
CA PHE A 117 20.69 -1.56 11.37
C PHE A 117 20.85 -3.07 11.64
N PHE A 118 20.14 -3.91 10.86
CA PHE A 118 20.24 -5.38 10.98
C PHE A 118 21.56 -5.90 10.33
N HIS A 119 22.08 -5.16 9.34
CA HIS A 119 23.35 -5.50 8.66
C HIS A 119 24.56 -5.35 9.62
N ASP A 120 24.63 -4.20 10.28
CA ASP A 120 25.73 -3.88 11.21
C ASP A 120 25.60 -4.69 12.52
N LYS A 121 24.38 -5.23 12.78
CA LYS A 121 24.16 -6.22 13.83
C LYS A 121 24.71 -7.60 13.40
N PHE A 122 23.94 -8.33 12.56
CA PHE A 122 24.25 -9.73 12.20
C PHE A 122 25.37 -9.78 11.15
N GLY A 123 25.14 -9.10 10.01
CA GLY A 123 26.10 -9.09 8.90
C GLY A 123 25.86 -10.21 7.92
N ASP A 124 25.84 -11.46 8.43
CA ASP A 124 25.66 -12.67 7.60
C ASP A 124 24.23 -12.76 7.05
N LYS A 125 23.24 -12.73 7.96
CA LYS A 125 21.82 -12.97 7.61
C LYS A 125 21.07 -11.69 7.26
N SER A 126 21.80 -10.58 7.04
CA SER A 126 21.23 -9.34 6.49
C SER A 126 20.72 -9.57 5.06
N ILE A 127 21.38 -10.52 4.37
CA ILE A 127 20.95 -10.99 3.05
C ILE A 127 19.61 -11.72 3.15
N GLU A 128 19.46 -12.67 4.12
CA GLU A 128 18.18 -13.42 4.29
C GLU A 128 17.01 -12.47 4.59
N GLU A 129 17.31 -11.41 5.37
CA GLU A 129 16.35 -10.35 5.73
C GLU A 129 15.76 -9.75 4.44
N ILE A 130 16.66 -9.27 3.57
CA ILE A 130 16.28 -8.60 2.33
C ILE A 130 15.77 -9.60 1.28
N GLU A 131 16.16 -10.89 1.39
CA GLU A 131 15.68 -11.95 0.48
C GLU A 131 14.17 -12.15 0.68
N LYS A 132 13.78 -12.46 1.92
CA LYS A 132 12.38 -12.76 2.27
C LYS A 132 11.44 -11.56 1.97
N ARG A 133 11.91 -10.33 2.26
CA ARG A 133 11.14 -9.10 2.00
C ARG A 133 11.07 -8.75 0.49
N ARG A 134 12.17 -8.97 -0.24
CA ARG A 134 12.24 -8.65 -1.68
C ARG A 134 11.41 -9.65 -2.51
N LEU A 135 11.51 -10.95 -2.16
CA LEU A 135 10.72 -12.04 -2.80
C LEU A 135 9.22 -11.83 -2.57
N ALA A 136 8.86 -11.44 -1.33
CA ALA A 136 7.46 -11.15 -0.94
C ALA A 136 6.93 -9.89 -1.62
N ALA A 137 7.85 -9.02 -2.08
CA ALA A 137 7.51 -7.79 -2.82
C ALA A 137 7.30 -8.07 -4.31
N ILE A 138 8.26 -8.81 -4.93
CA ILE A 138 8.20 -9.13 -6.38
C ILE A 138 6.99 -10.02 -6.68
N THR A 139 6.52 -10.77 -5.65
CA THR A 139 5.24 -11.48 -5.71
C THR A 139 4.09 -10.50 -5.35
N GLY A 140 4.21 -9.85 -4.17
CA GLY A 140 3.10 -9.12 -3.53
C GLY A 140 2.55 -7.92 -4.30
N ILE A 141 3.44 -7.09 -4.85
CA ILE A 141 3.03 -5.85 -5.58
C ILE A 141 2.19 -6.20 -6.85
N PRO A 142 2.67 -7.11 -7.81
CA PRO A 142 1.85 -7.57 -8.96
C PRO A 142 0.45 -8.10 -8.53
N GLU A 143 0.45 -8.89 -7.45
CA GLU A 143 -0.79 -9.44 -6.85
C GLU A 143 -1.75 -8.30 -6.42
N THR A 144 -1.19 -7.22 -5.85
CA THR A 144 -1.98 -6.05 -5.41
C THR A 144 -2.61 -5.33 -6.61
N LEU A 145 -1.84 -5.14 -7.70
CA LEU A 145 -2.31 -4.46 -8.93
C LEU A 145 -3.47 -5.21 -9.59
N VAL A 146 -3.31 -6.54 -9.71
CA VAL A 146 -4.35 -7.42 -10.27
C VAL A 146 -5.57 -7.47 -9.33
N ALA A 147 -5.32 -7.43 -8.00
CA ALA A 147 -6.39 -7.47 -6.96
C ALA A 147 -7.29 -6.23 -7.04
N ILE A 148 -6.66 -5.05 -7.21
CA ILE A 148 -7.36 -3.76 -7.31
C ILE A 148 -8.22 -3.73 -8.59
N GLN A 149 -7.61 -4.18 -9.71
CA GLN A 149 -8.32 -4.31 -10.99
C GLN A 149 -9.50 -5.27 -10.86
N ARG A 150 -9.25 -6.41 -10.18
CA ARG A 150 -10.17 -7.55 -10.15
C ARG A 150 -11.43 -7.23 -9.34
N ILE A 151 -11.25 -6.56 -8.17
CA ILE A 151 -12.38 -6.20 -7.29
C ILE A 151 -13.29 -5.17 -7.99
N LEU A 152 -12.69 -4.29 -8.80
CA LEU A 152 -13.42 -3.31 -9.62
C LEU A 152 -14.21 -4.03 -10.74
N GLU A 153 -13.58 -5.02 -11.40
CA GLU A 153 -14.24 -5.85 -12.45
C GLU A 153 -15.41 -6.66 -11.86
N VAL A 154 -15.23 -7.10 -10.60
CA VAL A 154 -16.28 -7.77 -9.82
C VAL A 154 -17.44 -6.80 -9.57
N GLU A 155 -17.11 -5.56 -9.17
CA GLU A 155 -18.11 -4.51 -8.85
C GLU A 155 -18.86 -4.03 -10.11
N LEU A 156 -18.22 -4.16 -11.29
CA LEU A 156 -18.85 -3.81 -12.59
C LEU A 156 -19.95 -4.82 -12.95
N GLU A 157 -19.84 -6.06 -12.45
CA GLU A 157 -20.80 -7.16 -12.73
C GLU A 157 -21.46 -7.68 -11.43
N HIS A 158 -21.39 -6.87 -10.34
CA HIS A 158 -21.82 -7.30 -8.99
C HIS A 158 -23.36 -7.20 -8.82
N HIS A 159 -24.08 -6.94 -9.93
CA HIS A 159 -25.56 -7.02 -9.99
C HIS A 159 -26.01 -8.49 -9.74
N HIS A 160 -26.01 -8.87 -8.44
CA HIS A 160 -26.25 -10.23 -7.96
C HIS A 160 -26.25 -10.19 -6.42
N HIS A 161 -27.43 -10.35 -5.81
CA HIS A 161 -27.60 -10.28 -4.36
C HIS A 161 -28.54 -11.42 -3.90
N HIS A 162 -27.93 -12.58 -3.55
CA HIS A 162 -28.68 -13.75 -3.07
C HIS A 162 -27.74 -14.68 -2.28
N HIS A 163 -27.97 -14.76 -0.96
CA HIS A 163 -27.34 -15.74 -0.06
C HIS A 163 -28.43 -16.25 0.90
N MET A 1 24.31 -5.07 -11.52
CA MET A 1 24.55 -3.84 -10.74
C MET A 1 23.47 -3.71 -9.65
N PRO A 2 23.79 -4.08 -8.35
CA PRO A 2 22.86 -3.93 -7.20
C PRO A 2 22.25 -2.52 -7.09
N LYS A 3 20.92 -2.48 -6.93
CA LYS A 3 20.14 -1.24 -6.70
C LYS A 3 19.58 -1.28 -5.26
N SER A 4 19.31 -0.09 -4.66
CA SER A 4 18.60 0.01 -3.36
C SER A 4 17.20 -0.63 -3.46
N LEU A 5 16.66 -1.15 -2.33
CA LEU A 5 15.38 -1.90 -2.31
C LEU A 5 14.21 -1.00 -2.75
N THR A 6 14.01 -0.95 -4.08
CA THR A 6 12.96 -0.17 -4.73
C THR A 6 12.32 -1.04 -5.82
N PHE A 7 11.00 -0.93 -5.93
CA PHE A 7 10.19 -1.62 -6.92
C PHE A 7 8.91 -0.83 -7.13
N GLU A 8 8.33 -0.97 -8.32
CA GLU A 8 7.06 -0.35 -8.68
C GLU A 8 6.35 -1.24 -9.69
N ASP A 9 5.02 -1.27 -9.60
CA ASP A 9 4.19 -1.98 -10.58
C ASP A 9 2.89 -1.23 -10.80
N SER A 10 2.35 -1.31 -12.02
CA SER A 10 1.18 -0.56 -12.45
C SER A 10 0.33 -1.40 -13.42
N ILE A 11 -0.98 -1.12 -13.44
CA ILE A 11 -1.94 -1.82 -14.30
C ILE A 11 -3.16 -0.91 -14.54
N ASN A 12 -3.62 -0.81 -15.81
CA ASN A 12 -4.83 -0.06 -16.16
C ASN A 12 -6.05 -0.94 -15.93
N ILE A 13 -6.97 -0.46 -15.11
CA ILE A 13 -8.17 -1.19 -14.68
C ILE A 13 -9.39 -0.66 -15.44
N ALA A 14 -10.28 -1.56 -15.87
CA ALA A 14 -11.56 -1.18 -16.50
C ALA A 14 -12.59 -0.80 -15.41
N ALA A 15 -12.34 0.36 -14.77
CA ALA A 15 -13.16 0.88 -13.67
C ALA A 15 -12.83 2.38 -13.44
N PRO A 16 -13.82 3.20 -12.99
CA PRO A 16 -13.60 4.65 -12.67
C PRO A 16 -12.68 4.83 -11.46
N ILE A 17 -12.12 6.06 -11.36
CA ILE A 17 -11.26 6.49 -10.25
C ILE A 17 -11.97 6.32 -8.89
N ASN A 18 -13.30 6.52 -8.87
CA ASN A 18 -14.13 6.41 -7.65
C ASN A 18 -14.02 4.99 -7.02
N GLN A 19 -14.14 3.96 -7.87
CA GLN A 19 -14.03 2.54 -7.45
C GLN A 19 -12.61 2.21 -6.93
N VAL A 20 -11.61 2.55 -7.75
CA VAL A 20 -10.20 2.24 -7.48
C VAL A 20 -9.69 2.97 -6.20
N TYR A 21 -10.15 4.21 -6.00
CA TYR A 21 -9.75 5.07 -4.86
C TYR A 21 -10.41 4.58 -3.56
N ALA A 22 -11.72 4.29 -3.64
CA ALA A 22 -12.52 3.82 -2.48
C ALA A 22 -12.10 2.41 -2.02
N LEU A 23 -11.46 1.65 -2.93
CA LEU A 23 -10.98 0.28 -2.65
C LEU A 23 -9.56 0.32 -2.03
N VAL A 24 -8.64 1.05 -2.69
CA VAL A 24 -7.20 1.07 -2.35
C VAL A 24 -6.88 2.09 -1.22
N SER A 25 -7.36 3.32 -1.38
CA SER A 25 -7.01 4.45 -0.48
C SER A 25 -7.93 4.53 0.77
N ASP A 26 -8.79 3.51 0.97
CA ASP A 26 -9.63 3.39 2.17
C ASP A 26 -8.77 3.03 3.40
N ILE A 27 -9.11 3.63 4.56
CA ILE A 27 -8.36 3.49 5.81
C ILE A 27 -9.31 3.14 6.99
N THR A 28 -10.59 2.84 6.70
CA THR A 28 -11.62 2.64 7.75
C THR A 28 -12.22 1.20 7.68
N ARG A 29 -12.82 0.86 6.53
CA ARG A 29 -13.50 -0.44 6.32
C ARG A 29 -12.49 -1.59 6.17
N THR A 30 -11.27 -1.24 5.70
CA THR A 30 -10.14 -2.18 5.56
C THR A 30 -9.71 -2.79 6.92
N GLY A 31 -10.07 -2.11 8.01
CA GLY A 31 -9.87 -2.64 9.36
C GLY A 31 -10.84 -3.78 9.66
N GLU A 32 -10.47 -5.00 9.24
CA GLU A 32 -11.36 -6.19 9.38
C GLU A 32 -10.55 -7.50 9.59
N TRP A 33 -9.19 -7.37 9.71
CA TRP A 33 -8.24 -8.52 9.89
C TRP A 33 -8.04 -9.34 8.58
N SER A 34 -9.00 -9.28 7.65
CA SER A 34 -8.89 -9.95 6.34
C SER A 34 -7.76 -9.29 5.47
N PRO A 35 -7.66 -7.91 5.40
CA PRO A 35 -6.43 -7.23 4.90
C PRO A 35 -5.37 -7.09 6.03
N VAL A 36 -4.33 -6.29 5.78
CA VAL A 36 -3.26 -6.03 6.76
C VAL A 36 -3.65 -4.95 7.81
N CYS A 37 -4.88 -4.41 7.72
CA CYS A 37 -5.37 -3.37 8.65
C CYS A 37 -6.34 -3.98 9.68
N GLU A 38 -6.17 -3.56 10.94
CA GLU A 38 -7.08 -3.90 12.06
C GLU A 38 -7.85 -2.65 12.51
N LYS A 39 -7.10 -1.56 12.76
CA LYS A 39 -7.61 -0.34 13.37
C LYS A 39 -6.77 0.86 12.90
N CYS A 40 -7.41 1.86 12.28
CA CYS A 40 -6.71 3.04 11.74
C CYS A 40 -7.51 4.32 12.06
N TRP A 41 -6.85 5.26 12.76
CA TRP A 41 -7.39 6.59 13.08
C TRP A 41 -6.49 7.66 12.45
N TRP A 42 -7.08 8.56 11.65
CA TRP A 42 -6.34 9.68 11.05
C TRP A 42 -6.98 11.03 11.41
N ASP A 43 -6.26 11.79 12.24
CA ASP A 43 -6.61 13.18 12.60
C ASP A 43 -6.25 14.15 11.46
N GLU A 44 -5.51 13.62 10.46
CA GLU A 44 -5.07 14.36 9.27
C GLU A 44 -6.22 14.55 8.25
N ASP A 45 -7.42 14.05 8.61
CA ASP A 45 -8.65 14.18 7.81
C ASP A 45 -9.00 15.66 7.48
N GLU A 46 -8.56 16.60 8.36
CA GLU A 46 -8.76 18.05 8.15
C GLU A 46 -7.99 18.56 6.91
N GLY A 47 -6.86 17.93 6.60
CA GLY A 47 -6.08 18.29 5.42
C GLY A 47 -4.93 17.32 5.21
N PRO A 48 -5.17 16.14 4.51
CA PRO A 48 -4.12 15.12 4.27
C PRO A 48 -3.06 15.64 3.27
N VAL A 49 -2.07 16.37 3.83
CA VAL A 49 -1.00 17.03 3.06
C VAL A 49 0.33 16.25 3.19
N VAL A 50 1.38 16.74 2.52
CA VAL A 50 2.73 16.18 2.63
C VAL A 50 3.33 16.59 4.00
N GLY A 51 3.73 15.60 4.80
CA GLY A 51 4.17 15.82 6.19
C GLY A 51 3.13 15.32 7.19
N ALA A 52 1.86 15.17 6.74
CA ALA A 52 0.77 14.62 7.56
C ALA A 52 1.02 13.14 7.87
N HIS A 53 0.64 12.68 9.07
CA HIS A 53 0.97 11.30 9.54
C HIS A 53 -0.20 10.70 10.33
N PHE A 54 -0.67 9.53 9.88
CA PHE A 54 -1.84 8.84 10.46
C PHE A 54 -1.42 7.53 11.15
N THR A 55 -2.18 7.13 12.20
CA THR A 55 -1.93 5.89 12.94
C THR A 55 -2.69 4.73 12.26
N GLY A 56 -1.94 3.79 11.67
CA GLY A 56 -2.50 2.58 11.04
C GLY A 56 -1.93 1.31 11.67
N ARG A 57 -2.76 0.61 12.45
CA ARG A 57 -2.37 -0.64 13.12
C ARG A 57 -2.34 -1.79 12.11
N ASN A 58 -1.12 -2.25 11.81
CA ASN A 58 -0.86 -3.35 10.88
C ASN A 58 -0.94 -4.70 11.62
N VAL A 59 -1.96 -5.51 11.27
CA VAL A 59 -2.13 -6.89 11.77
C VAL A 59 -1.57 -7.89 10.74
N THR A 60 -0.64 -8.75 11.20
CA THR A 60 -0.10 -9.88 10.43
C THR A 60 -0.02 -11.12 11.38
N PRO A 61 0.03 -12.39 10.83
CA PRO A 61 0.15 -13.63 11.67
C PRO A 61 1.41 -13.64 12.57
N GLU A 62 2.42 -12.86 12.16
CA GLU A 62 3.69 -12.72 12.91
C GLU A 62 3.50 -11.78 14.10
N ARG A 63 2.98 -10.54 13.83
CA ARG A 63 2.81 -9.52 14.88
C ARG A 63 1.73 -8.49 14.49
N THR A 64 0.98 -8.02 15.49
CA THR A 64 0.05 -6.89 15.37
C THR A 64 0.67 -5.66 16.04
N TRP A 65 1.12 -4.69 15.24
CA TRP A 65 1.81 -3.49 15.74
C TRP A 65 1.23 -2.23 15.08
N GLU A 66 1.15 -1.14 15.88
CA GLU A 66 0.60 0.14 15.44
C GLU A 66 1.70 0.98 14.77
N THR A 67 1.57 1.18 13.46
CA THR A 67 2.57 1.88 12.64
C THR A 67 2.00 3.20 12.11
N ARG A 68 2.59 4.32 12.55
CA ARG A 68 2.22 5.66 12.06
C ARG A 68 2.95 5.93 10.73
N SER A 69 2.15 6.15 9.68
CA SER A 69 2.61 6.32 8.31
C SER A 69 2.47 7.80 7.89
N GLU A 70 3.57 8.39 7.40
CA GLU A 70 3.63 9.82 7.03
C GLU A 70 3.44 10.00 5.52
N VAL A 71 2.32 10.64 5.15
CA VAL A 71 1.99 11.01 3.76
C VAL A 71 3.12 11.83 3.12
N ILE A 72 3.87 11.17 2.24
CA ILE A 72 5.06 11.76 1.56
C ILE A 72 4.69 12.36 0.19
N VAL A 73 3.46 12.06 -0.29
CA VAL A 73 2.88 12.63 -1.52
C VAL A 73 1.35 12.69 -1.34
N ALA A 74 0.75 13.86 -1.65
CA ALA A 74 -0.66 14.17 -1.35
C ALA A 74 -1.32 14.89 -2.54
N GLU A 75 -2.17 14.16 -3.26
CA GLU A 75 -3.00 14.65 -4.38
C GLU A 75 -4.46 14.22 -4.09
N PRO A 76 -5.50 14.97 -4.61
CA PRO A 76 -6.92 14.70 -4.28
C PRO A 76 -7.35 13.24 -4.59
N ASN A 77 -7.12 12.79 -5.84
CA ASN A 77 -7.39 11.40 -6.27
C ASN A 77 -6.21 10.84 -7.11
N ARG A 78 -5.27 11.74 -7.48
CA ARG A 78 -4.21 11.43 -8.48
C ARG A 78 -3.08 10.58 -7.87
N CYS A 79 -2.80 10.79 -6.57
CA CYS A 79 -1.73 10.08 -5.86
C CYS A 79 -1.85 10.30 -4.34
N PHE A 80 -1.91 9.22 -3.57
CA PHE A 80 -1.87 9.28 -2.11
C PHE A 80 -0.89 8.21 -1.62
N GLY A 81 0.30 8.66 -1.18
CA GLY A 81 1.37 7.77 -0.74
C GLY A 81 1.93 8.17 0.61
N TRP A 82 2.31 7.15 1.39
CA TRP A 82 2.75 7.30 2.79
C TRP A 82 3.97 6.40 3.05
N SER A 83 4.82 6.81 3.99
CA SER A 83 5.93 6.00 4.47
C SER A 83 5.56 5.42 5.85
N VAL A 84 5.49 4.08 5.92
CA VAL A 84 5.21 3.35 7.16
C VAL A 84 6.48 3.40 8.03
N THR A 85 6.39 4.18 9.14
CA THR A 85 7.53 4.53 10.03
C THR A 85 8.51 5.49 9.30
N ASP A 86 9.24 6.32 10.08
CA ASP A 86 10.15 7.37 9.55
C ASP A 86 11.28 6.76 8.67
N GLY A 87 10.99 6.71 7.35
CA GLY A 87 11.98 6.31 6.32
C GLY A 87 12.11 4.81 6.14
N ASN A 88 11.32 4.02 6.89
CA ASN A 88 11.41 2.55 6.90
C ASN A 88 10.90 1.95 5.57
N VAL A 89 9.57 1.91 5.38
CA VAL A 89 8.93 1.40 4.15
C VAL A 89 8.18 2.56 3.50
N LYS A 90 8.51 2.92 2.25
CA LYS A 90 7.79 3.96 1.50
C LYS A 90 6.82 3.27 0.51
N TRP A 91 5.57 3.77 0.48
CA TRP A 91 4.53 3.29 -0.43
C TRP A 91 3.97 4.50 -1.20
N ILE A 92 4.11 4.51 -2.53
CA ILE A 92 3.53 5.57 -3.39
C ILE A 92 2.39 4.95 -4.20
N TYR A 93 1.13 5.33 -3.93
CA TYR A 93 -0.02 4.85 -4.70
C TYR A 93 -0.55 5.98 -5.60
N SER A 94 -0.20 5.89 -6.89
CA SER A 94 -0.63 6.86 -7.91
C SER A 94 -1.77 6.27 -8.73
N MET A 95 -2.90 6.98 -8.78
CA MET A 95 -4.09 6.59 -9.55
C MET A 95 -4.34 7.64 -10.63
N GLU A 96 -4.17 7.23 -11.90
CA GLU A 96 -4.32 8.12 -13.06
C GLU A 96 -5.62 7.78 -13.82
N PRO A 97 -6.74 8.51 -13.52
CA PRO A 97 -8.06 8.26 -14.16
C PRO A 97 -8.04 8.54 -15.68
N LEU A 98 -8.06 7.47 -16.47
CA LEU A 98 -8.25 7.54 -17.93
C LEU A 98 -9.76 7.67 -18.24
N GLU A 99 -10.10 8.05 -19.48
CA GLU A 99 -11.49 8.07 -19.94
C GLU A 99 -11.99 6.61 -20.18
N GLU A 100 -11.02 5.68 -20.33
CA GLU A 100 -11.29 4.25 -20.55
C GLU A 100 -11.24 3.44 -19.23
N GLY A 101 -10.63 4.03 -18.17
CA GLY A 101 -10.45 3.34 -16.88
C GLY A 101 -9.64 4.15 -15.87
N THR A 102 -8.78 3.48 -15.09
CA THR A 102 -7.87 4.12 -14.12
C THR A 102 -6.63 3.24 -13.91
N VAL A 103 -5.44 3.82 -14.04
CA VAL A 103 -4.18 3.09 -13.84
C VAL A 103 -3.81 3.14 -12.35
N LEU A 104 -3.94 1.99 -11.65
CA LEU A 104 -3.43 1.84 -10.28
C LEU A 104 -1.93 1.59 -10.37
N THR A 105 -1.16 2.44 -9.71
CA THR A 105 0.30 2.35 -9.65
C THR A 105 0.71 2.32 -8.18
N GLU A 106 1.63 1.43 -7.84
CA GLU A 106 2.26 1.39 -6.51
C GLU A 106 3.78 1.54 -6.68
N SER A 107 4.45 1.95 -5.58
CA SER A 107 5.91 1.91 -5.49
C SER A 107 6.33 1.50 -4.07
N TRP A 108 6.86 0.26 -3.94
CA TRP A 108 7.49 -0.20 -2.70
C TRP A 108 8.96 0.24 -2.70
N GLU A 109 9.31 1.21 -1.85
CA GLU A 109 10.67 1.73 -1.72
C GLU A 109 11.14 1.58 -0.26
N PHE A 110 11.76 0.44 0.04
CA PHE A 110 12.33 0.17 1.36
C PHE A 110 13.74 0.77 1.40
N THR A 111 13.81 2.05 1.77
CA THR A 111 15.07 2.82 1.75
C THR A 111 15.99 2.47 2.93
N PRO A 112 17.37 2.63 2.76
CA PRO A 112 18.36 2.37 3.83
C PRO A 112 18.07 3.15 5.13
N LYS A 113 17.34 2.49 6.04
CA LYS A 113 16.83 3.09 7.28
C LYS A 113 16.20 1.97 8.13
N GLY A 114 15.25 1.26 7.50
CA GLY A 114 14.51 0.19 8.16
C GLY A 114 15.31 -1.10 8.31
N GLN A 115 16.24 -1.35 7.36
CA GLN A 115 17.12 -2.54 7.37
C GLN A 115 17.82 -2.72 8.73
N ARG A 116 18.35 -1.60 9.27
CA ARG A 116 19.08 -1.59 10.55
C ARG A 116 18.16 -2.01 11.72
N PHE A 117 16.91 -1.50 11.71
CA PHE A 117 15.88 -1.77 12.74
C PHE A 117 15.60 -3.28 12.87
N PHE A 118 15.37 -3.93 11.73
CA PHE A 118 15.09 -5.36 11.67
C PHE A 118 16.40 -6.16 11.87
N HIS A 119 17.54 -5.61 11.42
CA HIS A 119 18.89 -6.23 11.56
C HIS A 119 19.30 -6.38 13.04
N ASP A 120 18.75 -5.51 13.89
CA ASP A 120 18.92 -5.61 15.35
C ASP A 120 18.22 -6.88 15.90
N LYS A 121 17.09 -7.26 15.26
CA LYS A 121 16.23 -8.38 15.70
C LYS A 121 16.62 -9.71 15.03
N PHE A 122 17.12 -9.63 13.78
CA PHE A 122 17.52 -10.79 12.97
C PHE A 122 19.02 -11.10 13.19
N GLY A 123 19.87 -10.08 12.99
CA GLY A 123 21.33 -10.22 13.16
C GLY A 123 21.97 -11.07 12.05
N ASP A 124 22.29 -12.34 12.37
CA ASP A 124 22.81 -13.33 11.39
C ASP A 124 21.71 -13.84 10.45
N LYS A 125 20.44 -13.61 10.85
CA LYS A 125 19.27 -14.02 10.05
C LYS A 125 18.82 -12.87 9.12
N SER A 126 19.69 -11.84 8.97
CA SER A 126 19.44 -10.66 8.12
C SER A 126 19.42 -11.03 6.61
N ILE A 127 19.96 -12.22 6.28
CA ILE A 127 19.86 -12.78 4.92
C ILE A 127 18.38 -13.10 4.59
N GLU A 128 17.69 -13.81 5.51
CA GLU A 128 16.26 -14.13 5.37
C GLU A 128 15.42 -12.83 5.42
N GLU A 129 15.85 -11.89 6.26
CA GLU A 129 15.21 -10.57 6.43
C GLU A 129 15.02 -9.85 5.07
N ILE A 130 16.14 -9.60 4.39
CA ILE A 130 16.15 -8.84 3.12
C ILE A 130 15.57 -9.67 1.96
N GLU A 131 15.81 -10.99 1.97
CA GLU A 131 15.32 -11.90 0.93
C GLU A 131 13.79 -12.01 0.99
N LYS A 132 13.28 -12.43 2.14
CA LYS A 132 11.85 -12.72 2.36
C LYS A 132 11.00 -11.44 2.33
N ARG A 133 11.59 -10.27 2.67
CA ARG A 133 10.86 -8.97 2.53
C ARG A 133 10.74 -8.61 1.03
N ARG A 134 11.80 -8.95 0.25
CA ARG A 134 11.85 -8.72 -1.19
C ARG A 134 10.85 -9.64 -1.91
N LEU A 135 10.71 -10.87 -1.40
CA LEU A 135 9.79 -11.88 -1.95
C LEU A 135 8.34 -11.59 -1.56
N ALA A 136 8.12 -11.19 -0.29
CA ALA A 136 6.78 -10.87 0.24
C ALA A 136 6.18 -9.65 -0.47
N ALA A 137 7.06 -8.70 -0.84
CA ALA A 137 6.65 -7.51 -1.58
C ALA A 137 6.54 -7.81 -3.09
N ILE A 138 7.69 -8.05 -3.75
CA ILE A 138 7.79 -8.07 -5.24
C ILE A 138 6.98 -9.24 -5.89
N THR A 139 6.76 -10.33 -5.16
CA THR A 139 5.87 -11.42 -5.63
C THR A 139 4.38 -11.09 -5.35
N GLY A 140 4.12 -10.48 -4.18
CA GLY A 140 2.75 -10.18 -3.73
C GLY A 140 2.13 -8.95 -4.42
N ILE A 141 2.99 -8.03 -4.89
CA ILE A 141 2.58 -6.75 -5.50
C ILE A 141 1.81 -6.97 -6.84
N PRO A 142 2.40 -7.67 -7.90
CA PRO A 142 1.70 -7.83 -9.21
C PRO A 142 0.42 -8.65 -9.06
N GLU A 143 0.41 -9.55 -8.05
CA GLU A 143 -0.77 -10.33 -7.67
C GLU A 143 -1.91 -9.39 -7.22
N THR A 144 -1.56 -8.44 -6.32
CA THR A 144 -2.51 -7.45 -5.77
C THR A 144 -3.03 -6.50 -6.87
N LEU A 145 -2.13 -6.06 -7.74
CA LEU A 145 -2.45 -5.15 -8.87
C LEU A 145 -3.50 -5.80 -9.81
N VAL A 146 -3.28 -7.08 -10.17
CA VAL A 146 -4.21 -7.86 -11.01
C VAL A 146 -5.51 -8.16 -10.23
N ALA A 147 -5.40 -8.36 -8.90
CA ALA A 147 -6.55 -8.69 -8.03
C ALA A 147 -7.54 -7.52 -7.96
N ILE A 148 -7.01 -6.28 -7.83
CA ILE A 148 -7.81 -5.04 -7.76
C ILE A 148 -8.58 -4.84 -9.08
N GLN A 149 -7.91 -5.12 -10.20
CA GLN A 149 -8.52 -5.07 -11.54
C GLN A 149 -9.62 -6.12 -11.69
N ARG A 150 -9.27 -7.38 -11.40
CA ARG A 150 -10.10 -8.55 -11.71
C ARG A 150 -11.40 -8.56 -10.89
N ILE A 151 -11.29 -8.23 -9.59
CA ILE A 151 -12.42 -8.25 -8.64
C ILE A 151 -13.53 -7.25 -9.06
N LEU A 152 -13.09 -6.10 -9.62
CA LEU A 152 -13.99 -5.05 -10.13
C LEU A 152 -14.73 -5.55 -11.38
N GLU A 153 -13.98 -6.08 -12.36
CA GLU A 153 -14.53 -6.58 -13.65
C GLU A 153 -15.53 -7.74 -13.44
N VAL A 154 -15.16 -8.67 -12.53
CA VAL A 154 -15.98 -9.86 -12.19
C VAL A 154 -17.30 -9.44 -11.54
N GLU A 155 -17.24 -8.40 -10.69
CA GLU A 155 -18.42 -7.93 -9.96
C GLU A 155 -19.31 -7.02 -10.84
N LEU A 156 -18.81 -6.59 -12.02
CA LEU A 156 -19.64 -5.86 -13.01
C LEU A 156 -20.52 -6.86 -13.78
N GLU A 157 -19.87 -7.75 -14.54
CA GLU A 157 -20.52 -8.82 -15.33
C GLU A 157 -19.53 -10.00 -15.46
N HIS A 158 -18.58 -9.88 -16.42
CA HIS A 158 -17.48 -10.83 -16.65
C HIS A 158 -18.03 -12.27 -16.89
N HIS A 159 -19.11 -12.35 -17.68
CA HIS A 159 -19.86 -13.61 -18.02
C HIS A 159 -20.34 -14.42 -16.79
N HIS A 160 -20.21 -13.84 -15.57
CA HIS A 160 -20.54 -14.54 -14.31
C HIS A 160 -20.66 -13.50 -13.18
N HIS A 161 -21.86 -12.93 -13.03
CA HIS A 161 -22.22 -12.05 -11.90
C HIS A 161 -23.67 -12.32 -11.50
N HIS A 162 -23.85 -13.20 -10.51
CA HIS A 162 -25.15 -13.49 -9.89
C HIS A 162 -24.90 -14.19 -8.53
N HIS A 163 -24.77 -13.39 -7.47
CA HIS A 163 -24.47 -13.88 -6.11
C HIS A 163 -25.23 -13.00 -5.09
N MET A 1 20.37 -8.62 -5.90
CA MET A 1 19.68 -8.79 -7.21
C MET A 1 18.79 -7.54 -7.58
N PRO A 2 17.88 -7.01 -6.68
CA PRO A 2 17.08 -5.80 -7.01
C PRO A 2 17.86 -4.51 -6.70
N LYS A 3 17.24 -3.35 -7.00
CA LYS A 3 17.80 -2.03 -6.66
C LYS A 3 17.65 -1.81 -5.13
N SER A 4 18.65 -2.29 -4.37
CA SER A 4 18.65 -2.30 -2.90
C SER A 4 17.44 -3.13 -2.37
N LEU A 5 16.28 -2.47 -2.22
CA LEU A 5 15.00 -3.08 -1.86
C LEU A 5 13.87 -2.17 -2.38
N THR A 6 13.47 -2.39 -3.63
CA THR A 6 12.35 -1.67 -4.25
C THR A 6 11.72 -2.52 -5.36
N PHE A 7 10.39 -2.41 -5.49
CA PHE A 7 9.62 -3.02 -6.57
C PHE A 7 8.43 -2.11 -6.89
N GLU A 8 8.11 -1.99 -8.18
CA GLU A 8 6.99 -1.18 -8.66
C GLU A 8 6.18 -1.99 -9.69
N ASP A 9 4.91 -1.61 -9.89
CA ASP A 9 4.03 -2.22 -10.89
C ASP A 9 2.90 -1.24 -11.24
N SER A 10 2.57 -1.15 -12.53
CA SER A 10 1.48 -0.31 -13.04
C SER A 10 0.61 -1.13 -13.98
N ILE A 11 -0.72 -1.08 -13.77
CA ILE A 11 -1.70 -1.75 -14.65
C ILE A 11 -2.86 -0.78 -14.93
N ASN A 12 -3.34 -0.76 -16.18
CA ASN A 12 -4.55 -0.03 -16.54
C ASN A 12 -5.77 -0.86 -16.11
N ILE A 13 -6.77 -0.18 -15.54
CA ILE A 13 -8.05 -0.78 -15.12
C ILE A 13 -9.13 -0.09 -15.94
N ALA A 14 -10.12 -0.84 -16.46
CA ALA A 14 -11.20 -0.27 -17.29
C ALA A 14 -12.31 0.39 -16.43
N ALA A 15 -12.06 0.53 -15.12
CA ALA A 15 -12.98 1.17 -14.17
C ALA A 15 -12.61 2.65 -13.95
N PRO A 16 -13.62 3.54 -13.63
CA PRO A 16 -13.37 4.93 -13.19
C PRO A 16 -12.43 5.03 -11.96
N ILE A 17 -11.75 6.17 -11.85
CA ILE A 17 -10.74 6.44 -10.81
C ILE A 17 -11.32 6.31 -9.38
N ASN A 18 -12.64 6.53 -9.26
CA ASN A 18 -13.37 6.42 -7.99
C ASN A 18 -13.29 4.98 -7.43
N GLN A 19 -13.60 3.99 -8.28
CA GLN A 19 -13.60 2.56 -7.90
C GLN A 19 -12.18 2.06 -7.59
N VAL A 20 -11.21 2.53 -8.40
CA VAL A 20 -9.79 2.18 -8.26
C VAL A 20 -9.26 2.69 -6.91
N TYR A 21 -9.49 3.98 -6.64
CA TYR A 21 -9.06 4.67 -5.40
C TYR A 21 -9.67 4.02 -4.16
N ALA A 22 -10.90 3.50 -4.31
CA ALA A 22 -11.61 2.79 -3.22
C ALA A 22 -10.82 1.53 -2.79
N LEU A 23 -10.45 0.69 -3.77
CA LEU A 23 -9.72 -0.57 -3.50
C LEU A 23 -8.23 -0.32 -3.14
N VAL A 24 -7.73 0.89 -3.41
CA VAL A 24 -6.38 1.31 -3.02
C VAL A 24 -6.37 1.81 -1.56
N SER A 25 -7.38 2.60 -1.22
CA SER A 25 -7.46 3.31 0.07
C SER A 25 -8.93 3.56 0.45
N ASP A 26 -9.51 2.60 1.20
CA ASP A 26 -10.83 2.71 1.84
C ASP A 26 -10.96 1.55 2.82
N ILE A 27 -10.30 1.71 3.98
CA ILE A 27 -10.15 0.65 5.01
C ILE A 27 -10.52 1.20 6.41
N THR A 28 -10.80 2.51 6.46
CA THR A 28 -10.87 3.29 7.69
C THR A 28 -12.21 3.04 8.41
N ARG A 29 -12.25 1.93 9.15
CA ARG A 29 -13.42 1.45 9.91
C ARG A 29 -12.96 0.90 11.28
N THR A 30 -13.84 0.14 11.96
CA THR A 30 -13.51 -0.53 13.23
C THR A 30 -12.50 -1.69 13.00
N GLY A 31 -12.68 -2.39 11.87
CA GLY A 31 -11.87 -3.57 11.49
C GLY A 31 -12.73 -4.82 11.36
N GLU A 32 -13.94 -4.63 10.78
CA GLU A 32 -14.94 -5.70 10.65
C GLU A 32 -14.55 -6.69 9.55
N TRP A 33 -14.03 -6.14 8.44
CA TRP A 33 -13.63 -6.93 7.24
C TRP A 33 -12.10 -7.11 7.17
N SER A 34 -11.39 -6.65 8.23
CA SER A 34 -9.91 -6.66 8.29
C SER A 34 -9.45 -7.15 9.68
N PRO A 35 -8.96 -8.43 9.81
CA PRO A 35 -8.47 -9.00 11.10
C PRO A 35 -7.08 -8.45 11.50
N VAL A 36 -6.34 -7.92 10.51
CA VAL A 36 -5.00 -7.33 10.74
C VAL A 36 -5.13 -5.91 11.34
N CYS A 37 -6.33 -5.33 11.25
CA CYS A 37 -6.68 -4.04 11.85
C CYS A 37 -6.92 -4.22 13.37
N GLU A 38 -5.86 -4.01 14.16
CA GLU A 38 -5.95 -3.94 15.64
C GLU A 38 -6.20 -2.48 16.05
N LYS A 39 -5.47 -1.58 15.40
CA LYS A 39 -5.64 -0.13 15.55
C LYS A 39 -5.51 0.50 14.17
N CYS A 40 -6.48 1.32 13.77
CA CYS A 40 -6.40 2.10 12.53
C CYS A 40 -7.13 3.44 12.71
N TRP A 41 -6.36 4.53 12.75
CA TRP A 41 -6.90 5.88 12.54
C TRP A 41 -6.04 6.51 11.44
N TRP A 42 -6.68 6.86 10.32
CA TRP A 42 -5.98 7.34 9.12
C TRP A 42 -6.20 8.85 8.94
N ASP A 43 -5.08 9.54 8.72
CA ASP A 43 -5.05 10.99 8.46
C ASP A 43 -5.72 11.34 7.11
N GLU A 44 -5.73 10.37 6.17
CA GLU A 44 -6.37 10.54 4.85
C GLU A 44 -7.90 10.73 4.95
N ASP A 45 -8.48 10.27 6.07
CA ASP A 45 -9.90 10.44 6.38
C ASP A 45 -10.23 11.92 6.63
N GLU A 46 -9.28 12.62 7.25
CA GLU A 46 -9.46 14.01 7.71
C GLU A 46 -8.86 15.01 6.71
N GLY A 47 -7.90 14.55 5.90
CA GLY A 47 -7.24 15.40 4.92
C GLY A 47 -5.84 14.88 4.57
N PRO A 48 -5.68 14.09 3.46
CA PRO A 48 -4.37 13.60 3.01
C PRO A 48 -3.58 14.74 2.33
N VAL A 49 -2.81 15.46 3.14
CA VAL A 49 -1.97 16.59 2.69
C VAL A 49 -0.49 16.26 2.90
N VAL A 50 0.40 17.07 2.31
CA VAL A 50 1.86 16.91 2.48
C VAL A 50 2.25 17.32 3.92
N GLY A 51 2.45 16.30 4.78
CA GLY A 51 2.76 16.51 6.19
C GLY A 51 1.77 15.82 7.12
N ALA A 52 0.63 15.34 6.55
CA ALA A 52 -0.40 14.61 7.30
C ALA A 52 0.15 13.26 7.78
N HIS A 53 -0.07 12.93 9.08
CA HIS A 53 0.39 11.66 9.66
C HIS A 53 -0.50 11.24 10.83
N PHE A 54 -0.94 9.96 10.80
CA PHE A 54 -1.68 9.32 11.91
C PHE A 54 -1.21 7.87 12.09
N THR A 55 -1.54 7.30 13.27
CA THR A 55 -0.97 6.01 13.73
C THR A 55 -2.01 4.87 13.65
N GLY A 56 -1.47 3.66 13.50
CA GLY A 56 -2.20 2.41 13.53
C GLY A 56 -1.32 1.31 14.10
N ARG A 57 -1.76 0.04 13.98
CA ARG A 57 -1.02 -1.10 14.51
C ARG A 57 -1.37 -2.33 13.65
N ASN A 58 -0.42 -2.75 12.82
CA ASN A 58 -0.56 -3.93 11.94
C ASN A 58 -0.12 -5.18 12.71
N VAL A 59 -0.90 -6.26 12.59
CA VAL A 59 -0.62 -7.54 13.23
C VAL A 59 -0.71 -8.68 12.18
N THR A 60 0.24 -9.61 12.26
CA THR A 60 0.33 -10.81 11.41
C THR A 60 0.71 -12.01 12.32
N PRO A 61 0.51 -13.32 11.87
CA PRO A 61 0.75 -14.54 12.72
C PRO A 61 2.11 -14.59 13.45
N GLU A 62 3.14 -13.94 12.88
CA GLU A 62 4.51 -13.94 13.44
C GLU A 62 4.94 -12.54 13.94
N ARG A 63 4.43 -11.48 13.30
CA ARG A 63 5.01 -10.13 13.38
C ARG A 63 3.98 -9.12 13.89
N THR A 64 4.40 -8.28 14.84
CA THR A 64 3.58 -7.21 15.41
C THR A 64 4.36 -5.90 15.35
N TRP A 65 3.83 -4.91 14.63
CA TRP A 65 4.49 -3.61 14.44
C TRP A 65 3.45 -2.48 14.39
N GLU A 66 3.71 -1.43 15.18
CA GLU A 66 2.88 -0.23 15.24
C GLU A 66 3.31 0.72 14.10
N THR A 67 2.38 0.96 13.17
CA THR A 67 2.65 1.66 11.90
C THR A 67 2.07 3.09 11.92
N ARG A 68 2.93 4.11 11.87
CA ARG A 68 2.48 5.51 11.67
C ARG A 68 2.70 5.88 10.18
N SER A 69 1.62 6.27 9.51
CA SER A 69 1.63 6.61 8.08
C SER A 69 1.73 8.13 7.92
N GLU A 70 2.84 8.60 7.31
CA GLU A 70 3.08 10.03 7.06
C GLU A 70 3.14 10.30 5.55
N VAL A 71 2.09 10.95 5.04
CA VAL A 71 1.96 11.32 3.62
C VAL A 71 3.00 12.41 3.27
N ILE A 72 4.08 11.97 2.62
CA ILE A 72 5.21 12.82 2.22
C ILE A 72 4.92 13.60 0.92
N VAL A 73 3.90 13.15 0.15
CA VAL A 73 3.43 13.83 -1.08
C VAL A 73 1.95 13.46 -1.32
N ALA A 74 1.11 14.48 -1.66
CA ALA A 74 -0.35 14.31 -1.79
C ALA A 74 -0.92 15.21 -2.89
N GLU A 75 -1.59 14.59 -3.88
CA GLU A 75 -2.34 15.29 -4.93
C GLU A 75 -3.77 14.74 -4.96
N PRO A 76 -4.82 15.63 -5.09
CA PRO A 76 -6.27 15.25 -4.93
C PRO A 76 -6.70 14.10 -5.88
N ASN A 77 -6.61 12.87 -5.33
CA ASN A 77 -6.89 11.59 -6.03
C ASN A 77 -6.03 11.49 -7.32
N ARG A 78 -4.69 11.47 -7.15
CA ARG A 78 -3.76 11.40 -8.29
C ARG A 78 -2.44 10.72 -7.88
N CYS A 79 -1.82 11.20 -6.79
CA CYS A 79 -0.54 10.68 -6.28
C CYS A 79 -0.50 10.78 -4.74
N PHE A 80 -0.41 9.63 -4.05
CA PHE A 80 -0.28 9.58 -2.58
C PHE A 80 0.92 8.71 -2.20
N GLY A 81 2.00 9.39 -1.82
CA GLY A 81 3.18 8.74 -1.28
C GLY A 81 3.23 8.93 0.22
N TRP A 82 3.24 7.83 0.97
CA TRP A 82 3.26 7.86 2.45
C TRP A 82 4.27 6.84 2.99
N SER A 83 5.05 7.28 3.99
CA SER A 83 6.11 6.47 4.61
C SER A 83 5.60 5.84 5.91
N VAL A 84 5.79 4.52 6.03
CA VAL A 84 5.57 3.78 7.27
C VAL A 84 6.75 4.01 8.23
N THR A 85 6.44 4.44 9.46
CA THR A 85 7.39 4.69 10.55
C THR A 85 8.25 5.96 10.27
N ASP A 86 9.47 5.79 9.73
CA ASP A 86 10.47 6.86 9.62
C ASP A 86 11.74 6.26 9.00
N GLY A 87 11.83 6.38 7.66
CA GLY A 87 12.95 5.83 6.90
C GLY A 87 12.92 4.31 6.83
N ASN A 88 11.74 3.74 7.04
CA ASN A 88 11.51 2.29 7.07
C ASN A 88 10.94 1.85 5.70
N VAL A 89 9.64 2.16 5.45
CA VAL A 89 8.94 1.76 4.19
C VAL A 89 8.34 3.02 3.55
N LYS A 90 8.27 3.06 2.21
CA LYS A 90 7.52 4.09 1.47
C LYS A 90 6.59 3.40 0.46
N TRP A 91 5.28 3.66 0.57
CA TRP A 91 4.28 3.22 -0.41
C TRP A 91 3.87 4.42 -1.27
N ILE A 92 4.27 4.41 -2.55
CA ILE A 92 4.02 5.51 -3.48
C ILE A 92 2.95 5.03 -4.48
N TYR A 93 1.76 5.63 -4.40
CA TYR A 93 0.61 5.32 -5.27
C TYR A 93 0.40 6.45 -6.29
N SER A 94 -0.09 6.07 -7.47
CA SER A 94 -0.50 7.01 -8.51
C SER A 94 -1.67 6.42 -9.30
N MET A 95 -2.79 7.13 -9.33
CA MET A 95 -4.01 6.76 -10.08
C MET A 95 -4.26 7.82 -11.15
N GLU A 96 -4.12 7.42 -12.42
CA GLU A 96 -4.16 8.31 -13.59
C GLU A 96 -5.48 8.12 -14.37
N PRO A 97 -6.48 9.03 -14.18
CA PRO A 97 -7.84 8.87 -14.75
C PRO A 97 -7.85 9.09 -16.28
N LEU A 98 -7.95 7.97 -17.01
CA LEU A 98 -8.06 7.97 -18.48
C LEU A 98 -9.56 7.96 -18.90
N GLU A 99 -9.81 8.22 -20.18
CA GLU A 99 -11.17 8.16 -20.76
C GLU A 99 -11.63 6.68 -20.91
N GLU A 100 -10.66 5.76 -20.95
CA GLU A 100 -10.92 4.31 -21.03
C GLU A 100 -11.00 3.66 -19.62
N GLY A 101 -10.38 4.33 -18.62
CA GLY A 101 -10.31 3.79 -17.26
C GLY A 101 -9.36 4.57 -16.36
N THR A 102 -8.45 3.88 -15.67
CA THR A 102 -7.46 4.50 -14.76
C THR A 102 -6.23 3.58 -14.62
N VAL A 103 -5.02 4.11 -14.85
CA VAL A 103 -3.77 3.34 -14.63
C VAL A 103 -3.32 3.51 -13.17
N LEU A 104 -3.42 2.43 -12.38
CA LEU A 104 -2.95 2.43 -10.98
C LEU A 104 -1.47 2.00 -10.96
N THR A 105 -0.67 2.69 -10.16
CA THR A 105 0.77 2.48 -10.05
C THR A 105 1.17 2.37 -8.57
N GLU A 106 1.56 1.17 -8.14
CA GLU A 106 2.17 0.94 -6.83
C GLU A 106 3.70 1.05 -6.93
N SER A 107 4.35 1.59 -5.89
CA SER A 107 5.81 1.59 -5.77
C SER A 107 6.21 1.35 -4.30
N TRP A 108 6.69 0.15 -3.99
CA TRP A 108 7.28 -0.18 -2.69
C TRP A 108 8.77 0.20 -2.70
N GLU A 109 9.15 1.19 -1.90
CA GLU A 109 10.55 1.62 -1.76
C GLU A 109 10.96 1.50 -0.29
N PHE A 110 11.72 0.44 0.03
CA PHE A 110 12.23 0.23 1.38
C PHE A 110 13.56 0.99 1.54
N THR A 111 13.53 2.00 2.41
CA THR A 111 14.67 2.90 2.64
C THR A 111 15.70 2.27 3.62
N PRO A 112 17.05 2.44 3.35
CA PRO A 112 18.14 1.75 4.12
C PRO A 112 18.30 2.24 5.58
N LYS A 113 17.65 3.38 5.92
CA LYS A 113 17.71 4.00 7.27
C LYS A 113 17.18 3.03 8.34
N GLY A 114 15.98 2.50 8.11
CA GLY A 114 15.34 1.54 9.01
C GLY A 114 15.84 0.11 8.80
N GLN A 115 16.37 -0.15 7.58
CA GLN A 115 16.88 -1.48 7.17
C GLN A 115 18.02 -1.91 8.11
N ARG A 116 19.08 -1.08 8.18
CA ARG A 116 20.32 -1.42 8.91
C ARG A 116 20.08 -1.64 10.42
N PHE A 117 19.20 -0.81 11.02
CA PHE A 117 18.84 -0.94 12.46
C PHE A 117 18.14 -2.29 12.71
N PHE A 118 17.18 -2.63 11.84
CA PHE A 118 16.41 -3.89 11.91
C PHE A 118 17.34 -5.10 11.58
N HIS A 119 18.36 -4.82 10.76
CA HIS A 119 19.37 -5.81 10.33
C HIS A 119 20.35 -6.10 11.47
N ASP A 120 20.62 -5.09 12.31
CA ASP A 120 21.51 -5.25 13.48
C ASP A 120 20.77 -5.88 14.66
N LYS A 121 19.45 -5.65 14.73
CA LYS A 121 18.57 -6.24 15.75
C LYS A 121 18.33 -7.73 15.45
N PHE A 122 18.05 -8.03 14.18
CA PHE A 122 17.84 -9.40 13.69
C PHE A 122 18.95 -9.72 12.67
N GLY A 123 20.19 -9.90 13.19
CA GLY A 123 21.37 -10.14 12.35
C GLY A 123 21.34 -11.49 11.65
N ASP A 124 21.14 -12.54 12.45
CA ASP A 124 21.06 -13.92 11.96
C ASP A 124 19.79 -14.13 11.12
N LYS A 125 18.66 -13.57 11.60
CA LYS A 125 17.35 -13.68 10.93
C LYS A 125 17.28 -12.84 9.66
N SER A 126 18.20 -11.87 9.49
CA SER A 126 18.12 -10.85 8.40
C SER A 126 17.96 -11.46 7.00
N ILE A 127 18.52 -12.66 6.79
CA ILE A 127 18.42 -13.39 5.51
C ILE A 127 16.94 -13.75 5.19
N GLU A 128 16.22 -14.18 6.24
CA GLU A 128 14.78 -14.53 6.19
C GLU A 128 13.93 -13.25 6.09
N GLU A 129 14.29 -12.24 6.92
CA GLU A 129 13.53 -10.98 7.06
C GLU A 129 13.52 -10.17 5.76
N ILE A 130 14.71 -10.06 5.13
CA ILE A 130 14.86 -9.36 3.83
C ILE A 130 14.11 -10.14 2.73
N GLU A 131 14.12 -11.49 2.84
CA GLU A 131 13.45 -12.40 1.90
C GLU A 131 11.92 -12.20 1.95
N LYS A 132 11.38 -11.96 3.16
CA LYS A 132 9.94 -11.72 3.37
C LYS A 132 9.50 -10.41 2.72
N ARG A 133 10.22 -9.32 3.03
CA ARG A 133 9.93 -7.97 2.48
C ARG A 133 10.18 -7.91 0.97
N ARG A 134 11.14 -8.71 0.49
CA ARG A 134 11.49 -8.78 -0.94
C ARG A 134 10.40 -9.55 -1.72
N LEU A 135 10.24 -10.86 -1.39
CA LEU A 135 9.32 -11.77 -2.10
C LEU A 135 7.86 -11.29 -2.01
N ALA A 136 7.34 -11.03 -0.80
CA ALA A 136 5.92 -10.63 -0.59
C ALA A 136 5.54 -9.33 -1.32
N ALA A 137 6.55 -8.50 -1.63
CA ALA A 137 6.35 -7.29 -2.45
C ALA A 137 6.40 -7.64 -3.96
N ILE A 138 7.45 -8.35 -4.37
CA ILE A 138 7.74 -8.64 -5.79
C ILE A 138 6.71 -9.59 -6.43
N THR A 139 6.13 -10.50 -5.62
CA THR A 139 5.06 -11.41 -6.06
C THR A 139 3.67 -10.85 -5.68
N GLY A 140 3.62 -10.09 -4.57
CA GLY A 140 2.35 -9.64 -3.99
C GLY A 140 1.72 -8.46 -4.70
N ILE A 141 2.55 -7.44 -5.00
CA ILE A 141 2.14 -6.20 -5.69
C ILE A 141 1.47 -6.51 -7.06
N PRO A 142 2.12 -7.26 -8.04
CA PRO A 142 1.51 -7.51 -9.36
C PRO A 142 0.22 -8.37 -9.26
N GLU A 143 0.18 -9.23 -8.24
CA GLU A 143 -1.01 -10.05 -7.91
C GLU A 143 -2.19 -9.13 -7.54
N THR A 144 -1.93 -8.23 -6.57
CA THR A 144 -2.95 -7.32 -6.00
C THR A 144 -3.39 -6.27 -7.04
N LEU A 145 -2.47 -5.88 -7.93
CA LEU A 145 -2.72 -4.94 -9.03
C LEU A 145 -3.70 -5.57 -10.05
N VAL A 146 -3.45 -6.85 -10.42
CA VAL A 146 -4.34 -7.61 -11.33
C VAL A 146 -5.68 -7.93 -10.63
N ALA A 147 -5.63 -8.15 -9.31
CA ALA A 147 -6.81 -8.53 -8.51
C ALA A 147 -7.82 -7.36 -8.41
N ILE A 148 -7.29 -6.15 -8.12
CA ILE A 148 -8.08 -4.90 -8.09
C ILE A 148 -8.66 -4.62 -9.49
N GLN A 149 -7.79 -4.72 -10.50
CA GLN A 149 -8.15 -4.55 -11.92
C GLN A 149 -9.32 -5.46 -12.31
N ARG A 150 -9.17 -6.75 -11.99
CA ARG A 150 -10.07 -7.82 -12.43
C ARG A 150 -11.47 -7.64 -11.86
N ILE A 151 -11.56 -7.57 -10.51
CA ILE A 151 -12.84 -7.54 -9.78
C ILE A 151 -13.70 -6.31 -10.16
N LEU A 152 -13.03 -5.17 -10.46
CA LEU A 152 -13.69 -3.93 -10.89
C LEU A 152 -14.33 -4.09 -12.28
N GLU A 153 -13.61 -4.71 -13.22
CA GLU A 153 -14.09 -4.93 -14.60
C GLU A 153 -15.22 -5.98 -14.63
N VAL A 154 -15.09 -7.00 -13.76
CA VAL A 154 -16.14 -8.01 -13.52
C VAL A 154 -17.39 -7.33 -12.91
N GLU A 155 -17.15 -6.33 -12.04
CA GLU A 155 -18.20 -5.57 -11.32
C GLU A 155 -18.95 -4.63 -12.29
N LEU A 156 -18.25 -4.13 -13.33
CA LEU A 156 -18.84 -3.28 -14.38
C LEU A 156 -19.84 -4.09 -15.23
N GLU A 157 -19.46 -5.34 -15.55
CA GLU A 157 -20.32 -6.27 -16.30
C GLU A 157 -21.41 -6.87 -15.39
N HIS A 158 -21.11 -6.94 -14.09
CA HIS A 158 -22.08 -7.38 -13.05
C HIS A 158 -23.17 -6.31 -12.90
N HIS A 159 -22.80 -5.05 -13.20
CA HIS A 159 -23.74 -3.92 -13.23
C HIS A 159 -24.52 -3.94 -14.56
N HIS A 160 -25.81 -3.56 -14.50
CA HIS A 160 -26.70 -3.48 -15.67
C HIS A 160 -26.55 -2.10 -16.37
N HIS A 161 -26.92 -2.04 -17.67
CA HIS A 161 -26.88 -0.78 -18.45
C HIS A 161 -27.93 0.23 -17.90
N HIS A 162 -27.79 1.52 -18.28
CA HIS A 162 -28.70 2.59 -17.81
C HIS A 162 -30.11 2.39 -18.41
N HIS A 163 -31.01 1.77 -17.60
CA HIS A 163 -32.41 1.46 -17.96
C HIS A 163 -32.47 0.41 -19.10
N MET A 1 20.27 8.23 -2.17
CA MET A 1 19.91 6.93 -1.58
C MET A 1 20.42 5.79 -2.48
N PRO A 2 21.43 4.96 -2.04
CA PRO A 2 21.91 3.79 -2.82
C PRO A 2 20.75 2.82 -3.15
N LYS A 3 20.12 2.22 -2.10
CA LYS A 3 18.84 1.46 -2.17
C LYS A 3 18.99 0.15 -2.99
N SER A 4 18.18 -0.88 -2.65
CA SER A 4 18.28 -2.21 -3.28
C SER A 4 16.88 -2.82 -3.42
N LEU A 5 16.22 -3.01 -2.27
CA LEU A 5 14.91 -3.67 -2.18
C LEU A 5 13.80 -2.71 -2.67
N THR A 6 13.56 -2.74 -3.99
CA THR A 6 12.56 -1.91 -4.64
C THR A 6 11.97 -2.66 -5.83
N PHE A 7 10.64 -2.62 -5.94
CA PHE A 7 9.90 -3.10 -7.10
C PHE A 7 8.73 -2.14 -7.35
N GLU A 8 8.29 -2.09 -8.60
CA GLU A 8 7.15 -1.28 -9.02
C GLU A 8 6.48 -1.95 -10.21
N ASP A 9 5.14 -1.83 -10.29
CA ASP A 9 4.35 -2.37 -11.41
C ASP A 9 3.12 -1.48 -11.63
N SER A 10 2.65 -1.46 -12.88
CA SER A 10 1.54 -0.62 -13.33
C SER A 10 0.62 -1.41 -14.28
N ILE A 11 -0.66 -0.99 -14.36
CA ILE A 11 -1.63 -1.53 -15.30
C ILE A 11 -2.79 -0.53 -15.51
N ASN A 12 -3.23 -0.37 -16.76
CA ASN A 12 -4.39 0.46 -17.10
C ASN A 12 -5.66 -0.36 -16.90
N ILE A 13 -6.35 -0.09 -15.78
CA ILE A 13 -7.66 -0.68 -15.46
C ILE A 13 -8.72 -0.04 -16.39
N ALA A 14 -9.68 -0.84 -16.87
CA ALA A 14 -10.75 -0.36 -17.78
C ALA A 14 -11.89 0.37 -17.01
N ALA A 15 -11.67 0.66 -15.72
CA ALA A 15 -12.67 1.31 -14.84
C ALA A 15 -12.28 2.77 -14.53
N PRO A 16 -13.29 3.68 -14.26
CA PRO A 16 -13.05 5.05 -13.78
C PRO A 16 -12.26 5.10 -12.45
N ILE A 17 -11.56 6.23 -12.25
CA ILE A 17 -10.72 6.49 -11.06
C ILE A 17 -11.52 6.39 -9.75
N ASN A 18 -12.85 6.66 -9.81
CA ASN A 18 -13.75 6.58 -8.64
C ASN A 18 -13.74 5.16 -8.03
N GLN A 19 -13.78 4.14 -8.91
CA GLN A 19 -13.80 2.72 -8.51
C GLN A 19 -12.39 2.27 -8.04
N VAL A 20 -11.37 2.70 -8.81
CA VAL A 20 -9.95 2.37 -8.56
C VAL A 20 -9.52 2.88 -7.15
N TYR A 21 -9.85 4.14 -6.88
CA TYR A 21 -9.52 4.87 -5.64
C TYR A 21 -9.90 4.06 -4.37
N ALA A 22 -11.13 3.53 -4.38
CA ALA A 22 -11.68 2.74 -3.26
C ALA A 22 -10.92 1.41 -3.08
N LEU A 23 -10.64 0.72 -4.21
CA LEU A 23 -9.96 -0.61 -4.21
C LEU A 23 -8.44 -0.51 -3.98
N VAL A 24 -7.88 0.71 -4.10
CA VAL A 24 -6.46 1.00 -3.79
C VAL A 24 -6.27 1.23 -2.27
N SER A 25 -7.34 1.70 -1.59
CA SER A 25 -7.30 2.02 -0.15
C SER A 25 -7.17 0.74 0.70
N ASP A 26 -5.91 0.32 0.88
CA ASP A 26 -5.53 -0.85 1.69
C ASP A 26 -5.38 -0.48 3.17
N ILE A 27 -5.24 0.85 3.42
CA ILE A 27 -5.13 1.44 4.77
C ILE A 27 -6.35 1.00 5.65
N THR A 28 -6.08 -0.03 6.48
CA THR A 28 -7.02 -0.68 7.45
C THR A 28 -8.09 -1.57 6.76
N ARG A 29 -8.32 -1.35 5.43
CA ARG A 29 -9.30 -2.07 4.61
C ARG A 29 -10.74 -1.86 5.21
N THR A 30 -11.61 -2.88 5.18
CA THR A 30 -12.96 -2.79 5.74
C THR A 30 -12.93 -2.93 7.29
N GLY A 31 -12.82 -1.78 7.98
CA GLY A 31 -12.83 -1.73 9.45
C GLY A 31 -14.23 -1.44 9.98
N GLU A 32 -15.22 -2.19 9.44
CA GLU A 32 -16.65 -2.01 9.74
C GLU A 32 -16.99 -2.49 11.15
N TRP A 33 -16.64 -3.75 11.43
CA TRP A 33 -16.86 -4.39 12.75
C TRP A 33 -15.64 -5.25 13.14
N SER A 34 -14.57 -5.19 12.32
CA SER A 34 -13.37 -6.04 12.45
C SER A 34 -12.71 -5.91 13.85
N PRO A 35 -12.77 -7.00 14.71
CA PRO A 35 -12.17 -7.00 16.07
C PRO A 35 -10.63 -6.93 16.01
N VAL A 36 -10.07 -7.38 14.88
CA VAL A 36 -8.61 -7.37 14.62
C VAL A 36 -8.08 -5.94 14.36
N CYS A 37 -9.03 -5.02 14.13
CA CYS A 37 -8.75 -3.58 13.99
C CYS A 37 -8.99 -2.91 15.36
N GLU A 38 -8.02 -3.12 16.27
CA GLU A 38 -8.07 -2.60 17.65
C GLU A 38 -8.01 -1.07 17.66
N LYS A 39 -6.95 -0.55 17.01
CA LYS A 39 -6.61 0.87 16.97
C LYS A 39 -6.26 1.24 15.53
N CYS A 40 -7.04 2.15 14.95
CA CYS A 40 -6.90 2.57 13.54
C CYS A 40 -7.27 4.05 13.42
N TRP A 41 -6.27 4.88 13.09
CA TRP A 41 -6.46 6.32 12.88
C TRP A 41 -6.41 6.61 11.38
N TRP A 42 -7.56 7.04 10.84
CA TRP A 42 -7.65 7.61 9.50
C TRP A 42 -7.32 9.10 9.62
N ASP A 43 -6.23 9.49 8.94
CA ASP A 43 -5.83 10.90 8.81
C ASP A 43 -6.95 11.74 8.14
N GLU A 44 -7.81 11.05 7.36
CA GLU A 44 -8.99 11.64 6.69
C GLU A 44 -9.90 12.41 7.71
N ASP A 45 -9.96 11.89 8.95
CA ASP A 45 -10.73 12.48 10.07
C ASP A 45 -10.21 13.91 10.41
N GLU A 46 -8.89 14.09 10.29
CA GLU A 46 -8.24 15.41 10.39
C GLU A 46 -8.38 16.14 9.03
N GLY A 47 -7.72 15.60 8.00
CA GLY A 47 -7.84 16.07 6.62
C GLY A 47 -6.72 15.50 5.75
N PRO A 48 -7.02 14.71 4.66
CA PRO A 48 -5.96 14.07 3.83
C PRO A 48 -5.12 15.10 3.05
N VAL A 49 -4.02 15.56 3.69
CA VAL A 49 -3.14 16.63 3.17
C VAL A 49 -1.72 16.06 2.92
N VAL A 50 -0.86 16.84 2.25
CA VAL A 50 0.56 16.51 2.11
C VAL A 50 1.28 16.86 3.43
N GLY A 51 2.21 15.98 3.85
CA GLY A 51 2.84 16.08 5.17
C GLY A 51 1.91 15.65 6.30
N ALA A 52 0.98 14.75 5.96
CA ALA A 52 -0.01 14.20 6.90
C ALA A 52 0.55 12.96 7.63
N HIS A 53 -0.25 12.34 8.53
CA HIS A 53 0.19 11.16 9.32
C HIS A 53 -0.98 10.20 9.60
N PHE A 54 -0.83 8.94 9.16
CA PHE A 54 -1.68 7.82 9.63
C PHE A 54 -1.03 7.20 10.87
N THR A 55 -1.86 6.70 11.79
CA THR A 55 -1.41 6.04 13.03
C THR A 55 -2.32 4.82 13.29
N GLY A 56 -1.86 3.88 14.12
CA GLY A 56 -2.68 2.76 14.54
C GLY A 56 -1.85 1.62 15.12
N ARG A 57 -2.43 0.43 15.12
CA ARG A 57 -1.81 -0.78 15.65
C ARG A 57 -2.39 -2.00 14.93
N ASN A 58 -1.52 -2.77 14.27
CA ASN A 58 -1.87 -4.06 13.66
C ASN A 58 -1.79 -5.15 14.74
N VAL A 59 -2.94 -5.73 15.09
CA VAL A 59 -3.03 -6.83 16.06
C VAL A 59 -3.68 -8.06 15.39
N THR A 60 -2.86 -9.09 15.20
CA THR A 60 -3.30 -10.44 14.82
C THR A 60 -3.06 -11.35 16.06
N PRO A 61 -3.82 -12.49 16.22
CA PRO A 61 -3.85 -13.29 17.49
C PRO A 61 -2.50 -13.87 17.97
N GLU A 62 -1.43 -13.77 17.14
CA GLU A 62 -0.10 -14.29 17.50
C GLU A 62 1.04 -13.28 17.16
N ARG A 63 0.69 -12.09 16.63
CA ARG A 63 1.69 -11.09 16.19
C ARG A 63 1.10 -9.66 16.25
N THR A 64 1.84 -8.72 16.85
CA THR A 64 1.42 -7.31 17.00
C THR A 64 2.55 -6.36 16.54
N TRP A 65 2.15 -5.13 16.16
CA TRP A 65 3.06 -4.03 15.79
C TRP A 65 2.25 -2.72 15.72
N GLU A 66 2.80 -1.61 16.24
CA GLU A 66 2.18 -0.27 16.13
C GLU A 66 2.57 0.33 14.76
N THR A 67 1.56 0.61 13.94
CA THR A 67 1.75 1.04 12.55
C THR A 67 1.54 2.57 12.46
N ARG A 68 2.63 3.28 12.14
CA ARG A 68 2.65 4.73 11.96
C ARG A 68 3.21 5.04 10.56
N SER A 69 2.66 6.07 9.91
CA SER A 69 3.02 6.44 8.53
C SER A 69 2.91 7.96 8.36
N GLU A 70 3.79 8.55 7.53
CA GLU A 70 3.68 9.97 7.16
C GLU A 70 3.50 10.09 5.64
N VAL A 71 2.44 10.81 5.24
CA VAL A 71 2.03 10.97 3.85
C VAL A 71 2.95 12.00 3.16
N ILE A 72 3.98 11.49 2.47
CA ILE A 72 5.01 12.31 1.81
C ILE A 72 4.45 13.03 0.55
N VAL A 73 3.34 12.50 -0.01
CA VAL A 73 2.62 13.10 -1.14
C VAL A 73 1.13 12.69 -1.06
N ALA A 74 0.23 13.69 -1.12
CA ALA A 74 -1.22 13.48 -1.13
C ALA A 74 -1.87 14.34 -2.21
N GLU A 75 -2.45 13.68 -3.20
CA GLU A 75 -3.19 14.28 -4.30
C GLU A 75 -4.47 13.43 -4.49
N PRO A 76 -5.69 14.03 -4.29
CA PRO A 76 -6.97 13.28 -4.39
C PRO A 76 -7.15 12.69 -5.82
N ASN A 77 -7.16 11.34 -5.88
CA ASN A 77 -7.37 10.56 -7.13
C ASN A 77 -6.21 10.74 -8.14
N ARG A 78 -5.01 11.12 -7.64
CA ARG A 78 -3.83 11.34 -8.50
C ARG A 78 -2.56 10.64 -7.94
N CYS A 79 -2.26 10.79 -6.63
CA CYS A 79 -1.07 10.14 -6.01
C CYS A 79 -1.17 10.14 -4.48
N PHE A 80 -1.04 8.95 -3.88
CA PHE A 80 -0.99 8.78 -2.42
C PHE A 80 0.25 7.96 -2.06
N GLY A 81 1.26 8.65 -1.55
CA GLY A 81 2.49 8.03 -1.09
C GLY A 81 2.73 8.34 0.38
N TRP A 82 2.98 7.29 1.17
CA TRP A 82 3.29 7.42 2.60
C TRP A 82 4.44 6.49 2.97
N SER A 83 5.25 6.89 3.96
CA SER A 83 6.34 6.09 4.48
C SER A 83 5.94 5.44 5.80
N VAL A 84 5.92 4.08 5.83
CA VAL A 84 5.67 3.31 7.06
C VAL A 84 6.95 3.31 7.91
N THR A 85 6.83 3.91 9.12
CA THR A 85 7.95 4.15 10.06
C THR A 85 8.88 5.26 9.49
N ASP A 86 9.59 5.96 10.39
CA ASP A 86 10.51 7.07 10.04
C ASP A 86 11.62 6.61 9.08
N GLY A 87 11.38 6.81 7.77
CA GLY A 87 12.35 6.54 6.72
C GLY A 87 12.74 5.07 6.60
N ASN A 88 11.73 4.18 6.72
CA ASN A 88 11.93 2.71 6.67
C ASN A 88 11.40 2.13 5.33
N VAL A 89 10.07 2.20 5.14
CA VAL A 89 9.39 1.72 3.91
C VAL A 89 8.70 2.91 3.25
N LYS A 90 8.65 2.95 1.90
CA LYS A 90 7.89 3.96 1.13
C LYS A 90 6.93 3.26 0.17
N TRP A 91 5.62 3.38 0.44
CA TRP A 91 4.55 2.89 -0.45
C TRP A 91 4.06 4.04 -1.33
N ILE A 92 4.21 3.91 -2.67
CA ILE A 92 3.80 4.95 -3.62
C ILE A 92 2.68 4.39 -4.52
N TYR A 93 1.46 4.92 -4.34
CA TYR A 93 0.30 4.55 -5.16
C TYR A 93 0.03 5.70 -6.15
N SER A 94 0.43 5.49 -7.41
CA SER A 94 0.34 6.50 -8.47
C SER A 94 -0.87 6.22 -9.37
N MET A 95 -1.70 7.24 -9.57
CA MET A 95 -2.97 7.15 -10.31
C MET A 95 -2.95 8.12 -11.50
N GLU A 96 -3.36 7.64 -12.68
CA GLU A 96 -3.58 8.48 -13.87
C GLU A 96 -5.07 8.35 -14.27
N PRO A 97 -5.96 9.24 -13.72
CA PRO A 97 -7.41 9.24 -14.05
C PRO A 97 -7.67 9.59 -15.53
N LEU A 98 -8.06 8.58 -16.31
CA LEU A 98 -8.44 8.74 -17.74
C LEU A 98 -9.97 8.67 -17.88
N GLU A 99 -10.49 9.03 -19.06
CA GLU A 99 -11.90 8.80 -19.43
C GLU A 99 -12.06 7.38 -19.98
N GLU A 100 -10.99 6.85 -20.59
CA GLU A 100 -10.97 5.50 -21.21
C GLU A 100 -10.51 4.41 -20.21
N GLY A 101 -10.09 4.83 -19.00
CA GLY A 101 -9.66 3.90 -17.95
C GLY A 101 -8.98 4.62 -16.79
N THR A 102 -8.03 3.95 -16.13
CA THR A 102 -7.16 4.54 -15.10
C THR A 102 -5.86 3.72 -14.99
N VAL A 103 -4.70 4.35 -15.16
CA VAL A 103 -3.41 3.68 -15.03
C VAL A 103 -2.97 3.75 -13.56
N LEU A 104 -3.10 2.63 -12.85
CA LEU A 104 -2.66 2.50 -11.43
C LEU A 104 -1.23 1.96 -11.39
N THR A 105 -0.45 2.42 -10.42
CA THR A 105 0.92 1.97 -10.15
C THR A 105 1.13 1.81 -8.63
N GLU A 106 1.87 0.78 -8.22
CA GLU A 106 2.35 0.64 -6.84
C GLU A 106 3.88 0.53 -6.90
N SER A 107 4.58 1.24 -5.98
CA SER A 107 6.04 1.25 -5.91
C SER A 107 6.47 1.09 -4.44
N TRP A 108 7.00 -0.10 -4.12
CA TRP A 108 7.53 -0.42 -2.79
C TRP A 108 9.03 -0.12 -2.78
N GLU A 109 9.43 0.92 -2.04
CA GLU A 109 10.82 1.34 -1.90
C GLU A 109 11.25 1.17 -0.43
N PHE A 110 11.93 0.06 -0.15
CA PHE A 110 12.51 -0.20 1.16
C PHE A 110 13.89 0.47 1.21
N THR A 111 14.07 1.37 2.17
CA THR A 111 15.23 2.26 2.26
C THR A 111 16.50 1.52 2.73
N PRO A 112 17.73 2.07 2.45
CA PRO A 112 18.99 1.55 3.03
C PRO A 112 19.01 1.60 4.57
N LYS A 113 18.24 2.55 5.15
CA LYS A 113 18.08 2.71 6.61
C LYS A 113 17.32 1.51 7.21
N GLY A 114 16.22 1.13 6.52
CA GLY A 114 15.38 0.01 6.95
C GLY A 114 16.13 -1.31 6.96
N GLN A 115 16.89 -1.54 5.87
CA GLN A 115 17.73 -2.74 5.71
C GLN A 115 18.88 -2.73 6.75
N ARG A 116 19.40 -1.52 7.05
CA ARG A 116 20.47 -1.32 8.03
C ARG A 116 19.97 -1.55 9.47
N PHE A 117 18.67 -1.31 9.71
CA PHE A 117 18.03 -1.50 11.04
C PHE A 117 18.08 -2.98 11.44
N PHE A 118 17.74 -3.85 10.46
CA PHE A 118 17.84 -5.32 10.62
C PHE A 118 19.31 -5.75 10.71
N HIS A 119 20.15 -5.18 9.81
CA HIS A 119 21.60 -5.47 9.73
C HIS A 119 22.33 -5.14 11.06
N ASP A 120 21.84 -4.09 11.74
CA ASP A 120 22.40 -3.60 13.01
C ASP A 120 22.11 -4.60 14.15
N LYS A 121 20.83 -4.97 14.26
CA LYS A 121 20.32 -5.83 15.33
C LYS A 121 20.69 -7.31 15.06
N PHE A 122 20.09 -7.87 13.99
CA PHE A 122 20.25 -9.28 13.60
C PHE A 122 21.59 -9.51 12.88
N GLY A 123 21.74 -8.89 11.70
CA GLY A 123 22.86 -9.18 10.81
C GLY A 123 22.59 -10.42 9.97
N ASP A 124 22.69 -11.60 10.60
CA ASP A 124 22.46 -12.91 9.93
C ASP A 124 21.00 -13.05 9.45
N LYS A 125 20.05 -12.85 10.38
CA LYS A 125 18.59 -12.97 10.10
C LYS A 125 18.07 -11.87 9.17
N SER A 126 18.92 -10.88 8.87
CA SER A 126 18.61 -9.79 7.94
C SER A 126 18.63 -10.29 6.48
N ILE A 127 19.48 -11.30 6.18
CA ILE A 127 19.61 -11.88 4.82
C ILE A 127 18.30 -12.58 4.42
N GLU A 128 17.73 -13.39 5.34
CA GLU A 128 16.44 -14.08 5.07
C GLU A 128 15.28 -13.07 5.12
N GLU A 129 15.39 -12.04 5.97
CA GLU A 129 14.38 -10.96 6.08
C GLU A 129 14.23 -10.21 4.73
N ILE A 130 15.38 -9.77 4.18
CA ILE A 130 15.43 -8.97 2.94
C ILE A 130 15.14 -9.85 1.70
N GLU A 131 15.36 -11.17 1.84
CA GLU A 131 15.03 -12.16 0.80
C GLU A 131 13.51 -12.29 0.67
N LYS A 132 12.85 -12.51 1.82
CA LYS A 132 11.38 -12.63 1.93
C LYS A 132 10.68 -11.37 1.40
N ARG A 133 11.16 -10.21 1.86
CA ARG A 133 10.61 -8.89 1.50
C ARG A 133 10.83 -8.53 0.02
N ARG A 134 11.97 -8.97 -0.56
CA ARG A 134 12.28 -8.69 -1.97
C ARG A 134 11.33 -9.50 -2.87
N LEU A 135 11.28 -10.83 -2.63
CA LEU A 135 10.45 -11.77 -3.42
C LEU A 135 8.96 -11.42 -3.28
N ALA A 136 8.53 -11.08 -2.04
CA ALA A 136 7.13 -10.74 -1.70
C ALA A 136 6.68 -9.45 -2.39
N ALA A 137 7.63 -8.56 -2.71
CA ALA A 137 7.36 -7.33 -3.47
C ALA A 137 7.23 -7.63 -4.96
N ILE A 138 8.18 -8.44 -5.48
CA ILE A 138 8.28 -8.78 -6.91
C ILE A 138 7.07 -9.62 -7.36
N THR A 139 6.49 -10.41 -6.44
CA THR A 139 5.29 -11.21 -6.71
C THR A 139 4.00 -10.50 -6.21
N GLY A 140 4.14 -9.71 -5.12
CA GLY A 140 2.98 -9.14 -4.41
C GLY A 140 2.40 -7.89 -5.06
N ILE A 141 3.27 -7.03 -5.62
CA ILE A 141 2.86 -5.79 -6.29
C ILE A 141 2.05 -6.10 -7.60
N PRO A 142 2.56 -6.95 -8.58
CA PRO A 142 1.79 -7.30 -9.80
C PRO A 142 0.51 -8.09 -9.46
N GLU A 143 0.56 -8.84 -8.34
CA GLU A 143 -0.61 -9.53 -7.76
C GLU A 143 -1.69 -8.51 -7.36
N THR A 144 -1.26 -7.44 -6.65
CA THR A 144 -2.14 -6.35 -6.17
C THR A 144 -2.72 -5.55 -7.35
N LEU A 145 -1.88 -5.28 -8.36
CA LEU A 145 -2.26 -4.51 -9.57
C LEU A 145 -3.40 -5.20 -10.34
N VAL A 146 -3.26 -6.51 -10.57
CA VAL A 146 -4.28 -7.33 -11.26
C VAL A 146 -5.47 -7.62 -10.32
N ALA A 147 -5.22 -7.65 -9.00
CA ALA A 147 -6.28 -7.85 -7.97
C ALA A 147 -7.26 -6.65 -7.96
N ILE A 148 -6.70 -5.44 -8.11
CA ILE A 148 -7.47 -4.18 -8.15
C ILE A 148 -8.13 -4.02 -9.54
N GLN A 149 -7.44 -4.48 -10.60
CA GLN A 149 -7.93 -4.35 -11.99
C GLN A 149 -9.16 -5.25 -12.24
N ARG A 150 -8.93 -6.57 -12.07
CA ARG A 150 -9.84 -7.64 -12.49
C ARG A 150 -11.25 -7.48 -11.86
N ILE A 151 -11.29 -7.20 -10.54
CA ILE A 151 -12.56 -6.99 -9.80
C ILE A 151 -13.42 -5.91 -10.49
N LEU A 152 -12.78 -4.77 -10.81
CA LEU A 152 -13.45 -3.58 -11.34
C LEU A 152 -14.01 -3.84 -12.74
N GLU A 153 -13.20 -4.51 -13.59
CA GLU A 153 -13.56 -4.79 -14.99
C GLU A 153 -14.74 -5.79 -15.11
N VAL A 154 -14.85 -6.67 -14.11
CA VAL A 154 -15.97 -7.63 -14.02
C VAL A 154 -17.22 -6.95 -13.38
N GLU A 155 -16.97 -5.96 -12.50
CA GLU A 155 -18.04 -5.13 -11.89
C GLU A 155 -18.58 -4.06 -12.88
N LEU A 156 -17.89 -3.88 -14.03
CA LEU A 156 -18.38 -3.03 -15.14
C LEU A 156 -19.61 -3.67 -15.80
N GLU A 157 -19.55 -5.00 -16.00
CA GLU A 157 -20.72 -5.81 -16.40
C GLU A 157 -21.47 -6.27 -15.14
N HIS A 158 -22.76 -6.66 -15.31
CA HIS A 158 -23.74 -6.90 -14.21
C HIS A 158 -24.10 -5.54 -13.58
N HIS A 159 -23.09 -4.91 -12.94
CA HIS A 159 -23.04 -3.47 -12.60
C HIS A 159 -24.13 -3.03 -11.60
N HIS A 160 -23.69 -2.58 -10.42
CA HIS A 160 -24.56 -1.96 -9.40
C HIS A 160 -24.39 -0.43 -9.44
N HIS A 161 -25.42 0.29 -8.98
CA HIS A 161 -25.46 1.77 -9.02
C HIS A 161 -24.58 2.38 -7.91
N HIS A 162 -24.12 3.62 -8.15
CA HIS A 162 -23.23 4.36 -7.22
C HIS A 162 -23.40 5.87 -7.48
N HIS A 163 -24.69 6.29 -7.58
CA HIS A 163 -25.15 7.63 -8.03
C HIS A 163 -25.13 7.71 -9.58
N MET A 1 21.48 -11.51 -7.81
CA MET A 1 21.73 -10.65 -6.64
C MET A 1 20.55 -9.67 -6.44
N PRO A 2 20.18 -9.34 -5.17
CA PRO A 2 19.27 -8.21 -4.88
C PRO A 2 19.87 -6.86 -5.35
N LYS A 3 19.27 -6.25 -6.37
CA LYS A 3 19.69 -4.95 -6.94
C LYS A 3 19.44 -3.80 -5.92
N SER A 4 18.35 -3.96 -5.16
CA SER A 4 17.86 -3.00 -4.15
C SER A 4 16.61 -3.59 -3.48
N LEU A 5 16.08 -2.87 -2.49
CA LEU A 5 14.78 -3.19 -1.86
C LEU A 5 13.70 -2.24 -2.42
N THR A 6 13.74 -2.04 -3.75
CA THR A 6 12.77 -1.23 -4.48
C THR A 6 12.14 -2.08 -5.60
N PHE A 7 10.81 -2.04 -5.70
CA PHE A 7 10.05 -2.75 -6.75
C PHE A 7 8.72 -2.04 -6.98
N GLU A 8 8.38 -1.84 -8.25
CA GLU A 8 7.12 -1.19 -8.67
C GLU A 8 6.41 -2.07 -9.71
N ASP A 9 5.10 -1.84 -9.90
CA ASP A 9 4.30 -2.50 -10.93
C ASP A 9 3.07 -1.64 -11.25
N SER A 10 2.75 -1.51 -12.55
CA SER A 10 1.59 -0.73 -13.04
C SER A 10 0.58 -1.67 -13.70
N ILE A 11 -0.72 -1.34 -13.60
CA ILE A 11 -1.81 -2.14 -14.14
C ILE A 11 -2.95 -1.22 -14.59
N ASN A 12 -3.57 -1.54 -15.74
CA ASN A 12 -4.73 -0.80 -16.25
C ASN A 12 -6.01 -1.42 -15.66
N ILE A 13 -6.87 -0.58 -15.10
CA ILE A 13 -8.16 -0.98 -14.52
C ILE A 13 -9.27 -0.41 -15.43
N ALA A 14 -10.42 -1.10 -15.52
CA ALA A 14 -11.58 -0.65 -16.33
C ALA A 14 -12.53 0.26 -15.51
N ALA A 15 -12.06 0.71 -14.34
CA ALA A 15 -12.85 1.49 -13.37
C ALA A 15 -12.44 2.97 -13.39
N PRO A 16 -13.42 3.92 -13.15
CA PRO A 16 -13.10 5.37 -12.99
C PRO A 16 -12.23 5.62 -11.75
N ILE A 17 -11.26 6.56 -11.89
CA ILE A 17 -10.26 6.91 -10.84
C ILE A 17 -10.93 7.32 -9.51
N ASN A 18 -12.17 7.82 -9.64
CA ASN A 18 -13.03 8.23 -8.52
C ASN A 18 -13.16 7.09 -7.48
N GLN A 19 -13.50 5.89 -7.96
CA GLN A 19 -13.67 4.71 -7.08
C GLN A 19 -12.34 3.97 -6.86
N VAL A 20 -11.36 4.15 -7.77
CA VAL A 20 -10.01 3.56 -7.63
C VAL A 20 -9.33 4.11 -6.36
N TYR A 21 -9.29 5.45 -6.26
CA TYR A 21 -8.72 6.18 -5.11
C TYR A 21 -9.43 5.78 -3.80
N ALA A 22 -10.75 5.60 -3.88
CA ALA A 22 -11.58 5.19 -2.73
C ALA A 22 -11.10 3.84 -2.15
N LEU A 23 -11.05 2.80 -3.01
CA LEU A 23 -10.70 1.42 -2.60
C LEU A 23 -9.18 1.26 -2.29
N VAL A 24 -8.35 2.22 -2.72
CA VAL A 24 -6.92 2.27 -2.36
C VAL A 24 -6.74 2.72 -0.89
N SER A 25 -7.49 3.77 -0.49
CA SER A 25 -7.41 4.35 0.88
C SER A 25 -8.31 3.56 1.87
N ASP A 26 -9.31 2.84 1.33
CA ASP A 26 -10.30 2.09 2.12
C ASP A 26 -9.64 0.87 2.78
N ILE A 27 -9.23 1.02 4.06
CA ILE A 27 -8.64 -0.08 4.85
C ILE A 27 -9.52 -0.41 6.07
N THR A 28 -9.99 0.64 6.76
CA THR A 28 -10.78 0.53 8.01
C THR A 28 -12.25 0.91 7.77
N ARG A 29 -12.51 1.58 6.63
CA ARG A 29 -13.82 2.16 6.29
C ARG A 29 -14.85 1.03 6.05
N THR A 30 -14.47 0.05 5.21
CA THR A 30 -15.27 -1.17 4.99
C THR A 30 -14.78 -2.27 5.95
N GLY A 31 -13.47 -2.58 5.86
CA GLY A 31 -12.87 -3.66 6.63
C GLY A 31 -13.44 -5.02 6.25
N GLU A 32 -14.08 -5.70 7.21
CA GLU A 32 -14.63 -7.06 7.05
C GLU A 32 -15.54 -7.39 8.26
N TRP A 33 -16.15 -8.59 8.25
CA TRP A 33 -16.81 -9.17 9.44
C TRP A 33 -15.81 -9.29 10.60
N SER A 34 -14.57 -9.71 10.26
CA SER A 34 -13.42 -9.68 11.17
C SER A 34 -12.24 -8.97 10.46
N PRO A 35 -12.14 -7.60 10.59
CA PRO A 35 -11.06 -6.83 9.93
C PRO A 35 -9.70 -7.02 10.62
N VAL A 36 -8.62 -6.95 9.82
CA VAL A 36 -7.23 -7.02 10.32
C VAL A 36 -6.77 -5.66 10.91
N CYS A 37 -7.67 -4.66 10.90
CA CYS A 37 -7.46 -3.35 11.53
C CYS A 37 -8.24 -3.30 12.85
N GLU A 38 -7.52 -3.19 13.99
CA GLU A 38 -8.13 -3.03 15.33
C GLU A 38 -8.52 -1.56 15.53
N LYS A 39 -7.51 -0.70 15.41
CA LYS A 39 -7.60 0.73 15.66
C LYS A 39 -6.88 1.46 14.53
N CYS A 40 -7.56 2.40 13.90
CA CYS A 40 -7.00 3.18 12.78
C CYS A 40 -7.53 4.61 12.82
N TRP A 41 -6.61 5.57 12.63
CA TRP A 41 -6.91 6.97 12.39
C TRP A 41 -6.72 7.19 10.90
N TRP A 42 -7.78 7.57 10.19
CA TRP A 42 -7.76 7.65 8.72
C TRP A 42 -7.37 9.07 8.28
N ASP A 43 -6.22 9.18 7.58
CA ASP A 43 -5.67 10.45 7.06
C ASP A 43 -6.67 11.20 6.17
N GLU A 44 -7.54 10.44 5.48
CA GLU A 44 -8.51 10.94 4.49
C GLU A 44 -9.51 11.95 5.12
N ASP A 45 -9.81 11.77 6.43
CA ASP A 45 -10.73 12.65 7.19
C ASP A 45 -10.29 14.13 7.14
N GLU A 46 -9.02 14.38 7.50
CA GLU A 46 -8.46 15.74 7.56
C GLU A 46 -7.84 16.14 6.21
N GLY A 47 -7.40 15.13 5.44
CA GLY A 47 -6.74 15.33 4.14
C GLY A 47 -5.38 14.66 4.13
N PRO A 48 -5.09 13.74 3.15
CA PRO A 48 -3.77 13.09 3.02
C PRO A 48 -2.63 14.11 2.86
N VAL A 49 -2.79 15.02 1.85
CA VAL A 49 -1.86 16.15 1.51
C VAL A 49 -0.36 15.74 1.46
N VAL A 50 0.52 16.72 1.21
CA VAL A 50 1.98 16.52 1.30
C VAL A 50 2.42 16.90 2.73
N GLY A 51 2.27 15.94 3.66
CA GLY A 51 2.62 16.11 5.07
C GLY A 51 1.46 15.82 6.01
N ALA A 52 1.28 14.54 6.36
CA ALA A 52 0.27 14.10 7.35
C ALA A 52 0.73 12.79 8.02
N HIS A 53 0.11 12.45 9.15
CA HIS A 53 0.39 11.21 9.90
C HIS A 53 -0.93 10.46 10.18
N PHE A 54 -0.87 9.13 10.14
CA PHE A 54 -1.99 8.25 10.46
C PHE A 54 -1.47 6.90 10.97
N THR A 55 -1.91 6.49 12.16
CA THR A 55 -1.52 5.20 12.78
C THR A 55 -2.62 4.16 12.58
N GLY A 56 -2.21 2.93 12.28
CA GLY A 56 -3.12 1.80 12.09
C GLY A 56 -2.57 0.55 12.74
N ARG A 57 -3.15 0.16 13.89
CA ARG A 57 -2.77 -1.08 14.58
C ARG A 57 -3.36 -2.28 13.83
N ASN A 58 -2.47 -3.00 13.12
CA ASN A 58 -2.80 -4.19 12.35
C ASN A 58 -2.79 -5.40 13.29
N VAL A 59 -3.97 -5.95 13.54
CA VAL A 59 -4.16 -7.08 14.46
C VAL A 59 -4.41 -8.37 13.68
N THR A 60 -3.63 -9.40 13.98
CA THR A 60 -3.92 -10.79 13.60
C THR A 60 -3.66 -11.66 14.85
N PRO A 61 -4.33 -12.85 15.00
CA PRO A 61 -4.00 -13.83 16.08
C PRO A 61 -2.54 -14.33 15.97
N GLU A 62 -1.95 -14.14 14.79
CA GLU A 62 -0.54 -14.46 14.50
C GLU A 62 0.39 -13.44 15.19
N ARG A 63 0.06 -12.13 15.01
CA ARG A 63 0.87 -11.03 15.57
C ARG A 63 0.10 -9.69 15.47
N THR A 64 0.08 -8.93 16.57
CA THR A 64 -0.51 -7.58 16.64
C THR A 64 0.64 -6.54 16.63
N TRP A 65 0.63 -5.68 15.60
CA TRP A 65 1.63 -4.60 15.39
C TRP A 65 0.90 -3.29 15.08
N GLU A 66 1.58 -2.13 15.21
CA GLU A 66 1.00 -0.81 14.84
C GLU A 66 1.94 -0.10 13.85
N THR A 67 1.37 0.38 12.73
CA THR A 67 2.11 1.06 11.67
C THR A 67 1.83 2.57 11.71
N ARG A 68 2.87 3.37 12.01
CA ARG A 68 2.79 4.83 11.98
C ARG A 68 3.26 5.35 10.61
N SER A 69 2.30 5.66 9.75
CA SER A 69 2.58 6.04 8.35
C SER A 69 2.52 7.57 8.19
N GLU A 70 3.50 8.10 7.42
CA GLU A 70 3.62 9.54 7.10
C GLU A 70 3.40 9.71 5.60
N VAL A 71 2.46 10.59 5.22
CA VAL A 71 2.14 10.87 3.82
C VAL A 71 3.20 11.83 3.24
N ILE A 72 4.28 11.23 2.69
CA ILE A 72 5.44 11.96 2.12
C ILE A 72 5.05 12.82 0.91
N VAL A 73 3.98 12.41 0.22
CA VAL A 73 3.41 13.11 -0.95
C VAL A 73 1.97 12.62 -1.15
N ALA A 74 1.06 13.54 -1.46
CA ALA A 74 -0.28 13.20 -1.97
C ALA A 74 -0.73 14.26 -2.95
N GLU A 75 -1.21 13.81 -4.09
CA GLU A 75 -1.79 14.65 -5.14
C GLU A 75 -3.31 14.48 -5.10
N PRO A 76 -4.11 15.57 -5.42
CA PRO A 76 -5.59 15.66 -5.14
C PRO A 76 -6.39 14.39 -5.52
N ASN A 77 -6.00 13.77 -6.66
CA ASN A 77 -6.49 12.44 -7.07
C ASN A 77 -5.55 11.93 -8.18
N ARG A 78 -4.23 11.91 -7.88
CA ARG A 78 -3.19 11.46 -8.83
C ARG A 78 -2.18 10.53 -8.14
N CYS A 79 -2.03 10.66 -6.81
CA CYS A 79 -1.09 9.83 -6.04
C CYS A 79 -1.38 9.88 -4.55
N PHE A 80 -1.01 8.79 -3.85
CA PHE A 80 -1.02 8.69 -2.39
C PHE A 80 0.26 7.95 -1.97
N GLY A 81 1.23 8.73 -1.50
CA GLY A 81 2.54 8.24 -1.08
C GLY A 81 2.69 8.30 0.42
N TRP A 82 2.58 7.13 1.06
CA TRP A 82 2.60 6.96 2.53
C TRP A 82 3.73 6.00 2.91
N SER A 83 4.47 6.33 3.97
CA SER A 83 5.65 5.57 4.38
C SER A 83 5.51 5.11 5.84
N VAL A 84 5.55 3.78 6.03
CA VAL A 84 5.42 3.10 7.33
C VAL A 84 6.70 3.31 8.16
N THR A 85 6.50 3.61 9.46
CA THR A 85 7.57 3.94 10.43
C THR A 85 8.38 5.15 9.91
N ASP A 86 7.64 6.27 9.71
CA ASP A 86 8.16 7.57 9.22
C ASP A 86 8.57 7.47 7.72
N GLY A 87 9.64 6.69 7.44
CA GLY A 87 10.08 6.43 6.06
C GLY A 87 10.86 5.12 5.91
N ASN A 88 10.59 4.14 6.81
CA ASN A 88 11.28 2.82 6.80
C ASN A 88 10.83 1.99 5.57
N VAL A 89 9.53 1.62 5.55
CA VAL A 89 8.90 0.96 4.39
C VAL A 89 8.08 2.02 3.64
N LYS A 90 8.33 2.20 2.35
CA LYS A 90 7.66 3.25 1.55
C LYS A 90 6.68 2.61 0.55
N TRP A 91 5.46 3.16 0.47
CA TRP A 91 4.42 2.73 -0.47
C TRP A 91 3.85 3.97 -1.17
N ILE A 92 3.87 3.99 -2.50
CA ILE A 92 3.36 5.11 -3.30
C ILE A 92 2.43 4.56 -4.38
N TYR A 93 1.12 4.84 -4.24
CA TYR A 93 0.11 4.50 -5.26
C TYR A 93 -0.07 5.70 -6.20
N SER A 94 0.57 5.62 -7.36
CA SER A 94 0.44 6.61 -8.43
C SER A 94 -0.64 6.13 -9.42
N MET A 95 -1.66 6.94 -9.64
CA MET A 95 -2.84 6.56 -10.45
C MET A 95 -3.06 7.58 -11.58
N GLU A 96 -3.17 7.07 -12.82
CA GLU A 96 -3.33 7.89 -14.04
C GLU A 96 -4.78 7.81 -14.56
N PRO A 97 -5.57 8.93 -14.43
CA PRO A 97 -6.99 8.95 -14.84
C PRO A 97 -7.19 8.90 -16.38
N LEU A 98 -7.88 7.87 -16.84
CA LEU A 98 -8.32 7.75 -18.25
C LEU A 98 -9.85 7.99 -18.33
N GLU A 99 -10.48 8.21 -17.13
CA GLU A 99 -11.93 8.38 -16.94
C GLU A 99 -12.68 7.05 -17.13
N GLU A 100 -12.59 6.50 -18.37
CA GLU A 100 -13.08 5.15 -18.71
C GLU A 100 -12.38 4.08 -17.84
N GLY A 101 -11.09 4.31 -17.56
CA GLY A 101 -10.25 3.43 -16.74
C GLY A 101 -9.23 4.22 -15.95
N THR A 102 -8.28 3.51 -15.31
CA THR A 102 -7.20 4.13 -14.52
C THR A 102 -5.98 3.21 -14.47
N VAL A 103 -4.79 3.74 -14.77
CA VAL A 103 -3.54 2.98 -14.64
C VAL A 103 -2.99 3.15 -13.20
N LEU A 104 -3.32 2.17 -12.34
CA LEU A 104 -2.87 2.16 -10.94
C LEU A 104 -1.45 1.57 -10.89
N THR A 105 -0.55 2.27 -10.22
CA THR A 105 0.88 1.92 -10.16
C THR A 105 1.35 1.96 -8.70
N GLU A 106 1.61 0.79 -8.11
CA GLU A 106 2.13 0.70 -6.74
C GLU A 106 3.67 0.67 -6.79
N SER A 107 4.31 1.51 -5.95
CA SER A 107 5.76 1.66 -5.89
C SER A 107 6.22 1.46 -4.44
N TRP A 108 6.89 0.34 -4.20
CA TRP A 108 7.47 -0.02 -2.90
C TRP A 108 8.95 0.34 -2.87
N GLU A 109 9.41 0.79 -1.69
CA GLU A 109 10.81 1.07 -1.44
C GLU A 109 11.08 0.90 0.06
N PHE A 110 11.62 -0.26 0.45
CA PHE A 110 12.16 -0.46 1.78
C PHE A 110 13.56 0.18 1.78
N THR A 111 13.67 1.33 2.44
CA THR A 111 14.86 2.17 2.39
C THR A 111 16.11 1.43 2.95
N PRO A 112 17.33 1.66 2.35
CA PRO A 112 18.60 1.04 2.83
C PRO A 112 18.95 1.45 4.29
N LYS A 113 18.26 2.48 4.81
CA LYS A 113 18.29 2.88 6.22
C LYS A 113 17.80 1.73 7.13
N GLY A 114 16.65 1.13 6.74
CA GLY A 114 16.07 0.00 7.45
C GLY A 114 16.91 -1.28 7.31
N GLN A 115 17.48 -1.45 6.11
CA GLN A 115 18.40 -2.57 5.80
C GLN A 115 19.67 -2.48 6.68
N ARG A 116 20.16 -1.24 6.88
CA ARG A 116 21.35 -0.95 7.69
C ARG A 116 21.13 -1.38 9.15
N PHE A 117 19.88 -1.21 9.62
CA PHE A 117 19.47 -1.60 10.99
C PHE A 117 19.74 -3.11 11.21
N PHE A 118 19.21 -3.95 10.32
CA PHE A 118 19.36 -5.43 10.40
C PHE A 118 20.82 -5.86 10.18
N HIS A 119 21.55 -5.10 9.32
CA HIS A 119 22.94 -5.42 8.93
C HIS A 119 23.93 -5.10 10.07
N ASP A 120 23.63 -4.04 10.81
CA ASP A 120 24.50 -3.55 11.91
C ASP A 120 24.17 -4.29 13.23
N LYS A 121 22.86 -4.51 13.46
CA LYS A 121 22.35 -5.20 14.66
C LYS A 121 22.77 -6.68 14.66
N PHE A 122 22.46 -7.38 13.56
CA PHE A 122 22.73 -8.83 13.41
C PHE A 122 23.88 -9.07 12.41
N GLY A 123 23.62 -8.74 11.13
CA GLY A 123 24.51 -9.13 10.02
C GLY A 123 24.10 -10.48 9.42
N ASP A 124 24.00 -11.49 10.31
CA ASP A 124 23.54 -12.85 9.96
C ASP A 124 22.08 -12.82 9.49
N LYS A 125 21.21 -12.25 10.34
CA LYS A 125 19.76 -12.15 10.08
C LYS A 125 19.43 -11.09 9.03
N SER A 126 20.42 -10.26 8.65
CA SER A 126 20.27 -9.29 7.56
C SER A 126 20.12 -10.02 6.21
N ILE A 127 20.83 -11.15 6.07
CA ILE A 127 20.90 -11.92 4.82
C ILE A 127 19.58 -12.67 4.56
N GLU A 128 19.02 -13.26 5.63
CA GLU A 128 17.72 -13.95 5.54
C GLU A 128 16.57 -12.93 5.41
N GLU A 129 16.68 -11.79 6.11
CA GLU A 129 15.61 -10.77 6.16
C GLU A 129 15.41 -10.12 4.79
N ILE A 130 16.54 -9.75 4.12
CA ILE A 130 16.52 -9.12 2.79
C ILE A 130 15.88 -10.07 1.75
N GLU A 131 16.15 -11.38 1.88
CA GLU A 131 15.68 -12.40 0.93
C GLU A 131 14.18 -12.67 1.10
N LYS A 132 13.74 -12.83 2.36
CA LYS A 132 12.33 -13.08 2.71
C LYS A 132 11.44 -11.94 2.20
N ARG A 133 11.86 -10.69 2.51
CA ARG A 133 11.13 -9.47 2.13
C ARG A 133 11.23 -9.21 0.62
N ARG A 134 12.30 -9.69 -0.03
CA ARG A 134 12.50 -9.50 -1.47
C ARG A 134 11.43 -10.27 -2.26
N LEU A 135 11.39 -11.61 -2.06
CA LEU A 135 10.45 -12.49 -2.80
C LEU A 135 8.99 -12.21 -2.40
N ALA A 136 8.76 -11.95 -1.10
CA ALA A 136 7.41 -11.61 -0.58
C ALA A 136 6.87 -10.32 -1.20
N ALA A 137 7.78 -9.38 -1.51
CA ALA A 137 7.42 -8.10 -2.17
C ALA A 137 7.19 -8.31 -3.67
N ILE A 138 8.16 -8.95 -4.35
CA ILE A 138 8.12 -9.18 -5.81
C ILE A 138 6.89 -10.05 -6.22
N THR A 139 6.39 -10.86 -5.27
CA THR A 139 5.16 -11.65 -5.45
C THR A 139 3.92 -10.85 -4.98
N GLY A 140 4.05 -10.16 -3.83
CA GLY A 140 2.92 -9.51 -3.15
C GLY A 140 2.46 -8.19 -3.78
N ILE A 141 3.38 -7.47 -4.43
CA ILE A 141 3.11 -6.17 -5.06
C ILE A 141 2.23 -6.38 -6.31
N PRO A 142 2.65 -7.20 -7.37
CA PRO A 142 1.78 -7.44 -8.55
C PRO A 142 0.46 -8.13 -8.16
N GLU A 143 0.48 -8.89 -7.05
CA GLU A 143 -0.71 -9.51 -6.47
C GLU A 143 -1.72 -8.43 -6.00
N THR A 144 -1.18 -7.37 -5.36
CA THR A 144 -1.97 -6.20 -4.93
C THR A 144 -2.54 -5.43 -6.14
N LEU A 145 -1.72 -5.26 -7.21
CA LEU A 145 -2.17 -4.59 -8.45
C LEU A 145 -3.38 -5.33 -9.07
N VAL A 146 -3.31 -6.68 -9.10
CA VAL A 146 -4.41 -7.52 -9.62
C VAL A 146 -5.64 -7.43 -8.70
N ALA A 147 -5.39 -7.41 -7.37
CA ALA A 147 -6.44 -7.36 -6.35
C ALA A 147 -7.26 -6.05 -6.46
N ILE A 148 -6.55 -4.90 -6.61
CA ILE A 148 -7.16 -3.57 -6.75
C ILE A 148 -7.96 -3.50 -8.07
N GLN A 149 -7.32 -3.95 -9.15
CA GLN A 149 -7.94 -3.98 -10.49
C GLN A 149 -9.27 -4.75 -10.47
N ARG A 150 -9.18 -6.00 -9.99
CA ARG A 150 -10.26 -6.98 -10.10
C ARG A 150 -11.44 -6.63 -9.19
N ILE A 151 -11.18 -6.18 -7.94
CA ILE A 151 -12.26 -5.84 -6.98
C ILE A 151 -13.16 -4.71 -7.55
N LEU A 152 -12.54 -3.79 -8.30
CA LEU A 152 -13.20 -2.63 -8.93
C LEU A 152 -14.05 -3.07 -10.14
N GLU A 153 -13.48 -3.95 -10.98
CA GLU A 153 -14.14 -4.45 -12.21
C GLU A 153 -15.28 -5.44 -11.88
N VAL A 154 -15.15 -6.11 -10.73
CA VAL A 154 -16.20 -6.95 -10.14
C VAL A 154 -17.30 -6.05 -9.48
N GLU A 155 -16.87 -4.90 -8.93
CA GLU A 155 -17.76 -3.87 -8.34
C GLU A 155 -18.58 -3.15 -9.45
N LEU A 156 -18.02 -3.14 -10.69
CA LEU A 156 -18.72 -2.63 -11.90
C LEU A 156 -19.90 -3.56 -12.28
N GLU A 157 -19.84 -4.81 -11.80
CA GLU A 157 -20.90 -5.82 -12.01
C GLU A 157 -21.57 -6.20 -10.67
N HIS A 158 -22.60 -7.10 -10.75
CA HIS A 158 -23.38 -7.57 -9.57
C HIS A 158 -24.12 -6.36 -8.92
N HIS A 159 -24.46 -5.36 -9.77
CA HIS A 159 -24.88 -4.01 -9.36
C HIS A 159 -23.72 -3.35 -8.57
N HIS A 160 -23.64 -3.66 -7.27
CA HIS A 160 -22.57 -3.21 -6.36
C HIS A 160 -22.46 -4.24 -5.21
N HIS A 161 -21.39 -4.15 -4.42
CA HIS A 161 -21.19 -4.97 -3.21
C HIS A 161 -21.24 -4.07 -1.98
N HIS A 162 -20.42 -3.00 -2.00
CA HIS A 162 -20.37 -2.01 -0.91
C HIS A 162 -19.58 -0.76 -1.34
N HIS A 163 -20.11 0.41 -0.94
CA HIS A 163 -19.47 1.72 -1.12
C HIS A 163 -20.24 2.78 -0.28
N MET A 1 27.63 -1.41 -3.23
CA MET A 1 26.52 -0.82 -2.45
C MET A 1 25.38 -1.84 -2.33
N PRO A 2 24.69 -1.93 -1.15
CA PRO A 2 23.60 -2.92 -0.93
C PRO A 2 22.35 -2.54 -1.75
N LYS A 3 21.69 -3.56 -2.34
CA LYS A 3 20.42 -3.36 -3.03
C LYS A 3 19.34 -3.10 -1.97
N SER A 4 18.66 -1.97 -2.10
CA SER A 4 17.56 -1.59 -1.21
C SER A 4 16.30 -2.37 -1.61
N LEU A 5 15.35 -2.50 -0.68
CA LEU A 5 14.12 -3.29 -0.89
C LEU A 5 13.06 -2.44 -1.64
N THR A 6 13.36 -2.11 -2.90
CA THR A 6 12.54 -1.23 -3.74
C THR A 6 11.99 -2.00 -4.96
N PHE A 7 10.70 -1.82 -5.23
CA PHE A 7 9.99 -2.45 -6.36
C PHE A 7 8.75 -1.61 -6.68
N GLU A 8 8.38 -1.56 -7.97
CA GLU A 8 7.15 -0.89 -8.43
C GLU A 8 6.44 -1.80 -9.44
N ASP A 9 5.10 -1.72 -9.46
CA ASP A 9 4.28 -2.55 -10.37
C ASP A 9 3.06 -1.77 -10.86
N SER A 10 2.47 -2.21 -11.98
CA SER A 10 1.37 -1.52 -12.66
C SER A 10 0.38 -2.53 -13.26
N ILE A 11 -0.88 -2.08 -13.44
CA ILE A 11 -1.89 -2.80 -14.24
C ILE A 11 -2.90 -1.77 -14.79
N ASN A 12 -3.36 -1.96 -16.04
CA ASN A 12 -4.42 -1.13 -16.62
C ASN A 12 -5.77 -1.77 -16.28
N ILE A 13 -6.49 -1.12 -15.36
CA ILE A 13 -7.81 -1.56 -14.90
C ILE A 13 -8.89 -1.04 -15.87
N ALA A 14 -9.87 -1.91 -16.21
CA ALA A 14 -11.03 -1.52 -17.04
C ALA A 14 -12.13 -0.93 -16.15
N ALA A 15 -11.78 0.20 -15.50
CA ALA A 15 -12.66 0.90 -14.55
C ALA A 15 -12.11 2.33 -14.30
N PRO A 16 -13.01 3.35 -14.10
CA PRO A 16 -12.59 4.77 -13.89
C PRO A 16 -11.77 4.99 -12.59
N ILE A 17 -10.97 6.07 -12.59
CA ILE A 17 -10.03 6.43 -11.49
C ILE A 17 -10.77 6.63 -10.15
N ASN A 18 -12.04 7.05 -10.23
CA ASN A 18 -12.90 7.24 -9.06
C ASN A 18 -13.05 5.92 -8.26
N GLN A 19 -13.33 4.82 -9.00
CA GLN A 19 -13.50 3.48 -8.41
C GLN A 19 -12.15 2.93 -7.90
N VAL A 20 -11.11 3.11 -8.73
CA VAL A 20 -9.75 2.59 -8.45
C VAL A 20 -9.20 3.18 -7.12
N TYR A 21 -9.24 4.52 -7.03
CA TYR A 21 -8.75 5.30 -5.86
C TYR A 21 -9.48 4.88 -4.56
N ALA A 22 -10.79 4.59 -4.71
CA ALA A 22 -11.67 4.17 -3.59
C ALA A 22 -11.19 2.86 -2.95
N LEU A 23 -10.79 1.88 -3.80
CA LEU A 23 -10.28 0.56 -3.35
C LEU A 23 -8.82 0.66 -2.85
N VAL A 24 -8.05 1.60 -3.43
CA VAL A 24 -6.65 1.87 -3.03
C VAL A 24 -6.58 2.55 -1.64
N SER A 25 -7.69 3.21 -1.23
CA SER A 25 -7.79 3.86 0.10
C SER A 25 -7.56 2.82 1.22
N ASP A 26 -8.53 1.89 1.39
CA ASP A 26 -8.48 0.75 2.35
C ASP A 26 -8.50 1.19 3.84
N ILE A 27 -7.42 1.90 4.27
CA ILE A 27 -7.23 2.47 5.63
C ILE A 27 -8.53 3.14 6.15
N THR A 28 -9.27 2.34 6.97
CA THR A 28 -10.55 2.71 7.66
C THR A 28 -11.71 3.01 6.69
N ARG A 29 -11.49 2.81 5.39
CA ARG A 29 -12.56 2.80 4.37
C ARG A 29 -13.27 1.44 4.49
N THR A 30 -12.44 0.40 4.72
CA THR A 30 -12.88 -0.97 4.95
C THR A 30 -11.99 -1.63 6.03
N GLY A 31 -12.28 -2.90 6.35
CA GLY A 31 -11.52 -3.67 7.35
C GLY A 31 -12.37 -4.78 7.94
N GLU A 32 -13.33 -5.28 7.14
CA GLU A 32 -14.34 -6.26 7.57
C GLU A 32 -13.99 -7.66 7.05
N TRP A 33 -13.51 -7.69 5.79
CA TRP A 33 -13.15 -8.93 5.09
C TRP A 33 -11.68 -9.29 5.37
N SER A 34 -10.80 -8.29 5.23
CA SER A 34 -9.34 -8.45 5.37
C SER A 34 -8.87 -7.93 6.75
N PRO A 35 -8.31 -8.83 7.64
CA PRO A 35 -7.77 -8.42 8.97
C PRO A 35 -6.39 -7.72 8.85
N VAL A 36 -6.43 -6.45 8.40
CA VAL A 36 -5.23 -5.57 8.27
C VAL A 36 -5.30 -4.40 9.27
N CYS A 37 -6.30 -4.43 10.16
CA CYS A 37 -6.56 -3.35 11.11
C CYS A 37 -7.01 -3.93 12.46
N GLU A 38 -6.17 -3.80 13.48
CA GLU A 38 -6.56 -4.02 14.87
C GLU A 38 -7.50 -2.88 15.30
N LYS A 39 -7.00 -1.64 15.16
CA LYS A 39 -7.75 -0.38 15.39
C LYS A 39 -6.90 0.81 14.96
N CYS A 40 -7.55 1.82 14.37
CA CYS A 40 -6.87 3.02 13.83
C CYS A 40 -7.62 4.30 14.25
N TRP A 41 -6.86 5.36 14.59
CA TRP A 41 -7.42 6.69 14.89
C TRP A 41 -6.52 7.78 14.29
N TRP A 42 -7.15 8.70 13.55
CA TRP A 42 -6.46 9.78 12.82
C TRP A 42 -7.02 11.14 13.26
N ASP A 43 -6.19 11.94 13.95
CA ASP A 43 -6.55 13.33 14.29
C ASP A 43 -6.26 14.25 13.10
N GLU A 44 -5.25 13.85 12.30
CA GLU A 44 -4.79 14.59 11.10
C GLU A 44 -5.61 14.22 9.84
N ASP A 45 -6.64 13.36 10.02
CA ASP A 45 -7.61 13.02 8.96
C ASP A 45 -8.36 14.28 8.48
N GLU A 46 -8.54 15.23 9.40
CA GLU A 46 -9.20 16.52 9.16
C GLU A 46 -8.39 17.42 8.20
N GLY A 47 -7.09 17.13 8.06
CA GLY A 47 -6.20 17.87 7.16
C GLY A 47 -5.23 16.93 6.46
N PRO A 48 -5.70 16.08 5.48
CA PRO A 48 -4.88 15.04 4.84
C PRO A 48 -3.95 15.61 3.75
N VAL A 49 -2.87 16.25 4.21
CA VAL A 49 -1.84 16.88 3.34
C VAL A 49 -0.46 16.26 3.64
N VAL A 50 0.60 16.77 2.98
CA VAL A 50 1.98 16.32 3.23
C VAL A 50 2.41 16.72 4.66
N GLY A 51 2.51 15.71 5.55
CA GLY A 51 2.82 15.92 6.96
C GLY A 51 1.77 15.31 7.89
N ALA A 52 0.55 15.09 7.36
CA ALA A 52 -0.56 14.48 8.10
C ALA A 52 -0.26 13.01 8.41
N HIS A 53 -0.46 12.59 9.68
CA HIS A 53 -0.19 11.21 10.11
C HIS A 53 -1.52 10.42 10.22
N PHE A 54 -1.44 9.12 9.93
CA PHE A 54 -2.52 8.16 10.14
C PHE A 54 -2.01 7.08 11.10
N THR A 55 -2.51 7.09 12.35
CA THR A 55 -2.20 6.06 13.34
C THR A 55 -3.07 4.84 13.05
N GLY A 56 -2.42 3.75 12.61
CA GLY A 56 -3.08 2.51 12.23
C GLY A 56 -2.37 1.31 12.80
N ARG A 57 -2.95 0.71 13.84
CA ARG A 57 -2.41 -0.51 14.46
C ARG A 57 -2.86 -1.72 13.63
N ASN A 58 -1.88 -2.38 12.99
CA ASN A 58 -2.11 -3.62 12.23
C ASN A 58 -1.81 -4.84 13.12
N VAL A 59 -2.70 -5.84 13.07
CA VAL A 59 -2.52 -7.13 13.74
C VAL A 59 -2.34 -8.22 12.66
N THR A 60 -1.36 -9.11 12.85
CA THR A 60 -1.08 -10.23 11.92
C THR A 60 -0.91 -11.54 12.72
N PRO A 61 -0.94 -12.75 12.04
CA PRO A 61 -0.58 -14.05 12.68
C PRO A 61 0.85 -14.05 13.32
N GLU A 62 1.69 -13.09 12.90
CA GLU A 62 3.00 -12.86 13.50
C GLU A 62 2.88 -11.98 14.77
N ARG A 63 2.86 -10.64 14.58
CA ARG A 63 2.88 -9.66 15.69
C ARG A 63 1.82 -8.56 15.45
N THR A 64 1.49 -7.84 16.52
CA THR A 64 0.64 -6.65 16.45
C THR A 64 1.54 -5.40 16.55
N TRP A 65 1.68 -4.68 15.43
CA TRP A 65 2.50 -3.46 15.37
C TRP A 65 1.62 -2.24 15.07
N GLU A 66 1.80 -1.15 15.83
CA GLU A 66 1.12 0.12 15.53
C GLU A 66 1.99 0.95 14.60
N THR A 67 1.52 1.16 13.36
CA THR A 67 2.23 1.95 12.36
C THR A 67 1.57 3.33 12.23
N ARG A 68 2.32 4.36 12.64
CA ARG A 68 1.92 5.76 12.47
C ARG A 68 2.67 6.32 11.27
N SER A 69 1.98 6.29 10.12
CA SER A 69 2.54 6.64 8.81
C SER A 69 2.26 8.11 8.50
N GLU A 70 3.22 8.79 7.84
CA GLU A 70 3.09 10.19 7.45
C GLU A 70 2.89 10.30 5.93
N VAL A 71 1.94 11.14 5.50
CA VAL A 71 1.68 11.41 4.09
C VAL A 71 2.83 12.22 3.48
N ILE A 72 3.41 11.70 2.40
CA ILE A 72 4.53 12.36 1.69
C ILE A 72 4.04 13.06 0.40
N VAL A 73 2.84 12.65 -0.08
CA VAL A 73 2.14 13.28 -1.22
C VAL A 73 0.64 12.93 -1.16
N ALA A 74 -0.23 13.95 -1.24
CA ALA A 74 -1.69 13.78 -1.18
C ALA A 74 -2.34 14.60 -2.31
N GLU A 75 -2.85 13.91 -3.33
CA GLU A 75 -3.57 14.52 -4.45
C GLU A 75 -5.08 14.23 -4.28
N PRO A 76 -5.99 15.16 -4.72
CA PRO A 76 -7.47 15.00 -4.51
C PRO A 76 -8.02 13.71 -5.16
N ASN A 77 -7.53 13.42 -6.37
CA ASN A 77 -7.79 12.15 -7.08
C ASN A 77 -6.80 12.08 -8.26
N ARG A 78 -5.61 11.52 -7.99
CA ARG A 78 -4.49 11.45 -8.95
C ARG A 78 -3.41 10.50 -8.40
N CYS A 79 -3.12 10.65 -7.09
CA CYS A 79 -2.07 9.88 -6.41
C CYS A 79 -2.26 9.97 -4.89
N PHE A 80 -1.78 8.94 -4.18
CA PHE A 80 -1.75 8.89 -2.72
C PHE A 80 -0.47 8.16 -2.28
N GLY A 81 0.47 8.92 -1.74
CA GLY A 81 1.73 8.40 -1.23
C GLY A 81 1.88 8.69 0.26
N TRP A 82 2.31 7.68 1.01
CA TRP A 82 2.47 7.74 2.46
C TRP A 82 3.63 6.84 2.89
N SER A 83 4.51 7.38 3.76
CA SER A 83 5.67 6.66 4.27
C SER A 83 5.33 6.07 5.66
N VAL A 84 5.41 4.74 5.75
CA VAL A 84 5.21 3.99 6.99
C VAL A 84 6.48 4.14 7.87
N THR A 85 6.26 4.49 9.17
CA THR A 85 7.35 4.83 10.14
C THR A 85 8.02 6.17 9.71
N ASP A 86 8.96 6.70 10.52
CA ASP A 86 9.68 7.95 10.20
C ASP A 86 10.67 7.74 9.02
N GLY A 87 10.11 7.70 7.80
CA GLY A 87 10.88 7.55 6.57
C GLY A 87 11.57 6.19 6.47
N ASN A 88 10.82 5.10 6.68
CA ASN A 88 11.33 3.72 6.55
C ASN A 88 10.85 3.09 5.22
N VAL A 89 9.52 2.96 5.09
CA VAL A 89 8.87 2.35 3.92
C VAL A 89 8.05 3.43 3.21
N LYS A 90 8.12 3.53 1.89
CA LYS A 90 7.21 4.39 1.10
C LYS A 90 6.22 3.51 0.34
N TRP A 91 4.95 3.93 0.31
CA TRP A 91 3.90 3.35 -0.53
C TRP A 91 3.25 4.46 -1.33
N ILE A 92 3.69 4.64 -2.58
CA ILE A 92 3.20 5.69 -3.47
C ILE A 92 2.36 5.05 -4.59
N TYR A 93 1.06 5.31 -4.57
CA TYR A 93 0.11 4.78 -5.56
C TYR A 93 -0.30 5.92 -6.49
N SER A 94 0.24 5.94 -7.71
CA SER A 94 -0.17 6.87 -8.76
C SER A 94 -1.24 6.22 -9.65
N MET A 95 -2.28 6.99 -9.98
CA MET A 95 -3.39 6.56 -10.84
C MET A 95 -3.33 7.35 -12.15
N GLU A 96 -3.28 6.63 -13.29
CA GLU A 96 -3.27 7.25 -14.63
C GLU A 96 -4.71 7.30 -15.19
N PRO A 97 -5.45 8.46 -15.08
CA PRO A 97 -6.87 8.55 -15.49
C PRO A 97 -7.02 8.55 -17.03
N LEU A 98 -7.47 7.42 -17.56
CA LEU A 98 -7.78 7.24 -19.00
C LEU A 98 -9.31 7.20 -19.20
N GLU A 99 -9.74 7.25 -20.46
CA GLU A 99 -11.14 7.06 -20.85
C GLU A 99 -11.45 5.55 -21.00
N GLU A 100 -10.40 4.75 -21.24
CA GLU A 100 -10.48 3.28 -21.35
C GLU A 100 -10.40 2.61 -19.97
N GLY A 101 -10.05 3.38 -18.94
CA GLY A 101 -9.90 2.86 -17.57
C GLY A 101 -8.91 3.68 -16.78
N THR A 102 -8.05 3.01 -15.99
CA THR A 102 -7.03 3.66 -15.16
C THR A 102 -5.85 2.72 -14.92
N VAL A 103 -4.63 3.17 -15.21
CA VAL A 103 -3.41 2.39 -14.95
C VAL A 103 -2.95 2.66 -13.51
N LEU A 104 -3.23 1.73 -12.59
CA LEU A 104 -2.77 1.84 -11.20
C LEU A 104 -1.30 1.43 -11.15
N THR A 105 -0.43 2.42 -10.91
CA THR A 105 1.00 2.22 -10.74
C THR A 105 1.36 2.42 -9.26
N GLU A 106 1.68 1.32 -8.56
CA GLU A 106 2.14 1.39 -7.16
C GLU A 106 3.68 1.49 -7.15
N SER A 107 4.22 1.98 -6.03
CA SER A 107 5.67 2.02 -5.79
C SER A 107 5.94 1.72 -4.31
N TRP A 108 6.45 0.51 -4.03
CA TRP A 108 7.02 0.15 -2.73
C TRP A 108 8.49 0.57 -2.72
N GLU A 109 8.82 1.61 -1.95
CA GLU A 109 10.19 2.13 -1.89
C GLU A 109 10.65 2.12 -0.43
N PHE A 110 11.25 1.00 -0.03
CA PHE A 110 11.80 0.80 1.32
C PHE A 110 13.23 1.36 1.34
N THR A 111 13.42 2.49 2.03
CA THR A 111 14.74 3.11 2.24
C THR A 111 15.57 2.29 3.27
N PRO A 112 16.95 2.29 3.15
CA PRO A 112 17.85 1.61 4.12
C PRO A 112 17.74 2.17 5.56
N LYS A 113 16.69 1.71 6.29
CA LYS A 113 16.38 2.11 7.67
C LYS A 113 16.07 0.85 8.51
N GLY A 114 14.99 0.15 8.12
CA GLY A 114 14.54 -1.07 8.80
C GLY A 114 15.48 -2.26 8.56
N GLN A 115 16.02 -2.34 7.33
CA GLN A 115 16.98 -3.39 6.93
C GLN A 115 18.30 -3.27 7.72
N ARG A 116 18.58 -2.04 8.23
CA ARG A 116 19.73 -1.77 9.11
C ARG A 116 19.56 -2.52 10.45
N PHE A 117 18.33 -2.49 10.98
CA PHE A 117 17.98 -3.17 12.25
C PHE A 117 18.05 -4.70 12.09
N PHE A 118 17.62 -5.20 10.92
CA PHE A 118 17.71 -6.65 10.57
C PHE A 118 19.17 -7.11 10.56
N HIS A 119 20.08 -6.26 10.05
CA HIS A 119 21.53 -6.59 9.97
C HIS A 119 22.22 -6.37 11.34
N ASP A 120 21.69 -5.43 12.13
CA ASP A 120 22.21 -5.11 13.46
C ASP A 120 21.91 -6.27 14.43
N LYS A 121 20.68 -6.77 14.34
CA LYS A 121 20.15 -7.81 15.24
C LYS A 121 20.59 -9.21 14.75
N PHE A 122 20.66 -9.36 13.41
CA PHE A 122 21.05 -10.62 12.75
C PHE A 122 22.17 -10.29 11.76
N GLY A 123 23.42 -10.29 12.23
CA GLY A 123 24.60 -9.94 11.41
C GLY A 123 24.70 -10.72 10.10
N ASP A 124 24.82 -12.06 10.22
CA ASP A 124 24.96 -12.96 9.05
C ASP A 124 23.58 -13.39 8.51
N LYS A 125 22.58 -13.49 9.39
CA LYS A 125 21.26 -14.08 9.05
C LYS A 125 20.31 -13.05 8.37
N SER A 126 20.73 -11.77 8.38
CA SER A 126 19.97 -10.65 7.76
C SER A 126 19.69 -10.85 6.28
N ILE A 127 20.56 -11.60 5.60
CA ILE A 127 20.48 -11.82 4.16
C ILE A 127 19.20 -12.64 3.82
N GLU A 128 18.90 -13.66 4.65
CA GLU A 128 17.65 -14.44 4.54
C GLU A 128 16.44 -13.59 4.97
N GLU A 129 16.64 -12.71 5.97
CA GLU A 129 15.59 -11.81 6.48
C GLU A 129 15.12 -10.81 5.40
N ILE A 130 16.08 -10.14 4.74
CA ILE A 130 15.78 -9.12 3.72
C ILE A 130 15.32 -9.80 2.42
N GLU A 131 15.78 -11.06 2.20
CA GLU A 131 15.38 -11.87 1.03
C GLU A 131 13.90 -12.26 1.11
N LYS A 132 13.46 -12.78 2.28
CA LYS A 132 12.07 -13.25 2.46
C LYS A 132 11.08 -12.07 2.40
N ARG A 133 11.52 -10.89 2.89
CA ARG A 133 10.74 -9.64 2.80
C ARG A 133 10.65 -9.16 1.33
N ARG A 134 11.76 -9.31 0.62
CA ARG A 134 11.88 -8.94 -0.81
C ARG A 134 10.95 -9.82 -1.66
N LEU A 135 10.99 -11.15 -1.42
CA LEU A 135 10.21 -12.13 -2.19
C LEU A 135 8.70 -11.98 -1.92
N ALA A 136 8.33 -11.94 -0.63
CA ALA A 136 6.91 -11.88 -0.19
C ALA A 136 6.21 -10.61 -0.70
N ALA A 137 6.94 -9.48 -0.67
CA ALA A 137 6.42 -8.18 -1.14
C ALA A 137 6.28 -8.17 -2.67
N ILE A 138 7.39 -8.47 -3.38
CA ILE A 138 7.43 -8.45 -4.87
C ILE A 138 6.40 -9.43 -5.49
N THR A 139 6.07 -10.52 -4.78
CA THR A 139 5.05 -11.51 -5.22
C THR A 139 3.63 -11.06 -4.77
N GLY A 140 3.53 -10.40 -3.60
CA GLY A 140 2.23 -9.97 -3.04
C GLY A 140 1.64 -8.74 -3.74
N ILE A 141 2.54 -7.89 -4.27
CA ILE A 141 2.18 -6.63 -4.94
C ILE A 141 1.33 -6.89 -6.23
N PRO A 142 1.79 -7.71 -7.26
CA PRO A 142 0.98 -7.99 -8.49
C PRO A 142 -0.39 -8.64 -8.18
N GLU A 143 -0.47 -9.35 -7.03
CA GLU A 143 -1.72 -9.94 -6.54
C GLU A 143 -2.72 -8.84 -6.15
N THR A 144 -2.22 -7.78 -5.50
CA THR A 144 -3.01 -6.59 -5.12
C THR A 144 -3.52 -5.85 -6.38
N LEU A 145 -2.62 -5.69 -7.38
CA LEU A 145 -2.94 -5.02 -8.66
C LEU A 145 -4.08 -5.75 -9.41
N VAL A 146 -3.93 -7.08 -9.55
CA VAL A 146 -4.91 -7.95 -10.23
C VAL A 146 -6.23 -8.04 -9.41
N ALA A 147 -6.11 -7.98 -8.07
CA ALA A 147 -7.27 -8.05 -7.16
C ALA A 147 -8.23 -6.88 -7.41
N ILE A 148 -7.70 -5.64 -7.33
CA ILE A 148 -8.46 -4.39 -7.54
C ILE A 148 -9.09 -4.35 -8.94
N GLN A 149 -8.28 -4.74 -9.93
CA GLN A 149 -8.67 -4.75 -11.36
C GLN A 149 -9.88 -5.68 -11.62
N ARG A 150 -9.73 -6.93 -11.20
CA ARG A 150 -10.71 -8.01 -11.47
C ARG A 150 -12.03 -7.74 -10.74
N ILE A 151 -11.96 -7.40 -9.43
CA ILE A 151 -13.17 -7.20 -8.59
C ILE A 151 -14.01 -6.01 -9.09
N LEU A 152 -13.34 -4.97 -9.64
CA LEU A 152 -14.01 -3.79 -10.23
C LEU A 152 -14.84 -4.19 -11.46
N GLU A 153 -14.24 -5.01 -12.35
CA GLU A 153 -14.93 -5.53 -13.55
C GLU A 153 -16.16 -6.39 -13.16
N VAL A 154 -16.01 -7.19 -12.10
CA VAL A 154 -17.11 -8.00 -11.54
C VAL A 154 -18.20 -7.09 -10.94
N GLU A 155 -17.78 -5.99 -10.32
CA GLU A 155 -18.68 -5.03 -9.65
C GLU A 155 -19.47 -4.19 -10.67
N LEU A 156 -18.87 -4.02 -11.88
CA LEU A 156 -19.53 -3.34 -13.02
C LEU A 156 -20.77 -4.15 -13.48
N GLU A 157 -20.69 -5.48 -13.31
CA GLU A 157 -21.82 -6.39 -13.54
C GLU A 157 -22.75 -6.34 -12.32
N HIS A 158 -22.22 -6.80 -11.16
CA HIS A 158 -22.91 -6.84 -9.85
C HIS A 158 -24.06 -7.86 -9.84
N HIS A 159 -24.20 -8.60 -8.71
CA HIS A 159 -25.22 -9.68 -8.53
C HIS A 159 -24.90 -10.94 -9.40
N HIS A 160 -23.78 -10.88 -10.17
CA HIS A 160 -23.37 -11.92 -11.11
C HIS A 160 -22.78 -13.13 -10.35
N HIS A 161 -23.53 -14.23 -10.35
CA HIS A 161 -23.13 -15.52 -9.73
C HIS A 161 -23.32 -16.66 -10.73
N HIS A 162 -22.59 -17.78 -10.54
CA HIS A 162 -22.69 -18.95 -11.43
C HIS A 162 -24.09 -19.58 -11.33
N HIS A 163 -24.88 -19.45 -12.41
CA HIS A 163 -26.28 -19.89 -12.50
C HIS A 163 -27.16 -19.19 -11.42
N MET A 1 23.46 -7.16 -7.05
CA MET A 1 22.97 -5.77 -6.87
C MET A 1 21.90 -5.74 -5.76
N PRO A 2 22.23 -5.21 -4.54
CA PRO A 2 21.25 -5.05 -3.42
C PRO A 2 19.99 -4.26 -3.86
N LYS A 3 20.23 -3.02 -4.38
CA LYS A 3 19.20 -2.13 -4.97
C LYS A 3 18.08 -1.75 -3.95
N SER A 4 18.39 -1.96 -2.64
CA SER A 4 17.44 -1.78 -1.53
C SER A 4 16.26 -2.79 -1.67
N LEU A 5 15.19 -2.60 -0.87
CA LEU A 5 13.94 -3.35 -1.06
C LEU A 5 12.93 -2.41 -1.74
N THR A 6 12.74 -2.58 -3.06
CA THR A 6 11.76 -1.79 -3.83
C THR A 6 11.11 -2.66 -4.90
N PHE A 7 9.85 -2.32 -5.21
CA PHE A 7 9.05 -3.00 -6.22
C PHE A 7 8.02 -2.00 -6.77
N GLU A 8 7.62 -2.18 -8.03
CA GLU A 8 6.63 -1.34 -8.69
C GLU A 8 5.73 -2.21 -9.60
N ASP A 9 4.56 -1.64 -9.97
CA ASP A 9 3.58 -2.29 -10.84
C ASP A 9 2.62 -1.21 -11.37
N SER A 10 2.01 -1.47 -12.54
CA SER A 10 1.02 -0.58 -13.15
C SER A 10 0.11 -1.39 -14.09
N ILE A 11 -1.22 -1.22 -13.94
CA ILE A 11 -2.20 -1.87 -14.83
C ILE A 11 -3.34 -0.90 -15.15
N ASN A 12 -3.74 -0.87 -16.42
CA ASN A 12 -4.83 -0.02 -16.92
C ASN A 12 -6.16 -0.74 -16.71
N ILE A 13 -6.98 -0.18 -15.82
CA ILE A 13 -8.32 -0.68 -15.51
C ILE A 13 -9.33 0.03 -16.43
N ALA A 14 -10.36 -0.70 -16.91
CA ALA A 14 -11.41 -0.17 -17.82
C ALA A 14 -12.36 0.82 -17.11
N ALA A 15 -12.18 0.99 -15.78
CA ALA A 15 -13.05 1.81 -14.93
C ALA A 15 -12.52 3.26 -14.87
N PRO A 16 -13.44 4.27 -14.66
CA PRO A 16 -13.04 5.67 -14.41
C PRO A 16 -12.25 5.81 -13.09
N ILE A 17 -11.47 6.90 -12.98
CA ILE A 17 -10.50 7.14 -11.88
C ILE A 17 -11.15 7.06 -10.47
N ASN A 18 -12.41 7.51 -10.37
CA ASN A 18 -13.17 7.52 -9.10
C ASN A 18 -13.41 6.07 -8.60
N GLN A 19 -13.95 5.21 -9.50
CA GLN A 19 -14.27 3.80 -9.19
C GLN A 19 -13.01 2.98 -8.90
N VAL A 20 -11.95 3.26 -9.68
CA VAL A 20 -10.62 2.64 -9.49
C VAL A 20 -10.12 2.83 -8.05
N TYR A 21 -9.99 4.10 -7.62
CA TYR A 21 -9.51 4.46 -6.26
C TYR A 21 -10.39 3.82 -5.16
N ALA A 22 -11.71 3.85 -5.39
CA ALA A 22 -12.70 3.29 -4.45
C ALA A 22 -12.46 1.79 -4.17
N LEU A 23 -12.12 1.04 -5.24
CA LEU A 23 -11.92 -0.42 -5.18
C LEU A 23 -10.46 -0.81 -4.86
N VAL A 24 -9.52 0.16 -4.85
CA VAL A 24 -8.17 -0.07 -4.31
C VAL A 24 -8.28 -0.20 -2.77
N SER A 25 -9.06 0.74 -2.19
CA SER A 25 -9.35 0.79 -0.73
C SER A 25 -8.06 1.04 0.10
N ASP A 26 -8.09 0.69 1.40
CA ASP A 26 -6.96 0.90 2.32
C ASP A 26 -6.57 -0.43 3.02
N ILE A 27 -5.62 -0.33 3.96
CA ILE A 27 -5.11 -1.47 4.77
C ILE A 27 -5.22 -1.16 6.29
N THR A 28 -5.71 0.05 6.62
CA THR A 28 -5.69 0.61 7.99
C THR A 28 -7.08 0.50 8.66
N ARG A 29 -8.04 1.23 8.08
CA ARG A 29 -9.42 1.40 8.59
C ARG A 29 -10.27 0.16 8.23
N THR A 30 -10.46 -0.05 6.92
CA THR A 30 -11.21 -1.19 6.37
C THR A 30 -10.36 -2.47 6.46
N GLY A 31 -9.19 -2.46 5.77
CA GLY A 31 -8.29 -3.63 5.73
C GLY A 31 -8.91 -4.81 4.95
N GLU A 32 -8.33 -5.14 3.78
CA GLU A 32 -8.94 -6.09 2.82
C GLU A 32 -8.98 -7.55 3.32
N TRP A 33 -7.93 -8.34 3.01
CA TRP A 33 -7.94 -9.80 3.24
C TRP A 33 -7.11 -10.15 4.48
N SER A 34 -7.66 -9.76 5.65
CA SER A 34 -7.06 -10.00 6.99
C SER A 34 -5.61 -9.48 7.06
N PRO A 35 -5.42 -8.12 7.14
CA PRO A 35 -4.07 -7.50 7.11
C PRO A 35 -3.32 -7.66 8.45
N VAL A 36 -1.99 -7.53 8.37
CA VAL A 36 -1.10 -7.55 9.56
C VAL A 36 -1.06 -6.15 10.25
N CYS A 37 -1.87 -5.21 9.73
CA CYS A 37 -2.12 -3.92 10.39
C CYS A 37 -3.14 -4.13 11.53
N GLU A 38 -2.64 -4.17 12.78
CA GLU A 38 -3.46 -4.51 13.96
C GLU A 38 -4.51 -3.43 14.25
N LYS A 39 -4.02 -2.19 14.46
CA LYS A 39 -4.83 -0.96 14.53
C LYS A 39 -4.01 0.14 13.91
N CYS A 40 -4.56 0.81 12.89
CA CYS A 40 -3.90 1.94 12.23
C CYS A 40 -4.96 2.93 11.76
N TRP A 41 -4.76 4.21 12.08
CA TRP A 41 -5.76 5.27 11.82
C TRP A 41 -5.14 6.36 10.92
N TRP A 42 -6.02 7.13 10.26
CA TRP A 42 -5.66 8.35 9.52
C TRP A 42 -6.40 9.57 10.11
N ASP A 43 -5.77 10.74 9.99
CA ASP A 43 -6.39 12.06 10.27
C ASP A 43 -7.15 12.60 9.03
N GLU A 44 -7.11 11.85 7.91
CA GLU A 44 -7.76 12.24 6.62
C GLU A 44 -9.27 12.56 6.77
N ASP A 45 -9.90 11.98 7.82
CA ASP A 45 -11.32 12.21 8.17
C ASP A 45 -11.64 13.72 8.24
N GLU A 46 -10.66 14.48 8.73
CA GLU A 46 -10.72 15.94 8.84
C GLU A 46 -10.29 16.58 7.50
N GLY A 47 -9.08 16.21 7.02
CA GLY A 47 -8.53 16.76 5.77
C GLY A 47 -7.36 15.92 5.24
N PRO A 48 -7.50 15.24 4.04
CA PRO A 48 -6.39 14.47 3.41
C PRO A 48 -5.44 15.39 2.59
N VAL A 49 -4.52 16.07 3.30
CA VAL A 49 -3.56 17.03 2.68
C VAL A 49 -2.12 16.51 2.76
N VAL A 50 -1.19 17.21 2.08
CA VAL A 50 0.25 16.94 2.16
C VAL A 50 0.75 17.25 3.58
N GLY A 51 1.27 16.23 4.26
CA GLY A 51 1.76 16.37 5.63
C GLY A 51 0.84 15.75 6.67
N ALA A 52 -0.33 15.22 6.23
CA ALA A 52 -1.28 14.51 7.11
C ALA A 52 -0.59 13.29 7.76
N HIS A 53 -0.77 13.08 9.06
CA HIS A 53 -0.03 12.05 9.82
C HIS A 53 -0.84 11.50 10.98
N PHE A 54 -0.72 10.18 11.22
CA PHE A 54 -1.39 9.51 12.34
C PHE A 54 -0.68 8.18 12.68
N THR A 55 -0.96 7.70 13.90
CA THR A 55 -0.28 6.54 14.51
C THR A 55 -1.07 5.23 14.28
N GLY A 56 -0.32 4.12 14.29
CA GLY A 56 -0.86 2.77 14.23
C GLY A 56 0.13 1.76 14.78
N ARG A 57 -0.12 0.46 14.55
CA ARG A 57 0.77 -0.63 14.99
C ARG A 57 0.60 -1.84 14.08
N ASN A 58 1.74 -2.35 13.59
CA ASN A 58 1.81 -3.58 12.78
C ASN A 58 2.19 -4.75 13.69
N VAL A 59 1.51 -5.89 13.50
CA VAL A 59 1.75 -7.12 14.28
C VAL A 59 2.09 -8.28 13.32
N THR A 60 3.25 -8.91 13.56
CA THR A 60 3.64 -10.18 12.90
C THR A 60 4.31 -11.08 13.97
N PRO A 61 4.31 -12.44 13.80
CA PRO A 61 4.97 -13.38 14.75
C PRO A 61 6.50 -13.12 14.90
N GLU A 62 7.10 -12.47 13.87
CA GLU A 62 8.53 -12.14 13.84
C GLU A 62 8.84 -10.91 14.72
N ARG A 63 8.06 -9.82 14.52
CA ARG A 63 8.11 -8.64 15.41
C ARG A 63 6.82 -7.80 15.35
N THR A 64 6.47 -7.18 16.48
CA THR A 64 5.34 -6.25 16.60
C THR A 64 5.92 -4.87 16.95
N TRP A 65 5.50 -3.85 16.20
CA TRP A 65 6.09 -2.50 16.27
C TRP A 65 5.06 -1.44 15.87
N GLU A 66 5.22 -0.23 16.41
CA GLU A 66 4.28 0.89 16.20
C GLU A 66 4.60 1.58 14.87
N THR A 67 3.62 1.60 13.96
CA THR A 67 3.79 2.17 12.62
C THR A 67 3.08 3.53 12.54
N ARG A 68 3.86 4.61 12.43
CA ARG A 68 3.34 5.98 12.30
C ARG A 68 3.49 6.41 10.84
N SER A 69 2.35 6.58 10.17
CA SER A 69 2.27 6.84 8.73
C SER A 69 2.07 8.34 8.45
N GLU A 70 3.09 8.97 7.83
CA GLU A 70 3.08 10.39 7.46
C GLU A 70 2.93 10.53 5.94
N VAL A 71 1.74 10.99 5.50
CA VAL A 71 1.46 11.33 4.10
C VAL A 71 2.41 12.43 3.61
N ILE A 72 3.38 12.03 2.78
CA ILE A 72 4.42 12.95 2.23
C ILE A 72 3.93 13.66 0.95
N VAL A 73 2.85 13.15 0.33
CA VAL A 73 2.18 13.75 -0.83
C VAL A 73 0.73 13.25 -0.90
N ALA A 74 -0.21 14.15 -1.17
CA ALA A 74 -1.65 13.86 -1.26
C ALA A 74 -2.30 14.73 -2.33
N GLU A 75 -3.01 14.05 -3.24
CA GLU A 75 -3.88 14.65 -4.27
C GLU A 75 -5.26 14.00 -4.11
N PRO A 76 -6.39 14.79 -4.20
CA PRO A 76 -7.76 14.33 -3.80
C PRO A 76 -8.17 12.97 -4.41
N ASN A 77 -7.74 12.75 -5.65
CA ASN A 77 -7.79 11.46 -6.34
C ASN A 77 -6.94 11.58 -7.61
N ARG A 78 -5.64 11.27 -7.49
CA ARG A 78 -4.67 11.31 -8.61
C ARG A 78 -3.32 10.68 -8.15
N CYS A 79 -2.93 10.98 -6.90
CA CYS A 79 -1.74 10.37 -6.25
C CYS A 79 -1.89 10.44 -4.73
N PHE A 80 -1.52 9.34 -4.05
CA PHE A 80 -1.42 9.26 -2.59
C PHE A 80 -0.09 8.59 -2.25
N GLY A 81 0.67 9.19 -1.34
CA GLY A 81 1.98 8.69 -0.95
C GLY A 81 2.29 9.02 0.49
N TRP A 82 2.67 8.00 1.27
CA TRP A 82 2.96 8.12 2.70
C TRP A 82 4.18 7.27 3.08
N SER A 83 4.79 7.61 4.21
CA SER A 83 5.91 6.85 4.79
C SER A 83 5.43 6.17 6.09
N VAL A 84 5.46 4.84 6.09
CA VAL A 84 5.06 3.98 7.23
C VAL A 84 6.26 3.76 8.19
N THR A 85 5.92 3.54 9.49
CA THR A 85 6.83 3.27 10.61
C THR A 85 7.52 4.56 11.10
N ASP A 86 8.49 5.04 10.32
CA ASP A 86 9.33 6.19 10.68
C ASP A 86 10.02 6.74 9.41
N GLY A 87 9.60 6.21 8.22
CA GLY A 87 10.28 6.52 6.94
C GLY A 87 10.96 5.29 6.35
N ASN A 88 11.06 4.22 7.17
CA ASN A 88 11.64 2.91 6.80
C ASN A 88 10.87 2.27 5.62
N VAL A 89 9.55 2.49 5.60
CA VAL A 89 8.66 2.00 4.51
C VAL A 89 7.97 3.21 3.86
N LYS A 90 7.70 3.14 2.54
CA LYS A 90 6.89 4.13 1.82
C LYS A 90 5.97 3.42 0.80
N TRP A 91 4.69 3.84 0.78
CA TRP A 91 3.70 3.38 -0.20
C TRP A 91 3.28 4.58 -1.07
N ILE A 92 3.84 4.64 -2.28
CA ILE A 92 3.57 5.71 -3.25
C ILE A 92 2.79 5.10 -4.42
N TYR A 93 1.52 5.51 -4.61
CA TYR A 93 0.71 5.01 -5.74
C TYR A 93 -0.16 6.12 -6.34
N SER A 94 -0.43 6.00 -7.64
CA SER A 94 -1.02 7.06 -8.45
C SER A 94 -2.10 6.48 -9.37
N MET A 95 -3.14 7.29 -9.61
CA MET A 95 -4.26 6.99 -10.51
C MET A 95 -4.12 7.95 -11.71
N GLU A 96 -3.82 7.39 -12.90
CA GLU A 96 -3.56 8.15 -14.13
C GLU A 96 -4.81 8.05 -15.04
N PRO A 97 -5.76 9.06 -15.00
CA PRO A 97 -7.05 8.96 -15.70
C PRO A 97 -6.90 9.09 -17.24
N LEU A 98 -7.10 7.96 -17.93
CA LEU A 98 -7.15 7.92 -19.40
C LEU A 98 -8.57 8.27 -19.90
N GLU A 99 -8.76 8.20 -21.22
CA GLU A 99 -10.08 8.42 -21.83
C GLU A 99 -11.01 7.23 -21.51
N GLU A 100 -10.52 6.00 -21.79
CA GLU A 100 -11.30 4.76 -21.68
C GLU A 100 -11.22 4.12 -20.27
N GLY A 101 -10.16 4.45 -19.51
CA GLY A 101 -9.93 3.85 -18.19
C GLY A 101 -8.98 4.66 -17.34
N THR A 102 -8.19 3.99 -16.50
CA THR A 102 -7.24 4.62 -15.55
C THR A 102 -6.11 3.64 -15.22
N VAL A 103 -4.84 4.08 -15.36
CA VAL A 103 -3.67 3.26 -15.00
C VAL A 103 -3.32 3.50 -13.53
N LEU A 104 -3.57 2.49 -12.67
CA LEU A 104 -3.13 2.53 -11.27
C LEU A 104 -1.67 2.05 -11.24
N THR A 105 -0.75 2.96 -10.94
CA THR A 105 0.68 2.67 -10.81
C THR A 105 1.10 2.72 -9.33
N GLU A 106 1.35 1.55 -8.72
CA GLU A 106 1.79 1.43 -7.32
C GLU A 106 3.28 1.10 -7.23
N SER A 107 4.00 1.76 -6.30
CA SER A 107 5.44 1.58 -6.10
C SER A 107 5.78 1.59 -4.60
N TRP A 108 6.21 0.43 -4.11
CA TRP A 108 6.68 0.22 -2.73
C TRP A 108 8.19 0.56 -2.67
N GLU A 109 8.56 1.51 -1.79
CA GLU A 109 9.95 1.93 -1.59
C GLU A 109 10.27 1.79 -0.09
N PHE A 110 11.13 0.82 0.22
CA PHE A 110 11.56 0.52 1.59
C PHE A 110 13.01 1.03 1.77
N THR A 111 13.17 2.08 2.58
CA THR A 111 14.47 2.66 2.92
C THR A 111 15.15 1.81 4.03
N PRO A 112 16.30 1.11 3.73
CA PRO A 112 16.99 0.23 4.72
C PRO A 112 17.61 1.06 5.88
N LYS A 113 16.79 1.33 6.92
CA LYS A 113 17.21 2.08 8.13
C LYS A 113 16.60 1.43 9.39
N GLY A 114 15.25 1.47 9.49
CA GLY A 114 14.53 0.88 10.64
C GLY A 114 14.66 -0.65 10.69
N GLN A 115 14.94 -1.26 9.52
CA GLN A 115 15.20 -2.71 9.38
C GLN A 115 16.53 -3.09 10.07
N ARG A 116 17.53 -2.19 9.96
CA ARG A 116 18.90 -2.40 10.50
C ARG A 116 18.87 -2.67 12.01
N PHE A 117 17.91 -2.05 12.73
CA PHE A 117 17.75 -2.26 14.18
C PHE A 117 17.40 -3.73 14.48
N PHE A 118 16.44 -4.30 13.71
CA PHE A 118 16.02 -5.71 13.87
C PHE A 118 17.12 -6.66 13.34
N HIS A 119 17.92 -6.17 12.37
CA HIS A 119 19.08 -6.90 11.83
C HIS A 119 20.18 -7.03 12.90
N ASP A 120 20.32 -5.97 13.71
CA ASP A 120 21.28 -5.88 14.82
C ASP A 120 20.77 -6.66 16.04
N LYS A 121 19.43 -6.68 16.21
CA LYS A 121 18.76 -7.31 17.36
C LYS A 121 18.75 -8.84 17.21
N PHE A 122 18.18 -9.30 16.08
CA PHE A 122 18.11 -10.74 15.72
C PHE A 122 18.48 -10.89 14.24
N GLY A 123 19.79 -11.02 13.98
CA GLY A 123 20.31 -11.26 12.64
C GLY A 123 19.83 -12.56 12.01
N ASP A 124 19.59 -13.56 12.89
CA ASP A 124 19.08 -14.89 12.51
C ASP A 124 17.71 -14.76 11.80
N LYS A 125 16.78 -14.09 12.50
CA LYS A 125 15.41 -13.85 12.00
C LYS A 125 15.39 -12.76 10.92
N SER A 126 16.45 -11.93 10.87
CA SER A 126 16.58 -10.86 9.88
C SER A 126 16.76 -11.44 8.46
N ILE A 127 17.42 -12.61 8.37
CA ILE A 127 17.66 -13.29 7.08
C ILE A 127 16.34 -13.72 6.44
N GLU A 128 15.47 -14.34 7.25
CA GLU A 128 14.19 -14.88 6.77
C GLU A 128 13.14 -13.77 6.55
N GLU A 129 13.17 -12.72 7.42
CA GLU A 129 12.13 -11.67 7.42
C GLU A 129 12.32 -10.73 6.23
N ILE A 130 13.60 -10.37 5.93
CA ILE A 130 13.92 -9.45 4.82
C ILE A 130 13.42 -10.03 3.48
N GLU A 131 13.49 -11.38 3.37
CA GLU A 131 13.00 -12.14 2.22
C GLU A 131 11.46 -12.07 2.16
N LYS A 132 10.80 -12.52 3.24
CA LYS A 132 9.33 -12.64 3.26
C LYS A 132 8.61 -11.27 3.10
N ARG A 133 9.28 -10.17 3.52
CA ARG A 133 8.73 -8.80 3.42
C ARG A 133 8.86 -8.23 1.99
N ARG A 134 10.03 -8.43 1.35
CA ARG A 134 10.27 -7.97 -0.04
C ARG A 134 9.39 -8.78 -1.03
N LEU A 135 9.32 -10.11 -0.80
CA LEU A 135 8.59 -11.05 -1.67
C LEU A 135 7.07 -10.86 -1.51
N ALA A 136 6.62 -10.44 -0.31
CA ALA A 136 5.18 -10.12 -0.04
C ALA A 136 4.70 -8.97 -0.93
N ALA A 137 5.59 -8.00 -1.20
CA ALA A 137 5.31 -6.87 -2.11
C ALA A 137 5.32 -7.35 -3.59
N ILE A 138 6.34 -8.16 -3.93
CA ILE A 138 6.55 -8.70 -5.30
C ILE A 138 5.38 -9.61 -5.74
N THR A 139 4.76 -10.28 -4.78
CA THR A 139 3.66 -11.23 -5.02
C THR A 139 2.29 -10.54 -4.80
N GLY A 140 2.25 -9.63 -3.82
CA GLY A 140 1.01 -9.00 -3.36
C GLY A 140 0.50 -7.90 -4.30
N ILE A 141 1.37 -6.90 -4.54
CA ILE A 141 1.03 -5.69 -5.34
C ILE A 141 0.44 -6.02 -6.75
N PRO A 142 1.12 -6.89 -7.62
CA PRO A 142 0.60 -7.17 -8.99
C PRO A 142 -0.75 -7.91 -8.99
N GLU A 143 -0.92 -8.82 -8.02
CA GLU A 143 -2.13 -9.65 -7.91
C GLU A 143 -3.33 -8.79 -7.42
N THR A 144 -3.06 -7.91 -6.43
CA THR A 144 -4.07 -6.98 -5.87
C THR A 144 -4.53 -6.01 -6.96
N LEU A 145 -3.56 -5.47 -7.70
CA LEU A 145 -3.78 -4.57 -8.85
C LEU A 145 -4.72 -5.21 -9.91
N VAL A 146 -4.53 -6.52 -10.18
CA VAL A 146 -5.41 -7.29 -11.08
C VAL A 146 -6.79 -7.52 -10.45
N ALA A 147 -6.82 -7.79 -9.14
CA ALA A 147 -8.06 -8.10 -8.40
C ALA A 147 -9.00 -6.87 -8.35
N ILE A 148 -8.40 -5.68 -8.22
CA ILE A 148 -9.10 -4.38 -8.26
C ILE A 148 -9.71 -4.18 -9.65
N GLN A 149 -8.88 -4.42 -10.68
CA GLN A 149 -9.27 -4.31 -12.09
C GLN A 149 -10.45 -5.25 -12.40
N ARG A 150 -10.32 -6.50 -11.94
CA ARG A 150 -11.21 -7.62 -12.29
C ARG A 150 -12.62 -7.40 -11.75
N ILE A 151 -12.73 -7.04 -10.45
CA ILE A 151 -14.02 -6.80 -9.78
C ILE A 151 -14.74 -5.56 -10.37
N LEU A 152 -13.93 -4.57 -10.81
CA LEU A 152 -14.42 -3.34 -11.47
C LEU A 152 -15.01 -3.67 -12.84
N GLU A 153 -14.30 -4.50 -13.63
CA GLU A 153 -14.73 -4.89 -14.99
C GLU A 153 -16.09 -5.64 -14.94
N VAL A 154 -16.21 -6.58 -13.96
CA VAL A 154 -17.47 -7.34 -13.72
C VAL A 154 -18.62 -6.38 -13.33
N GLU A 155 -18.29 -5.41 -12.47
CA GLU A 155 -19.24 -4.39 -11.98
C GLU A 155 -19.76 -3.53 -13.16
N LEU A 156 -18.86 -3.25 -14.12
CA LEU A 156 -19.19 -2.48 -15.33
C LEU A 156 -20.04 -3.32 -16.31
N GLU A 157 -19.78 -4.65 -16.36
CA GLU A 157 -20.56 -5.60 -17.20
C GLU A 157 -22.07 -5.56 -16.84
N HIS A 158 -22.37 -5.10 -15.60
CA HIS A 158 -23.74 -4.85 -15.14
C HIS A 158 -24.20 -3.44 -15.60
N HIS A 159 -24.33 -3.28 -16.94
CA HIS A 159 -24.75 -2.04 -17.62
C HIS A 159 -23.79 -0.86 -17.36
N HIS A 160 -22.89 -0.61 -18.33
CA HIS A 160 -22.00 0.57 -18.34
C HIS A 160 -22.15 1.29 -19.70
N HIS A 161 -22.33 2.62 -19.64
CA HIS A 161 -22.63 3.42 -20.84
C HIS A 161 -21.36 3.59 -21.70
N HIS A 162 -20.45 4.46 -21.26
CA HIS A 162 -19.17 4.72 -21.96
C HIS A 162 -17.99 4.59 -20.96
N HIS A 163 -18.31 4.16 -19.72
CA HIS A 163 -17.33 3.89 -18.66
C HIS A 163 -17.93 2.81 -17.74
#